data_6Y2J
#
_entry.id   6Y2J
#
_cell.length_a   151.242
_cell.length_b   151.242
_cell.length_c   147.886
_cell.angle_alpha   90.000
_cell.angle_beta   90.000
_cell.angle_gamma   120.000
#
_symmetry.space_group_name_H-M   'P 31'
#
loop_
_entity.id
_entity.type
_entity.pdbx_description
1 polymer '3-oxoacyl-[acyl-carrier-protein] synthase 1'
2 non-polymer 'TETRAETHYLENE GLYCOL'
3 non-polymer 'SODIUM ION'
4 non-polymer 4,4,4-tris(fluoranyl)-~{N}-isoquinolin-6-yl-butane-1-sulfonamide
5 water water
#
_entity_poly.entity_id   1
_entity_poly.type   'polypeptide(L)'
_entity_poly.pdbx_seq_one_letter_code
;MGSSHHHHHHSSGLVPRGSHSQPSTANGGFPSVVVTAVTATTSISPDIESTWKGLLAGESGIHALEDEFVTKWDLAVKIG
GHLKDPVDSHMGRLDMRRMSYVQRMGKLLGGQLWESAGSPEVDPDRFAVVVGTGLGGAERIVESYDLMNAGGPRKVSPLA
VQMIMPNGAAAVIGLQLGARAGVMTPVSACSSGSEAIAHAWRQIVMGDADVAVCGGVEGPIEALPIAAFSMMRAMSTRND
EPERASRPFDKDRDGFVFGEAGALMLIETEEHAKARGAKPLARLLGAGITSDAFHMVAPAADGVRAGRAMTRSLELAGLS
PADIDHVNAHGTATPIGDAAEANAIRVAGCDQAAVYAPKSALGHSIGAVGALESVLTVLTLRDGVIPPTLNYETPDPEID
LDVVAGEPRYGDYRYAVNNSFGFGGHNVALAFGRY
;
_entity_poly.pdbx_strand_id   AAA,BBB,CCC,DDD,EEE,FFF,GGG,HHH
#
loop_
_chem_comp.id
_chem_comp.type
_chem_comp.name
_chem_comp.formula
NA non-polymer 'SODIUM ION' 'Na 1'
O6W non-polymer 4,4,4-tris(fluoranyl)-~{N}-isoquinolin-6-yl-butane-1-sulfonamide 'C13 H13 F3 N2 O2 S'
PG4 non-polymer 'TETRAETHYLENE GLYCOL' 'C8 H18 O5'
#
# COMPACT_ATOMS: atom_id res chain seq x y z
N SER A 21 32.92 30.34 -51.83
CA SER A 21 33.11 30.13 -50.35
C SER A 21 32.17 29.04 -49.86
N GLN A 22 32.53 28.38 -48.76
CA GLN A 22 31.66 27.37 -48.08
C GLN A 22 31.43 27.79 -46.64
N PRO A 23 30.20 27.56 -46.11
CA PRO A 23 29.89 27.95 -44.74
C PRO A 23 30.68 27.11 -43.74
N SER A 24 31.38 27.77 -42.83
CA SER A 24 32.11 27.14 -41.71
C SER A 24 31.73 27.87 -40.43
N THR A 25 31.80 27.19 -39.29
CA THR A 25 31.48 27.79 -37.97
C THR A 25 32.36 29.03 -37.78
N ALA A 26 33.63 28.93 -38.16
CA ALA A 26 34.63 30.02 -38.01
C ALA A 26 34.18 31.25 -38.82
N ASN A 27 33.76 31.06 -40.07
CA ASN A 27 33.38 32.17 -40.99
C ASN A 27 31.90 32.59 -40.81
N GLY A 28 31.22 32.16 -39.75
CA GLY A 28 29.84 32.60 -39.43
C GLY A 28 28.77 31.91 -40.28
N GLY A 29 29.16 31.00 -41.18
CA GLY A 29 28.24 30.25 -42.06
C GLY A 29 27.23 29.44 -41.28
N PHE A 30 27.66 28.80 -40.19
CA PHE A 30 26.76 28.09 -39.24
C PHE A 30 26.68 28.91 -37.97
N PRO A 31 25.51 28.96 -37.31
CA PRO A 31 25.42 29.64 -36.03
C PRO A 31 26.34 28.90 -35.05
N SER A 32 26.90 29.66 -34.12
CA SER A 32 27.70 29.14 -32.99
C SER A 32 26.79 28.32 -32.07
N VAL A 33 27.06 27.02 -31.94
CA VAL A 33 26.35 26.12 -31.00
C VAL A 33 27.26 25.83 -29.80
N VAL A 34 26.65 25.75 -28.62
CA VAL A 34 27.37 25.62 -27.32
C VAL A 34 26.81 24.44 -26.53
N VAL A 35 27.66 23.80 -25.74
CA VAL A 35 27.22 22.78 -24.75
C VAL A 35 26.97 23.54 -23.45
N THR A 36 25.77 23.42 -22.88
CA THR A 36 25.37 24.21 -21.68
C THR A 36 25.06 23.31 -20.49
N ALA A 37 24.96 22.00 -20.71
CA ALA A 37 24.81 21.02 -19.61
C ALA A 37 25.18 19.62 -20.13
N VAL A 38 25.45 18.73 -19.19
CA VAL A 38 25.92 17.34 -19.46
C VAL A 38 25.41 16.45 -18.34
N THR A 39 25.28 15.16 -18.62
CA THR A 39 24.90 14.16 -17.60
C THR A 39 25.33 12.79 -18.10
N ALA A 40 25.78 11.95 -17.17
CA ALA A 40 26.18 10.57 -17.47
C ALA A 40 26.02 9.72 -16.22
N THR A 41 25.65 8.47 -16.42
CA THR A 41 25.75 7.42 -15.38
C THR A 41 26.84 6.45 -15.85
N THR A 42 27.83 6.21 -15.02
CA THR A 42 28.99 5.34 -15.39
C THR A 42 29.22 4.29 -14.31
N SER A 43 30.24 3.46 -14.53
CA SER A 43 30.69 2.41 -13.58
C SER A 43 31.43 3.08 -12.42
N ILE A 44 32.07 4.22 -12.65
CA ILE A 44 32.73 4.99 -11.56
C ILE A 44 31.67 5.65 -10.69
N SER A 45 30.60 6.22 -11.27
CA SER A 45 29.66 7.11 -10.53
C SER A 45 28.43 7.50 -11.34
N PRO A 46 27.27 7.70 -10.67
CA PRO A 46 26.10 8.29 -11.32
C PRO A 46 26.26 9.81 -11.55
N ASP A 47 27.10 10.46 -10.76
CA ASP A 47 27.38 11.92 -10.87
C ASP A 47 28.54 12.13 -11.83
N ILE A 48 28.29 12.74 -12.99
CA ILE A 48 29.35 12.96 -14.03
C ILE A 48 30.58 13.60 -13.40
N GLU A 49 30.40 14.60 -12.54
CA GLU A 49 31.54 15.40 -11.98
C GLU A 49 32.42 14.50 -11.11
N SER A 50 31.80 13.57 -10.36
CA SER A 50 32.50 12.51 -9.57
C SER A 50 33.28 11.56 -10.49
N THR A 51 32.68 11.17 -11.62
CA THR A 51 33.32 10.28 -12.63
C THR A 51 34.61 10.96 -13.11
N TRP A 52 34.52 12.24 -13.47
CA TRP A 52 35.63 13.06 -14.03
C TRP A 52 36.78 13.17 -13.03
N LYS A 53 36.47 13.29 -11.73
CA LYS A 53 37.50 13.40 -10.66
C LYS A 53 38.20 12.05 -10.50
N GLY A 54 37.42 10.97 -10.45
CA GLY A 54 37.94 9.58 -10.38
C GLY A 54 38.86 9.25 -11.54
N LEU A 55 38.53 9.72 -12.75
CA LEU A 55 39.34 9.46 -13.97
C LEU A 55 40.70 10.16 -13.85
N LEU A 56 40.71 11.40 -13.38
CA LEU A 56 41.94 12.20 -13.15
C LEU A 56 42.75 11.62 -11.98
N ALA A 57 42.08 11.00 -11.01
CA ALA A 57 42.75 10.31 -9.86
C ALA A 57 43.28 8.94 -10.31
N GLY A 58 42.87 8.47 -11.49
CA GLY A 58 43.36 7.22 -12.11
C GLY A 58 42.47 6.02 -11.84
N GLU A 59 41.25 6.22 -11.35
CA GLU A 59 40.32 5.11 -10.95
C GLU A 59 39.80 4.37 -12.18
N SER A 60 39.26 3.17 -11.94
CA SER A 60 38.73 2.25 -12.98
C SER A 60 37.38 1.69 -12.52
N GLY A 61 36.36 1.78 -13.37
CA GLY A 61 35.02 1.25 -13.09
C GLY A 61 34.89 -0.21 -13.48
N ILE A 62 35.96 -0.83 -13.99
CA ILE A 62 35.97 -2.27 -14.41
C ILE A 62 36.35 -3.13 -13.21
N HIS A 63 35.39 -3.90 -12.68
N HIS A 63 35.36 -3.87 -12.68
CA HIS A 63 35.65 -4.90 -11.62
CA HIS A 63 35.51 -4.86 -11.59
C HIS A 63 35.33 -6.29 -12.15
C HIS A 63 35.29 -6.28 -12.13
N ALA A 64 35.62 -7.31 -11.34
CA ALA A 64 35.28 -8.72 -11.66
C ALA A 64 33.76 -8.82 -11.58
N LEU A 65 33.12 -9.54 -12.50
CA LEU A 65 31.64 -9.68 -12.46
C LEU A 65 31.25 -10.69 -11.38
N GLU A 66 30.35 -10.27 -10.50
CA GLU A 66 29.77 -11.12 -9.43
C GLU A 66 28.48 -11.78 -9.93
N ASP A 67 28.07 -11.50 -11.17
CA ASP A 67 26.74 -11.92 -11.69
C ASP A 67 26.68 -13.45 -11.77
N GLU A 68 25.49 -14.00 -11.48
CA GLU A 68 25.22 -15.45 -11.47
C GLU A 68 25.48 -16.02 -12.87
N PHE A 69 25.04 -15.31 -13.91
CA PHE A 69 25.09 -15.78 -15.32
C PHE A 69 26.53 -16.11 -15.74
N VAL A 70 27.52 -15.44 -15.13
CA VAL A 70 28.97 -15.75 -15.35
C VAL A 70 29.20 -17.24 -15.07
N THR A 71 28.79 -17.69 -13.87
CA THR A 71 29.03 -19.07 -13.37
C THR A 71 28.15 -20.08 -14.12
N LYS A 72 26.88 -19.73 -14.34
CA LYS A 72 25.88 -20.62 -14.98
C LYS A 72 26.40 -21.11 -16.33
N TRP A 73 27.07 -20.23 -17.07
CA TRP A 73 27.53 -20.49 -18.46
C TRP A 73 29.06 -20.63 -18.54
N ASP A 74 29.77 -20.26 -17.47
CA ASP A 74 31.26 -20.27 -17.45
C ASP A 74 31.74 -19.49 -18.67
N LEU A 75 31.41 -18.20 -18.73
CA LEU A 75 31.80 -17.32 -19.86
C LEU A 75 33.31 -17.12 -19.78
N ALA A 76 33.98 -17.05 -20.93
CA ALA A 76 35.42 -16.71 -21.01
C ALA A 76 35.65 -15.31 -20.40
N VAL A 77 34.73 -14.37 -20.63
CA VAL A 77 34.83 -13.00 -20.03
C VAL A 77 34.11 -13.00 -18.68
N LYS A 78 34.83 -12.63 -17.62
CA LYS A 78 34.35 -12.62 -16.22
C LYS A 78 34.57 -11.24 -15.61
N ILE A 79 34.85 -10.24 -16.45
CA ILE A 79 35.19 -8.86 -16.01
C ILE A 79 34.28 -7.88 -16.73
N GLY A 80 33.97 -6.76 -16.08
CA GLY A 80 33.06 -5.74 -16.65
C GLY A 80 32.72 -4.67 -15.64
N GLY A 81 32.20 -3.55 -16.14
CA GLY A 81 31.82 -2.37 -15.34
C GLY A 81 30.33 -2.13 -15.36
N HIS A 82 29.60 -2.67 -14.38
CA HIS A 82 28.18 -2.33 -14.16
C HIS A 82 28.09 -0.84 -13.79
N LEU A 83 26.88 -0.29 -13.81
CA LEU A 83 26.70 1.10 -13.34
C LEU A 83 26.94 1.11 -11.83
N LYS A 84 27.65 2.12 -11.35
CA LYS A 84 27.84 2.33 -9.90
C LYS A 84 26.47 2.37 -9.21
N ASP A 85 25.47 2.95 -9.89
CA ASP A 85 24.11 3.18 -9.33
C ASP A 85 23.08 2.64 -10.32
N PRO A 86 22.56 1.41 -10.12
CA PRO A 86 21.65 0.80 -11.09
C PRO A 86 20.46 1.71 -11.43
N VAL A 87 20.10 1.77 -12.71
CA VAL A 87 18.95 2.58 -13.22
C VAL A 87 17.69 2.20 -12.45
N ASP A 88 17.40 0.90 -12.32
CA ASP A 88 16.09 0.37 -11.84
C ASP A 88 15.87 0.65 -10.35
N SER A 89 16.91 1.01 -9.61
CA SER A 89 16.79 1.43 -8.18
C SER A 89 16.02 2.75 -8.09
N HIS A 90 16.02 3.54 -9.17
CA HIS A 90 15.22 4.81 -9.26
C HIS A 90 13.87 4.58 -9.96
N MET A 91 13.45 3.33 -10.21
CA MET A 91 12.29 3.06 -11.09
C MET A 91 11.18 2.33 -10.31
N GLY A 92 9.95 2.85 -10.40
CA GLY A 92 8.75 2.29 -9.75
C GLY A 92 8.34 0.97 -10.38
N ARG A 93 7.30 0.32 -9.82
CA ARG A 93 6.79 -0.99 -10.30
C ARG A 93 6.12 -0.80 -11.66
N LEU A 94 5.50 0.36 -11.87
CA LEU A 94 4.74 0.64 -13.11
C LEU A 94 5.72 0.94 -14.24
N ASP A 95 6.76 1.76 -14.00
CA ASP A 95 7.80 2.06 -15.01
C ASP A 95 8.47 0.75 -15.45
N MET A 96 8.81 -0.13 -14.50
CA MET A 96 9.46 -1.44 -14.76
C MET A 96 8.56 -2.32 -15.67
N ARG A 97 7.24 -2.16 -15.62
CA ARG A 97 6.31 -2.98 -16.43
C ARG A 97 5.94 -2.27 -17.75
N ARG A 98 6.18 -0.96 -17.86
CA ARG A 98 5.67 -0.12 -18.97
C ARG A 98 6.81 0.40 -19.87
N MET A 99 8.08 0.14 -19.54
CA MET A 99 9.22 0.70 -20.32
C MET A 99 10.29 -0.38 -20.51
N SER A 100 11.13 -0.20 -21.54
CA SER A 100 12.32 -1.04 -21.81
C SER A 100 13.48 -0.46 -21.02
N TYR A 101 14.46 -1.28 -20.66
CA TYR A 101 15.61 -0.81 -19.85
C TYR A 101 16.11 0.54 -20.42
N VAL A 102 16.40 0.59 -21.72
CA VAL A 102 17.02 1.78 -22.38
C VAL A 102 16.12 3.01 -22.22
N GLN A 103 14.79 2.83 -22.29
CA GLN A 103 13.82 3.93 -22.04
C GLN A 103 13.97 4.40 -20.58
N ARG A 104 14.01 3.45 -19.65
CA ARG A 104 14.17 3.74 -18.19
C ARG A 104 15.45 4.54 -17.98
N MET A 105 16.54 4.15 -18.63
CA MET A 105 17.80 4.92 -18.58
C MET A 105 17.55 6.32 -19.16
N GLY A 106 16.88 6.38 -20.31
CA GLY A 106 16.63 7.65 -21.04
C GLY A 106 15.82 8.62 -20.21
N LYS A 107 14.78 8.13 -19.55
CA LYS A 107 13.91 8.96 -18.68
C LYS A 107 14.75 9.53 -17.54
N LEU A 108 15.51 8.67 -16.85
CA LEU A 108 16.30 9.06 -15.66
C LEU A 108 17.31 10.16 -16.05
N LEU A 109 18.08 9.95 -17.13
CA LEU A 109 19.14 10.91 -17.55
C LEU A 109 18.50 12.20 -18.07
N GLY A 110 17.36 12.09 -18.76
CA GLY A 110 16.63 13.25 -19.30
C GLY A 110 16.26 14.22 -18.20
N GLY A 111 15.73 13.69 -17.09
CA GLY A 111 15.37 14.47 -15.89
C GLY A 111 16.59 15.08 -15.23
N GLN A 112 17.66 14.32 -15.07
CA GLN A 112 18.92 14.77 -14.42
C GLN A 112 19.49 15.92 -15.26
N LEU A 113 19.58 15.74 -16.58
CA LEU A 113 20.14 16.76 -17.49
C LEU A 113 19.30 18.05 -17.36
N TRP A 114 17.98 17.91 -17.42
CA TRP A 114 17.05 19.07 -17.42
C TRP A 114 17.31 19.88 -16.14
N GLU A 115 17.33 19.19 -14.99
CA GLU A 115 17.59 19.79 -13.66
C GLU A 115 18.95 20.51 -13.68
N SER A 116 20.01 19.82 -14.12
CA SER A 116 21.38 20.38 -14.21
C SER A 116 21.42 21.65 -15.07
N ALA A 117 20.55 21.76 -16.08
CA ALA A 117 20.46 22.96 -16.95
C ALA A 117 19.51 24.00 -16.33
N GLY A 118 19.05 23.76 -15.09
CA GLY A 118 18.18 24.70 -14.35
C GLY A 118 16.74 24.68 -14.83
N SER A 119 16.28 23.55 -15.37
CA SER A 119 14.86 23.29 -15.77
C SER A 119 14.34 24.38 -16.70
N PRO A 120 15.07 24.78 -17.75
CA PRO A 120 14.73 25.99 -18.50
C PRO A 120 13.40 25.83 -19.24
N GLU A 121 12.65 26.92 -19.34
CA GLU A 121 11.43 27.00 -20.17
C GLU A 121 11.85 27.36 -21.59
N VAL A 122 11.67 26.41 -22.52
CA VAL A 122 12.09 26.57 -23.93
C VAL A 122 10.86 26.42 -24.82
N ASP A 123 10.96 26.98 -26.02
CA ASP A 123 9.89 26.87 -27.05
C ASP A 123 9.91 25.44 -27.60
N PRO A 124 8.91 24.61 -27.24
CA PRO A 124 8.93 23.20 -27.64
C PRO A 124 9.04 23.03 -29.17
N ASP A 125 8.60 24.03 -29.93
CA ASP A 125 8.63 24.00 -31.42
C ASP A 125 10.05 24.27 -31.94
N ARG A 126 11.03 24.55 -31.07
CA ARG A 126 12.46 24.75 -31.50
C ARG A 126 13.38 23.85 -30.68
N PHE A 127 12.83 22.78 -30.11
CA PHE A 127 13.52 21.90 -29.16
C PHE A 127 13.44 20.46 -29.67
N ALA A 128 14.59 19.90 -30.04
CA ALA A 128 14.73 18.56 -30.64
C ALA A 128 15.41 17.63 -29.64
N VAL A 129 15.18 16.33 -29.83
CA VAL A 129 15.87 15.25 -29.07
C VAL A 129 16.51 14.31 -30.06
N VAL A 130 17.82 14.09 -29.96
CA VAL A 130 18.52 13.09 -30.80
C VAL A 130 19.33 12.19 -29.90
N VAL A 131 18.78 11.02 -29.58
CA VAL A 131 19.44 10.01 -28.72
C VAL A 131 19.60 8.72 -29.51
N GLY A 132 20.83 8.30 -29.74
CA GLY A 132 21.13 7.03 -30.43
C GLY A 132 21.16 5.90 -29.43
N THR A 133 21.26 4.68 -29.93
CA THR A 133 21.41 3.47 -29.08
C THR A 133 21.94 2.34 -29.97
N GLY A 134 22.42 1.27 -29.36
CA GLY A 134 22.99 0.12 -30.07
C GLY A 134 21.91 -0.84 -30.54
N LEU A 135 21.08 -1.34 -29.63
CA LEU A 135 20.14 -2.45 -29.92
C LEU A 135 18.68 -1.97 -29.81
N GLY A 136 18.30 -1.41 -28.66
CA GLY A 136 16.91 -0.97 -28.39
C GLY A 136 16.30 -1.72 -27.22
N GLY A 137 15.02 -2.05 -27.28
CA GLY A 137 14.29 -2.72 -26.18
C GLY A 137 14.37 -4.23 -26.28
N ALA A 138 15.54 -4.75 -26.64
CA ALA A 138 15.77 -6.16 -27.07
C ALA A 138 15.18 -7.17 -26.08
N GLU A 139 15.37 -6.96 -24.77
CA GLU A 139 14.86 -7.86 -23.69
C GLU A 139 13.35 -8.08 -23.86
N ARG A 140 12.62 -7.08 -24.36
CA ARG A 140 11.16 -7.17 -24.58
C ARG A 140 10.87 -8.07 -25.77
N ILE A 141 11.78 -8.17 -26.73
CA ILE A 141 11.64 -9.13 -27.85
C ILE A 141 11.62 -10.55 -27.26
N VAL A 142 12.68 -10.95 -26.55
CA VAL A 142 12.80 -12.35 -26.03
C VAL A 142 11.62 -12.66 -25.10
N GLU A 143 11.30 -11.73 -24.21
CA GLU A 143 10.21 -11.85 -23.21
C GLU A 143 8.88 -12.10 -23.93
N SER A 144 8.52 -11.24 -24.88
CA SER A 144 7.32 -11.39 -25.74
C SER A 144 7.37 -12.76 -26.43
N TYR A 145 8.53 -13.11 -27.00
CA TYR A 145 8.75 -14.39 -27.71
C TYR A 145 8.42 -15.55 -26.76
N ASP A 146 8.93 -15.45 -25.53
CA ASP A 146 8.76 -16.50 -24.48
C ASP A 146 7.30 -16.56 -24.03
N LEU A 147 6.68 -15.42 -23.71
CA LEU A 147 5.27 -15.38 -23.23
C LEU A 147 4.37 -16.00 -24.31
N MET A 148 4.57 -15.63 -25.57
CA MET A 148 3.69 -16.10 -26.68
C MET A 148 3.84 -17.61 -26.83
N ASN A 149 5.08 -18.11 -26.82
CA ASN A 149 5.37 -19.56 -26.88
C ASN A 149 4.71 -20.26 -25.69
N ALA A 150 4.68 -19.63 -24.51
CA ALA A 150 4.02 -20.16 -23.30
C ALA A 150 2.49 -20.15 -23.50
N GLY A 151 1.86 -18.97 -23.50
CA GLY A 151 0.39 -18.85 -23.40
C GLY A 151 -0.29 -18.17 -24.59
N GLY A 152 0.35 -18.13 -25.77
CA GLY A 152 -0.29 -17.63 -27.00
C GLY A 152 -0.23 -16.12 -27.18
N PRO A 153 -0.72 -15.59 -28.33
CA PRO A 153 -0.57 -14.18 -28.69
C PRO A 153 -1.21 -13.18 -27.71
N ARG A 154 -2.21 -13.63 -26.95
CA ARG A 154 -2.90 -12.80 -25.93
C ARG A 154 -1.91 -12.35 -24.85
N LYS A 155 -0.83 -13.10 -24.64
CA LYS A 155 0.10 -12.91 -23.49
C LYS A 155 1.14 -11.82 -23.79
N VAL A 156 1.27 -11.44 -25.05
CA VAL A 156 2.13 -10.30 -25.50
C VAL A 156 1.49 -9.01 -24.99
N SER A 157 2.28 -8.10 -24.40
CA SER A 157 1.78 -6.84 -23.80
C SER A 157 1.30 -5.87 -24.88
N PRO A 158 0.24 -5.09 -24.63
CA PRO A 158 -0.14 -4.01 -25.53
C PRO A 158 0.91 -2.90 -25.67
N LEU A 159 1.94 -2.89 -24.80
CA LEU A 159 3.03 -1.87 -24.81
C LEU A 159 4.27 -2.43 -25.50
N ALA A 160 4.25 -3.71 -25.93
CA ALA A 160 5.41 -4.43 -26.50
C ALA A 160 6.12 -3.56 -27.55
N VAL A 161 5.38 -3.06 -28.54
CA VAL A 161 5.92 -2.34 -29.73
C VAL A 161 6.66 -1.07 -29.30
N GLN A 162 6.07 -0.26 -28.41
CA GLN A 162 6.69 1.01 -27.95
C GLN A 162 7.95 0.72 -27.12
N MET A 163 7.99 -0.42 -26.43
CA MET A 163 9.15 -0.78 -25.57
C MET A 163 10.25 -1.31 -26.47
N ILE A 164 9.89 -2.12 -27.47
CA ILE A 164 10.89 -2.79 -28.35
C ILE A 164 11.48 -1.76 -29.32
N MET A 165 10.64 -0.95 -29.97
CA MET A 165 11.11 -0.07 -31.07
C MET A 165 12.34 0.69 -30.59
N PRO A 166 13.45 0.68 -31.36
CA PRO A 166 14.70 1.29 -30.92
C PRO A 166 14.60 2.81 -30.68
N ASN A 167 13.66 3.48 -31.37
CA ASN A 167 13.41 4.94 -31.21
C ASN A 167 12.69 5.22 -29.88
N GLY A 168 12.33 4.15 -29.14
CA GLY A 168 11.61 4.24 -27.85
C GLY A 168 12.32 5.11 -26.83
N ALA A 169 13.66 5.06 -26.73
CA ALA A 169 14.41 5.84 -25.72
C ALA A 169 14.29 7.33 -26.08
N ALA A 170 14.61 7.67 -27.33
CA ALA A 170 14.48 9.04 -27.88
C ALA A 170 13.06 9.56 -27.65
N ALA A 171 12.05 8.77 -28.00
CA ALA A 171 10.62 9.12 -27.85
C ALA A 171 10.36 9.56 -26.39
N VAL A 172 10.61 8.65 -25.46
CA VAL A 172 10.32 8.87 -24.01
C VAL A 172 10.96 10.19 -23.58
N ILE A 173 12.23 10.42 -23.91
CA ILE A 173 12.93 11.68 -23.53
C ILE A 173 12.21 12.86 -24.16
N GLY A 174 11.88 12.80 -25.45
CA GLY A 174 11.14 13.86 -26.16
C GLY A 174 9.81 14.15 -25.50
N LEU A 175 9.09 13.13 -25.07
CA LEU A 175 7.74 13.26 -24.46
C LEU A 175 7.88 13.85 -23.04
N GLN A 176 8.83 13.32 -22.27
CA GLN A 176 9.17 13.80 -20.91
C GLN A 176 9.53 15.30 -20.95
N LEU A 177 10.26 15.76 -21.96
CA LEU A 177 10.82 17.15 -22.00
C LEU A 177 10.04 18.03 -22.99
N GLY A 178 9.11 17.44 -23.76
CA GLY A 178 8.23 18.18 -24.69
C GLY A 178 8.95 18.74 -25.90
N ALA A 179 9.90 17.97 -26.46
CA ALA A 179 10.62 18.31 -27.71
C ALA A 179 9.69 18.09 -28.90
N ARG A 180 9.47 19.13 -29.71
CA ARG A 180 8.55 19.07 -30.88
C ARG A 180 9.24 19.48 -32.18
N ALA A 181 10.54 19.80 -32.12
CA ALA A 181 11.33 20.17 -33.31
C ALA A 181 12.03 18.94 -33.87
N GLY A 182 11.50 17.75 -33.57
CA GLY A 182 12.02 16.48 -34.12
C GLY A 182 12.66 15.64 -33.05
N VAL A 183 12.29 14.36 -33.01
CA VAL A 183 12.96 13.32 -32.19
C VAL A 183 13.52 12.28 -33.15
N MET A 184 14.82 12.02 -33.06
CA MET A 184 15.53 11.20 -34.06
C MET A 184 16.46 10.23 -33.32
N THR A 185 16.73 9.10 -33.96
CA THR A 185 17.53 8.01 -33.38
C THR A 185 18.38 7.40 -34.47
N PRO A 186 19.66 7.83 -34.56
CA PRO A 186 20.62 7.16 -35.42
C PRO A 186 21.14 5.92 -34.70
N VAL A 187 21.23 4.82 -35.43
CA VAL A 187 21.88 3.57 -34.95
C VAL A 187 23.07 3.33 -35.86
N SER A 188 24.26 3.41 -35.31
CA SER A 188 25.50 3.02 -36.03
C SER A 188 26.44 2.32 -35.05
N ALA A 189 25.88 1.42 -34.25
CA ALA A 189 26.63 0.57 -33.29
C ALA A 189 27.42 1.49 -32.36
N CYS A 190 28.68 1.15 -32.11
CA CYS A 190 29.61 1.84 -31.18
C CYS A 190 29.65 3.35 -31.42
N SER A 191 29.26 3.85 -32.60
CA SER A 191 29.32 5.30 -32.95
C SER A 191 27.96 5.98 -32.76
N SER A 192 26.92 5.23 -32.37
CA SER A 192 25.53 5.74 -32.26
C SER A 192 25.47 7.03 -31.44
N GLY A 193 26.09 7.04 -30.26
CA GLY A 193 26.05 8.19 -29.35
C GLY A 193 26.63 9.44 -29.99
N SER A 194 27.81 9.34 -30.59
CA SER A 194 28.48 10.46 -31.28
C SER A 194 27.62 10.92 -32.46
N GLU A 195 27.02 9.96 -33.20
CA GLU A 195 26.19 10.29 -34.39
C GLU A 195 24.96 11.07 -33.96
N ALA A 196 24.34 10.69 -32.83
CA ALA A 196 23.20 11.42 -32.24
C ALA A 196 23.58 12.89 -32.05
N ILE A 197 24.78 13.16 -31.55
CA ILE A 197 25.27 14.54 -31.33
C ILE A 197 25.46 15.23 -32.69
N ALA A 198 25.94 14.51 -33.70
CA ALA A 198 26.24 15.11 -35.02
C ALA A 198 24.94 15.57 -35.67
N HIS A 199 23.86 14.78 -35.53
CA HIS A 199 22.55 15.09 -36.17
C HIS A 199 21.85 16.24 -35.42
N ALA A 200 21.95 16.28 -34.09
CA ALA A 200 21.39 17.38 -33.28
C ALA A 200 22.05 18.68 -33.73
N TRP A 201 23.37 18.68 -33.87
CA TRP A 201 24.13 19.85 -34.37
C TRP A 201 23.57 20.28 -35.73
N ARG A 202 23.45 19.33 -36.67
CA ARG A 202 22.88 19.59 -38.03
C ARG A 202 21.49 20.22 -37.89
N GLN A 203 20.63 19.56 -37.11
CA GLN A 203 19.23 20.02 -36.86
C GLN A 203 19.27 21.52 -36.51
N ILE A 204 20.29 21.96 -35.76
CA ILE A 204 20.40 23.37 -35.28
C ILE A 204 20.97 24.27 -36.38
N VAL A 205 22.04 23.86 -37.06
CA VAL A 205 22.70 24.76 -38.06
C VAL A 205 21.83 24.86 -39.32
N MET A 206 21.02 23.84 -39.63
CA MET A 206 20.07 23.91 -40.78
C MET A 206 18.83 24.71 -40.37
N GLY A 207 18.63 24.96 -39.07
CA GLY A 207 17.65 25.93 -38.56
C GLY A 207 16.37 25.27 -38.05
N ASP A 208 16.38 23.94 -37.88
CA ASP A 208 15.16 23.19 -37.49
C ASP A 208 14.95 23.26 -35.98
N ALA A 209 15.96 23.70 -35.22
CA ALA A 209 15.85 23.88 -33.75
C ALA A 209 16.85 24.93 -33.27
N ASP A 210 16.70 25.32 -32.01
CA ASP A 210 17.66 26.24 -31.33
C ASP A 210 18.31 25.51 -30.15
N VAL A 211 17.65 24.49 -29.63
CA VAL A 211 18.09 23.74 -28.42
C VAL A 211 17.87 22.26 -28.67
N ALA A 212 18.88 21.41 -28.49
CA ALA A 212 18.71 19.94 -28.53
C ALA A 212 19.25 19.26 -27.26
N VAL A 213 18.51 18.24 -26.81
CA VAL A 213 18.99 17.20 -25.87
C VAL A 213 19.54 16.05 -26.71
N CYS A 214 20.85 15.77 -26.63
CA CYS A 214 21.43 14.69 -27.45
C CYS A 214 22.47 13.89 -26.68
N GLY A 215 22.58 12.61 -27.04
CA GLY A 215 23.60 11.68 -26.51
C GLY A 215 23.28 10.27 -26.92
N GLY A 216 23.38 9.34 -25.97
CA GLY A 216 23.10 7.93 -26.26
C GLY A 216 22.94 7.13 -24.99
N VAL A 217 22.27 6.01 -25.11
CA VAL A 217 21.96 5.12 -23.96
C VAL A 217 22.10 3.69 -24.46
N GLU A 218 22.29 2.77 -23.53
CA GLU A 218 22.62 1.37 -23.88
C GLU A 218 22.24 0.46 -22.72
N GLY A 219 21.92 -0.79 -23.07
CA GLY A 219 21.50 -1.81 -22.09
C GLY A 219 22.63 -2.22 -21.16
N PRO A 220 22.35 -3.11 -20.20
CA PRO A 220 23.35 -3.60 -19.24
C PRO A 220 24.16 -4.77 -19.79
N ILE A 221 25.20 -5.13 -19.04
CA ILE A 221 26.01 -6.37 -19.27
C ILE A 221 25.11 -7.58 -18.99
N GLU A 222 25.21 -8.61 -19.83
CA GLU A 222 24.41 -9.86 -19.67
C GLU A 222 25.03 -10.99 -20.49
N ALA A 223 24.54 -12.23 -20.27
CA ALA A 223 25.11 -13.48 -20.82
C ALA A 223 25.19 -13.42 -22.34
N LEU A 224 24.08 -13.15 -23.01
CA LEU A 224 24.03 -13.17 -24.51
C LEU A 224 24.91 -12.06 -25.08
N PRO A 225 24.83 -10.81 -24.58
CA PRO A 225 25.77 -9.76 -25.00
C PRO A 225 27.25 -10.19 -24.97
N ILE A 226 27.66 -10.88 -23.91
CA ILE A 226 29.07 -11.34 -23.73
C ILE A 226 29.34 -12.53 -24.67
N ALA A 227 28.40 -13.47 -24.78
CA ALA A 227 28.56 -14.59 -25.73
C ALA A 227 28.74 -13.99 -27.13
N ALA A 228 27.85 -13.08 -27.53
CA ALA A 228 27.79 -12.53 -28.89
C ALA A 228 29.14 -11.92 -29.25
N PHE A 229 29.62 -10.97 -28.45
CA PHE A 229 30.87 -10.22 -28.73
C PHE A 229 32.10 -11.08 -28.42
N SER A 230 32.03 -11.95 -27.40
CA SER A 230 33.13 -12.90 -27.08
C SER A 230 33.47 -13.69 -28.34
N MET A 231 32.45 -14.20 -29.02
CA MET A 231 32.63 -15.19 -30.12
C MET A 231 33.23 -14.51 -31.35
N MET A 232 33.23 -13.17 -31.41
CA MET A 232 33.96 -12.43 -32.47
C MET A 232 35.46 -12.39 -32.14
N ARG A 233 35.81 -12.67 -30.87
CA ARG A 233 37.20 -12.56 -30.33
C ARG A 233 37.49 -11.08 -30.13
N ALA A 234 36.46 -10.29 -29.81
CA ALA A 234 36.52 -8.81 -29.74
C ALA A 234 36.94 -8.37 -28.34
N MET A 235 36.76 -9.23 -27.34
CA MET A 235 36.76 -8.82 -25.91
C MET A 235 38.02 -9.30 -25.19
N SER A 236 38.51 -8.51 -24.24
CA SER A 236 39.60 -8.89 -23.30
C SER A 236 39.10 -9.99 -22.37
N THR A 237 39.94 -10.97 -22.10
CA THR A 237 39.64 -12.11 -21.19
C THR A 237 40.64 -12.13 -20.03
N ARG A 238 41.21 -10.96 -19.69
CA ARG A 238 42.26 -10.87 -18.64
C ARG A 238 41.57 -10.81 -17.28
N ASN A 239 40.88 -11.90 -16.92
CA ASN A 239 39.94 -11.98 -15.77
C ASN A 239 40.63 -11.78 -14.42
N ASP A 240 41.91 -12.12 -14.30
CA ASP A 240 42.64 -12.19 -13.00
C ASP A 240 43.02 -10.78 -12.50
N GLU A 241 43.19 -9.80 -13.39
CA GLU A 241 43.41 -8.37 -13.04
C GLU A 241 42.36 -7.51 -13.75
N PRO A 242 41.07 -7.55 -13.33
CA PRO A 242 40.02 -6.81 -14.03
C PRO A 242 40.34 -5.33 -14.34
N GLU A 243 41.04 -4.64 -13.46
CA GLU A 243 41.31 -3.18 -13.62
C GLU A 243 42.48 -2.95 -14.57
N ARG A 244 43.12 -4.01 -15.08
CA ARG A 244 44.23 -3.87 -16.06
C ARG A 244 43.85 -4.43 -17.43
N ALA A 245 42.66 -5.01 -17.55
CA ALA A 245 42.23 -5.75 -18.76
C ALA A 245 42.16 -4.82 -19.98
N SER A 246 41.70 -3.59 -19.80
CA SER A 246 41.38 -2.66 -20.91
C SER A 246 42.61 -1.80 -21.23
N ARG A 247 43.25 -2.06 -22.38
CA ARG A 247 44.65 -1.63 -22.65
C ARG A 247 44.75 -0.94 -24.00
N PRO A 248 43.95 0.12 -24.25
CA PRO A 248 43.97 0.82 -25.52
C PRO A 248 45.36 1.32 -25.91
N PHE A 249 45.81 0.93 -27.12
CA PHE A 249 47.08 1.35 -27.79
C PHE A 249 48.29 0.68 -27.13
N ASP A 250 48.09 -0.08 -26.06
CA ASP A 250 49.17 -0.84 -25.37
C ASP A 250 49.54 -2.05 -26.22
N LYS A 251 50.80 -2.49 -26.14
CA LYS A 251 51.33 -3.64 -26.92
C LYS A 251 50.56 -4.91 -26.54
N ASP A 252 50.25 -5.06 -25.24
CA ASP A 252 49.70 -6.31 -24.66
C ASP A 252 48.16 -6.25 -24.64
N ARG A 253 47.53 -5.43 -25.47
CA ARG A 253 46.04 -5.33 -25.52
C ARG A 253 45.45 -6.63 -26.09
N ASP A 254 44.25 -7.01 -25.65
CA ASP A 254 43.62 -8.28 -26.11
C ASP A 254 42.11 -8.15 -26.23
N GLY A 255 41.61 -6.97 -26.62
CA GLY A 255 40.17 -6.76 -26.90
C GLY A 255 39.57 -5.80 -25.89
N PHE A 256 38.26 -5.52 -26.00
CA PHE A 256 37.58 -4.47 -25.21
C PHE A 256 36.94 -5.03 -23.94
N VAL A 257 36.65 -4.14 -23.00
CA VAL A 257 35.90 -4.49 -21.76
C VAL A 257 34.58 -3.72 -21.72
N PHE A 258 33.49 -4.44 -21.45
CA PHE A 258 32.14 -3.88 -21.21
C PHE A 258 32.15 -2.97 -19.98
N GLY A 259 31.78 -1.71 -20.21
CA GLY A 259 31.55 -0.71 -19.17
C GLY A 259 30.21 -0.05 -19.40
N GLU A 260 29.24 -0.34 -18.55
CA GLU A 260 27.86 0.16 -18.71
C GLU A 260 27.89 1.69 -18.62
N ALA A 261 27.02 2.35 -19.38
CA ALA A 261 26.97 3.82 -19.43
C ALA A 261 25.72 4.31 -20.14
N GLY A 262 25.37 5.55 -19.82
CA GLY A 262 24.41 6.38 -20.54
C GLY A 262 24.87 7.81 -20.44
N ALA A 263 24.71 8.61 -21.48
CA ALA A 263 25.17 10.00 -21.45
C ALA A 263 24.29 10.87 -22.33
N LEU A 264 23.98 12.07 -21.85
CA LEU A 264 23.22 13.10 -22.56
C LEU A 264 23.90 14.44 -22.35
N MET A 265 23.80 15.33 -23.33
CA MET A 265 24.22 16.73 -23.15
C MET A 265 23.11 17.63 -23.68
N LEU A 266 23.13 18.89 -23.26
CA LEU A 266 22.24 19.93 -23.78
C LEU A 266 23.08 20.86 -24.67
N ILE A 267 22.79 20.89 -25.96
CA ILE A 267 23.42 21.88 -26.86
C ILE A 267 22.38 22.90 -27.30
N GLU A 268 22.86 24.07 -27.69
CA GLU A 268 22.00 25.18 -28.15
C GLU A 268 22.85 26.25 -28.82
N THR A 269 22.22 27.12 -29.59
CA THR A 269 22.88 28.31 -30.18
C THR A 269 23.40 29.17 -29.04
N GLU A 270 24.57 29.78 -29.23
CA GLU A 270 25.17 30.71 -28.25
C GLU A 270 24.14 31.79 -27.90
N GLU A 271 23.47 32.34 -28.92
CA GLU A 271 22.40 33.35 -28.79
C GLU A 271 21.35 32.87 -27.78
N HIS A 272 20.79 31.67 -28.00
CA HIS A 272 19.75 31.05 -27.12
C HIS A 272 20.32 30.86 -25.71
N ALA A 273 21.59 30.47 -25.58
CA ALA A 273 22.26 30.24 -24.28
C ALA A 273 22.31 31.56 -23.51
N LYS A 274 22.94 32.57 -24.12
CA LYS A 274 23.10 33.96 -23.63
C LYS A 274 21.75 34.45 -23.07
N ALA A 275 20.68 34.32 -23.85
CA ALA A 275 19.35 34.91 -23.59
C ALA A 275 18.72 34.28 -22.34
N ARG A 276 19.12 33.06 -21.93
CA ARG A 276 18.57 32.43 -20.69
C ARG A 276 19.63 32.36 -19.60
N GLY A 277 20.80 32.97 -19.80
CA GLY A 277 21.86 33.08 -18.80
C GLY A 277 22.55 31.75 -18.52
N ALA A 278 22.47 30.80 -19.46
CA ALA A 278 23.16 29.49 -19.36
C ALA A 278 24.65 29.68 -19.59
N LYS A 279 25.49 29.08 -18.73
CA LYS A 279 26.97 29.18 -18.83
C LYS A 279 27.49 28.04 -19.70
N PRO A 280 28.05 28.34 -20.90
CA PRO A 280 28.63 27.29 -21.76
C PRO A 280 29.82 26.56 -21.13
N LEU A 281 29.81 25.22 -21.18
CA LEU A 281 30.94 24.34 -20.77
C LEU A 281 31.91 24.17 -21.94
N ALA A 282 31.40 24.20 -23.19
CA ALA A 282 32.22 24.20 -24.40
C ALA A 282 31.40 24.63 -25.62
N ARG A 283 32.04 24.60 -26.78
CA ARG A 283 31.41 24.79 -28.11
C ARG A 283 31.43 23.47 -28.88
N LEU A 284 30.35 23.19 -29.60
CA LEU A 284 30.29 22.11 -30.60
C LEU A 284 30.36 22.76 -31.98
N LEU A 285 31.47 22.55 -32.70
CA LEU A 285 31.87 23.38 -33.88
C LEU A 285 31.65 22.65 -35.22
N GLY A 286 31.74 21.32 -35.22
CA GLY A 286 31.75 20.56 -36.50
C GLY A 286 31.50 19.10 -36.26
N ALA A 287 31.07 18.38 -37.29
CA ALA A 287 30.71 16.95 -37.22
C ALA A 287 30.87 16.32 -38.60
N GLY A 288 31.74 15.30 -38.68
CA GLY A 288 31.99 14.51 -39.90
C GLY A 288 31.46 13.10 -39.78
N ILE A 289 30.82 12.60 -40.84
CA ILE A 289 30.31 11.20 -40.87
C ILE A 289 30.80 10.58 -42.17
N THR A 290 31.65 9.56 -42.09
CA THR A 290 32.09 8.80 -43.29
C THR A 290 31.90 7.31 -43.03
N SER A 291 32.26 6.49 -44.01
CA SER A 291 32.06 5.02 -43.94
C SER A 291 33.18 4.29 -44.69
N ASP A 292 33.62 3.16 -44.12
CA ASP A 292 34.77 2.36 -44.64
C ASP A 292 34.40 1.61 -45.93
N ALA A 293 33.16 1.15 -46.06
CA ALA A 293 32.74 0.14 -47.09
C ALA A 293 33.89 -0.84 -47.31
N PHE A 294 34.37 -1.42 -46.22
CA PHE A 294 35.56 -2.32 -46.18
C PHE A 294 35.13 -3.70 -45.72
N HIS A 295 34.46 -3.76 -44.56
CA HIS A 295 34.14 -5.02 -43.84
C HIS A 295 33.06 -4.77 -42.79
N MET A 296 32.27 -5.80 -42.45
CA MET A 296 31.10 -5.69 -41.53
C MET A 296 31.54 -5.43 -40.08
N VAL A 297 32.68 -5.96 -39.63
CA VAL A 297 33.14 -5.77 -38.22
C VAL A 297 34.61 -5.35 -38.14
N ALA A 298 35.39 -5.43 -39.22
CA ALA A 298 36.80 -5.00 -39.21
C ALA A 298 36.91 -3.59 -39.77
N PRO A 299 37.59 -2.67 -39.06
CA PRO A 299 37.87 -1.35 -39.60
C PRO A 299 38.91 -1.46 -40.72
N ALA A 300 38.86 -0.57 -41.70
CA ALA A 300 39.86 -0.50 -42.78
C ALA A 300 41.23 -0.27 -42.14
N ALA A 301 42.22 -1.05 -42.54
CA ALA A 301 43.58 -1.00 -41.94
C ALA A 301 44.23 0.35 -42.22
N ASP A 302 43.91 1.00 -43.34
CA ASP A 302 44.59 2.25 -43.77
C ASP A 302 44.13 3.44 -42.92
N GLY A 303 42.93 3.38 -42.34
CA GLY A 303 42.37 4.48 -41.53
C GLY A 303 42.01 5.71 -42.35
N VAL A 304 41.95 5.61 -43.67
CA VAL A 304 41.77 6.79 -44.58
C VAL A 304 40.40 7.43 -44.36
N ARG A 305 39.32 6.65 -44.47
CA ARG A 305 37.93 7.17 -44.36
C ARG A 305 37.65 7.61 -42.94
N ALA A 306 38.19 6.88 -41.96
CA ALA A 306 38.12 7.26 -40.54
C ALA A 306 38.69 8.67 -40.38
N GLY A 307 39.93 8.87 -40.83
CA GLY A 307 40.62 10.17 -40.74
C GLY A 307 39.84 11.25 -41.47
N ARG A 308 39.22 10.88 -42.59
CA ARG A 308 38.42 11.81 -43.43
C ARG A 308 37.12 12.21 -42.67
N ALA A 309 36.64 11.38 -41.74
CA ALA A 309 35.59 11.78 -40.78
C ALA A 309 36.12 12.92 -39.90
N MET A 310 37.33 12.78 -39.38
CA MET A 310 38.03 13.85 -38.61
C MET A 310 38.18 15.09 -39.50
N THR A 311 38.74 14.92 -40.70
CA THR A 311 39.01 16.04 -41.64
C THR A 311 37.71 16.82 -41.87
N ARG A 312 36.64 16.12 -42.23
CA ARG A 312 35.32 16.72 -42.51
C ARG A 312 34.88 17.55 -41.30
N SER A 313 35.05 17.03 -40.08
CA SER A 313 34.64 17.73 -38.83
C SER A 313 35.35 19.09 -38.77
N LEU A 314 36.61 19.16 -39.21
CA LEU A 314 37.43 20.40 -39.17
C LEU A 314 37.01 21.36 -40.29
N GLU A 315 36.65 20.86 -41.47
CA GLU A 315 36.21 21.73 -42.60
C GLU A 315 35.01 22.55 -42.12
N LEU A 316 34.02 21.88 -41.54
CA LEU A 316 32.75 22.48 -41.09
C LEU A 316 33.01 23.41 -39.90
N ALA A 317 34.01 23.10 -39.08
CA ALA A 317 34.38 23.94 -37.92
C ALA A 317 35.22 25.13 -38.39
N GLY A 318 35.90 25.00 -39.54
CA GLY A 318 36.77 26.05 -40.10
C GLY A 318 38.16 25.99 -39.49
N LEU A 319 38.51 24.85 -38.89
CA LEU A 319 39.83 24.62 -38.26
C LEU A 319 40.74 23.91 -39.26
N SER A 320 42.05 24.06 -39.08
CA SER A 320 43.08 23.19 -39.72
C SER A 320 43.54 22.16 -38.69
N PRO A 321 44.08 21.01 -39.14
CA PRO A 321 44.54 19.95 -38.23
C PRO A 321 45.55 20.49 -37.22
N ALA A 322 46.42 21.40 -37.66
CA ALA A 322 47.45 22.07 -36.82
C ALA A 322 46.81 22.69 -35.58
N ASP A 323 45.55 23.10 -35.67
CA ASP A 323 44.81 23.74 -34.56
C ASP A 323 44.35 22.69 -33.54
N ILE A 324 44.46 21.40 -33.84
CA ILE A 324 43.90 20.35 -32.93
C ILE A 324 44.93 19.98 -31.87
N ASP A 325 44.55 20.20 -30.61
CA ASP A 325 45.41 20.05 -29.41
C ASP A 325 45.17 18.67 -28.77
N HIS A 326 43.96 18.15 -28.92
CA HIS A 326 43.52 16.93 -28.21
C HIS A 326 42.69 16.05 -29.14
N VAL A 327 42.85 14.74 -28.99
CA VAL A 327 41.94 13.75 -29.61
C VAL A 327 41.46 12.78 -28.53
N ASN A 328 40.16 12.56 -28.49
CA ASN A 328 39.52 11.62 -27.55
C ASN A 328 39.19 10.35 -28.34
N ALA A 329 40.17 9.46 -28.48
CA ALA A 329 40.13 8.31 -29.43
C ALA A 329 39.03 7.33 -29.05
N HIS A 330 38.61 6.51 -30.03
CA HIS A 330 37.71 5.36 -29.82
C HIS A 330 38.36 4.41 -28.80
N GLY A 331 39.60 3.98 -29.07
CA GLY A 331 40.41 3.18 -28.14
C GLY A 331 39.63 2.01 -27.53
N THR A 332 39.21 1.05 -28.34
CA THR A 332 38.45 -0.14 -27.87
C THR A 332 39.41 -1.20 -27.31
N ALA A 333 40.72 -1.06 -27.53
CA ALA A 333 41.78 -2.01 -27.11
C ALA A 333 41.78 -3.28 -27.97
N THR A 334 41.05 -3.31 -29.08
CA THR A 334 41.13 -4.42 -30.08
C THR A 334 42.48 -4.27 -30.80
N PRO A 335 43.20 -5.39 -31.05
CA PRO A 335 44.46 -5.32 -31.80
C PRO A 335 44.32 -4.55 -33.12
N ILE A 336 43.31 -4.87 -33.95
CA ILE A 336 43.14 -4.24 -35.30
C ILE A 336 42.50 -2.85 -35.17
N GLY A 337 41.66 -2.63 -34.15
CA GLY A 337 40.95 -1.35 -33.98
C GLY A 337 41.93 -0.21 -33.75
N ASP A 338 42.78 -0.35 -32.74
CA ASP A 338 43.73 0.72 -32.32
C ASP A 338 44.72 0.97 -33.45
N ALA A 339 45.21 -0.09 -34.10
CA ALA A 339 46.13 0.02 -35.26
C ALA A 339 45.50 0.96 -36.30
N ALA A 340 44.25 0.72 -36.67
CA ALA A 340 43.53 1.46 -37.72
C ALA A 340 43.31 2.91 -37.29
N GLU A 341 42.88 3.12 -36.04
CA GLU A 341 42.67 4.48 -35.49
C GLU A 341 43.97 5.26 -35.58
N ALA A 342 45.09 4.66 -35.17
CA ALA A 342 46.42 5.31 -35.23
C ALA A 342 46.67 5.84 -36.65
N ASN A 343 46.45 5.02 -37.68
CA ASN A 343 46.59 5.44 -39.10
C ASN A 343 45.55 6.50 -39.47
N ALA A 344 44.35 6.42 -38.90
CA ALA A 344 43.25 7.38 -39.16
C ALA A 344 43.69 8.77 -38.69
N ILE A 345 44.32 8.84 -37.53
CA ILE A 345 44.75 10.14 -36.93
C ILE A 345 45.94 10.65 -37.76
N ARG A 346 46.77 9.74 -38.28
CA ARG A 346 47.89 10.12 -39.20
C ARG A 346 47.32 10.73 -40.48
N VAL A 347 46.26 10.15 -41.04
CA VAL A 347 45.66 10.65 -42.31
C VAL A 347 45.03 12.02 -42.04
N ALA A 348 44.44 12.21 -40.87
CA ALA A 348 43.79 13.49 -40.48
C ALA A 348 44.83 14.54 -40.08
N GLY A 349 46.13 14.17 -40.05
CA GLY A 349 47.23 15.07 -39.65
C GLY A 349 47.01 15.63 -38.26
N CYS A 350 46.42 14.84 -37.36
CA CYS A 350 46.15 15.22 -35.95
C CYS A 350 47.02 14.41 -34.99
N ASP A 351 48.03 13.71 -35.52
CA ASP A 351 48.86 12.74 -34.76
C ASP A 351 49.90 13.47 -33.90
N GLN A 352 49.84 14.81 -33.85
CA GLN A 352 50.65 15.65 -32.93
C GLN A 352 49.91 15.82 -31.59
N ALA A 353 48.65 15.37 -31.49
CA ALA A 353 47.72 15.80 -30.42
C ALA A 353 47.80 14.85 -29.23
N ALA A 354 47.63 15.39 -28.03
CA ALA A 354 47.58 14.61 -26.77
C ALA A 354 46.34 13.73 -26.82
N VAL A 355 46.53 12.41 -26.80
CA VAL A 355 45.45 11.41 -27.07
C VAL A 355 45.01 10.79 -25.74
N TYR A 356 43.71 10.51 -25.62
CA TYR A 356 43.12 9.83 -24.44
C TYR A 356 42.19 8.71 -24.91
N ALA A 357 42.29 7.54 -24.29
CA ALA A 357 41.40 6.40 -24.52
C ALA A 357 40.64 6.11 -23.22
N PRO A 358 39.47 6.76 -23.00
CA PRO A 358 38.72 6.58 -21.77
C PRO A 358 38.26 5.14 -21.51
N LYS A 359 38.13 4.31 -22.54
CA LYS A 359 37.68 2.91 -22.39
C LYS A 359 38.64 2.16 -21.46
N SER A 360 39.90 2.61 -21.41
CA SER A 360 40.93 2.15 -20.44
C SER A 360 40.36 2.11 -19.02
N ALA A 361 39.46 3.04 -18.70
CA ALA A 361 38.91 3.23 -17.33
C ALA A 361 37.43 2.84 -17.27
N LEU A 362 36.62 3.33 -18.21
CA LEU A 362 35.14 3.23 -18.17
C LEU A 362 34.61 2.09 -19.04
N GLY A 363 35.48 1.48 -19.84
CA GLY A 363 35.09 0.37 -20.72
C GLY A 363 34.25 0.82 -21.90
N HIS A 364 33.59 -0.13 -22.56
CA HIS A 364 32.85 0.07 -23.83
C HIS A 364 31.35 0.09 -23.53
N SER A 365 30.70 1.22 -23.80
CA SER A 365 29.24 1.44 -23.57
C SER A 365 28.46 1.20 -24.88
N ILE A 366 29.15 0.85 -25.97
CA ILE A 366 28.54 0.65 -27.31
C ILE A 366 27.75 1.91 -27.71
N GLY A 367 26.42 1.84 -27.77
CA GLY A 367 25.55 2.98 -28.17
C GLY A 367 25.87 4.25 -27.39
N ALA A 368 26.05 4.13 -26.07
CA ALA A 368 26.27 5.30 -25.18
C ALA A 368 27.66 5.90 -25.42
N VAL A 369 28.62 5.09 -25.84
CA VAL A 369 30.05 5.38 -25.55
C VAL A 369 30.44 6.71 -26.21
N GLY A 370 30.04 6.94 -27.45
CA GLY A 370 30.34 8.20 -28.16
C GLY A 370 29.79 9.41 -27.43
N ALA A 371 28.60 9.28 -26.85
CA ALA A 371 27.95 10.34 -26.03
C ALA A 371 28.81 10.61 -24.80
N LEU A 372 29.17 9.55 -24.09
CA LEU A 372 30.05 9.63 -22.89
C LEU A 372 31.37 10.31 -23.28
N GLU A 373 32.07 9.78 -24.27
CA GLU A 373 33.42 10.28 -24.62
C GLU A 373 33.33 11.72 -25.14
N SER A 374 32.19 12.11 -25.72
CA SER A 374 31.89 13.51 -26.14
C SER A 374 31.81 14.40 -24.89
N VAL A 375 31.16 13.92 -23.83
CA VAL A 375 31.03 14.67 -22.55
C VAL A 375 32.40 14.82 -21.91
N LEU A 376 33.17 13.74 -21.84
CA LEU A 376 34.56 13.79 -21.33
C LEU A 376 35.38 14.77 -22.20
N THR A 377 35.16 14.82 -23.52
CA THR A 377 35.90 15.78 -24.39
C THR A 377 35.55 17.21 -24.00
N VAL A 378 34.29 17.47 -23.63
CA VAL A 378 33.85 18.83 -23.18
C VAL A 378 34.64 19.19 -21.91
N LEU A 379 34.61 18.32 -20.91
CA LEU A 379 35.17 18.60 -19.57
C LEU A 379 36.70 18.76 -19.69
N THR A 380 37.32 18.09 -20.65
CA THR A 380 38.77 18.25 -20.95
C THR A 380 39.05 19.69 -21.38
N LEU A 381 38.27 20.23 -22.31
CA LEU A 381 38.45 21.61 -22.81
C LEU A 381 38.12 22.61 -21.69
N ARG A 382 37.05 22.38 -20.94
CA ARG A 382 36.63 23.24 -19.82
C ARG A 382 37.78 23.40 -18.81
N ASP A 383 38.46 22.31 -18.45
CA ASP A 383 39.36 22.25 -17.26
C ASP A 383 40.84 22.22 -17.66
N GLY A 384 41.16 22.24 -18.95
CA GLY A 384 42.55 22.16 -19.46
C GLY A 384 43.30 20.94 -18.95
N VAL A 385 42.64 19.78 -18.85
CA VAL A 385 43.25 18.54 -18.29
C VAL A 385 42.73 17.28 -19.00
N ILE A 386 43.68 16.44 -19.41
CA ILE A 386 43.41 15.07 -19.95
C ILE A 386 43.77 14.05 -18.87
N PRO A 387 42.84 13.16 -18.48
CA PRO A 387 43.17 12.05 -17.60
C PRO A 387 44.18 11.10 -18.22
N PRO A 388 44.79 10.19 -17.42
CA PRO A 388 45.70 9.19 -17.96
C PRO A 388 44.95 8.02 -18.60
N THR A 389 45.44 7.53 -19.73
CA THR A 389 44.99 6.24 -20.32
C THR A 389 45.48 5.10 -19.42
N LEU A 390 44.62 4.48 -18.62
CA LEU A 390 45.07 3.43 -17.66
C LEU A 390 45.68 2.28 -18.47
N ASN A 391 46.66 1.59 -17.88
CA ASN A 391 47.24 0.33 -18.40
C ASN A 391 48.04 0.56 -19.68
N TYR A 392 48.40 1.80 -20.01
CA TYR A 392 49.34 2.11 -21.12
C TYR A 392 50.76 1.96 -20.62
N GLU A 393 51.40 0.82 -20.90
CA GLU A 393 52.71 0.48 -20.29
C GLU A 393 53.78 0.19 -21.35
N THR A 394 53.41 -0.45 -22.46
CA THR A 394 54.38 -0.89 -23.50
C THR A 394 53.99 -0.31 -24.85
N PRO A 395 54.53 0.88 -25.22
CA PRO A 395 54.21 1.49 -26.51
C PRO A 395 54.31 0.49 -27.67
N ASP A 396 53.27 0.45 -28.49
CA ASP A 396 53.25 -0.36 -29.74
C ASP A 396 53.90 0.48 -30.84
N PRO A 397 54.99 0.00 -31.50
CA PRO A 397 55.57 0.71 -32.64
C PRO A 397 54.55 0.98 -33.77
N GLU A 398 53.57 0.10 -33.93
CA GLU A 398 52.47 0.28 -34.92
C GLU A 398 51.63 1.51 -34.54
N ILE A 399 51.68 1.95 -33.27
CA ILE A 399 50.95 3.15 -32.76
C ILE A 399 51.98 4.23 -32.38
N ASP A 400 52.27 5.16 -33.30
CA ASP A 400 53.22 6.27 -33.04
C ASP A 400 52.41 7.50 -32.58
N LEU A 401 51.71 7.39 -31.44
CA LEU A 401 50.86 8.50 -30.94
C LEU A 401 51.36 8.97 -29.58
N ASP A 402 50.96 10.19 -29.23
CA ASP A 402 51.23 10.82 -27.93
C ASP A 402 50.07 10.47 -26.99
N VAL A 403 50.04 9.23 -26.51
CA VAL A 403 48.95 8.72 -25.63
C VAL A 403 49.23 9.21 -24.21
N VAL A 404 48.31 9.94 -23.61
CA VAL A 404 48.49 10.46 -22.23
C VAL A 404 48.44 9.27 -21.27
N ALA A 405 49.48 9.12 -20.46
CA ALA A 405 49.65 7.98 -19.51
C ALA A 405 50.38 8.43 -18.25
N GLY A 406 50.13 7.72 -17.15
CA GLY A 406 50.84 7.89 -15.87
C GLY A 406 50.18 8.95 -15.00
N GLU A 407 50.44 10.22 -15.30
CA GLU A 407 49.87 11.38 -14.57
C GLU A 407 48.90 12.07 -15.51
N PRO A 408 47.87 12.81 -15.01
CA PRO A 408 47.06 13.62 -15.91
C PRO A 408 47.99 14.48 -16.76
N ARG A 409 47.50 14.99 -17.87
CA ARG A 409 48.29 15.97 -18.64
C ARG A 409 47.53 17.28 -18.69
N TYR A 410 48.19 18.35 -18.25
CA TYR A 410 47.61 19.71 -18.15
C TYR A 410 48.05 20.54 -19.33
N GLY A 411 47.17 21.43 -19.78
CA GLY A 411 47.52 22.36 -20.86
C GLY A 411 46.37 23.21 -21.31
N ASP A 412 46.69 24.13 -22.21
CA ASP A 412 45.75 25.10 -22.81
C ASP A 412 45.16 24.48 -24.09
N TYR A 413 44.31 23.47 -23.92
CA TYR A 413 43.62 22.76 -25.03
C TYR A 413 42.48 23.65 -25.52
N ARG A 414 42.53 24.04 -26.80
CA ARG A 414 41.56 24.99 -27.41
C ARG A 414 40.60 24.25 -28.35
N TYR A 415 41.03 23.13 -28.92
CA TYR A 415 40.27 22.42 -29.98
C TYR A 415 40.54 20.93 -29.90
N ALA A 416 39.47 20.14 -29.84
CA ALA A 416 39.54 18.70 -29.54
C ALA A 416 38.58 17.96 -30.45
N VAL A 417 39.03 16.82 -30.98
CA VAL A 417 38.17 15.90 -31.77
C VAL A 417 37.81 14.69 -30.91
N ASN A 418 36.55 14.26 -30.96
CA ASN A 418 36.10 13.01 -30.30
C ASN A 418 35.73 11.99 -31.38
N ASN A 419 36.52 10.93 -31.48
CA ASN A 419 36.37 9.87 -32.50
C ASN A 419 35.44 8.77 -31.99
N SER A 420 34.64 8.22 -32.90
CA SER A 420 33.86 6.98 -32.70
C SER A 420 33.86 6.19 -34.02
N PHE A 421 34.07 4.89 -33.95
CA PHE A 421 34.11 4.00 -35.14
C PHE A 421 33.32 2.74 -34.84
N GLY A 422 32.11 2.63 -35.40
CA GLY A 422 31.19 1.52 -35.13
C GLY A 422 31.36 0.34 -36.08
N PHE A 423 30.98 -0.84 -35.58
CA PHE A 423 30.86 -2.08 -36.38
C PHE A 423 29.93 -1.82 -37.56
N GLY A 424 30.38 -2.14 -38.78
CA GLY A 424 29.69 -1.82 -40.03
C GLY A 424 30.41 -0.73 -40.79
N GLY A 425 31.52 -0.25 -40.25
CA GLY A 425 32.40 0.75 -40.90
C GLY A 425 31.81 2.14 -40.83
N HIS A 426 31.18 2.49 -39.72
CA HIS A 426 30.63 3.87 -39.48
C HIS A 426 31.66 4.68 -38.70
N ASN A 427 32.04 5.84 -39.24
CA ASN A 427 33.08 6.71 -38.65
C ASN A 427 32.49 8.07 -38.33
N VAL A 428 32.43 8.42 -37.06
CA VAL A 428 31.92 9.75 -36.63
C VAL A 428 33.02 10.51 -35.90
N ALA A 429 33.34 11.70 -36.39
CA ALA A 429 34.25 12.67 -35.73
C ALA A 429 33.46 13.92 -35.35
N LEU A 430 33.72 14.45 -34.15
CA LEU A 430 33.06 15.67 -33.61
C LEU A 430 34.11 16.69 -33.21
N ALA A 431 34.16 17.85 -33.88
CA ALA A 431 35.07 18.97 -33.53
C ALA A 431 34.46 19.76 -32.37
N PHE A 432 35.17 19.83 -31.24
CA PHE A 432 34.79 20.62 -30.04
C PHE A 432 35.82 21.72 -29.81
N GLY A 433 35.39 22.82 -29.18
CA GLY A 433 36.24 23.98 -28.91
C GLY A 433 36.06 24.50 -27.50
N ARG A 434 37.15 24.99 -26.90
CA ARG A 434 37.11 25.68 -25.59
C ARG A 434 36.23 26.93 -25.72
N TYR A 435 35.48 27.26 -24.67
CA TYR A 435 34.57 28.43 -24.65
C TYR A 435 35.35 29.66 -24.18
N SER B 21 17.51 36.06 -45.51
CA SER B 21 17.67 35.40 -46.85
C SER B 21 18.12 33.95 -46.64
N GLN B 22 17.22 33.10 -46.12
CA GLN B 22 17.51 31.70 -45.73
C GLN B 22 17.64 30.85 -46.99
N PRO B 23 18.45 29.77 -46.98
CA PRO B 23 18.71 29.01 -48.19
C PRO B 23 17.54 28.07 -48.52
N SER B 24 17.18 28.00 -49.80
CA SER B 24 16.15 27.08 -50.34
C SER B 24 16.62 26.50 -51.68
N THR B 25 16.04 25.39 -52.11
CA THR B 25 16.28 24.80 -53.45
C THR B 25 15.92 25.87 -54.50
N ALA B 26 14.73 26.47 -54.36
CA ALA B 26 14.20 27.50 -55.29
C ALA B 26 15.26 28.58 -55.55
N ASN B 27 15.85 29.13 -54.49
CA ASN B 27 16.70 30.34 -54.57
C ASN B 27 18.18 29.97 -54.75
N GLY B 28 18.50 28.69 -54.96
CA GLY B 28 19.88 28.22 -55.25
C GLY B 28 20.68 27.97 -53.98
N GLY B 29 20.09 28.23 -52.81
CA GLY B 29 20.76 28.06 -51.50
C GLY B 29 21.21 26.63 -51.27
N PHE B 30 20.40 25.66 -51.71
CA PHE B 30 20.74 24.22 -51.73
C PHE B 30 21.00 23.81 -53.17
N PRO B 31 21.95 22.88 -53.44
CA PRO B 31 22.10 22.36 -54.79
C PRO B 31 20.84 21.59 -55.20
N SER B 32 20.62 21.49 -56.50
CA SER B 32 19.47 20.74 -57.08
C SER B 32 19.76 19.24 -56.92
N VAL B 33 18.85 18.52 -56.26
CA VAL B 33 18.95 17.04 -56.05
C VAL B 33 17.83 16.39 -56.85
N VAL B 34 18.18 15.35 -57.62
CA VAL B 34 17.23 14.66 -58.53
C VAL B 34 17.20 13.17 -58.18
N VAL B 35 16.07 12.51 -58.44
CA VAL B 35 15.95 11.04 -58.25
C VAL B 35 16.16 10.38 -59.60
N THR B 36 17.23 9.62 -59.75
CA THR B 36 17.68 9.07 -61.04
C THR B 36 17.40 7.56 -61.19
N ALA B 37 16.90 6.90 -60.13
CA ALA B 37 16.52 5.47 -60.18
C ALA B 37 15.75 5.09 -58.92
N VAL B 38 14.92 4.06 -59.02
CA VAL B 38 14.09 3.56 -57.89
C VAL B 38 13.96 2.05 -58.03
N THR B 39 13.78 1.37 -56.91
CA THR B 39 13.50 -0.08 -56.88
C THR B 39 12.57 -0.37 -55.70
N ALA B 40 11.66 -1.30 -55.89
CA ALA B 40 10.78 -1.73 -54.77
C ALA B 40 10.35 -3.17 -54.99
N THR B 41 10.30 -3.91 -53.90
CA THR B 41 9.61 -5.21 -53.81
C THR B 41 8.38 -5.00 -52.93
N THR B 42 7.31 -5.73 -53.24
CA THR B 42 5.92 -5.31 -52.90
C THR B 42 5.04 -6.56 -52.77
N SER B 43 3.84 -6.43 -52.20
CA SER B 43 2.86 -7.54 -52.09
C SER B 43 2.24 -7.83 -53.47
N ILE B 44 2.11 -6.81 -54.32
CA ILE B 44 1.62 -6.95 -55.72
C ILE B 44 2.67 -7.59 -56.64
N SER B 45 3.95 -7.23 -56.53
CA SER B 45 4.99 -7.54 -57.54
C SER B 45 6.40 -7.18 -57.06
N PRO B 46 7.45 -7.91 -57.51
CA PRO B 46 8.84 -7.58 -57.19
C PRO B 46 9.41 -6.42 -58.01
N ASP B 47 8.68 -6.04 -59.06
CA ASP B 47 9.11 -5.01 -60.03
C ASP B 47 8.26 -3.77 -59.79
N ILE B 48 8.90 -2.65 -59.45
CA ILE B 48 8.18 -1.39 -59.07
C ILE B 48 7.25 -0.96 -60.21
N GLU B 49 7.70 -1.05 -61.47
CA GLU B 49 6.90 -0.59 -62.64
C GLU B 49 5.66 -1.46 -62.78
N SER B 50 5.77 -2.77 -62.53
CA SER B 50 4.61 -3.70 -62.53
C SER B 50 3.67 -3.34 -61.37
N THR B 51 4.24 -3.16 -60.17
CA THR B 51 3.46 -2.70 -59.00
C THR B 51 2.70 -1.42 -59.38
N TRP B 52 3.38 -0.47 -60.00
CA TRP B 52 2.81 0.82 -60.45
C TRP B 52 1.60 0.55 -61.35
N LYS B 53 1.79 -0.22 -62.42
CA LYS B 53 0.71 -0.56 -63.39
C LYS B 53 -0.42 -1.27 -62.66
N GLY B 54 -0.10 -2.18 -61.75
CA GLY B 54 -1.08 -2.92 -60.96
C GLY B 54 -1.92 -2.01 -60.08
N LEU B 55 -1.28 -1.04 -59.41
CA LEU B 55 -1.98 -0.02 -58.58
C LEU B 55 -2.94 0.78 -59.48
N LEU B 56 -2.48 1.22 -60.65
CA LEU B 56 -3.33 1.99 -61.60
C LEU B 56 -4.52 1.14 -62.06
N ALA B 57 -4.36 -0.17 -62.18
CA ALA B 57 -5.47 -1.09 -62.54
C ALA B 57 -6.39 -1.36 -61.33
N GLY B 58 -6.10 -0.81 -60.15
CA GLY B 58 -6.92 -0.99 -58.94
C GLY B 58 -6.65 -2.31 -58.24
N GLU B 59 -5.52 -2.95 -58.53
CA GLU B 59 -5.15 -4.24 -57.88
C GLU B 59 -4.81 -3.99 -56.40
N SER B 60 -5.05 -4.99 -55.57
CA SER B 60 -4.68 -5.00 -54.13
C SER B 60 -3.72 -6.16 -53.88
N GLY B 61 -2.76 -5.96 -52.98
CA GLY B 61 -1.82 -7.00 -52.56
C GLY B 61 -2.34 -7.79 -51.37
N ILE B 62 -3.42 -7.32 -50.75
CA ILE B 62 -3.88 -7.86 -49.44
C ILE B 62 -4.75 -9.09 -49.68
N HIS B 63 -4.35 -10.22 -49.11
N HIS B 63 -4.38 -10.23 -49.14
CA HIS B 63 -4.99 -11.55 -49.26
CA HIS B 63 -5.15 -11.49 -49.26
C HIS B 63 -5.26 -12.15 -47.88
C HIS B 63 -5.23 -12.17 -47.89
N ALA B 64 -5.86 -13.34 -47.85
CA ALA B 64 -5.99 -14.16 -46.64
C ALA B 64 -4.64 -14.85 -46.41
N LEU B 65 -4.10 -14.74 -45.20
CA LEU B 65 -2.80 -15.39 -44.85
C LEU B 65 -3.01 -16.90 -44.81
N GLU B 66 -2.21 -17.65 -45.57
CA GLU B 66 -2.28 -19.12 -45.67
C GLU B 66 -1.18 -19.78 -44.82
N ASP B 67 -0.38 -18.96 -44.14
CA ASP B 67 0.74 -19.44 -43.27
C ASP B 67 0.16 -20.25 -42.13
N GLU B 68 0.82 -21.34 -41.73
CA GLU B 68 0.31 -22.28 -40.69
C GLU B 68 0.26 -21.56 -39.34
N PHE B 69 1.18 -20.63 -39.06
CA PHE B 69 1.26 -19.92 -37.75
C PHE B 69 -0.08 -19.23 -37.44
N VAL B 70 -0.83 -18.83 -38.47
CA VAL B 70 -2.16 -18.16 -38.31
C VAL B 70 -3.13 -19.11 -37.59
N THR B 71 -3.24 -20.34 -38.11
CA THR B 71 -4.20 -21.37 -37.63
C THR B 71 -3.62 -22.08 -36.40
N LYS B 72 -2.29 -22.04 -36.23
CA LYS B 72 -1.58 -22.61 -35.05
C LYS B 72 -1.93 -21.82 -33.79
N TRP B 73 -2.03 -20.49 -33.90
CA TRP B 73 -2.19 -19.55 -32.75
C TRP B 73 -3.61 -18.96 -32.70
N ASP B 74 -4.42 -19.15 -33.75
CA ASP B 74 -5.77 -18.54 -33.86
C ASP B 74 -5.62 -17.03 -33.61
N LEU B 75 -4.89 -16.33 -34.47
CA LEU B 75 -4.64 -14.86 -34.35
C LEU B 75 -5.91 -14.11 -34.74
N ALA B 76 -6.10 -12.91 -34.17
CA ALA B 76 -7.25 -12.02 -34.42
C ALA B 76 -7.24 -11.54 -35.88
N VAL B 77 -6.04 -11.37 -36.45
CA VAL B 77 -5.80 -10.89 -37.84
C VAL B 77 -5.33 -12.08 -38.68
N LYS B 78 -6.02 -12.35 -39.79
CA LYS B 78 -5.74 -13.49 -40.70
C LYS B 78 -5.48 -12.98 -42.12
N ILE B 79 -5.14 -11.71 -42.25
CA ILE B 79 -5.01 -11.02 -43.57
C ILE B 79 -3.71 -10.23 -43.58
N GLY B 80 -3.19 -9.99 -44.78
CA GLY B 80 -1.98 -9.20 -45.01
C GLY B 80 -1.48 -9.43 -46.43
N GLY B 81 -0.39 -8.77 -46.80
CA GLY B 81 0.23 -8.93 -48.12
C GLY B 81 1.67 -9.38 -47.98
N HIS B 82 1.93 -10.69 -48.14
CA HIS B 82 3.33 -11.17 -48.30
C HIS B 82 3.85 -10.61 -49.63
N LEU B 83 5.15 -10.44 -49.74
CA LEU B 83 5.80 -10.08 -51.01
C LEU B 83 5.34 -11.09 -52.06
N LYS B 84 5.01 -10.63 -53.28
CA LYS B 84 4.68 -11.52 -54.42
C LYS B 84 5.84 -12.51 -54.64
N ASP B 85 7.08 -12.02 -54.48
CA ASP B 85 8.31 -12.81 -54.72
C ASP B 85 9.19 -12.79 -53.47
N PRO B 86 9.16 -13.87 -52.65
CA PRO B 86 9.96 -13.94 -51.44
C PRO B 86 11.41 -13.49 -51.66
N VAL B 87 11.93 -12.68 -50.76
CA VAL B 87 13.36 -12.26 -50.83
C VAL B 87 14.23 -13.53 -50.89
N ASP B 88 13.91 -14.53 -50.07
CA ASP B 88 14.82 -15.69 -49.83
C ASP B 88 14.81 -16.67 -51.01
N SER B 89 13.86 -16.53 -51.95
CA SER B 89 13.85 -17.36 -53.19
C SER B 89 15.05 -16.97 -54.07
N HIS B 90 15.65 -15.79 -53.84
CA HIS B 90 16.84 -15.31 -54.59
C HIS B 90 18.14 -15.46 -53.80
N MET B 91 18.09 -16.09 -52.62
CA MET B 91 19.23 -16.11 -51.67
C MET B 91 19.77 -17.53 -51.54
N GLY B 92 21.04 -17.72 -51.92
CA GLY B 92 21.75 -19.00 -51.78
C GLY B 92 22.09 -19.30 -50.33
N ARG B 93 22.72 -20.45 -50.11
CA ARG B 93 23.03 -21.01 -48.76
C ARG B 93 23.93 -20.05 -47.98
N LEU B 94 24.96 -19.52 -48.65
CA LEU B 94 25.92 -18.58 -48.02
C LEU B 94 25.13 -17.41 -47.42
N ASP B 95 24.38 -16.70 -48.26
CA ASP B 95 23.61 -15.48 -47.87
C ASP B 95 22.60 -15.80 -46.77
N MET B 96 22.06 -17.03 -46.73
CA MET B 96 21.11 -17.43 -45.65
C MET B 96 21.85 -17.58 -44.32
N ARG B 97 23.18 -17.75 -44.35
CA ARG B 97 23.98 -18.03 -43.12
C ARG B 97 24.56 -16.74 -42.54
N ARG B 98 24.82 -15.72 -43.36
CA ARG B 98 25.63 -14.55 -42.93
C ARG B 98 24.83 -13.25 -42.91
N MET B 99 23.51 -13.29 -43.12
CA MET B 99 22.68 -12.05 -43.14
C MET B 99 21.36 -12.30 -42.42
N SER B 100 20.83 -11.27 -41.78
CA SER B 100 19.43 -11.22 -41.27
C SER B 100 18.51 -10.99 -42.47
N TYR B 101 17.21 -11.02 -42.24
CA TYR B 101 16.22 -10.88 -43.33
C TYR B 101 16.37 -9.48 -43.95
N VAL B 102 16.32 -8.44 -43.12
CA VAL B 102 16.36 -7.03 -43.62
C VAL B 102 17.67 -6.84 -44.41
N GLN B 103 18.76 -7.46 -43.95
CA GLN B 103 20.04 -7.47 -44.68
C GLN B 103 19.84 -8.13 -46.05
N ARG B 104 19.22 -9.30 -46.09
CA ARG B 104 19.06 -10.05 -47.36
C ARG B 104 18.15 -9.29 -48.31
N MET B 105 17.05 -8.71 -47.80
CA MET B 105 16.20 -7.78 -48.58
C MET B 105 17.06 -6.61 -49.10
N GLY B 106 17.88 -5.99 -48.24
CA GLY B 106 18.71 -4.83 -48.62
C GLY B 106 19.71 -5.16 -49.71
N LYS B 107 20.36 -6.33 -49.60
CA LYS B 107 21.35 -6.76 -50.61
C LYS B 107 20.61 -6.90 -51.94
N LEU B 108 19.43 -7.51 -51.91
CA LEU B 108 18.65 -7.77 -53.15
C LEU B 108 18.33 -6.43 -53.81
N LEU B 109 17.64 -5.55 -53.08
CA LEU B 109 17.19 -4.22 -53.59
C LEU B 109 18.40 -3.39 -54.02
N GLY B 110 19.52 -3.49 -53.29
CA GLY B 110 20.76 -2.75 -53.59
C GLY B 110 21.25 -3.06 -55.00
N GLY B 111 21.38 -4.36 -55.31
CA GLY B 111 21.82 -4.86 -56.63
C GLY B 111 20.84 -4.48 -57.72
N GLN B 112 19.54 -4.64 -57.48
CA GLN B 112 18.49 -4.24 -58.45
C GLN B 112 18.65 -2.75 -58.73
N LEU B 113 18.75 -1.93 -57.68
CA LEU B 113 18.84 -0.46 -57.83
C LEU B 113 20.02 -0.07 -58.72
N TRP B 114 21.21 -0.59 -58.45
CA TRP B 114 22.45 -0.22 -59.21
C TRP B 114 22.28 -0.59 -60.70
N GLU B 115 21.88 -1.84 -60.98
CA GLU B 115 21.64 -2.32 -62.37
C GLU B 115 20.66 -1.38 -63.08
N SER B 116 19.53 -1.04 -62.45
CA SER B 116 18.51 -0.08 -62.99
C SER B 116 19.16 1.27 -63.30
N ALA B 117 20.20 1.64 -62.55
CA ALA B 117 20.87 2.96 -62.63
C ALA B 117 21.98 2.94 -63.70
N GLY B 118 22.21 1.78 -64.33
CA GLY B 118 23.24 1.60 -65.37
C GLY B 118 24.57 1.22 -64.76
N SER B 119 24.54 0.59 -63.57
CA SER B 119 25.75 0.24 -62.80
C SER B 119 26.77 1.35 -62.92
N PRO B 120 26.47 2.59 -62.47
CA PRO B 120 27.38 3.72 -62.64
C PRO B 120 28.66 3.56 -61.82
N GLU B 121 29.76 4.14 -62.29
CA GLU B 121 31.06 4.19 -61.57
C GLU B 121 31.19 5.57 -60.91
N VAL B 122 30.78 5.67 -59.65
CA VAL B 122 30.76 6.96 -58.89
C VAL B 122 32.00 7.00 -58.01
N ASP B 123 32.37 8.21 -57.57
CA ASP B 123 33.41 8.40 -56.54
C ASP B 123 32.85 7.83 -55.23
N PRO B 124 33.36 6.68 -54.74
CA PRO B 124 32.85 6.10 -53.51
C PRO B 124 32.97 7.06 -52.33
N ASP B 125 33.90 8.03 -52.43
CA ASP B 125 34.15 9.05 -51.38
C ASP B 125 33.03 10.10 -51.35
N ARG B 126 32.18 10.16 -52.38
CA ARG B 126 31.08 11.18 -52.47
C ARG B 126 29.74 10.46 -52.54
N PHE B 127 29.70 9.25 -52.02
CA PHE B 127 28.57 8.32 -52.19
C PHE B 127 28.11 7.85 -50.82
N ALA B 128 26.88 8.17 -50.44
CA ALA B 128 26.32 7.85 -49.10
C ALA B 128 25.20 6.83 -49.23
N VAL B 129 24.95 6.10 -48.15
CA VAL B 129 23.79 5.17 -48.02
C VAL B 129 23.06 5.53 -46.74
N VAL B 130 21.77 5.82 -46.84
CA VAL B 130 20.93 6.10 -45.65
C VAL B 130 19.68 5.24 -45.75
N VAL B 131 19.64 4.15 -45.01
CA VAL B 131 18.53 3.16 -45.12
C VAL B 131 17.98 2.86 -43.74
N GLY B 132 16.72 3.23 -43.53
CA GLY B 132 16.05 3.03 -42.24
C GLY B 132 15.43 1.66 -42.17
N THR B 133 15.16 1.21 -40.95
CA THR B 133 14.32 0.02 -40.71
C THR B 133 13.57 0.20 -39.39
N GLY B 134 12.49 -0.57 -39.23
CA GLY B 134 11.63 -0.49 -38.04
C GLY B 134 12.32 -1.08 -36.83
N LEU B 135 13.00 -2.23 -37.00
CA LEU B 135 13.47 -3.04 -35.85
C LEU B 135 14.92 -3.49 -36.00
N GLY B 136 15.26 -4.16 -37.10
CA GLY B 136 16.62 -4.71 -37.31
C GLY B 136 16.60 -6.21 -37.50
N GLY B 137 17.75 -6.88 -37.28
CA GLY B 137 17.88 -8.33 -37.43
C GLY B 137 17.30 -9.08 -36.25
N ALA B 138 16.08 -8.70 -35.83
CA ALA B 138 15.47 -9.15 -34.55
C ALA B 138 15.45 -10.67 -34.45
N GLU B 139 15.14 -11.38 -35.55
CA GLU B 139 14.98 -12.87 -35.55
C GLU B 139 16.31 -13.52 -35.13
N ARG B 140 17.44 -12.86 -35.39
CA ARG B 140 18.77 -13.42 -35.03
C ARG B 140 18.99 -13.31 -33.52
N ILE B 141 18.34 -12.35 -32.87
CA ILE B 141 18.36 -12.22 -31.38
C ILE B 141 17.66 -13.44 -30.81
N VAL B 142 16.48 -13.75 -31.34
CA VAL B 142 15.67 -14.91 -30.90
C VAL B 142 16.48 -16.17 -31.10
N GLU B 143 17.02 -16.35 -32.31
CA GLU B 143 17.77 -17.56 -32.69
C GLU B 143 18.99 -17.74 -31.77
N SER B 144 19.78 -16.67 -31.55
CA SER B 144 20.98 -16.69 -30.69
C SER B 144 20.58 -17.07 -29.26
N TYR B 145 19.47 -16.50 -28.79
CA TYR B 145 18.85 -16.79 -27.46
C TYR B 145 18.56 -18.28 -27.32
N ASP B 146 17.90 -18.86 -28.33
CA ASP B 146 17.48 -20.29 -28.33
C ASP B 146 18.73 -21.18 -28.38
N LEU B 147 19.67 -20.88 -29.28
CA LEU B 147 20.89 -21.71 -29.44
C LEU B 147 21.66 -21.71 -28.11
N MET B 148 21.75 -20.55 -27.46
CA MET B 148 22.56 -20.38 -26.23
C MET B 148 21.93 -21.19 -25.08
N ASN B 149 20.60 -21.17 -24.98
CA ASN B 149 19.85 -21.88 -23.91
C ASN B 149 19.99 -23.39 -24.09
N ALA B 150 20.02 -23.87 -25.33
CA ALA B 150 20.08 -25.32 -25.66
C ALA B 150 21.51 -25.86 -25.54
N GLY B 151 22.55 -25.03 -25.77
CA GLY B 151 23.92 -25.54 -25.97
C GLY B 151 25.04 -24.61 -25.52
N GLY B 152 24.74 -23.46 -24.90
CA GLY B 152 25.76 -22.63 -24.23
C GLY B 152 26.33 -21.52 -25.12
N PRO B 153 27.14 -20.61 -24.52
CA PRO B 153 27.60 -19.40 -25.19
C PRO B 153 28.37 -19.60 -26.50
N ARG B 154 28.96 -20.77 -26.72
CA ARG B 154 29.76 -21.04 -27.94
C ARG B 154 28.86 -21.50 -29.10
N LYS B 155 27.55 -21.66 -28.88
CA LYS B 155 26.60 -22.00 -29.96
C LYS B 155 26.15 -20.74 -30.67
N VAL B 156 26.45 -19.57 -30.08
CA VAL B 156 26.20 -18.25 -30.71
C VAL B 156 27.23 -18.02 -31.81
N SER B 157 26.75 -17.76 -33.02
CA SER B 157 27.60 -17.52 -34.22
C SER B 157 28.46 -16.27 -34.00
N PRO B 158 29.75 -16.31 -34.39
CA PRO B 158 30.58 -15.11 -34.37
C PRO B 158 29.96 -14.01 -35.24
N LEU B 159 29.05 -14.39 -36.14
CA LEU B 159 28.30 -13.46 -37.02
C LEU B 159 27.08 -12.87 -36.32
N ALA B 160 26.70 -13.36 -35.14
CA ALA B 160 25.43 -12.97 -34.49
C ALA B 160 25.32 -11.44 -34.45
N VAL B 161 26.39 -10.74 -34.06
CA VAL B 161 26.32 -9.28 -33.80
C VAL B 161 26.10 -8.52 -35.12
N GLN B 162 26.87 -8.78 -36.18
CA GLN B 162 26.77 -7.99 -37.44
C GLN B 162 25.39 -8.15 -38.09
N MET B 163 24.70 -9.28 -37.83
CA MET B 163 23.34 -9.54 -38.35
C MET B 163 22.28 -8.94 -37.43
N ILE B 164 22.55 -8.79 -36.13
CA ILE B 164 21.53 -8.32 -35.13
C ILE B 164 21.47 -6.79 -35.18
N MET B 165 22.61 -6.13 -35.24
CA MET B 165 22.70 -4.65 -35.16
C MET B 165 21.76 -4.05 -36.21
N PRO B 166 20.92 -3.06 -35.83
CA PRO B 166 19.92 -2.49 -36.73
C PRO B 166 20.51 -1.67 -37.90
N ASN B 167 21.81 -1.36 -37.84
CA ASN B 167 22.56 -0.70 -38.95
C ASN B 167 23.03 -1.75 -39.96
N GLY B 168 22.63 -3.01 -39.79
CA GLY B 168 23.07 -4.14 -40.64
C GLY B 168 22.70 -3.92 -42.09
N ALA B 169 21.44 -3.59 -42.37
CA ALA B 169 20.92 -3.44 -43.75
C ALA B 169 21.75 -2.39 -44.49
N ALA B 170 21.81 -1.19 -43.92
CA ALA B 170 22.50 -0.02 -44.51
C ALA B 170 23.98 -0.36 -44.71
N ALA B 171 24.58 -1.08 -43.75
CA ALA B 171 26.02 -1.44 -43.77
C ALA B 171 26.25 -2.46 -44.87
N VAL B 172 25.31 -3.39 -45.05
CA VAL B 172 25.41 -4.43 -46.11
C VAL B 172 25.30 -3.73 -47.47
N ILE B 173 24.36 -2.79 -47.61
CA ILE B 173 24.15 -2.05 -48.88
C ILE B 173 25.38 -1.18 -49.15
N GLY B 174 25.90 -0.51 -48.13
CA GLY B 174 27.08 0.37 -48.26
C GLY B 174 28.30 -0.42 -48.69
N LEU B 175 28.52 -1.58 -48.07
CA LEU B 175 29.65 -2.48 -48.40
C LEU B 175 29.45 -2.99 -49.84
N GLN B 176 28.23 -3.42 -50.17
CA GLN B 176 27.87 -3.96 -51.50
C GLN B 176 28.24 -2.95 -52.59
N LEU B 177 27.89 -1.67 -52.40
CA LEU B 177 28.00 -0.63 -53.47
C LEU B 177 29.27 0.23 -53.29
N GLY B 178 29.96 0.14 -52.15
CA GLY B 178 31.19 0.92 -51.90
C GLY B 178 30.89 2.37 -51.54
N ALA B 179 29.89 2.59 -50.67
CA ALA B 179 29.53 3.93 -50.19
C ALA B 179 30.48 4.31 -49.06
N ARG B 180 31.28 5.35 -49.25
CA ARG B 180 32.33 5.74 -48.27
C ARG B 180 32.07 7.12 -47.69
N ALA B 181 31.05 7.84 -48.19
CA ALA B 181 30.67 9.19 -47.70
C ALA B 181 29.56 9.07 -46.65
N GLY B 182 29.47 7.93 -45.97
CA GLY B 182 28.57 7.76 -44.82
C GLY B 182 27.49 6.74 -45.09
N VAL B 183 27.27 5.87 -44.10
CA VAL B 183 26.20 4.83 -44.06
C VAL B 183 25.39 5.06 -42.80
N MET B 184 24.09 5.32 -42.95
CA MET B 184 23.25 5.82 -41.83
C MET B 184 21.94 5.04 -41.75
N THR B 185 21.42 4.91 -40.53
CA THR B 185 20.17 4.18 -40.25
C THR B 185 19.34 4.97 -39.25
N PRO B 186 18.43 5.85 -39.71
CA PRO B 186 17.50 6.49 -38.80
C PRO B 186 16.42 5.47 -38.44
N VAL B 187 16.01 5.47 -37.18
CA VAL B 187 14.91 4.58 -36.74
C VAL B 187 13.85 5.48 -36.09
N SER B 188 12.65 5.46 -36.68
CA SER B 188 11.47 6.19 -36.17
C SER B 188 10.21 5.42 -36.56
N ALA B 189 10.27 4.08 -36.49
CA ALA B 189 9.10 3.22 -36.73
C ALA B 189 8.58 3.48 -38.15
N CYS B 190 7.31 3.87 -38.27
CA CYS B 190 6.56 4.01 -39.55
C CYS B 190 7.18 5.08 -40.47
N SER B 191 7.93 6.04 -39.91
CA SER B 191 8.52 7.16 -40.67
C SER B 191 9.99 6.90 -41.02
N SER B 192 10.55 5.77 -40.59
CA SER B 192 11.99 5.43 -40.79
C SER B 192 12.37 5.56 -42.27
N GLY B 193 11.56 5.02 -43.17
CA GLY B 193 11.83 5.01 -44.62
C GLY B 193 11.89 6.41 -45.19
N SER B 194 10.93 7.25 -44.82
CA SER B 194 10.88 8.68 -45.25
C SER B 194 12.05 9.44 -44.62
N GLU B 195 12.35 9.17 -43.35
CA GLU B 195 13.42 9.89 -42.62
C GLU B 195 14.76 9.63 -43.33
N ALA B 196 15.04 8.38 -43.69
CA ALA B 196 16.27 7.98 -44.42
C ALA B 196 16.47 8.86 -45.66
N ILE B 197 15.40 9.10 -46.42
CA ILE B 197 15.46 9.91 -47.65
C ILE B 197 15.72 11.38 -47.25
N ALA B 198 15.04 11.87 -46.22
CA ALA B 198 15.29 13.22 -45.65
C ALA B 198 16.80 13.37 -45.43
N HIS B 199 17.38 12.44 -44.67
CA HIS B 199 18.80 12.53 -44.22
C HIS B 199 19.76 12.40 -45.40
N ALA B 200 19.45 11.56 -46.38
CA ALA B 200 20.28 11.43 -47.61
C ALA B 200 20.33 12.80 -48.29
N TRP B 201 19.16 13.43 -48.44
CA TRP B 201 19.02 14.78 -49.03
C TRP B 201 19.91 15.78 -48.29
N ARG B 202 19.82 15.83 -46.95
CA ARG B 202 20.67 16.70 -46.08
C ARG B 202 22.15 16.46 -46.38
N GLN B 203 22.56 15.19 -46.35
CA GLN B 203 23.97 14.76 -46.59
C GLN B 203 24.45 15.32 -47.93
N ILE B 204 23.57 15.44 -48.94
CA ILE B 204 23.95 15.99 -50.27
C ILE B 204 24.00 17.52 -50.20
N VAL B 205 22.94 18.16 -49.73
CA VAL B 205 22.80 19.65 -49.75
C VAL B 205 23.85 20.29 -48.86
N MET B 206 24.36 19.56 -47.85
CA MET B 206 25.37 20.10 -46.91
C MET B 206 26.78 19.88 -47.48
N GLY B 207 26.90 19.11 -48.56
CA GLY B 207 28.16 18.93 -49.32
C GLY B 207 28.95 17.67 -48.94
N ASP B 208 28.36 16.76 -48.17
CA ASP B 208 29.07 15.55 -47.68
C ASP B 208 29.06 14.45 -48.74
N ALA B 209 28.16 14.54 -49.73
CA ALA B 209 28.05 13.54 -50.81
C ALA B 209 27.33 14.17 -52.01
N ASP B 210 27.56 13.61 -53.20
CA ASP B 210 26.92 14.07 -54.46
C ASP B 210 25.91 13.03 -54.94
N VAL B 211 25.94 11.81 -54.38
CA VAL B 211 25.01 10.71 -54.75
C VAL B 211 24.69 9.89 -53.51
N ALA B 212 23.46 9.41 -53.38
CA ALA B 212 23.03 8.65 -52.19
C ALA B 212 21.99 7.60 -52.57
N VAL B 213 22.25 6.37 -52.17
CA VAL B 213 21.22 5.28 -52.18
C VAL B 213 20.49 5.36 -50.85
N CYS B 214 19.17 5.53 -50.89
CA CYS B 214 18.36 5.69 -49.66
C CYS B 214 16.99 5.05 -49.81
N GLY B 215 16.38 4.70 -48.67
CA GLY B 215 15.06 4.04 -48.63
C GLY B 215 14.84 3.28 -47.34
N GLY B 216 14.05 2.23 -47.40
CA GLY B 216 13.71 1.44 -46.20
C GLY B 216 13.54 -0.02 -46.50
N VAL B 217 13.76 -0.85 -45.49
CA VAL B 217 13.49 -2.31 -45.54
C VAL B 217 12.82 -2.71 -44.24
N GLU B 218 12.08 -3.82 -44.29
CA GLU B 218 11.33 -4.30 -43.12
C GLU B 218 11.22 -5.82 -43.19
N GLY B 219 11.01 -6.43 -42.03
CA GLY B 219 10.86 -7.88 -41.92
C GLY B 219 9.53 -8.34 -42.49
N PRO B 220 9.32 -9.67 -42.59
CA PRO B 220 8.10 -10.22 -43.16
C PRO B 220 7.01 -10.24 -42.09
N ILE B 221 5.80 -10.64 -42.50
CA ILE B 221 4.68 -10.87 -41.56
C ILE B 221 4.95 -12.18 -40.82
N GLU B 222 4.68 -12.20 -39.51
CA GLU B 222 4.89 -13.39 -38.67
C GLU B 222 3.96 -13.33 -37.46
N ALA B 223 3.92 -14.42 -36.68
CA ALA B 223 3.04 -14.56 -35.51
C ALA B 223 3.32 -13.44 -34.51
N LEU B 224 4.57 -13.31 -34.06
CA LEU B 224 4.92 -12.39 -32.95
C LEU B 224 4.64 -10.94 -33.35
N PRO B 225 5.05 -10.48 -34.57
CA PRO B 225 4.65 -9.16 -35.04
C PRO B 225 3.13 -8.92 -34.97
N ILE B 226 2.32 -9.81 -35.55
CA ILE B 226 0.84 -9.64 -35.50
C ILE B 226 0.38 -9.56 -34.05
N ALA B 227 0.83 -10.51 -33.21
CA ALA B 227 0.46 -10.57 -31.77
C ALA B 227 0.69 -9.19 -31.18
N ALA B 228 1.91 -8.68 -31.31
CA ALA B 228 2.36 -7.38 -30.74
C ALA B 228 1.45 -6.25 -31.27
N PHE B 229 1.29 -6.15 -32.59
CA PHE B 229 0.58 -5.02 -33.22
C PHE B 229 -0.93 -5.13 -32.99
N SER B 230 -1.49 -6.33 -32.99
CA SER B 230 -2.96 -6.55 -32.85
C SER B 230 -3.36 -6.29 -31.39
N MET B 231 -2.46 -6.52 -30.44
CA MET B 231 -2.70 -6.26 -29.00
C MET B 231 -2.68 -4.75 -28.73
N MET B 232 -2.03 -3.96 -29.59
CA MET B 232 -2.15 -2.47 -29.59
C MET B 232 -3.58 -2.06 -29.99
N ARG B 233 -4.29 -2.93 -30.72
CA ARG B 233 -5.66 -2.69 -31.27
C ARG B 233 -5.59 -1.58 -32.32
N ALA B 234 -4.56 -1.61 -33.18
CA ALA B 234 -4.36 -0.63 -34.26
C ALA B 234 -4.51 -1.33 -35.62
N MET B 235 -4.93 -2.59 -35.63
CA MET B 235 -4.99 -3.40 -36.87
C MET B 235 -6.44 -3.73 -37.23
N SER B 236 -6.74 -3.74 -38.52
CA SER B 236 -8.05 -4.16 -39.06
C SER B 236 -8.18 -5.66 -38.91
N THR B 237 -9.37 -6.10 -38.48
CA THR B 237 -9.74 -7.51 -38.25
C THR B 237 -10.88 -7.88 -39.19
N ARG B 238 -10.92 -7.25 -40.37
CA ARG B 238 -11.96 -7.49 -41.39
C ARG B 238 -11.53 -8.69 -42.22
N ASN B 239 -11.51 -9.85 -41.57
CA ASN B 239 -10.89 -11.10 -42.06
C ASN B 239 -11.74 -11.75 -43.15
N ASP B 240 -13.02 -11.38 -43.25
CA ASP B 240 -13.98 -11.95 -44.23
C ASP B 240 -13.54 -11.56 -45.65
N GLU B 241 -13.22 -10.27 -45.82
CA GLU B 241 -12.91 -9.65 -47.14
C GLU B 241 -11.55 -8.97 -47.06
N PRO B 242 -10.45 -9.71 -47.31
CA PRO B 242 -9.10 -9.16 -47.16
C PRO B 242 -8.92 -7.89 -48.02
N GLU B 243 -9.23 -7.99 -49.32
CA GLU B 243 -8.95 -6.93 -50.32
C GLU B 243 -9.63 -5.61 -49.93
N ARG B 244 -10.60 -5.63 -49.00
CA ARG B 244 -11.38 -4.43 -48.61
C ARG B 244 -11.18 -4.06 -47.14
N ALA B 245 -10.15 -4.58 -46.47
CA ALA B 245 -9.94 -4.34 -45.03
C ALA B 245 -9.25 -2.97 -44.81
N SER B 246 -8.27 -2.63 -45.65
CA SER B 246 -7.55 -1.33 -45.62
C SER B 246 -8.47 -0.23 -46.18
N ARG B 247 -8.93 0.70 -45.34
CA ARG B 247 -9.95 1.69 -45.76
C ARG B 247 -9.53 3.09 -45.31
N PRO B 248 -8.40 3.63 -45.78
CA PRO B 248 -7.99 4.97 -45.38
C PRO B 248 -9.07 6.00 -45.74
N PHE B 249 -9.45 6.80 -44.73
CA PHE B 249 -10.35 7.98 -44.80
C PHE B 249 -11.81 7.55 -45.04
N ASP B 250 -12.08 6.25 -44.99
CA ASP B 250 -13.45 5.68 -45.13
C ASP B 250 -14.10 5.59 -43.74
N LYS B 251 -15.42 5.69 -43.68
CA LYS B 251 -16.16 5.74 -42.39
C LYS B 251 -16.06 4.40 -41.64
N ASP B 252 -15.81 3.30 -42.36
CA ASP B 252 -15.89 1.93 -41.79
C ASP B 252 -14.50 1.36 -41.49
N ARG B 253 -13.44 2.15 -41.65
CA ARG B 253 -12.05 1.70 -41.35
C ARG B 253 -11.94 1.20 -39.91
N ASP B 254 -11.12 0.18 -39.67
CA ASP B 254 -10.92 -0.41 -38.32
C ASP B 254 -9.42 -0.63 -38.05
N GLY B 255 -8.56 0.20 -38.63
CA GLY B 255 -7.11 0.10 -38.42
C GLY B 255 -6.41 -0.44 -39.66
N PHE B 256 -5.10 -0.61 -39.56
CA PHE B 256 -4.26 -0.85 -40.76
C PHE B 256 -4.17 -2.34 -41.07
N VAL B 257 -3.50 -2.63 -42.17
CA VAL B 257 -3.27 -4.01 -42.66
C VAL B 257 -1.79 -4.14 -42.98
N PHE B 258 -1.18 -5.24 -42.54
CA PHE B 258 0.23 -5.52 -42.89
C PHE B 258 0.33 -5.67 -44.42
N GLY B 259 1.37 -5.06 -44.97
CA GLY B 259 1.76 -5.23 -46.38
C GLY B 259 3.26 -5.20 -46.53
N GLU B 260 3.89 -6.38 -46.60
CA GLU B 260 5.34 -6.53 -46.77
C GLU B 260 5.82 -5.67 -47.95
N ALA B 261 7.00 -5.06 -47.83
CA ALA B 261 7.55 -4.09 -48.81
C ALA B 261 8.99 -3.72 -48.48
N GLY B 262 9.69 -3.21 -49.49
CA GLY B 262 11.07 -2.71 -49.39
C GLY B 262 11.34 -1.81 -50.56
N ALA B 263 12.07 -0.72 -50.36
CA ALA B 263 12.24 0.28 -51.43
C ALA B 263 13.52 1.06 -51.25
N LEU B 264 14.23 1.26 -52.34
CA LEU B 264 15.40 2.14 -52.38
C LEU B 264 15.20 3.09 -53.55
N MET B 265 15.78 4.27 -53.47
CA MET B 265 15.88 5.17 -54.63
C MET B 265 17.31 5.70 -54.69
N LEU B 266 17.76 6.00 -55.90
CA LEU B 266 19.08 6.63 -56.10
C LEU B 266 18.84 8.12 -56.27
N ILE B 267 19.52 8.94 -55.48
CA ILE B 267 19.45 10.42 -55.63
C ILE B 267 20.87 10.95 -55.84
N GLU B 268 20.97 12.06 -56.58
CA GLU B 268 22.27 12.72 -56.82
C GLU B 268 22.03 14.16 -57.23
N THR B 269 23.07 14.98 -57.12
CA THR B 269 23.01 16.40 -57.53
C THR B 269 22.75 16.43 -59.03
N GLU B 270 22.01 17.42 -59.50
CA GLU B 270 21.60 17.44 -60.92
C GLU B 270 22.84 17.50 -61.80
N GLU B 271 23.82 18.31 -61.39
CA GLU B 271 25.17 18.37 -62.02
C GLU B 271 25.67 16.93 -62.24
N HIS B 272 25.70 16.14 -61.15
CA HIS B 272 26.19 14.73 -61.16
C HIS B 272 25.44 13.91 -62.21
N ALA B 273 24.10 13.87 -62.10
CA ALA B 273 23.25 13.02 -62.97
C ALA B 273 23.47 13.40 -64.44
N LYS B 274 23.79 14.67 -64.68
CA LYS B 274 24.02 15.24 -66.03
C LYS B 274 25.38 14.78 -66.54
N ALA B 275 26.41 14.94 -65.70
CA ALA B 275 27.80 14.50 -65.98
C ALA B 275 27.84 13.04 -66.42
N ARG B 276 26.85 12.21 -66.09
CA ARG B 276 26.84 10.76 -66.48
C ARG B 276 25.68 10.41 -67.41
N GLY B 277 24.83 11.38 -67.78
CA GLY B 277 23.74 11.18 -68.76
C GLY B 277 22.56 10.41 -68.18
N ALA B 278 22.38 10.45 -66.85
CA ALA B 278 21.25 9.81 -66.15
C ALA B 278 20.02 10.72 -66.26
N LYS B 279 18.91 10.19 -66.77
CA LYS B 279 17.64 10.95 -66.93
C LYS B 279 16.87 10.97 -65.62
N PRO B 280 16.74 12.13 -64.93
CA PRO B 280 15.97 12.19 -63.69
C PRO B 280 14.51 11.76 -63.80
N LEU B 281 14.01 11.14 -62.73
CA LEU B 281 12.57 10.77 -62.58
C LEU B 281 11.78 11.91 -61.94
N ALA B 282 12.42 12.67 -61.05
CA ALA B 282 11.79 13.78 -60.30
C ALA B 282 12.87 14.56 -59.55
N ARG B 283 12.44 15.57 -58.81
CA ARG B 283 13.31 16.38 -57.92
C ARG B 283 12.89 16.15 -56.48
N LEU B 284 13.88 15.99 -55.61
CA LEU B 284 13.68 15.98 -54.14
C LEU B 284 14.10 17.37 -53.66
N LEU B 285 13.13 18.22 -53.31
CA LEU B 285 13.35 19.68 -53.21
C LEU B 285 13.62 20.06 -51.76
N GLY B 286 13.03 19.34 -50.81
CA GLY B 286 13.08 19.69 -49.38
C GLY B 286 12.54 18.59 -48.51
N ALA B 287 12.76 18.71 -47.20
CA ALA B 287 12.50 17.61 -46.23
C ALA B 287 12.28 18.21 -44.85
N GLY B 288 11.21 17.79 -44.17
CA GLY B 288 10.79 18.33 -42.87
C GLY B 288 10.69 17.25 -41.81
N ILE B 289 11.29 17.48 -40.64
CA ILE B 289 11.20 16.50 -39.50
C ILE B 289 10.80 17.24 -38.23
N THR B 290 9.67 16.83 -37.66
CA THR B 290 9.16 17.39 -36.40
C THR B 290 8.61 16.27 -35.54
N SER B 291 8.03 16.62 -34.40
CA SER B 291 7.55 15.63 -33.39
C SER B 291 6.40 16.21 -32.57
N ASP B 292 5.62 15.32 -31.97
CA ASP B 292 4.32 15.66 -31.35
C ASP B 292 4.51 16.00 -29.86
N ALA B 293 5.30 15.21 -29.14
CA ALA B 293 5.37 15.27 -27.66
C ALA B 293 3.94 15.23 -27.15
N PHE B 294 3.20 14.18 -27.51
CA PHE B 294 1.80 13.95 -27.10
C PHE B 294 1.65 12.52 -26.58
N HIS B 295 1.94 11.54 -27.44
CA HIS B 295 1.80 10.10 -27.07
C HIS B 295 2.90 9.28 -27.73
N MET B 296 3.19 8.13 -27.13
CA MET B 296 4.25 7.20 -27.60
C MET B 296 3.77 6.46 -28.86
N VAL B 297 2.47 6.31 -29.09
CA VAL B 297 1.94 5.51 -30.24
C VAL B 297 0.72 6.14 -30.89
N ALA B 298 0.22 7.28 -30.41
CA ALA B 298 -0.98 7.94 -30.96
C ALA B 298 -0.61 9.33 -31.46
N PRO B 299 -1.13 9.74 -32.64
CA PRO B 299 -0.78 11.05 -33.18
C PRO B 299 -1.63 12.16 -32.56
N ALA B 300 -1.00 13.28 -32.21
CA ALA B 300 -1.68 14.52 -31.74
C ALA B 300 -2.87 14.80 -32.65
N ALA B 301 -4.06 14.97 -32.06
CA ALA B 301 -5.35 15.03 -32.80
C ALA B 301 -5.44 16.31 -33.64
N ASP B 302 -4.70 17.37 -33.28
CA ASP B 302 -4.80 18.70 -33.95
C ASP B 302 -3.97 18.73 -35.24
N GLY B 303 -3.09 17.76 -35.45
CA GLY B 303 -2.24 17.67 -36.66
C GLY B 303 -1.26 18.83 -36.80
N VAL B 304 -1.11 19.66 -35.76
CA VAL B 304 -0.37 20.95 -35.87
C VAL B 304 1.11 20.69 -36.20
N ARG B 305 1.79 19.85 -35.43
CA ARG B 305 3.24 19.58 -35.63
C ARG B 305 3.43 18.77 -36.92
N ALA B 306 2.60 17.76 -37.16
CA ALA B 306 2.58 16.99 -38.43
C ALA B 306 2.50 17.95 -39.61
N GLY B 307 1.59 18.93 -39.53
CA GLY B 307 1.47 19.98 -40.57
C GLY B 307 2.75 20.80 -40.69
N ARG B 308 3.34 21.21 -39.57
CA ARG B 308 4.58 22.02 -39.59
C ARG B 308 5.64 21.22 -40.36
N ALA B 309 5.76 19.92 -40.09
CA ALA B 309 6.64 18.99 -40.84
C ALA B 309 6.48 19.24 -42.34
N MET B 310 5.23 19.27 -42.82
CA MET B 310 4.92 19.55 -44.24
C MET B 310 5.36 20.98 -44.57
N THR B 311 4.94 21.96 -43.76
CA THR B 311 5.25 23.40 -43.99
C THR B 311 6.77 23.56 -44.13
N ARG B 312 7.52 22.82 -43.33
CA ARG B 312 8.99 22.97 -43.25
C ARG B 312 9.59 22.49 -44.57
N SER B 313 9.16 21.32 -45.06
CA SER B 313 9.62 20.77 -46.35
C SER B 313 9.44 21.82 -47.45
N LEU B 314 8.36 22.62 -47.35
CA LEU B 314 8.03 23.66 -48.37
C LEU B 314 8.98 24.86 -48.22
N GLU B 315 9.25 25.29 -46.99
CA GLU B 315 10.25 26.36 -46.71
C GLU B 315 11.57 26.00 -47.41
N LEU B 316 12.07 24.78 -47.21
CA LEU B 316 13.42 24.39 -47.70
C LEU B 316 13.37 24.20 -49.23
N ALA B 317 12.20 23.81 -49.75
CA ALA B 317 11.96 23.66 -51.20
C ALA B 317 11.90 25.07 -51.82
N GLY B 318 11.37 26.03 -51.07
CA GLY B 318 11.04 27.38 -51.58
C GLY B 318 9.66 27.39 -52.21
N LEU B 319 8.79 26.47 -51.80
CA LEU B 319 7.40 26.37 -52.31
C LEU B 319 6.46 27.01 -51.29
N SER B 320 5.26 27.37 -51.73
CA SER B 320 4.15 27.78 -50.83
C SER B 320 3.04 26.73 -50.96
N PRO B 321 2.13 26.63 -49.98
CA PRO B 321 1.12 25.56 -49.99
C PRO B 321 0.34 25.47 -51.30
N ALA B 322 -0.09 26.62 -51.86
CA ALA B 322 -0.83 26.73 -53.13
C ALA B 322 -0.13 25.95 -54.26
N ASP B 323 1.20 25.80 -54.17
CA ASP B 323 2.01 25.10 -55.20
C ASP B 323 1.80 23.58 -55.14
N ILE B 324 1.37 23.03 -54.00
CA ILE B 324 1.24 21.55 -53.84
C ILE B 324 -0.03 21.05 -54.53
N ASP B 325 0.19 20.21 -55.54
CA ASP B 325 -0.87 19.60 -56.39
C ASP B 325 -1.31 18.27 -55.78
N HIS B 326 -0.44 17.61 -55.02
CA HIS B 326 -0.63 16.20 -54.62
C HIS B 326 -0.07 15.95 -53.22
N VAL B 327 -0.72 15.05 -52.48
CA VAL B 327 -0.21 14.64 -51.15
C VAL B 327 -0.34 13.13 -51.03
N ASN B 328 0.78 12.45 -50.81
CA ASN B 328 0.82 10.98 -50.65
C ASN B 328 0.61 10.70 -49.16
N ALA B 329 -0.65 10.70 -48.72
CA ALA B 329 -1.05 10.59 -47.30
C ALA B 329 -0.45 9.34 -46.63
N HIS B 330 -0.21 9.41 -45.33
CA HIS B 330 0.21 8.25 -44.50
C HIS B 330 -0.84 7.14 -44.64
N GLY B 331 -2.12 7.48 -44.48
CA GLY B 331 -3.27 6.60 -44.75
C GLY B 331 -3.15 5.26 -44.05
N THR B 332 -2.89 5.26 -42.74
CA THR B 332 -2.72 4.03 -41.92
C THR B 332 -4.00 3.21 -41.97
N ALA B 333 -5.13 3.91 -41.96
CA ALA B 333 -6.53 3.42 -41.95
C ALA B 333 -7.00 3.15 -40.51
N THR B 334 -6.28 3.66 -39.52
CA THR B 334 -6.75 3.74 -38.11
C THR B 334 -7.78 4.86 -38.03
N PRO B 335 -8.78 4.78 -37.12
CA PRO B 335 -9.69 5.90 -36.88
C PRO B 335 -9.01 7.23 -36.51
N ILE B 336 -8.21 7.27 -35.44
CA ILE B 336 -7.61 8.54 -34.92
C ILE B 336 -6.52 9.01 -35.87
N GLY B 337 -5.84 8.07 -36.54
CA GLY B 337 -4.69 8.36 -37.42
C GLY B 337 -5.12 9.19 -38.62
N ASP B 338 -6.22 8.80 -39.26
CA ASP B 338 -6.67 9.51 -40.49
C ASP B 338 -7.27 10.86 -40.11
N ALA B 339 -7.96 10.93 -38.98
CA ALA B 339 -8.54 12.20 -38.46
C ALA B 339 -7.39 13.18 -38.18
N ALA B 340 -6.33 12.70 -37.54
CA ALA B 340 -5.12 13.50 -37.23
C ALA B 340 -4.54 14.06 -38.54
N GLU B 341 -4.39 13.23 -39.56
CA GLU B 341 -3.70 13.64 -40.81
C GLU B 341 -4.54 14.68 -41.54
N ALA B 342 -5.85 14.41 -41.65
CA ALA B 342 -6.83 15.40 -42.16
C ALA B 342 -6.51 16.78 -41.58
N ASN B 343 -6.40 16.87 -40.25
CA ASN B 343 -6.13 18.17 -39.57
C ASN B 343 -4.76 18.69 -39.98
N ALA B 344 -3.75 17.82 -40.10
CA ALA B 344 -2.39 18.21 -40.51
C ALA B 344 -2.45 18.82 -41.90
N ILE B 345 -3.07 18.12 -42.85
CA ILE B 345 -3.08 18.57 -44.27
C ILE B 345 -3.76 19.94 -44.33
N ARG B 346 -4.74 20.19 -43.47
CA ARG B 346 -5.41 21.51 -43.40
C ARG B 346 -4.44 22.53 -42.80
N VAL B 347 -3.79 22.17 -41.69
CA VAL B 347 -2.87 23.06 -40.93
C VAL B 347 -1.74 23.56 -41.85
N ALA B 348 -1.26 22.73 -42.77
CA ALA B 348 -0.19 23.09 -43.74
C ALA B 348 -0.78 23.84 -44.92
N GLY B 349 -2.11 23.86 -45.04
CA GLY B 349 -2.84 24.58 -46.11
C GLY B 349 -2.72 23.87 -47.44
N CYS B 350 -2.58 22.54 -47.41
CA CYS B 350 -2.45 21.66 -48.61
C CYS B 350 -3.72 20.84 -48.82
N ASP B 351 -4.86 21.29 -48.31
CA ASP B 351 -6.14 20.53 -48.29
C ASP B 351 -6.86 20.57 -49.66
N GLN B 352 -6.44 21.43 -50.59
CA GLN B 352 -6.98 21.41 -51.98
C GLN B 352 -6.16 20.50 -52.89
N ALA B 353 -5.12 19.82 -52.38
CA ALA B 353 -4.28 18.90 -53.18
C ALA B 353 -5.01 17.57 -53.33
N ALA B 354 -4.79 16.87 -54.45
CA ALA B 354 -5.33 15.50 -54.68
C ALA B 354 -4.61 14.54 -53.75
N VAL B 355 -5.34 13.83 -52.91
CA VAL B 355 -4.76 12.92 -51.89
C VAL B 355 -4.85 11.48 -52.38
N TYR B 356 -3.85 10.69 -51.99
CA TYR B 356 -3.73 9.25 -52.29
C TYR B 356 -3.25 8.56 -51.04
N ALA B 357 -3.88 7.43 -50.70
CA ALA B 357 -3.50 6.60 -49.53
C ALA B 357 -3.11 5.22 -50.05
N PRO B 358 -1.85 5.06 -50.51
CA PRO B 358 -1.40 3.80 -51.12
C PRO B 358 -1.48 2.60 -50.18
N LYS B 359 -1.47 2.82 -48.86
CA LYS B 359 -1.65 1.74 -47.87
C LYS B 359 -3.00 1.03 -48.09
N SER B 360 -3.92 1.66 -48.82
CA SER B 360 -5.24 1.07 -49.18
C SER B 360 -5.01 -0.21 -50.00
N ALA B 361 -4.01 -0.20 -50.88
CA ALA B 361 -3.75 -1.30 -51.84
C ALA B 361 -2.54 -2.11 -51.41
N LEU B 362 -1.54 -1.47 -50.79
CA LEU B 362 -0.22 -2.10 -50.49
C LEU B 362 -0.10 -2.46 -49.01
N GLY B 363 -0.93 -1.88 -48.15
CA GLY B 363 -0.83 -2.10 -46.69
C GLY B 363 0.39 -1.46 -46.09
N HIS B 364 0.50 -1.52 -44.77
CA HIS B 364 1.56 -0.86 -43.96
C HIS B 364 2.80 -1.75 -43.94
N SER B 365 3.94 -1.25 -44.43
CA SER B 365 5.26 -1.96 -44.43
C SER B 365 6.18 -1.40 -43.35
N ILE B 366 5.65 -0.62 -42.40
CA ILE B 366 6.40 -0.01 -41.26
C ILE B 366 7.66 0.70 -41.78
N GLY B 367 8.87 0.27 -41.38
CA GLY B 367 10.14 0.92 -41.72
C GLY B 367 10.34 1.10 -43.22
N ALA B 368 9.70 0.28 -44.05
CA ALA B 368 9.86 0.34 -45.52
C ALA B 368 8.86 1.32 -46.14
N VAL B 369 7.69 1.49 -45.52
CA VAL B 369 6.52 2.15 -46.18
C VAL B 369 6.84 3.57 -46.60
N GLY B 370 7.49 4.36 -45.74
CA GLY B 370 7.82 5.76 -46.04
C GLY B 370 8.61 5.92 -47.32
N ALA B 371 9.45 4.92 -47.65
CA ALA B 371 10.34 4.92 -48.83
C ALA B 371 9.62 4.40 -50.07
N LEU B 372 8.82 3.35 -49.95
CA LEU B 372 7.89 2.88 -51.03
C LEU B 372 6.99 4.05 -51.43
N GLU B 373 6.43 4.75 -50.44
CA GLU B 373 5.42 5.80 -50.74
C GLU B 373 6.11 7.00 -51.37
N SER B 374 7.42 7.16 -51.16
CA SER B 374 8.22 8.21 -51.82
C SER B 374 8.44 7.80 -53.28
N VAL B 375 8.66 6.51 -53.51
CA VAL B 375 8.80 5.93 -54.86
C VAL B 375 7.49 6.14 -55.65
N LEU B 376 6.32 6.01 -55.01
CA LEU B 376 5.02 6.26 -55.71
C LEU B 376 4.86 7.76 -55.95
N THR B 377 5.24 8.61 -54.99
CA THR B 377 5.18 10.09 -55.17
C THR B 377 6.04 10.51 -56.37
N VAL B 378 7.22 9.92 -56.52
CA VAL B 378 8.13 10.23 -57.66
C VAL B 378 7.42 9.86 -58.97
N LEU B 379 7.04 8.59 -59.11
CA LEU B 379 6.33 8.07 -60.31
C LEU B 379 5.09 8.92 -60.58
N THR B 380 4.27 9.22 -59.56
CA THR B 380 3.09 10.11 -59.74
C THR B 380 3.52 11.33 -60.55
N LEU B 381 4.58 12.00 -60.11
CA LEU B 381 5.09 13.23 -60.76
C LEU B 381 5.62 12.90 -62.16
N ARG B 382 6.24 11.74 -62.34
CA ARG B 382 6.87 11.36 -63.63
C ARG B 382 5.79 11.15 -64.69
N ASP B 383 4.79 10.33 -64.38
CA ASP B 383 3.76 9.85 -65.33
C ASP B 383 2.52 10.76 -65.31
N GLY B 384 2.41 11.62 -64.29
CA GLY B 384 1.29 12.57 -64.17
C GLY B 384 0.00 11.85 -63.85
N VAL B 385 0.06 10.83 -62.99
CA VAL B 385 -1.15 10.08 -62.56
C VAL B 385 -1.09 9.71 -61.08
N ILE B 386 -2.24 9.75 -60.42
CA ILE B 386 -2.41 9.25 -59.02
C ILE B 386 -3.33 8.05 -59.09
N PRO B 387 -2.90 6.85 -58.61
CA PRO B 387 -3.76 5.69 -58.64
C PRO B 387 -4.91 5.90 -57.68
N PRO B 388 -6.00 5.11 -57.79
CA PRO B 388 -7.14 5.25 -56.91
C PRO B 388 -6.83 4.71 -55.52
N THR B 389 -7.37 5.39 -54.50
CA THR B 389 -7.40 4.91 -53.10
C THR B 389 -8.48 3.83 -52.98
N LEU B 390 -8.10 2.56 -52.81
CA LEU B 390 -9.08 1.45 -52.73
C LEU B 390 -9.99 1.65 -51.52
N ASN B 391 -11.22 1.14 -51.61
CA ASN B 391 -12.14 0.94 -50.46
C ASN B 391 -12.69 2.26 -49.91
N TYR B 392 -12.43 3.38 -50.59
CA TYR B 392 -13.02 4.72 -50.29
C TYR B 392 -14.43 4.75 -50.84
N GLU B 393 -15.40 4.24 -50.08
CA GLU B 393 -16.80 4.02 -50.56
C GLU B 393 -17.81 4.85 -49.76
N THR B 394 -17.54 5.08 -48.48
CA THR B 394 -18.35 5.96 -47.59
C THR B 394 -17.42 6.98 -46.95
N PRO B 395 -17.06 8.08 -47.65
CA PRO B 395 -16.15 9.07 -47.07
C PRO B 395 -16.59 9.52 -45.67
N ASP B 396 -15.67 9.47 -44.71
CA ASP B 396 -15.88 9.95 -43.32
C ASP B 396 -16.43 11.37 -43.35
N PRO B 397 -17.64 11.63 -42.83
CA PRO B 397 -18.19 12.98 -42.80
C PRO B 397 -17.34 14.02 -42.06
N GLU B 398 -16.45 13.56 -41.17
CA GLU B 398 -15.59 14.45 -40.34
C GLU B 398 -14.26 14.72 -41.05
N ILE B 399 -14.09 14.22 -42.28
CA ILE B 399 -12.84 14.42 -43.08
C ILE B 399 -13.24 14.90 -44.47
N ASP B 400 -12.74 16.07 -44.86
CA ASP B 400 -13.08 16.69 -46.16
C ASP B 400 -11.80 16.91 -46.96
N LEU B 401 -11.24 15.82 -47.49
CA LEU B 401 -10.09 15.90 -48.43
C LEU B 401 -10.53 15.49 -49.82
N ASP B 402 -9.68 15.75 -50.81
CA ASP B 402 -9.88 15.28 -52.20
C ASP B 402 -9.15 13.94 -52.33
N VAL B 403 -9.76 12.87 -51.82
CA VAL B 403 -9.19 11.50 -51.95
C VAL B 403 -9.47 11.04 -53.38
N VAL B 404 -8.41 10.70 -54.10
CA VAL B 404 -8.53 10.05 -55.43
C VAL B 404 -9.02 8.63 -55.22
N ALA B 405 -10.13 8.26 -55.88
CA ALA B 405 -10.71 6.90 -55.82
C ALA B 405 -11.37 6.55 -57.15
N GLY B 406 -11.81 5.30 -57.28
CA GLY B 406 -12.50 4.79 -58.48
C GLY B 406 -11.53 4.44 -59.58
N GLU B 407 -11.04 5.43 -60.34
CA GLU B 407 -10.05 5.20 -61.43
C GLU B 407 -8.84 6.12 -61.27
N PRO B 408 -7.69 5.81 -61.91
CA PRO B 408 -6.53 6.71 -61.88
C PRO B 408 -6.90 8.09 -62.42
N ARG B 409 -6.39 9.13 -61.79
CA ARG B 409 -6.67 10.53 -62.17
C ARG B 409 -5.43 11.13 -62.83
N TYR B 410 -5.50 11.37 -64.14
CA TYR B 410 -4.41 12.05 -64.88
C TYR B 410 -4.50 13.56 -64.59
N GLY B 411 -3.42 14.12 -64.05
CA GLY B 411 -3.36 15.54 -63.68
C GLY B 411 -1.98 16.14 -63.87
N ASP B 412 -1.93 17.47 -63.88
CA ASP B 412 -0.69 18.26 -64.04
C ASP B 412 -0.05 18.46 -62.65
N TYR B 413 0.49 17.38 -62.09
CA TYR B 413 1.14 17.39 -60.75
C TYR B 413 2.57 17.86 -60.89
N ARG B 414 2.84 19.12 -60.53
CA ARG B 414 4.20 19.72 -60.58
C ARG B 414 4.94 19.42 -59.28
N TYR B 415 4.23 19.43 -58.14
CA TYR B 415 4.83 19.31 -56.80
C TYR B 415 3.95 18.44 -55.90
N ALA B 416 4.57 17.56 -55.12
CA ALA B 416 3.86 16.69 -54.17
C ALA B 416 4.61 16.67 -52.84
N VAL B 417 3.87 16.39 -51.77
CA VAL B 417 4.44 16.09 -50.43
C VAL B 417 4.06 14.66 -50.05
N ASN B 418 5.05 13.85 -49.67
CA ASN B 418 4.80 12.50 -49.14
C ASN B 418 4.85 12.58 -47.61
N ASN B 419 3.80 12.12 -46.93
CA ASN B 419 3.73 12.15 -45.44
C ASN B 419 4.10 10.79 -44.86
N SER B 420 4.71 10.81 -43.68
CA SER B 420 4.99 9.63 -42.83
C SER B 420 4.96 10.05 -41.37
N PHE B 421 4.31 9.25 -40.53
CA PHE B 421 4.09 9.56 -39.10
C PHE B 421 4.37 8.29 -38.31
N GLY B 422 5.41 8.33 -37.47
CA GLY B 422 5.93 7.15 -36.75
C GLY B 422 5.38 7.05 -35.34
N PHE B 423 5.25 5.82 -34.85
CA PHE B 423 5.01 5.54 -33.41
C PHE B 423 6.13 6.25 -32.64
N GLY B 424 5.77 7.07 -31.66
CA GLY B 424 6.70 7.97 -30.94
C GLY B 424 6.41 9.43 -31.26
N GLY B 425 5.39 9.69 -32.07
CA GLY B 425 5.00 11.04 -32.54
C GLY B 425 6.06 11.64 -33.45
N HIS B 426 6.68 10.84 -34.32
CA HIS B 426 7.65 11.32 -35.34
C HIS B 426 6.89 11.78 -36.59
N ASN B 427 7.20 12.96 -37.10
CA ASN B 427 6.57 13.49 -38.31
C ASN B 427 7.66 13.81 -39.34
N VAL B 428 7.58 13.16 -40.50
CA VAL B 428 8.50 13.43 -41.64
C VAL B 428 7.65 13.76 -42.87
N ALA B 429 8.06 14.77 -43.63
CA ALA B 429 7.41 15.17 -44.89
C ALA B 429 8.47 15.47 -45.94
N LEU B 430 8.32 14.87 -47.11
CA LEU B 430 9.30 15.03 -48.22
C LEU B 430 8.66 15.87 -49.31
N ALA B 431 9.37 16.91 -49.76
CA ALA B 431 8.88 17.79 -50.84
C ALA B 431 9.51 17.34 -52.15
N PHE B 432 8.66 16.89 -53.08
CA PHE B 432 9.05 16.36 -54.41
C PHE B 432 8.52 17.28 -55.51
N GLY B 433 9.21 17.29 -56.66
CA GLY B 433 8.82 18.11 -57.81
C GLY B 433 9.05 17.40 -59.12
N ARG B 434 8.29 17.74 -60.15
CA ARG B 434 8.41 17.13 -61.49
C ARG B 434 9.73 17.60 -62.10
N TYR B 435 10.38 16.74 -62.89
CA TYR B 435 11.61 17.11 -63.64
C TYR B 435 11.20 17.83 -64.93
N SER C 21 -45.90 -11.45 -14.86
CA SER C 21 -46.48 -10.08 -15.03
C SER C 21 -45.70 -9.08 -14.18
N GLN C 22 -46.12 -7.81 -14.21
CA GLN C 22 -45.43 -6.67 -13.54
C GLN C 22 -45.42 -6.88 -12.02
N PRO C 23 -44.32 -6.55 -11.30
CA PRO C 23 -44.33 -6.61 -9.85
C PRO C 23 -45.31 -5.59 -9.25
N SER C 24 -46.04 -6.01 -8.23
CA SER C 24 -46.86 -5.13 -7.36
C SER C 24 -46.65 -5.55 -5.90
N THR C 25 -47.22 -4.78 -4.98
CA THR C 25 -47.27 -5.12 -3.54
C THR C 25 -48.30 -6.23 -3.33
N ALA C 26 -49.38 -6.23 -4.12
CA ALA C 26 -50.51 -7.18 -3.97
C ALA C 26 -50.04 -8.60 -4.33
N ASN C 27 -49.22 -8.74 -5.37
CA ASN C 27 -48.74 -10.06 -5.86
C ASN C 27 -47.35 -10.39 -5.31
N GLY C 28 -46.79 -9.54 -4.43
CA GLY C 28 -45.53 -9.83 -3.72
C GLY C 28 -44.28 -9.43 -4.50
N GLY C 29 -44.43 -8.85 -5.70
CA GLY C 29 -43.29 -8.35 -6.49
C GLY C 29 -42.44 -7.39 -5.68
N PHE C 30 -43.05 -6.70 -4.72
CA PHE C 30 -42.37 -5.78 -3.78
C PHE C 30 -42.53 -6.29 -2.37
N PRO C 31 -41.48 -6.20 -1.52
CA PRO C 31 -41.63 -6.56 -0.12
C PRO C 31 -42.71 -5.67 0.52
N SER C 32 -43.35 -6.17 1.56
CA SER C 32 -44.43 -5.45 2.30
C SER C 32 -43.78 -4.33 3.13
N VAL C 33 -44.25 -3.10 2.97
CA VAL C 33 -43.66 -1.91 3.65
C VAL C 33 -44.73 -1.30 4.56
N VAL C 34 -44.37 -1.13 5.83
CA VAL C 34 -45.30 -0.73 6.93
C VAL C 34 -44.75 0.54 7.58
N VAL C 35 -45.65 1.42 8.02
CA VAL C 35 -45.30 2.62 8.83
C VAL C 35 -45.44 2.27 10.31
N THR C 36 -44.38 2.49 11.09
CA THR C 36 -44.28 2.01 12.49
C THR C 36 -44.28 3.16 13.49
N ALA C 37 -44.01 4.39 13.05
CA ALA C 37 -44.14 5.58 13.93
C ALA C 37 -44.18 6.86 13.10
N VAL C 38 -44.75 7.87 13.71
CA VAL C 38 -44.91 9.19 13.05
C VAL C 38 -44.64 10.27 14.09
N THR C 39 -44.40 11.46 13.58
CA THR C 39 -44.04 12.63 14.39
C THR C 39 -44.28 13.85 13.49
N ALA C 40 -45.02 14.81 13.99
CA ALA C 40 -45.20 16.10 13.31
C ALA C 40 -45.24 17.20 14.36
N THR C 41 -44.82 18.39 13.96
CA THR C 41 -45.07 19.66 14.69
C THR C 41 -45.95 20.53 13.80
N THR C 42 -47.05 21.02 14.35
CA THR C 42 -48.09 21.78 13.61
C THR C 42 -48.47 23.02 14.42
N SER C 43 -49.29 23.87 13.81
CA SER C 43 -49.83 25.11 14.40
C SER C 43 -50.88 24.80 15.47
N ILE C 44 -51.35 23.55 15.55
CA ILE C 44 -52.32 23.08 16.58
C ILE C 44 -51.56 22.55 17.80
N SER C 45 -50.58 21.67 17.58
CA SER C 45 -49.79 21.04 18.67
C SER C 45 -48.45 20.56 18.13
N PRO C 46 -47.44 20.40 19.00
CA PRO C 46 -46.22 19.65 18.66
C PRO C 46 -46.38 18.13 18.83
N ASP C 47 -47.41 17.71 19.57
CA ASP C 47 -47.80 16.28 19.70
C ASP C 47 -48.76 15.94 18.57
N ILE C 48 -48.38 14.99 17.71
CA ILE C 48 -49.18 14.59 16.50
C ILE C 48 -50.54 14.06 16.96
N GLU C 49 -50.57 13.29 18.05
CA GLU C 49 -51.83 12.70 18.58
C GLU C 49 -52.73 13.81 19.13
N SER C 50 -52.15 14.89 19.68
CA SER C 50 -52.90 16.10 20.13
C SER C 50 -53.43 16.87 18.93
N THR C 51 -52.62 17.00 17.86
CA THR C 51 -53.01 17.66 16.58
C THR C 51 -54.20 16.88 15.98
N TRP C 52 -54.20 15.55 16.12
CA TRP C 52 -55.25 14.65 15.60
C TRP C 52 -56.57 14.94 16.30
N LYS C 53 -56.56 14.85 17.64
CA LYS C 53 -57.78 15.00 18.48
C LYS C 53 -58.37 16.39 18.25
N GLY C 54 -57.53 17.40 18.04
CA GLY C 54 -57.94 18.78 17.72
C GLY C 54 -58.54 18.89 16.34
N LEU C 55 -57.94 18.22 15.34
CA LEU C 55 -58.48 18.21 13.95
C LEU C 55 -59.87 17.58 13.98
N LEU C 56 -60.01 16.41 14.61
CA LEU C 56 -61.30 15.69 14.78
C LEU C 56 -62.33 16.58 15.49
N ALA C 57 -61.89 17.46 16.40
CA ALA C 57 -62.74 18.40 17.15
C ALA C 57 -62.94 19.70 16.36
N GLY C 58 -62.48 19.76 15.11
CA GLY C 58 -62.75 20.90 14.21
C GLY C 58 -61.91 22.12 14.54
N GLU C 59 -60.85 21.95 15.34
CA GLU C 59 -59.92 23.06 15.71
C GLU C 59 -59.19 23.56 14.46
N SER C 60 -58.78 24.83 14.48
CA SER C 60 -57.99 25.49 13.41
C SER C 60 -56.72 26.07 14.02
N GLY C 61 -55.59 25.80 13.37
CA GLY C 61 -54.28 26.33 13.77
C GLY C 61 -54.07 27.73 13.24
N ILE C 62 -54.93 28.19 12.32
CA ILE C 62 -54.78 29.53 11.67
C ILE C 62 -55.30 30.60 12.62
N HIS C 63 -54.57 31.71 12.69
N HIS C 63 -54.55 31.69 12.75
CA HIS C 63 -54.84 32.85 13.62
CA HIS C 63 -54.85 32.84 13.65
C HIS C 63 -54.37 34.15 12.96
C HIS C 63 -54.37 34.13 12.99
N ALA C 64 -54.60 35.28 13.64
CA ALA C 64 -54.13 36.60 13.17
C ALA C 64 -52.61 36.68 13.39
N LEU C 65 -51.87 37.09 12.36
CA LEU C 65 -50.41 37.30 12.49
C LEU C 65 -50.15 38.55 13.35
N GLU C 66 -49.49 38.36 14.50
CA GLU C 66 -49.12 39.46 15.43
C GLU C 66 -47.62 39.76 15.32
N ASP C 67 -46.96 39.28 14.25
CA ASP C 67 -45.54 39.59 13.99
C ASP C 67 -45.43 41.05 13.55
N GLU C 68 -44.34 41.71 13.92
CA GLU C 68 -44.13 43.16 13.64
C GLU C 68 -43.99 43.37 12.14
N PHE C 69 -43.41 42.40 11.42
CA PHE C 69 -43.20 42.47 9.95
C PHE C 69 -44.52 42.71 9.22
N VAL C 70 -45.65 42.29 9.81
CA VAL C 70 -47.01 42.43 9.22
C VAL C 70 -47.33 43.92 9.06
N THR C 71 -47.25 44.66 10.17
CA THR C 71 -47.55 46.12 10.21
C THR C 71 -46.38 46.88 9.56
N LYS C 72 -45.14 46.44 9.83
CA LYS C 72 -43.91 47.02 9.25
C LYS C 72 -44.06 47.22 7.74
N TRP C 73 -44.59 46.20 7.04
CA TRP C 73 -44.69 46.17 5.56
C TRP C 73 -46.12 46.44 5.09
N ASP C 74 -47.10 46.45 6.00
CA ASP C 74 -48.54 46.56 5.69
C ASP C 74 -48.87 45.50 4.63
N LEU C 75 -48.53 44.25 4.93
CA LEU C 75 -48.76 43.10 4.03
C LEU C 75 -50.26 42.91 3.81
N ALA C 76 -50.64 42.51 2.59
CA ALA C 76 -52.02 42.15 2.21
C ALA C 76 -52.51 40.98 3.07
N VAL C 77 -51.62 40.02 3.35
CA VAL C 77 -51.96 38.80 4.13
C VAL C 77 -51.60 39.05 5.60
N LYS C 78 -52.55 38.81 6.50
CA LYS C 78 -52.36 39.05 7.96
C LYS C 78 -52.76 37.81 8.76
N ILE C 79 -52.81 36.67 8.10
CA ILE C 79 -53.27 35.38 8.72
C ILE C 79 -52.24 34.31 8.43
N GLY C 80 -52.20 33.32 9.32
CA GLY C 80 -51.27 32.19 9.22
C GLY C 80 -51.23 31.38 10.49
N GLY C 81 -50.58 30.23 10.43
CA GLY C 81 -50.48 29.28 11.56
C GLY C 81 -49.03 29.09 11.93
N HIS C 82 -48.54 29.85 12.91
CA HIS C 82 -47.21 29.60 13.52
C HIS C 82 -47.27 28.27 14.26
N LEU C 83 -46.14 27.58 14.37
CA LEU C 83 -46.07 26.36 15.21
C LEU C 83 -46.61 26.72 16.60
N LYS C 84 -47.32 25.78 17.23
CA LYS C 84 -47.81 25.94 18.61
C LYS C 84 -46.61 26.02 19.56
N ASP C 85 -45.57 25.24 19.24
CA ASP C 85 -44.34 25.07 20.05
C ASP C 85 -43.13 25.37 19.17
N PRO C 86 -42.57 26.60 19.22
CA PRO C 86 -41.50 26.99 18.31
C PRO C 86 -40.29 26.05 18.44
N VAL C 87 -39.68 25.70 17.31
CA VAL C 87 -38.49 24.79 17.25
C VAL C 87 -37.40 25.34 18.19
N ASP C 88 -37.16 26.65 18.14
CA ASP C 88 -35.95 27.29 18.72
C ASP C 88 -36.02 27.36 20.25
N SER C 89 -37.19 27.12 20.85
CA SER C 89 -37.35 26.98 22.32
C SER C 89 -36.61 25.72 22.79
N HIS C 90 -36.45 24.72 21.91
CA HIS C 90 -35.76 23.45 22.21
C HIS C 90 -34.28 23.52 21.81
N MET C 91 -33.80 24.67 21.30
CA MET C 91 -32.46 24.75 20.68
C MET C 91 -31.51 25.58 21.53
N GLY C 92 -30.37 24.98 21.90
CA GLY C 92 -29.30 25.61 22.69
C GLY C 92 -28.51 26.59 21.85
N ARG C 93 -27.26 26.86 22.25
CA ARG C 93 -26.40 27.87 21.58
C ARG C 93 -25.65 27.23 20.41
N LEU C 94 -25.07 26.04 20.62
CA LEU C 94 -24.43 25.23 19.55
C LEU C 94 -25.38 25.18 18.35
N ASP C 95 -26.56 24.60 18.56
CA ASP C 95 -27.54 24.32 17.48
C ASP C 95 -27.91 25.61 16.76
N MET C 96 -28.01 26.73 17.48
CA MET C 96 -28.52 28.01 16.91
C MET C 96 -27.44 28.71 16.07
N ARG C 97 -26.18 28.27 16.16
CA ARG C 97 -25.05 28.88 15.39
C ARG C 97 -24.43 27.87 14.42
N ARG C 98 -24.77 26.59 14.51
CA ARG C 98 -24.13 25.51 13.70
C ARG C 98 -25.15 24.80 12.81
N MET C 99 -26.42 25.20 12.84
CA MET C 99 -27.47 24.60 11.98
C MET C 99 -28.40 25.71 11.46
N SER C 100 -29.10 25.42 10.36
CA SER C 100 -30.14 26.28 9.75
C SER C 100 -31.49 25.89 10.31
N TYR C 101 -32.49 26.78 10.20
CA TYR C 101 -33.82 26.57 10.81
C TYR C 101 -34.34 25.17 10.45
N VAL C 102 -34.31 24.82 9.16
CA VAL C 102 -34.84 23.52 8.68
C VAL C 102 -34.01 22.37 9.26
N GLN C 103 -32.71 22.56 9.49
CA GLN C 103 -31.85 21.51 10.10
C GLN C 103 -32.22 21.33 11.57
N ARG C 104 -32.51 22.41 12.29
CA ARG C 104 -32.89 22.35 13.73
C ARG C 104 -34.24 21.62 13.86
N MET C 105 -35.23 22.02 13.07
CA MET C 105 -36.52 21.29 12.96
C MET C 105 -36.22 19.81 12.67
N GLY C 106 -35.34 19.54 11.71
CA GLY C 106 -34.92 18.17 11.35
C GLY C 106 -34.48 17.39 12.58
N LYS C 107 -33.50 17.94 13.31
CA LYS C 107 -32.92 17.31 14.53
C LYS C 107 -34.04 16.98 15.51
N LEU C 108 -34.84 17.99 15.86
CA LEU C 108 -35.96 17.86 16.82
C LEU C 108 -36.85 16.66 16.43
N LEU C 109 -37.45 16.72 15.23
CA LEU C 109 -38.41 15.70 14.75
C LEU C 109 -37.74 14.33 14.70
N GLY C 110 -36.50 14.26 14.18
CA GLY C 110 -35.72 13.01 14.09
C GLY C 110 -35.57 12.37 15.46
N GLY C 111 -35.25 13.17 16.49
CA GLY C 111 -35.11 12.71 17.88
C GLY C 111 -36.42 12.16 18.42
N GLN C 112 -37.49 12.94 18.31
CA GLN C 112 -38.87 12.59 18.77
C GLN C 112 -39.35 11.33 18.06
N LEU C 113 -39.09 11.22 16.75
CA LEU C 113 -39.52 10.05 15.95
C LEU C 113 -38.81 8.82 16.49
N TRP C 114 -37.49 8.91 16.69
CA TRP C 114 -36.65 7.74 17.04
C TRP C 114 -37.12 7.20 18.40
N GLU C 115 -37.41 8.11 19.33
CA GLU C 115 -37.95 7.78 20.68
C GLU C 115 -39.33 7.13 20.55
N SER C 116 -40.26 7.77 19.84
CA SER C 116 -41.62 7.23 19.58
C SER C 116 -41.55 5.81 19.00
N ALA C 117 -40.46 5.45 18.33
CA ALA C 117 -40.29 4.11 17.71
C ALA C 117 -39.67 3.11 18.68
N GLY C 118 -39.32 3.54 19.90
CA GLY C 118 -38.69 2.69 20.93
C GLY C 118 -37.18 2.72 20.86
N SER C 119 -36.61 3.68 20.12
CA SER C 119 -35.15 3.87 19.91
C SER C 119 -34.52 2.57 19.40
N PRO C 120 -35.00 2.02 18.26
CA PRO C 120 -34.63 0.67 17.87
C PRO C 120 -33.15 0.54 17.45
N GLU C 121 -32.56 -0.63 17.71
CA GLU C 121 -31.18 -1.00 17.29
C GLU C 121 -31.26 -1.58 15.88
N VAL C 122 -31.00 -0.75 14.87
CA VAL C 122 -31.10 -1.16 13.43
C VAL C 122 -29.70 -1.29 12.84
N ASP C 123 -29.57 -2.09 11.79
CA ASP C 123 -28.34 -2.21 10.98
C ASP C 123 -28.17 -0.93 10.19
N PRO C 124 -27.28 0.02 10.59
CA PRO C 124 -27.16 1.29 9.88
C PRO C 124 -26.97 1.12 8.36
N ASP C 125 -26.39 -0.01 7.95
CA ASP C 125 -26.10 -0.34 6.53
C ASP C 125 -27.39 -0.64 5.75
N ARG C 126 -28.54 -0.77 6.43
CA ARG C 126 -29.86 -1.04 5.79
C ARG C 126 -30.86 0.05 6.22
N PHE C 127 -30.33 1.21 6.63
CA PHE C 127 -31.13 2.33 7.20
C PHE C 127 -30.89 3.60 6.37
N ALA C 128 -31.91 3.96 5.58
CA ALA C 128 -31.89 5.14 4.68
C ALA C 128 -32.63 6.29 5.36
N VAL C 129 -32.24 7.53 5.05
CA VAL C 129 -33.00 8.74 5.43
C VAL C 129 -33.34 9.50 4.15
N VAL C 130 -34.60 9.90 4.00
CA VAL C 130 -35.06 10.69 2.82
C VAL C 130 -36.01 11.76 3.33
N VAL C 131 -35.60 13.02 3.21
CA VAL C 131 -36.36 14.17 3.77
C VAL C 131 -36.30 15.32 2.78
N GLY C 132 -37.48 15.77 2.33
CA GLY C 132 -37.60 16.87 1.36
C GLY C 132 -37.76 18.20 2.06
N THR C 133 -37.49 19.29 1.34
CA THR C 133 -37.84 20.67 1.75
C THR C 133 -38.11 21.52 0.51
N GLY C 134 -38.76 22.64 0.73
CA GLY C 134 -39.08 23.62 -0.32
C GLY C 134 -37.82 24.34 -0.77
N LEU C 135 -37.09 24.93 0.17
CA LEU C 135 -36.04 25.94 -0.17
C LEU C 135 -34.67 25.57 0.42
N GLY C 136 -34.64 25.11 1.67
CA GLY C 136 -33.38 24.85 2.40
C GLY C 136 -33.09 25.93 3.42
N GLY C 137 -31.81 26.15 3.74
CA GLY C 137 -31.37 27.11 4.76
C GLY C 137 -31.14 28.48 4.16
N ALA C 138 -32.20 29.10 3.64
CA ALA C 138 -32.14 30.36 2.85
C ALA C 138 -31.86 31.55 3.76
N GLU C 139 -32.13 31.43 5.07
CA GLU C 139 -31.88 32.52 6.05
C GLU C 139 -30.36 32.70 6.21
N ARG C 140 -29.57 31.67 5.92
CA ARG C 140 -28.08 31.73 6.01
C ARG C 140 -27.49 32.33 4.73
N ILE C 141 -28.25 32.40 3.64
CA ILE C 141 -27.82 33.12 2.39
C ILE C 141 -27.82 34.64 2.67
N VAL C 142 -28.98 35.18 3.03
CA VAL C 142 -29.16 36.63 3.30
C VAL C 142 -28.28 37.03 4.48
N GLU C 143 -28.07 36.12 5.43
CA GLU C 143 -27.17 36.34 6.60
C GLU C 143 -25.75 36.49 6.08
N SER C 144 -25.22 35.45 5.42
CA SER C 144 -23.84 35.41 4.87
C SER C 144 -23.62 36.61 3.95
N TYR C 145 -24.59 36.86 3.06
CA TYR C 145 -24.60 37.99 2.08
C TYR C 145 -24.37 39.32 2.82
N ASP C 146 -25.23 39.61 3.81
CA ASP C 146 -25.19 40.87 4.60
C ASP C 146 -23.88 40.96 5.40
N LEU C 147 -23.44 39.88 6.05
CA LEU C 147 -22.15 39.84 6.79
C LEU C 147 -21.00 40.16 5.83
N MET C 148 -21.05 39.64 4.60
CA MET C 148 -19.98 39.85 3.57
C MET C 148 -19.97 41.33 3.15
N ASN C 149 -21.15 41.94 2.97
CA ASN C 149 -21.28 43.36 2.53
C ASN C 149 -20.80 44.31 3.65
N ALA C 150 -21.06 43.96 4.91
CA ALA C 150 -20.74 44.80 6.09
C ALA C 150 -19.25 44.71 6.42
N GLY C 151 -18.73 43.48 6.62
CA GLY C 151 -17.39 43.24 7.17
C GLY C 151 -16.51 42.36 6.30
N GLY C 152 -16.88 42.14 5.03
CA GLY C 152 -16.03 41.41 4.06
C GLY C 152 -16.12 39.89 4.20
N PRO C 153 -15.35 39.14 3.38
CA PRO C 153 -15.43 37.67 3.34
C PRO C 153 -15.02 36.96 4.64
N ARG C 154 -14.29 37.64 5.52
CA ARG C 154 -13.76 37.07 6.79
C ARG C 154 -14.89 36.84 7.79
N LYS C 155 -16.04 37.53 7.65
CA LYS C 155 -17.17 37.45 8.61
C LYS C 155 -18.07 36.24 8.31
N VAL C 156 -17.90 35.59 7.16
CA VAL C 156 -18.75 34.44 6.74
C VAL C 156 -18.34 33.19 7.54
N SER C 157 -19.34 32.49 8.09
CA SER C 157 -19.15 31.25 8.88
C SER C 157 -18.55 30.16 7.99
N PRO C 158 -17.55 29.41 8.49
CA PRO C 158 -17.08 28.18 7.84
C PRO C 158 -18.20 27.21 7.48
N LEU C 159 -19.29 27.23 8.26
CA LEU C 159 -20.39 26.24 8.20
C LEU C 159 -21.46 26.70 7.20
N ALA C 160 -21.33 27.91 6.64
CA ALA C 160 -22.35 28.57 5.79
C ALA C 160 -22.89 27.60 4.73
N VAL C 161 -22.05 26.78 4.11
CA VAL C 161 -22.44 25.88 2.98
C VAL C 161 -23.19 24.66 3.54
N GLN C 162 -22.74 24.11 4.67
CA GLN C 162 -23.37 22.92 5.29
C GLN C 162 -24.72 23.32 5.88
N MET C 163 -24.97 24.63 6.06
CA MET C 163 -26.25 25.16 6.59
C MET C 163 -27.18 25.58 5.43
N ILE C 164 -26.64 26.14 4.33
CA ILE C 164 -27.45 26.65 3.18
C ILE C 164 -27.94 25.48 2.32
N MET C 165 -27.10 24.47 2.11
CA MET C 165 -27.39 23.32 1.20
C MET C 165 -28.72 22.69 1.58
N PRO C 166 -29.70 22.61 0.64
CA PRO C 166 -31.01 21.99 0.91
C PRO C 166 -31.00 20.56 1.49
N ASN C 167 -29.96 19.77 1.24
CA ASN C 167 -29.83 18.39 1.79
C ASN C 167 -29.48 18.44 3.29
N GLY C 168 -29.32 19.64 3.87
CA GLY C 168 -28.92 19.86 5.27
C GLY C 168 -29.75 19.06 6.26
N ALA C 169 -31.08 19.17 6.16
CA ALA C 169 -32.03 18.55 7.13
C ALA C 169 -31.89 17.03 7.10
N ALA C 170 -31.86 16.44 5.91
CA ALA C 170 -31.67 14.98 5.71
C ALA C 170 -30.30 14.57 6.25
N ALA C 171 -29.28 15.38 5.95
CA ALA C 171 -27.89 15.19 6.42
C ALA C 171 -27.89 15.03 7.94
N VAL C 172 -28.37 16.05 8.65
CA VAL C 172 -28.40 16.11 10.15
C VAL C 172 -29.08 14.85 10.71
N ILE C 173 -30.20 14.44 10.11
CA ILE C 173 -31.00 13.28 10.59
C ILE C 173 -30.20 11.99 10.38
N GLY C 174 -29.71 11.76 9.16
CA GLY C 174 -28.90 10.57 8.83
C GLY C 174 -27.71 10.46 9.76
N LEU C 175 -27.12 11.59 10.14
CA LEU C 175 -25.94 11.67 11.03
C LEU C 175 -26.37 11.36 12.47
N GLN C 176 -27.40 12.07 12.93
CA GLN C 176 -28.02 11.91 14.27
C GLN C 176 -28.38 10.43 14.51
N LEU C 177 -28.85 9.71 13.49
CA LEU C 177 -29.36 8.31 13.66
C LEU C 177 -28.43 7.28 13.03
N GLY C 178 -27.32 7.69 12.39
CA GLY C 178 -26.39 6.76 11.72
C GLY C 178 -27.05 6.02 10.57
N ALA C 179 -27.59 6.76 9.59
CA ALA C 179 -28.23 6.19 8.38
C ALA C 179 -27.18 6.04 7.28
N ARG C 180 -26.92 4.81 6.82
CA ARG C 180 -25.77 4.51 5.91
C ARG C 180 -26.21 3.81 4.62
N ALA C 181 -27.51 3.57 4.43
CA ALA C 181 -28.08 3.03 3.17
C ALA C 181 -28.60 4.20 2.31
N GLY C 182 -27.97 5.36 2.43
CA GLY C 182 -28.30 6.53 1.60
C GLY C 182 -29.11 7.54 2.38
N VAL C 183 -28.73 8.81 2.25
CA VAL C 183 -29.49 9.97 2.79
C VAL C 183 -29.77 10.93 1.63
N MET C 184 -31.02 11.03 1.20
CA MET C 184 -31.41 11.75 -0.04
C MET C 184 -32.44 12.83 0.27
N THR C 185 -32.39 13.92 -0.51
CA THR C 185 -33.35 15.06 -0.44
C THR C 185 -33.94 15.28 -1.82
N PRO C 186 -35.25 15.03 -2.04
CA PRO C 186 -35.91 15.56 -3.22
C PRO C 186 -36.44 16.96 -2.93
N VAL C 187 -36.19 17.90 -3.84
CA VAL C 187 -36.84 19.23 -3.81
C VAL C 187 -37.82 19.30 -4.98
N SER C 188 -39.11 19.43 -4.67
CA SER C 188 -40.19 19.54 -5.69
C SER C 188 -41.32 20.42 -5.13
N ALA C 189 -40.95 21.48 -4.41
CA ALA C 189 -41.90 22.47 -3.83
C ALA C 189 -42.91 21.77 -2.91
N CYS C 190 -44.21 21.97 -3.14
CA CYS C 190 -45.30 21.50 -2.23
C CYS C 190 -45.34 19.97 -2.16
N SER C 191 -44.82 19.28 -3.18
CA SER C 191 -44.83 17.79 -3.25
C SER C 191 -43.55 17.20 -2.63
N SER C 192 -42.62 18.04 -2.16
CA SER C 192 -41.30 17.59 -1.64
C SER C 192 -41.49 16.57 -0.51
N GLY C 193 -42.37 16.88 0.46
CA GLY C 193 -42.67 16.03 1.62
C GLY C 193 -43.09 14.62 1.21
N SER C 194 -44.08 14.52 0.31
CA SER C 194 -44.59 13.23 -0.21
C SER C 194 -43.48 12.54 -1.02
N GLU C 195 -42.89 13.28 -1.96
CA GLU C 195 -41.87 12.74 -2.88
C GLU C 195 -40.72 12.11 -2.08
N ALA C 196 -40.41 12.65 -0.89
CA ALA C 196 -39.36 12.10 0.01
C ALA C 196 -39.79 10.72 0.52
N ILE C 197 -41.09 10.53 0.79
CA ILE C 197 -41.61 9.21 1.25
C ILE C 197 -41.60 8.25 0.05
N ALA C 198 -41.98 8.73 -1.14
CA ALA C 198 -42.03 7.93 -2.37
C ALA C 198 -40.67 7.27 -2.61
N HIS C 199 -39.60 8.06 -2.43
CA HIS C 199 -38.22 7.64 -2.75
C HIS C 199 -37.69 6.71 -1.66
N ALA C 200 -38.18 6.87 -0.43
CA ALA C 200 -37.80 5.98 0.70
C ALA C 200 -38.39 4.59 0.42
N TRP C 201 -39.68 4.55 0.09
CA TRP C 201 -40.37 3.32 -0.37
C TRP C 201 -39.55 2.65 -1.48
N ARG C 202 -39.16 3.40 -2.51
CA ARG C 202 -38.36 2.88 -3.66
C ARG C 202 -37.08 2.21 -3.14
N GLN C 203 -36.32 2.96 -2.33
CA GLN C 203 -35.06 2.49 -1.69
C GLN C 203 -35.30 1.11 -1.06
N ILE C 204 -36.44 0.93 -0.39
CA ILE C 204 -36.75 -0.29 0.40
C ILE C 204 -37.15 -1.43 -0.55
N VAL C 205 -38.08 -1.16 -1.47
CA VAL C 205 -38.60 -2.19 -2.43
C VAL C 205 -37.49 -2.60 -3.40
N MET C 206 -36.55 -1.70 -3.71
CA MET C 206 -35.45 -1.98 -4.67
C MET C 206 -34.30 -2.72 -3.98
N GLY C 207 -34.40 -2.96 -2.67
CA GLY C 207 -33.50 -3.85 -1.91
C GLY C 207 -32.27 -3.15 -1.36
N ASP C 208 -32.31 -1.82 -1.23
CA ASP C 208 -31.14 -1.01 -0.78
C ASP C 208 -31.24 -0.75 0.73
N ALA C 209 -32.45 -0.87 1.30
CA ALA C 209 -32.71 -0.59 2.72
C ALA C 209 -33.83 -1.50 3.23
N ASP C 210 -33.88 -1.71 4.54
CA ASP C 210 -34.99 -2.43 5.22
C ASP C 210 -35.81 -1.43 6.03
N VAL C 211 -35.34 -0.19 6.17
CA VAL C 211 -35.93 0.80 7.11
C VAL C 211 -35.53 2.21 6.69
N ALA C 212 -36.41 3.19 6.88
CA ALA C 212 -36.20 4.56 6.38
C ALA C 212 -37.03 5.56 7.17
N VAL C 213 -36.32 6.54 7.74
CA VAL C 213 -36.93 7.76 8.32
C VAL C 213 -37.13 8.75 7.19
N CYS C 214 -38.37 9.03 6.85
CA CYS C 214 -38.69 9.92 5.71
C CYS C 214 -39.80 10.90 6.06
N GLY C 215 -39.74 12.07 5.46
CA GLY C 215 -40.79 13.10 5.59
C GLY C 215 -40.35 14.40 4.99
N GLY C 216 -40.75 15.51 5.61
CA GLY C 216 -40.43 16.86 5.11
C GLY C 216 -40.36 17.87 6.23
N VAL C 217 -39.66 18.96 5.97
CA VAL C 217 -39.50 20.08 6.92
C VAL C 217 -39.51 21.38 6.13
N GLU C 218 -39.81 22.49 6.79
CA GLU C 218 -40.03 23.78 6.10
C GLU C 218 -39.81 24.94 7.05
N GLY C 219 -39.33 26.05 6.49
CA GLY C 219 -39.01 27.29 7.24
C GLY C 219 -40.27 27.95 7.79
N PRO C 220 -40.08 28.98 8.64
CA PRO C 220 -41.18 29.63 9.32
C PRO C 220 -41.82 30.71 8.43
N ILE C 221 -43.00 31.17 8.81
CA ILE C 221 -43.66 32.30 8.11
C ILE C 221 -42.81 33.55 8.32
N GLU C 222 -42.59 34.29 7.24
CA GLU C 222 -41.82 35.55 7.27
C GLU C 222 -42.36 36.48 6.19
N ALA C 223 -41.95 37.75 6.26
CA ALA C 223 -42.40 38.83 5.35
C ALA C 223 -42.13 38.45 3.89
N LEU C 224 -40.93 37.98 3.58
CA LEU C 224 -40.51 37.84 2.15
C LEU C 224 -41.25 36.66 1.50
N PRO C 225 -41.34 35.47 2.14
CA PRO C 225 -42.16 34.39 1.59
C PRO C 225 -43.62 34.82 1.37
N ILE C 226 -44.22 35.55 2.33
CA ILE C 226 -45.61 36.07 2.17
C ILE C 226 -45.66 36.96 0.91
N ALA C 227 -44.69 37.86 0.72
CA ALA C 227 -44.68 38.81 -0.42
C ALA C 227 -44.62 38.00 -1.73
N ALA C 228 -43.70 37.05 -1.81
CA ALA C 228 -43.43 36.24 -3.03
C ALA C 228 -44.71 35.50 -3.44
N PHE C 229 -45.34 34.80 -2.50
CA PHE C 229 -46.59 34.03 -2.73
C PHE C 229 -47.82 34.95 -2.84
N SER C 230 -47.84 36.07 -2.12
CA SER C 230 -48.95 37.07 -2.19
C SER C 230 -49.00 37.67 -3.59
N MET C 231 -47.83 37.96 -4.17
CA MET C 231 -47.72 38.67 -5.47
C MET C 231 -48.14 37.77 -6.64
N MET C 232 -48.24 36.45 -6.41
CA MET C 232 -48.82 35.48 -7.38
C MET C 232 -50.35 35.55 -7.31
N ARG C 233 -50.87 36.07 -6.20
CA ARG C 233 -52.31 36.07 -5.84
C ARG C 233 -52.72 34.64 -5.46
N ALA C 234 -51.77 33.89 -4.88
CA ALA C 234 -51.96 32.49 -4.44
C ALA C 234 -52.61 32.43 -3.05
N MET C 235 -52.74 33.57 -2.35
CA MET C 235 -52.96 33.57 -0.88
C MET C 235 -54.27 34.27 -0.50
N SER C 236 -55.05 33.60 0.36
CA SER C 236 -56.26 34.16 1.00
C SER C 236 -55.91 35.48 1.68
N THR C 237 -56.82 36.45 1.59
CA THR C 237 -56.72 37.78 2.24
C THR C 237 -57.96 37.99 3.13
N ARG C 238 -58.55 36.90 3.61
CA ARG C 238 -59.73 36.93 4.52
C ARG C 238 -59.19 37.19 5.92
N ASN C 239 -58.62 38.37 6.12
CA ASN C 239 -57.85 38.76 7.33
C ASN C 239 -58.76 38.76 8.57
N ASP C 240 -60.03 39.12 8.42
CA ASP C 240 -60.95 39.45 9.55
C ASP C 240 -61.52 38.19 10.20
N GLU C 241 -61.45 37.05 9.53
CA GLU C 241 -61.84 35.73 10.09
C GLU C 241 -60.77 34.71 9.71
N PRO C 242 -59.61 34.72 10.40
CA PRO C 242 -58.50 33.83 10.05
C PRO C 242 -58.90 32.35 9.99
N GLU C 243 -59.72 31.91 10.95
CA GLU C 243 -60.12 30.47 11.05
C GLU C 243 -61.00 30.08 9.86
N ARG C 244 -61.51 31.05 9.11
CA ARG C 244 -62.47 30.82 8.00
C ARG C 244 -61.82 31.11 6.64
N ALA C 245 -60.53 31.44 6.61
CA ALA C 245 -59.83 31.89 5.38
C ALA C 245 -59.54 30.70 4.44
N SER C 246 -59.09 29.57 4.97
CA SER C 246 -58.66 28.38 4.19
C SER C 246 -59.87 27.50 3.84
N ARG C 247 -60.39 27.62 2.61
CA ARG C 247 -61.69 27.00 2.23
C ARG C 247 -61.54 26.07 1.02
N PRO C 248 -60.73 24.99 1.12
CA PRO C 248 -60.57 24.07 0.00
C PRO C 248 -61.93 23.57 -0.54
N PHE C 249 -62.09 23.66 -1.87
CA PHE C 249 -63.25 23.13 -2.65
C PHE C 249 -64.52 23.96 -2.41
N ASP C 250 -64.53 24.84 -1.39
CA ASP C 250 -65.64 25.78 -1.14
C ASP C 250 -65.75 26.75 -2.33
N LYS C 251 -66.95 27.24 -2.61
CA LYS C 251 -67.20 28.18 -3.74
C LYS C 251 -66.49 29.52 -3.47
N ASP C 252 -66.38 29.93 -2.21
CA ASP C 252 -65.92 31.29 -1.80
C ASP C 252 -64.43 31.30 -1.45
N ARG C 253 -63.66 30.31 -1.91
CA ARG C 253 -62.20 30.24 -1.63
C ARG C 253 -61.49 31.34 -2.42
N ASP C 254 -60.33 31.80 -1.94
CA ASP C 254 -59.59 32.94 -2.53
C ASP C 254 -58.08 32.74 -2.41
N GLY C 255 -57.61 31.48 -2.42
CA GLY C 255 -56.18 31.15 -2.30
C GLY C 255 -55.91 30.35 -1.04
N PHE C 256 -54.64 30.18 -0.67
CA PHE C 256 -54.21 29.32 0.45
C PHE C 256 -53.78 30.17 1.65
N VAL C 257 -53.49 29.49 2.76
CA VAL C 257 -53.08 30.13 4.05
C VAL C 257 -51.81 29.44 4.52
N PHE C 258 -50.80 30.22 4.91
CA PHE C 258 -49.51 29.70 5.41
C PHE C 258 -49.72 29.00 6.75
N GLY C 259 -49.33 27.73 6.84
CA GLY C 259 -49.36 26.95 8.09
C GLY C 259 -48.03 26.24 8.31
N GLU C 260 -47.26 26.65 9.32
CA GLU C 260 -45.90 26.10 9.59
C GLU C 260 -46.04 24.65 10.05
N ALA C 261 -45.21 23.75 9.56
CA ALA C 261 -45.23 22.33 9.99
C ALA C 261 -43.93 21.60 9.65
N GLY C 262 -43.77 20.44 10.26
CA GLY C 262 -42.68 19.49 10.00
C GLY C 262 -43.18 18.10 10.28
N ALA C 263 -42.79 17.12 9.49
CA ALA C 263 -43.29 15.75 9.68
C ALA C 263 -42.28 14.74 9.15
N LEU C 264 -42.00 13.74 9.98
CA LEU C 264 -41.23 12.53 9.62
C LEU C 264 -42.09 11.31 9.91
N MET C 265 -41.79 10.21 9.23
CA MET C 265 -42.35 8.89 9.60
C MET C 265 -41.27 7.85 9.39
N LEU C 266 -41.37 6.75 10.15
CA LEU C 266 -40.49 5.57 10.02
C LEU C 266 -41.26 4.51 9.25
N ILE C 267 -40.80 4.18 8.04
CA ILE C 267 -41.32 3.05 7.24
C ILE C 267 -40.29 1.93 7.32
N GLU C 268 -40.73 0.68 7.23
CA GLU C 268 -39.82 -0.48 7.26
C GLU C 268 -40.55 -1.70 6.70
N THR C 269 -39.79 -2.71 6.28
CA THR C 269 -40.33 -3.98 5.75
C THR C 269 -41.17 -4.61 6.87
N GLU C 270 -42.30 -5.23 6.52
CA GLU C 270 -43.18 -5.89 7.52
C GLU C 270 -42.35 -6.91 8.31
N GLU C 271 -41.48 -7.64 7.61
CA GLU C 271 -40.54 -8.63 8.18
C GLU C 271 -39.73 -7.98 9.31
N HIS C 272 -39.08 -6.85 9.00
CA HIS C 272 -38.20 -6.08 9.92
C HIS C 272 -39.00 -5.63 11.15
N ALA C 273 -40.22 -5.14 10.93
CA ALA C 273 -41.09 -4.55 11.97
C ALA C 273 -41.53 -5.65 12.95
N LYS C 274 -41.89 -6.84 12.47
CA LYS C 274 -42.31 -7.97 13.35
C LYS C 274 -41.07 -8.48 14.08
N ALA C 275 -39.96 -8.66 13.35
CA ALA C 275 -38.67 -9.19 13.87
C ALA C 275 -38.12 -8.30 14.99
N ARG C 276 -38.63 -7.08 15.18
CA ARG C 276 -38.27 -6.21 16.33
C ARG C 276 -39.51 -5.83 17.15
N GLY C 277 -40.64 -6.52 16.92
CA GLY C 277 -41.88 -6.38 17.70
C GLY C 277 -42.47 -4.98 17.64
N ALA C 278 -42.39 -4.31 16.47
CA ALA C 278 -42.98 -2.97 16.24
C ALA C 278 -44.44 -3.14 15.79
N LYS C 279 -45.30 -2.23 16.25
CA LYS C 279 -46.76 -2.25 16.03
C LYS C 279 -47.06 -1.33 14.85
N PRO C 280 -47.32 -1.87 13.62
CA PRO C 280 -47.53 -1.03 12.45
C PRO C 280 -48.82 -0.21 12.47
N LEU C 281 -48.70 1.09 12.17
CA LEU C 281 -49.86 2.04 12.09
C LEU C 281 -50.56 1.87 10.75
N ALA C 282 -49.83 1.63 9.67
CA ALA C 282 -50.41 1.41 8.33
C ALA C 282 -49.39 0.84 7.34
N ARG C 283 -49.88 0.41 6.19
CA ARG C 283 -49.04 -0.07 5.05
C ARG C 283 -48.79 1.10 4.09
N LEU C 284 -47.59 1.13 3.52
CA LEU C 284 -47.24 2.02 2.39
C LEU C 284 -47.16 1.17 1.13
N LEU C 285 -48.20 1.22 0.29
CA LEU C 285 -48.42 0.23 -0.79
C LEU C 285 -47.72 0.64 -2.09
N GLY C 286 -47.72 1.93 -2.43
CA GLY C 286 -47.21 2.38 -3.73
C GLY C 286 -47.08 3.88 -3.86
N ALA C 287 -46.19 4.31 -4.77
CA ALA C 287 -45.87 5.73 -5.00
C ALA C 287 -45.80 6.01 -6.50
N GLY C 288 -46.60 6.97 -6.96
CA GLY C 288 -46.57 7.44 -8.36
C GLY C 288 -46.01 8.86 -8.43
N ILE C 289 -45.07 9.09 -9.35
CA ILE C 289 -44.52 10.44 -9.63
C ILE C 289 -44.73 10.75 -11.11
N THR C 290 -45.49 11.80 -11.41
CA THR C 290 -45.66 12.29 -12.80
C THR C 290 -45.36 13.79 -12.84
N SER C 291 -45.42 14.37 -14.03
CA SER C 291 -45.26 15.83 -14.24
C SER C 291 -46.26 16.34 -15.28
N ASP C 292 -46.71 17.57 -15.11
CA ASP C 292 -47.68 18.24 -16.01
C ASP C 292 -47.01 18.68 -17.30
N ALA C 293 -45.80 19.27 -17.22
CA ALA C 293 -45.09 19.93 -18.33
C ALA C 293 -46.03 20.92 -19.03
N PHE C 294 -46.54 21.89 -18.29
CA PHE C 294 -47.67 22.75 -18.70
C PHE C 294 -47.34 24.22 -18.38
N HIS C 295 -46.99 24.48 -17.12
CA HIS C 295 -46.72 25.85 -16.62
C HIS C 295 -45.84 25.78 -15.36
N MET C 296 -45.07 26.84 -15.10
CA MET C 296 -44.13 26.91 -13.95
C MET C 296 -44.90 26.95 -12.63
N VAL C 297 -46.07 27.60 -12.56
CA VAL C 297 -46.83 27.75 -11.29
C VAL C 297 -48.28 27.28 -11.39
N ALA C 298 -48.85 27.13 -12.60
CA ALA C 298 -50.26 26.73 -12.80
C ALA C 298 -50.35 25.23 -12.97
N PRO C 299 -51.28 24.53 -12.28
CA PRO C 299 -51.51 23.12 -12.56
C PRO C 299 -52.26 23.04 -13.88
N ALA C 300 -52.00 22.00 -14.67
CA ALA C 300 -52.82 21.67 -15.86
C ALA C 300 -54.28 21.61 -15.39
N ALA C 301 -55.19 22.32 -16.06
CA ALA C 301 -56.63 22.36 -15.71
C ALA C 301 -57.29 21.00 -15.96
N ASP C 302 -56.74 20.20 -16.87
CA ASP C 302 -57.35 18.90 -17.29
C ASP C 302 -57.15 17.85 -16.20
N GLY C 303 -56.20 18.08 -15.29
CA GLY C 303 -55.90 17.19 -14.15
C GLY C 303 -55.32 15.85 -14.56
N VAL C 304 -54.99 15.65 -15.84
CA VAL C 304 -54.78 14.30 -16.43
C VAL C 304 -53.51 13.65 -15.85
N ARG C 305 -52.40 14.38 -15.85
CA ARG C 305 -51.09 13.87 -15.37
C ARG C 305 -51.14 13.73 -13.85
N ALA C 306 -51.77 14.68 -13.16
CA ALA C 306 -52.04 14.60 -11.70
C ALA C 306 -52.71 13.26 -11.41
N GLY C 307 -53.75 12.92 -12.18
CA GLY C 307 -54.53 11.68 -12.02
C GLY C 307 -53.70 10.43 -12.33
N ARG C 308 -52.85 10.50 -13.35
CA ARG C 308 -51.98 9.37 -13.76
C ARG C 308 -51.01 9.06 -12.60
N ALA C 309 -50.60 10.08 -11.84
CA ALA C 309 -49.79 9.92 -10.62
C ALA C 309 -50.53 9.00 -9.66
N MET C 310 -51.80 9.31 -9.38
CA MET C 310 -52.68 8.44 -8.54
C MET C 310 -52.74 7.04 -9.18
N THR C 311 -53.15 6.97 -10.45
CA THR C 311 -53.20 5.71 -11.23
C THR C 311 -51.92 4.90 -10.98
N ARG C 312 -50.77 5.55 -10.97
CA ARG C 312 -49.47 4.84 -10.94
C ARG C 312 -49.22 4.26 -9.55
N SER C 313 -49.73 4.90 -8.49
CA SER C 313 -49.60 4.35 -7.11
C SER C 313 -50.51 3.12 -6.99
N LEU C 314 -51.67 3.13 -7.66
CA LEU C 314 -52.62 1.99 -7.65
C LEU C 314 -52.05 0.80 -8.44
N GLU C 315 -51.19 1.04 -9.44
CA GLU C 315 -50.55 -0.05 -10.22
C GLU C 315 -49.53 -0.78 -9.35
N LEU C 316 -48.64 0.01 -8.72
CA LEU C 316 -47.54 -0.53 -7.87
C LEU C 316 -48.15 -1.20 -6.63
N ALA C 317 -49.15 -0.57 -6.02
CA ALA C 317 -49.93 -1.17 -4.90
C ALA C 317 -50.53 -2.52 -5.33
N GLY C 318 -51.06 -2.61 -6.55
CA GLY C 318 -51.83 -3.78 -7.01
C GLY C 318 -53.31 -3.62 -6.69
N LEU C 319 -53.80 -2.38 -6.78
CA LEU C 319 -55.19 -1.98 -6.45
C LEU C 319 -55.85 -1.43 -7.71
N SER C 320 -57.17 -1.53 -7.80
CA SER C 320 -57.95 -0.80 -8.82
C SER C 320 -58.62 0.39 -8.15
N PRO C 321 -58.96 1.44 -8.91
CA PRO C 321 -59.61 2.63 -8.35
C PRO C 321 -60.73 2.34 -7.33
N ALA C 322 -61.58 1.35 -7.58
CA ALA C 322 -62.78 1.04 -6.76
C ALA C 322 -62.36 0.69 -5.32
N ASP C 323 -61.14 0.17 -5.15
CA ASP C 323 -60.56 -0.20 -3.83
C ASP C 323 -60.37 1.03 -2.93
N ILE C 324 -60.29 2.23 -3.51
CA ILE C 324 -59.89 3.47 -2.77
C ILE C 324 -61.11 4.05 -2.05
N ASP C 325 -61.07 3.97 -0.72
CA ASP C 325 -62.14 4.47 0.19
C ASP C 325 -61.92 5.96 0.47
N HIS C 326 -60.66 6.39 0.60
CA HIS C 326 -60.33 7.75 1.09
C HIS C 326 -59.27 8.41 0.19
N VAL C 327 -59.37 9.72 0.02
CA VAL C 327 -58.31 10.53 -0.66
C VAL C 327 -58.00 11.77 0.18
N ASN C 328 -56.77 11.89 0.65
CA ASN C 328 -56.29 13.10 1.35
C ASN C 328 -55.83 14.11 0.29
N ALA C 329 -56.74 14.97 -0.17
CA ALA C 329 -56.48 15.91 -1.29
C ALA C 329 -55.33 16.85 -0.93
N HIS C 330 -54.76 17.48 -1.95
CA HIS C 330 -53.77 18.58 -1.82
C HIS C 330 -54.47 19.78 -1.16
N GLY C 331 -55.65 20.16 -1.67
CA GLY C 331 -56.57 21.12 -1.05
C GLY C 331 -55.95 22.47 -0.77
N THR C 332 -55.28 23.07 -1.77
CA THR C 332 -54.51 24.33 -1.64
C THR C 332 -55.45 25.51 -1.37
N ALA C 333 -56.75 25.37 -1.71
CA ALA C 333 -57.82 26.39 -1.57
C ALA C 333 -57.70 27.49 -2.64
N THR C 334 -56.74 27.39 -3.56
CA THR C 334 -56.70 28.25 -4.78
C THR C 334 -57.83 27.83 -5.70
N PRO C 335 -58.47 28.77 -6.42
CA PRO C 335 -59.51 28.42 -7.39
C PRO C 335 -59.10 27.37 -8.44
N ILE C 336 -58.06 27.64 -9.23
CA ILE C 336 -57.64 26.71 -10.33
C ILE C 336 -57.06 25.43 -9.73
N GLY C 337 -56.43 25.50 -8.55
CA GLY C 337 -55.75 24.35 -7.92
C GLY C 337 -56.73 23.25 -7.59
N ASP C 338 -57.80 23.59 -6.90
CA ASP C 338 -58.86 22.65 -6.45
C ASP C 338 -59.62 22.13 -7.67
N ALA C 339 -59.97 23.02 -8.61
CA ALA C 339 -60.69 22.66 -9.85
C ALA C 339 -59.90 21.57 -10.59
N ALA C 340 -58.59 21.77 -10.77
CA ALA C 340 -57.69 20.82 -11.46
C ALA C 340 -57.66 19.48 -10.71
N GLU C 341 -57.53 19.53 -9.38
CA GLU C 341 -57.44 18.31 -8.53
C GLU C 341 -58.70 17.47 -8.69
N ALA C 342 -59.87 18.08 -8.53
CA ALA C 342 -61.19 17.42 -8.75
C ALA C 342 -61.19 16.70 -10.09
N ASN C 343 -60.66 17.33 -11.15
CA ASN C 343 -60.60 16.71 -12.50
C ASN C 343 -59.67 15.49 -12.46
N ALA C 344 -58.55 15.56 -11.74
CA ALA C 344 -57.56 14.46 -11.63
C ALA C 344 -58.18 13.28 -10.85
N ILE C 345 -58.85 13.59 -9.74
CA ILE C 345 -59.55 12.56 -8.92
C ILE C 345 -60.57 11.85 -9.81
N ARG C 346 -61.22 12.57 -10.74
CA ARG C 346 -62.14 11.97 -11.75
C ARG C 346 -61.35 11.11 -12.76
N VAL C 347 -60.20 11.61 -13.22
CA VAL C 347 -59.40 10.94 -14.29
C VAL C 347 -58.85 9.62 -13.76
N ALA C 348 -58.68 9.45 -12.44
CA ALA C 348 -58.11 8.23 -11.85
C ALA C 348 -59.23 7.29 -11.39
N GLY C 349 -60.49 7.73 -11.50
CA GLY C 349 -61.68 6.93 -11.13
C GLY C 349 -61.97 6.96 -9.66
N CYS C 350 -61.32 7.86 -8.89
CA CYS C 350 -61.33 7.87 -7.40
C CYS C 350 -62.35 8.88 -6.85
N ASP C 351 -63.33 9.32 -7.63
CA ASP C 351 -64.24 10.43 -7.26
C ASP C 351 -65.40 9.97 -6.36
N GLN C 352 -65.53 8.68 -6.07
CA GLN C 352 -66.53 8.19 -5.09
C GLN C 352 -65.87 7.97 -3.72
N ALA C 353 -64.62 8.41 -3.57
CA ALA C 353 -63.85 8.29 -2.30
C ALA C 353 -64.23 9.45 -1.40
N ALA C 354 -64.33 9.22 -0.09
CA ALA C 354 -64.43 10.31 0.92
C ALA C 354 -63.15 11.15 0.84
N VAL C 355 -63.30 12.47 0.69
CA VAL C 355 -62.16 13.39 0.45
C VAL C 355 -61.97 14.29 1.68
N TYR C 356 -60.71 14.50 2.07
CA TYR C 356 -60.32 15.44 3.15
C TYR C 356 -59.24 16.40 2.62
N ALA C 357 -59.41 17.69 2.92
CA ALA C 357 -58.46 18.77 2.58
C ALA C 357 -57.90 19.37 3.86
N PRO C 358 -56.88 18.73 4.48
CA PRO C 358 -56.36 19.17 5.79
C PRO C 358 -55.73 20.56 5.80
N LYS C 359 -55.55 21.20 4.65
CA LYS C 359 -55.05 22.59 4.59
C LYS C 359 -56.13 23.54 5.14
N SER C 360 -57.38 23.06 5.21
CA SER C 360 -58.53 23.81 5.79
C SER C 360 -58.22 24.19 7.26
N ALA C 361 -57.60 23.30 8.03
CA ALA C 361 -57.34 23.51 9.48
C ALA C 361 -55.86 23.85 9.74
N LEU C 362 -54.92 23.15 9.09
CA LEU C 362 -53.46 23.27 9.39
C LEU C 362 -52.75 24.19 8.39
N GLY C 363 -53.42 24.59 7.31
CA GLY C 363 -52.85 25.47 6.27
C GLY C 363 -51.76 24.80 5.46
N HIS C 364 -50.96 25.60 4.77
CA HIS C 364 -49.96 25.15 3.77
C HIS C 364 -48.55 25.26 4.34
N SER C 365 -47.80 24.16 4.37
CA SER C 365 -46.40 24.10 4.87
C SER C 365 -45.43 23.68 3.76
N ILE C 366 -45.79 23.97 2.50
CA ILE C 366 -44.90 23.82 1.30
C ILE C 366 -44.18 22.47 1.38
N GLY C 367 -42.85 22.45 1.57
CA GLY C 367 -42.02 21.23 1.48
C GLY C 367 -42.43 20.18 2.50
N ALA C 368 -42.94 20.60 3.66
CA ALA C 368 -43.32 19.69 4.77
C ALA C 368 -44.69 19.06 4.47
N VAL C 369 -45.53 19.74 3.68
CA VAL C 369 -47.00 19.51 3.70
C VAL C 369 -47.33 18.10 3.18
N GLY C 370 -46.56 17.59 2.22
CA GLY C 370 -46.73 16.21 1.72
C GLY C 370 -46.47 15.17 2.80
N ALA C 371 -45.54 15.44 3.71
CA ALA C 371 -45.19 14.54 4.83
C ALA C 371 -46.34 14.54 5.85
N LEU C 372 -46.68 15.74 6.34
CA LEU C 372 -47.72 15.92 7.37
C LEU C 372 -48.98 15.17 6.94
N GLU C 373 -49.39 15.37 5.69
CA GLU C 373 -50.68 14.85 5.19
C GLU C 373 -50.60 13.34 5.01
N SER C 374 -49.42 12.79 4.74
CA SER C 374 -49.18 11.31 4.70
C SER C 374 -49.37 10.75 6.11
N VAL C 375 -48.85 11.44 7.13
CA VAL C 375 -49.09 11.09 8.56
C VAL C 375 -50.61 11.12 8.81
N LEU C 376 -51.28 12.17 8.37
CA LEU C 376 -52.74 12.35 8.59
C LEU C 376 -53.51 11.21 7.91
N THR C 377 -53.05 10.73 6.75
CA THR C 377 -53.69 9.59 6.03
C THR C 377 -53.46 8.29 6.79
N VAL C 378 -52.29 8.13 7.42
CA VAL C 378 -51.97 6.91 8.20
C VAL C 378 -52.85 6.89 9.46
N LEU C 379 -53.00 8.04 10.11
CA LEU C 379 -53.85 8.15 11.32
C LEU C 379 -55.31 7.85 10.97
N THR C 380 -55.77 8.29 9.80
CA THR C 380 -57.14 8.00 9.32
C THR C 380 -57.34 6.50 9.19
N LEU C 381 -56.35 5.80 8.63
CA LEU C 381 -56.45 4.34 8.35
C LEU C 381 -56.38 3.57 9.68
N ARG C 382 -55.58 4.05 10.63
CA ARG C 382 -55.45 3.44 11.98
C ARG C 382 -56.77 3.60 12.74
N ASP C 383 -57.32 4.82 12.81
CA ASP C 383 -58.47 5.17 13.69
C ASP C 383 -59.81 5.09 12.92
N GLY C 384 -59.81 4.71 11.64
CA GLY C 384 -61.04 4.60 10.81
C GLY C 384 -61.88 5.88 10.82
N VAL C 385 -61.26 7.05 10.89
CA VAL C 385 -61.97 8.35 11.00
C VAL C 385 -61.28 9.39 10.11
N ILE C 386 -62.08 10.23 9.45
CA ILE C 386 -61.62 11.38 8.61
C ILE C 386 -62.07 12.63 9.32
N PRO C 387 -61.19 13.63 9.60
CA PRO C 387 -61.67 14.85 10.22
C PRO C 387 -62.55 15.59 9.21
N PRO C 388 -63.29 16.62 9.66
CA PRO C 388 -64.10 17.41 8.75
C PRO C 388 -63.23 18.45 8.03
N THR C 389 -63.36 18.54 6.71
CA THR C 389 -62.81 19.67 5.93
C THR C 389 -63.47 20.95 6.45
N LEU C 390 -62.69 21.85 7.07
CA LEU C 390 -63.21 23.09 7.68
C LEU C 390 -63.64 24.07 6.57
N ASN C 391 -64.61 24.92 6.87
CA ASN C 391 -65.03 26.08 6.03
C ASN C 391 -65.58 25.58 4.68
N TYR C 392 -66.04 24.34 4.62
CA TYR C 392 -66.78 23.81 3.45
C TYR C 392 -68.28 24.11 3.65
N GLU C 393 -68.73 25.27 3.16
CA GLU C 393 -70.12 25.75 3.40
C GLU C 393 -70.91 25.90 2.10
N THR C 394 -70.25 26.10 0.95
CA THR C 394 -70.94 26.24 -0.35
C THR C 394 -70.29 25.35 -1.39
N PRO C 395 -70.93 24.21 -1.73
CA PRO C 395 -70.42 23.31 -2.76
C PRO C 395 -70.28 24.03 -4.10
N ASP C 396 -69.19 23.74 -4.79
CA ASP C 396 -68.82 24.38 -6.09
C ASP C 396 -69.17 23.39 -7.19
N PRO C 397 -70.06 23.78 -8.14
CA PRO C 397 -70.47 22.91 -9.25
C PRO C 397 -69.34 22.18 -10.00
N GLU C 398 -68.17 22.82 -10.12
CA GLU C 398 -67.02 22.27 -10.89
C GLU C 398 -66.36 21.15 -10.09
N ILE C 399 -66.40 21.21 -8.76
CA ILE C 399 -65.67 20.22 -7.91
C ILE C 399 -66.39 18.87 -8.02
N ASP C 400 -67.60 18.76 -7.45
CA ASP C 400 -68.41 17.52 -7.50
C ASP C 400 -67.62 16.37 -6.88
N LEU C 401 -67.21 16.51 -5.62
CA LEU C 401 -66.55 15.43 -4.83
C LEU C 401 -67.27 15.24 -3.49
N ASP C 402 -67.15 14.04 -2.94
CA ASP C 402 -67.58 13.73 -1.55
C ASP C 402 -66.58 14.36 -0.58
N VAL C 403 -66.83 15.60 -0.18
CA VAL C 403 -65.95 16.36 0.74
C VAL C 403 -66.52 16.25 2.15
N VAL C 404 -65.80 15.52 3.00
CA VAL C 404 -66.16 15.31 4.42
C VAL C 404 -66.23 16.69 5.07
N ALA C 405 -67.29 16.98 5.82
CA ALA C 405 -67.57 18.32 6.37
C ALA C 405 -68.54 18.22 7.56
N GLY C 406 -68.59 19.28 8.36
CA GLY C 406 -69.46 19.37 9.54
C GLY C 406 -68.92 18.55 10.70
N GLU C 407 -69.03 17.23 10.62
CA GLU C 407 -68.61 16.28 11.70
C GLU C 407 -67.63 15.27 11.11
N PRO C 408 -66.66 14.75 11.88
CA PRO C 408 -65.77 13.73 11.35
C PRO C 408 -66.60 12.57 10.83
N ARG C 409 -66.15 11.94 9.74
CA ARG C 409 -66.81 10.73 9.22
C ARG C 409 -66.02 9.50 9.64
N TYR C 410 -66.71 8.55 10.28
CA TYR C 410 -66.18 7.22 10.67
C TYR C 410 -66.55 6.23 9.57
N GLY C 411 -65.74 5.18 9.46
CA GLY C 411 -65.93 4.13 8.44
C GLY C 411 -64.72 3.22 8.36
N ASP C 412 -64.89 2.06 7.72
CA ASP C 412 -63.80 1.07 7.56
C ASP C 412 -63.00 1.45 6.32
N TYR C 413 -62.10 2.42 6.47
CA TYR C 413 -61.22 2.90 5.37
C TYR C 413 -60.09 1.89 5.21
N ARG C 414 -60.14 1.11 4.12
CA ARG C 414 -59.19 0.00 3.83
C ARG C 414 -58.01 0.52 3.01
N TYR C 415 -58.26 1.43 2.06
CA TYR C 415 -57.19 2.01 1.20
C TYR C 415 -57.43 3.51 1.05
N ALA C 416 -56.34 4.27 0.97
CA ALA C 416 -56.35 5.74 0.86
C ALA C 416 -55.22 6.19 -0.05
N VAL C 417 -55.45 7.26 -0.81
CA VAL C 417 -54.39 7.92 -1.61
C VAL C 417 -54.20 9.34 -1.06
N ASN C 418 -52.96 9.73 -0.83
CA ASN C 418 -52.58 11.09 -0.41
C ASN C 418 -52.01 11.82 -1.62
N ASN C 419 -52.64 12.92 -2.03
CA ASN C 419 -52.19 13.72 -3.19
C ASN C 419 -51.32 14.88 -2.74
N SER C 420 -50.25 15.14 -3.49
CA SER C 420 -49.49 16.40 -3.47
C SER C 420 -49.17 16.82 -4.90
N PHE C 421 -49.50 18.06 -5.26
CA PHE C 421 -49.24 18.64 -6.59
C PHE C 421 -48.49 19.97 -6.42
N GLY C 422 -47.19 19.97 -6.73
CA GLY C 422 -46.28 21.08 -6.38
C GLY C 422 -46.06 22.04 -7.52
N PHE C 423 -45.71 23.29 -7.19
CA PHE C 423 -45.35 24.36 -8.15
C PHE C 423 -44.21 23.86 -9.04
N GLY C 424 -44.39 23.98 -10.36
CA GLY C 424 -43.49 23.40 -11.37
C GLY C 424 -44.15 22.23 -12.08
N GLY C 425 -45.32 21.80 -11.58
CA GLY C 425 -46.13 20.74 -12.20
C GLY C 425 -45.69 19.35 -11.77
N HIS C 426 -45.06 19.23 -10.60
CA HIS C 426 -44.66 17.94 -10.00
C HIS C 426 -45.89 17.33 -9.34
N ASN C 427 -46.15 16.06 -9.62
CA ASN C 427 -47.33 15.34 -9.09
C ASN C 427 -46.86 14.10 -8.38
N VAL C 428 -47.23 13.98 -7.10
CA VAL C 428 -46.86 12.81 -6.27
C VAL C 428 -48.13 12.28 -5.62
N ALA C 429 -48.35 10.98 -5.74
CA ALA C 429 -49.46 10.27 -5.07
C ALA C 429 -48.88 9.09 -4.31
N LEU C 430 -49.29 8.93 -3.05
CA LEU C 430 -48.90 7.78 -2.20
C LEU C 430 -50.14 6.96 -1.87
N ALA C 431 -50.10 5.67 -2.21
CA ALA C 431 -51.12 4.69 -1.80
C ALA C 431 -50.76 4.16 -0.41
N PHE C 432 -51.74 4.15 0.49
CA PHE C 432 -51.63 3.60 1.87
C PHE C 432 -52.73 2.57 2.08
N GLY C 433 -52.52 1.67 3.04
CA GLY C 433 -53.53 0.67 3.42
C GLY C 433 -53.56 0.42 4.90
N ARG C 434 -54.77 0.26 5.46
CA ARG C 434 -54.96 -0.16 6.87
C ARG C 434 -54.16 -1.44 7.10
N TYR C 435 -53.41 -1.49 8.21
CA TYR C 435 -52.41 -2.55 8.47
C TYR C 435 -53.07 -3.93 8.43
N GLN D 22 -32.64 -12.33 -7.64
CA GLN D 22 -32.52 -10.84 -7.58
C GLN D 22 -32.26 -10.29 -8.98
N PRO D 23 -33.01 -9.27 -9.45
CA PRO D 23 -32.92 -8.82 -10.84
C PRO D 23 -31.73 -7.90 -11.12
N SER D 24 -31.05 -8.11 -12.25
CA SER D 24 -29.87 -7.32 -12.70
C SER D 24 -29.97 -7.00 -14.19
N THR D 25 -29.22 -5.99 -14.64
CA THR D 25 -29.10 -5.60 -16.07
C THR D 25 -28.39 -6.71 -16.86
N ALA D 26 -27.49 -7.46 -16.21
CA ALA D 26 -26.83 -8.66 -16.79
C ALA D 26 -27.87 -9.73 -17.11
N ASN D 27 -28.75 -10.07 -16.16
CA ASN D 27 -29.64 -11.26 -16.26
C ASN D 27 -31.02 -10.85 -16.80
N GLY D 28 -31.09 -9.81 -17.63
CA GLY D 28 -32.35 -9.34 -18.25
C GLY D 28 -33.37 -8.86 -17.24
N GLY D 29 -33.00 -8.81 -15.95
CA GLY D 29 -33.90 -8.47 -14.84
C GLY D 29 -34.43 -7.05 -14.96
N PHE D 30 -33.51 -6.08 -15.12
CA PHE D 30 -33.83 -4.68 -15.52
C PHE D 30 -33.71 -4.55 -17.03
N PRO D 31 -34.50 -3.66 -17.65
CA PRO D 31 -34.38 -3.40 -19.08
C PRO D 31 -32.99 -2.84 -19.43
N SER D 32 -32.66 -2.82 -20.72
CA SER D 32 -31.34 -2.38 -21.22
C SER D 32 -31.39 -0.87 -21.45
N VAL D 33 -30.59 -0.11 -20.71
CA VAL D 33 -30.58 1.38 -20.79
C VAL D 33 -29.31 1.85 -21.48
N VAL D 34 -29.46 2.76 -22.44
CA VAL D 34 -28.34 3.25 -23.30
C VAL D 34 -28.31 4.78 -23.28
N VAL D 35 -27.12 5.36 -23.16
CA VAL D 35 -26.89 6.82 -23.35
C VAL D 35 -26.86 7.09 -24.84
N THR D 36 -27.69 8.01 -25.35
CA THR D 36 -27.85 8.26 -26.80
C THR D 36 -27.55 9.70 -27.20
N ALA D 37 -27.23 10.56 -26.24
CA ALA D 37 -26.80 11.95 -26.51
C ALA D 37 -26.22 12.52 -25.23
N VAL D 38 -25.29 13.44 -25.36
CA VAL D 38 -24.70 14.15 -24.20
C VAL D 38 -24.50 15.59 -24.60
N THR D 39 -24.38 16.45 -23.60
CA THR D 39 -24.08 17.89 -23.80
C THR D 39 -23.45 18.43 -22.54
N ALA D 40 -22.59 19.41 -22.69
CA ALA D 40 -21.88 20.02 -21.55
C ALA D 40 -21.29 21.36 -21.98
N THR D 41 -21.33 22.32 -21.06
CA THR D 41 -20.51 23.55 -21.10
C THR D 41 -19.52 23.45 -19.95
N THR D 42 -18.29 23.88 -20.19
CA THR D 42 -17.14 23.68 -19.28
C THR D 42 -16.17 24.85 -19.43
N SER D 43 -15.18 24.91 -18.54
CA SER D 43 -14.14 25.96 -18.51
C SER D 43 -13.20 25.82 -19.73
N ILE D 44 -13.23 24.68 -20.43
CA ILE D 44 -12.41 24.48 -21.66
C ILE D 44 -13.21 24.89 -22.88
N SER D 45 -14.45 24.43 -23.00
CA SER D 45 -15.27 24.69 -24.22
C SER D 45 -16.76 24.53 -23.95
N PRO D 46 -17.61 25.26 -24.69
CA PRO D 46 -19.06 24.99 -24.71
C PRO D 46 -19.44 23.73 -25.49
N ASP D 47 -18.45 23.11 -26.16
CA ASP D 47 -18.66 21.91 -27.01
C ASP D 47 -18.00 20.72 -26.33
N ILE D 48 -18.83 19.78 -25.84
CA ILE D 48 -18.39 18.55 -25.12
C ILE D 48 -17.30 17.84 -25.91
N GLU D 49 -17.39 17.79 -27.25
CA GLU D 49 -16.41 17.08 -28.10
C GLU D 49 -15.10 17.87 -28.17
N SER D 50 -15.16 19.21 -28.05
CA SER D 50 -13.95 20.08 -28.00
C SER D 50 -13.31 19.99 -26.61
N THR D 51 -14.13 19.94 -25.55
CA THR D 51 -13.65 19.71 -24.17
C THR D 51 -12.90 18.38 -24.15
N TRP D 52 -13.56 17.32 -24.64
CA TRP D 52 -12.99 15.96 -24.74
C TRP D 52 -11.63 16.01 -25.48
N LYS D 53 -11.58 16.57 -26.69
CA LYS D 53 -10.31 16.65 -27.46
C LYS D 53 -9.27 17.42 -26.63
N GLY D 54 -9.66 18.50 -25.96
CA GLY D 54 -8.75 19.33 -25.15
C GLY D 54 -8.24 18.62 -23.91
N LEU D 55 -9.10 17.88 -23.20
CA LEU D 55 -8.70 17.07 -22.02
C LEU D 55 -7.60 16.09 -22.44
N LEU D 56 -7.87 15.33 -23.50
CA LEU D 56 -6.93 14.34 -24.08
C LEU D 56 -5.60 15.01 -24.40
N ALA D 57 -5.63 16.22 -24.98
CA ALA D 57 -4.41 17.00 -25.32
C ALA D 57 -3.79 17.60 -24.04
N GLY D 58 -4.40 17.39 -22.88
CA GLY D 58 -3.85 17.83 -21.58
C GLY D 58 -4.08 19.30 -21.30
N GLU D 59 -5.21 19.86 -21.78
CA GLU D 59 -5.58 21.27 -21.50
C GLU D 59 -6.16 21.36 -20.09
N SER D 60 -6.02 22.53 -19.50
CA SER D 60 -6.60 22.92 -18.19
C SER D 60 -7.52 24.11 -18.43
N GLY D 61 -8.68 24.12 -17.79
CA GLY D 61 -9.62 25.25 -17.86
C GLY D 61 -9.35 26.24 -16.76
N ILE D 62 -8.50 25.86 -15.80
CA ILE D 62 -8.26 26.68 -14.58
C ILE D 62 -7.29 27.80 -14.93
N HIS D 63 -7.72 29.03 -14.65
N HIS D 63 -7.71 29.05 -14.68
CA HIS D 63 -6.95 30.28 -14.91
CA HIS D 63 -6.88 30.26 -14.91
C HIS D 63 -6.94 31.13 -13.64
C HIS D 63 -6.90 31.12 -13.64
N ALA D 64 -6.25 32.28 -13.68
CA ALA D 64 -6.32 33.31 -12.61
C ALA D 64 -7.66 34.04 -12.74
N LEU D 65 -8.17 34.57 -11.62
CA LEU D 65 -9.53 35.19 -11.59
C LEU D 65 -9.44 36.66 -11.96
N GLU D 66 -9.91 37.00 -13.15
CA GLU D 66 -9.88 38.36 -13.75
C GLU D 66 -11.00 39.23 -13.17
N ASP D 67 -11.88 38.67 -12.33
CA ASP D 67 -13.06 39.39 -11.78
C ASP D 67 -12.60 40.42 -10.75
N GLU D 68 -13.29 41.56 -10.69
CA GLU D 68 -12.99 42.66 -9.73
C GLU D 68 -13.33 42.27 -8.29
N PHE D 69 -14.18 41.26 -8.10
CA PHE D 69 -14.65 40.81 -6.76
C PHE D 69 -13.53 40.10 -6.01
N VAL D 70 -12.54 39.54 -6.72
CA VAL D 70 -11.35 38.91 -6.09
C VAL D 70 -10.42 40.01 -5.61
N THR D 71 -10.22 41.03 -6.45
CA THR D 71 -9.43 42.25 -6.13
C THR D 71 -10.08 42.98 -4.95
N LYS D 72 -11.40 43.14 -5.00
CA LYS D 72 -12.15 44.00 -4.05
C LYS D 72 -12.15 43.39 -2.65
N TRP D 73 -12.47 42.10 -2.54
CA TRP D 73 -12.61 41.39 -1.23
C TRP D 73 -11.25 40.86 -0.76
N ASP D 74 -10.26 40.82 -1.65
CA ASP D 74 -8.93 40.20 -1.36
C ASP D 74 -9.20 38.78 -0.82
N LEU D 75 -9.81 37.94 -1.65
CA LEU D 75 -10.13 36.52 -1.27
C LEU D 75 -8.85 35.71 -1.29
N ALA D 76 -8.73 34.74 -0.38
CA ALA D 76 -7.59 33.79 -0.28
C ALA D 76 -7.40 33.08 -1.63
N VAL D 77 -8.47 32.46 -2.15
CA VAL D 77 -8.47 31.82 -3.49
C VAL D 77 -8.53 32.93 -4.55
N LYS D 78 -7.62 32.89 -5.53
CA LYS D 78 -7.61 33.84 -6.66
C LYS D 78 -7.54 33.09 -7.99
N ILE D 79 -7.96 31.82 -7.99
CA ILE D 79 -7.98 30.96 -9.20
C ILE D 79 -9.32 30.22 -9.33
N GLY D 80 -9.55 29.67 -10.52
CA GLY D 80 -10.73 28.87 -10.84
C GLY D 80 -11.05 28.96 -12.33
N GLY D 81 -12.00 28.14 -12.79
CA GLY D 81 -12.34 28.03 -14.21
C GLY D 81 -13.74 28.51 -14.51
N HIS D 82 -13.88 29.77 -14.91
CA HIS D 82 -15.14 30.32 -15.51
C HIS D 82 -15.45 29.49 -16.76
N LEU D 83 -16.71 29.47 -17.19
CA LEU D 83 -17.05 28.79 -18.47
C LEU D 83 -16.29 29.52 -19.58
N LYS D 84 -15.82 28.77 -20.58
CA LYS D 84 -15.24 29.40 -21.80
C LYS D 84 -16.32 30.29 -22.42
N ASP D 85 -17.52 29.76 -22.61
CA ASP D 85 -18.66 30.51 -23.20
C ASP D 85 -19.71 30.76 -22.11
N PRO D 86 -19.82 31.99 -21.58
CA PRO D 86 -20.77 32.25 -20.51
C PRO D 86 -22.21 32.05 -21.02
N VAL D 87 -23.02 31.37 -20.22
CA VAL D 87 -24.46 31.09 -20.52
C VAL D 87 -25.12 32.35 -21.08
N ASP D 88 -24.95 33.50 -20.42
CA ASP D 88 -25.78 34.71 -20.63
C ASP D 88 -25.48 35.37 -21.99
N SER D 89 -24.45 34.94 -22.71
CA SER D 89 -24.17 35.44 -24.09
C SER D 89 -25.17 34.80 -25.06
N HIS D 90 -25.87 33.75 -24.61
CA HIS D 90 -26.93 33.05 -25.38
C HIS D 90 -28.32 33.42 -24.87
N MET D 91 -28.43 34.43 -24.00
CA MET D 91 -29.70 34.70 -23.26
C MET D 91 -30.15 36.15 -23.48
N GLY D 92 -31.36 36.29 -24.01
CA GLY D 92 -31.98 37.59 -24.33
C GLY D 92 -32.72 38.18 -23.15
N ARG D 93 -33.25 39.39 -23.33
CA ARG D 93 -33.86 40.21 -22.26
C ARG D 93 -34.99 39.44 -21.55
N LEU D 94 -35.77 38.66 -22.31
CA LEU D 94 -36.91 37.91 -21.73
C LEU D 94 -36.37 36.89 -20.74
N ASP D 95 -35.41 36.07 -21.18
CA ASP D 95 -34.86 34.94 -20.37
C ASP D 95 -34.08 35.49 -19.18
N MET D 96 -33.51 36.69 -19.30
CA MET D 96 -32.76 37.33 -18.18
C MET D 96 -33.74 37.81 -17.11
N ARG D 97 -34.98 38.12 -17.51
CA ARG D 97 -36.04 38.64 -16.59
C ARG D 97 -36.74 37.49 -15.86
N ARG D 98 -36.94 36.33 -16.51
CA ARG D 98 -37.94 35.32 -16.09
C ARG D 98 -37.32 34.03 -15.55
N MET D 99 -36.00 33.85 -15.67
CA MET D 99 -35.31 32.62 -15.17
C MET D 99 -34.15 33.01 -14.25
N SER D 100 -33.82 32.12 -13.30
CA SER D 100 -32.58 32.20 -12.50
C SER D 100 -31.42 31.75 -13.39
N TYR D 101 -30.19 32.01 -12.96
CA TYR D 101 -28.99 31.61 -13.73
C TYR D 101 -29.10 30.13 -14.11
N VAL D 102 -29.29 29.26 -13.11
CA VAL D 102 -29.27 27.77 -13.31
C VAL D 102 -30.39 27.37 -14.27
N GLN D 103 -31.55 28.00 -14.19
CA GLN D 103 -32.67 27.72 -15.13
C GLN D 103 -32.20 28.06 -16.55
N ARG D 104 -31.57 29.21 -16.73
CA ARG D 104 -31.02 29.65 -18.03
C ARG D 104 -29.99 28.63 -18.54
N MET D 105 -29.08 28.16 -17.68
CA MET D 105 -28.11 27.10 -18.06
C MET D 105 -28.90 25.85 -18.46
N GLY D 106 -29.87 25.46 -17.64
CA GLY D 106 -30.74 24.30 -17.91
C GLY D 106 -31.40 24.40 -19.28
N LYS D 107 -31.97 25.57 -19.62
CA LYS D 107 -32.69 25.79 -20.89
C LYS D 107 -31.70 25.76 -22.06
N LEU D 108 -30.51 26.31 -21.87
CA LEU D 108 -29.45 26.32 -22.91
C LEU D 108 -29.06 24.88 -23.23
N LEU D 109 -28.67 24.12 -22.20
CA LEU D 109 -28.14 22.75 -22.32
C LEU D 109 -29.25 21.79 -22.77
N GLY D 110 -30.48 21.99 -22.31
CA GLY D 110 -31.63 21.16 -22.73
C GLY D 110 -31.76 21.19 -24.25
N GLY D 111 -31.94 22.40 -24.79
CA GLY D 111 -32.09 22.65 -26.24
C GLY D 111 -30.93 22.08 -27.04
N GLN D 112 -29.72 22.20 -26.52
CA GLN D 112 -28.49 21.68 -27.19
C GLN D 112 -28.53 20.15 -27.26
N LEU D 113 -28.86 19.51 -26.13
CA LEU D 113 -28.97 18.03 -26.02
C LEU D 113 -30.03 17.54 -27.00
N TRP D 114 -31.26 18.05 -26.86
CA TRP D 114 -32.39 17.61 -27.71
C TRP D 114 -31.95 17.63 -29.17
N GLU D 115 -31.30 18.72 -29.58
CA GLU D 115 -30.83 18.92 -30.97
C GLU D 115 -29.76 17.87 -31.32
N SER D 116 -28.81 17.61 -30.41
CA SER D 116 -27.79 16.56 -30.59
C SER D 116 -28.48 15.20 -30.75
N ALA D 117 -29.66 15.04 -30.15
CA ALA D 117 -30.42 13.78 -30.13
C ALA D 117 -31.24 13.62 -31.41
N GLY D 118 -31.30 14.64 -32.27
CA GLY D 118 -32.08 14.64 -33.52
C GLY D 118 -33.44 15.28 -33.34
N SER D 119 -33.75 15.78 -32.15
CA SER D 119 -35.05 16.40 -31.79
C SER D 119 -36.15 15.35 -31.94
N PRO D 120 -35.98 14.18 -31.27
CA PRO D 120 -36.83 13.01 -31.51
C PRO D 120 -38.27 13.24 -31.02
N GLU D 121 -39.20 12.45 -31.55
CA GLU D 121 -40.63 12.49 -31.16
C GLU D 121 -40.87 11.35 -30.18
N VAL D 122 -41.03 11.70 -28.90
CA VAL D 122 -41.12 10.71 -27.79
C VAL D 122 -42.49 10.86 -27.13
N ASP D 123 -43.00 9.79 -26.51
CA ASP D 123 -44.27 9.83 -25.74
C ASP D 123 -44.02 10.66 -24.48
N PRO D 124 -44.63 11.86 -24.35
CA PRO D 124 -44.39 12.72 -23.20
C PRO D 124 -44.64 11.99 -21.88
N ASP D 125 -45.74 11.24 -21.81
CA ASP D 125 -46.16 10.42 -20.64
C ASP D 125 -45.16 9.31 -20.32
N ARG D 126 -44.13 9.08 -21.15
CA ARG D 126 -43.03 8.12 -20.87
C ARG D 126 -41.69 8.84 -20.91
N PHE D 127 -41.70 10.15 -20.68
CA PHE D 127 -40.51 11.02 -20.78
C PHE D 127 -40.32 11.74 -19.45
N ALA D 128 -39.22 11.44 -18.76
CA ALA D 128 -38.89 12.00 -17.44
C ALA D 128 -37.73 12.99 -17.57
N VAL D 129 -37.57 13.85 -16.57
CA VAL D 129 -36.39 14.73 -16.42
C VAL D 129 -35.91 14.63 -14.98
N VAL D 130 -34.61 14.44 -14.80
CA VAL D 130 -33.98 14.42 -13.45
C VAL D 130 -32.73 15.27 -13.50
N VAL D 131 -32.83 16.53 -13.09
CA VAL D 131 -31.66 17.44 -13.07
C VAL D 131 -31.34 17.82 -11.63
N GLY D 132 -30.13 17.53 -11.20
CA GLY D 132 -29.62 17.97 -9.89
C GLY D 132 -29.12 19.39 -9.98
N THR D 133 -29.12 20.08 -8.84
CA THR D 133 -28.44 21.38 -8.66
C THR D 133 -27.92 21.43 -7.23
N GLY D 134 -26.86 22.20 -6.99
CA GLY D 134 -26.25 22.35 -5.66
C GLY D 134 -27.06 23.26 -4.76
N LEU D 135 -27.57 24.38 -5.30
CA LEU D 135 -28.15 25.49 -4.50
C LEU D 135 -29.51 25.91 -5.04
N GLY D 136 -29.57 26.33 -6.30
CA GLY D 136 -30.81 26.81 -6.95
C GLY D 136 -30.68 28.25 -7.40
N GLY D 137 -31.82 28.95 -7.51
CA GLY D 137 -31.86 30.39 -7.87
C GLY D 137 -31.60 31.26 -6.65
N ALA D 138 -30.41 31.13 -6.06
CA ALA D 138 -30.00 31.84 -4.83
C ALA D 138 -29.88 33.34 -5.10
N GLU D 139 -29.35 33.71 -6.27
CA GLU D 139 -29.16 35.14 -6.67
C GLU D 139 -30.53 35.85 -6.74
N ARG D 140 -31.63 35.10 -6.84
CA ARG D 140 -33.00 35.67 -6.90
C ARG D 140 -33.53 35.92 -5.50
N ILE D 141 -33.11 35.10 -4.53
CA ILE D 141 -33.51 35.29 -3.10
C ILE D 141 -32.95 36.64 -2.63
N VAL D 142 -31.69 36.94 -2.94
CA VAL D 142 -31.05 38.19 -2.44
C VAL D 142 -31.57 39.38 -3.25
N GLU D 143 -31.82 39.20 -4.55
CA GLU D 143 -32.40 40.27 -5.41
C GLU D 143 -33.78 40.66 -4.88
N SER D 144 -34.63 39.66 -4.56
CA SER D 144 -36.00 39.87 -4.04
C SER D 144 -35.95 40.45 -2.62
N TYR D 145 -34.95 40.03 -1.83
CA TYR D 145 -34.72 40.50 -0.44
C TYR D 145 -34.29 41.97 -0.45
N ASP D 146 -33.51 42.38 -1.46
CA ASP D 146 -33.03 43.77 -1.61
C ASP D 146 -34.19 44.64 -2.11
N LEU D 147 -34.91 44.17 -3.13
CA LEU D 147 -36.07 44.89 -3.73
C LEU D 147 -37.14 45.15 -2.67
N MET D 148 -37.51 44.14 -1.88
CA MET D 148 -38.52 44.30 -0.80
C MET D 148 -38.01 45.36 0.19
N ASN D 149 -36.76 45.26 0.61
CA ASN D 149 -36.17 46.19 1.61
C ASN D 149 -36.13 47.61 1.02
N ALA D 150 -35.96 47.76 -0.29
CA ALA D 150 -35.84 49.07 -0.96
C ALA D 150 -37.22 49.65 -1.34
N GLY D 151 -38.25 48.82 -1.48
CA GLY D 151 -39.56 49.28 -2.00
C GLY D 151 -40.77 48.55 -1.46
N GLY D 152 -40.62 47.63 -0.50
CA GLY D 152 -41.76 46.93 0.12
C GLY D 152 -42.20 45.70 -0.66
N PRO D 153 -43.18 44.94 -0.11
CA PRO D 153 -43.56 43.62 -0.61
C PRO D 153 -43.98 43.59 -2.09
N ARG D 154 -44.65 44.65 -2.56
CA ARG D 154 -45.20 44.72 -3.93
C ARG D 154 -44.07 44.95 -4.95
N LYS D 155 -42.82 44.96 -4.52
CA LYS D 155 -41.66 45.04 -5.45
C LYS D 155 -41.03 43.66 -5.63
N VAL D 156 -41.46 42.67 -4.86
CA VAL D 156 -41.09 41.26 -5.12
C VAL D 156 -41.85 40.82 -6.37
N SER D 157 -41.15 40.20 -7.32
CA SER D 157 -41.71 39.78 -8.62
C SER D 157 -42.80 38.75 -8.41
N PRO D 158 -43.84 38.72 -9.26
CA PRO D 158 -44.74 37.58 -9.32
C PRO D 158 -43.98 36.30 -9.75
N LEU D 159 -42.83 36.48 -10.40
CA LEU D 159 -42.00 35.38 -10.93
C LEU D 159 -40.94 34.94 -9.91
N ALA D 160 -40.92 35.50 -8.70
CA ALA D 160 -39.82 35.24 -7.74
C ALA D 160 -39.84 33.76 -7.36
N VAL D 161 -41.01 33.23 -6.99
CA VAL D 161 -41.16 31.83 -6.49
C VAL D 161 -40.67 30.84 -7.55
N GLN D 162 -40.98 31.05 -8.84
CA GLN D 162 -40.68 30.04 -9.90
C GLN D 162 -39.19 30.07 -10.26
N MET D 163 -38.51 31.20 -10.02
CA MET D 163 -37.04 31.35 -10.24
C MET D 163 -36.25 30.90 -9.00
N ILE D 164 -36.77 31.17 -7.79
CA ILE D 164 -36.10 30.83 -6.50
C ILE D 164 -36.14 29.31 -6.30
N MET D 165 -37.33 28.72 -6.47
CA MET D 165 -37.56 27.30 -6.10
C MET D 165 -36.45 26.46 -6.72
N PRO D 166 -35.73 25.65 -5.92
CA PRO D 166 -34.57 24.90 -6.42
C PRO D 166 -34.93 23.86 -7.49
N ASN D 167 -36.18 23.38 -7.49
CA ASN D 167 -36.72 22.45 -8.52
C ASN D 167 -36.87 23.17 -9.88
N GLY D 168 -36.61 24.48 -9.94
CA GLY D 168 -36.75 25.32 -11.14
C GLY D 168 -35.98 24.80 -12.34
N ALA D 169 -34.68 24.56 -12.19
CA ALA D 169 -33.80 24.06 -13.29
C ALA D 169 -34.52 22.93 -14.03
N ALA D 170 -34.84 21.86 -13.31
CA ALA D 170 -35.45 20.62 -13.84
C ALA D 170 -36.85 20.94 -14.37
N ALA D 171 -37.55 21.88 -13.72
CA ALA D 171 -38.89 22.35 -14.15
C ALA D 171 -38.81 22.95 -15.55
N VAL D 172 -37.86 23.87 -15.76
CA VAL D 172 -37.73 24.64 -17.03
C VAL D 172 -37.40 23.67 -18.17
N ILE D 173 -36.52 22.70 -17.92
CA ILE D 173 -36.16 21.68 -18.95
C ILE D 173 -37.39 20.82 -19.23
N GLY D 174 -38.15 20.49 -18.18
CA GLY D 174 -39.38 19.68 -18.31
C GLY D 174 -40.38 20.40 -19.18
N LEU D 175 -40.61 21.67 -18.91
CA LEU D 175 -41.60 22.50 -19.65
C LEU D 175 -41.13 22.67 -21.09
N GLN D 176 -39.82 22.81 -21.28
CA GLN D 176 -39.17 22.97 -22.61
C GLN D 176 -39.41 21.73 -23.49
N LEU D 177 -39.11 20.52 -22.98
CA LEU D 177 -39.08 19.29 -23.82
C LEU D 177 -40.35 18.46 -23.62
N GLY D 178 -41.21 18.81 -22.65
CA GLY D 178 -42.53 18.16 -22.46
C GLY D 178 -42.44 16.87 -21.66
N ALA D 179 -41.62 16.83 -20.62
CA ALA D 179 -41.42 15.64 -19.75
C ALA D 179 -42.63 15.48 -18.81
N ARG D 180 -43.38 14.38 -18.95
CA ARG D 180 -44.64 14.15 -18.17
C ARG D 180 -44.60 12.86 -17.36
N ALA D 181 -43.52 12.09 -17.44
CA ALA D 181 -43.29 10.89 -16.61
C ALA D 181 -42.37 11.25 -15.45
N GLY D 182 -42.50 12.46 -14.93
CA GLY D 182 -41.82 12.87 -13.69
C GLY D 182 -40.70 13.83 -13.96
N VAL D 183 -40.62 14.86 -13.12
CA VAL D 183 -39.53 15.87 -13.14
C VAL D 183 -39.03 16.00 -11.71
N MET D 184 -37.80 15.56 -11.49
CA MET D 184 -37.26 15.37 -10.12
C MET D 184 -35.94 16.10 -10.02
N THR D 185 -35.63 16.59 -8.82
CA THR D 185 -34.37 17.28 -8.49
C THR D 185 -33.84 16.73 -7.19
N PRO D 186 -32.90 15.76 -7.23
CA PRO D 186 -32.19 15.36 -6.02
C PRO D 186 -31.16 16.44 -5.71
N VAL D 187 -30.92 16.68 -4.43
CA VAL D 187 -29.83 17.60 -3.99
C VAL D 187 -28.99 16.84 -2.98
N SER D 188 -27.71 16.66 -3.28
CA SER D 188 -26.75 15.99 -2.39
C SER D 188 -25.36 16.58 -2.63
N ALA D 189 -25.27 17.91 -2.58
CA ALA D 189 -24.02 18.68 -2.75
C ALA D 189 -23.28 18.22 -4.02
N CYS D 190 -22.11 17.61 -3.88
CA CYS D 190 -21.17 17.31 -4.99
C CYS D 190 -21.69 16.14 -5.84
N SER D 191 -22.48 15.25 -5.24
CA SER D 191 -22.98 14.02 -5.91
C SER D 191 -24.30 14.27 -6.64
N SER D 192 -24.84 15.50 -6.57
CA SER D 192 -26.19 15.85 -7.11
C SER D 192 -26.32 15.39 -8.56
N GLY D 193 -25.36 15.75 -9.41
CA GLY D 193 -25.36 15.44 -10.87
C GLY D 193 -25.40 13.94 -11.15
N SER D 194 -24.64 13.16 -10.39
CA SER D 194 -24.59 11.68 -10.49
C SER D 194 -25.87 11.08 -9.91
N GLU D 195 -26.40 11.67 -8.84
CA GLU D 195 -27.62 11.12 -8.19
C GLU D 195 -28.79 11.30 -9.14
N ALA D 196 -28.78 12.38 -9.91
CA ALA D 196 -29.84 12.72 -10.89
C ALA D 196 -29.91 11.59 -11.93
N ILE D 197 -28.75 11.17 -12.43
CA ILE D 197 -28.68 10.05 -13.41
C ILE D 197 -29.08 8.74 -12.70
N ALA D 198 -28.63 8.54 -11.46
CA ALA D 198 -28.98 7.33 -10.69
C ALA D 198 -30.50 7.20 -10.67
N HIS D 199 -31.20 8.30 -10.39
CA HIS D 199 -32.68 8.33 -10.26
C HIS D 199 -33.36 8.17 -11.62
N ALA D 200 -32.78 8.73 -12.69
CA ALA D 200 -33.32 8.60 -14.07
C ALA D 200 -33.38 7.11 -14.39
N TRP D 201 -32.22 6.45 -14.29
CA TRP D 201 -32.09 4.98 -14.46
C TRP D 201 -33.21 4.28 -13.69
N ARG D 202 -33.39 4.62 -12.42
CA ARG D 202 -34.41 4.00 -11.54
C ARG D 202 -35.80 4.22 -12.13
N GLN D 203 -36.10 5.43 -12.59
CA GLN D 203 -37.40 5.77 -13.22
C GLN D 203 -37.66 4.81 -14.38
N ILE D 204 -36.62 4.51 -15.16
CA ILE D 204 -36.73 3.72 -16.43
C ILE D 204 -36.91 2.25 -16.09
N VAL D 205 -36.15 1.74 -15.12
CA VAL D 205 -36.10 0.28 -14.81
C VAL D 205 -37.26 -0.13 -13.90
N MET D 206 -37.93 0.83 -13.24
CA MET D 206 -39.13 0.54 -12.42
C MET D 206 -40.39 0.63 -13.31
N GLY D 207 -40.25 1.02 -14.58
CA GLY D 207 -41.36 1.06 -15.55
C GLY D 207 -42.09 2.39 -15.58
N ASP D 208 -41.53 3.45 -14.99
CA ASP D 208 -42.19 4.78 -14.95
C ASP D 208 -41.85 5.60 -16.21
N ALA D 209 -40.82 5.22 -16.96
CA ALA D 209 -40.41 5.96 -18.18
C ALA D 209 -39.55 5.10 -19.10
N ASP D 210 -39.53 5.45 -20.39
CA ASP D 210 -38.70 4.80 -21.43
C ASP D 210 -37.52 5.71 -21.78
N VAL D 211 -37.67 7.04 -21.62
CA VAL D 211 -36.61 8.03 -21.95
C VAL D 211 -36.49 9.08 -20.84
N ALA D 212 -35.26 9.50 -20.54
CA ALA D 212 -34.97 10.50 -19.48
C ALA D 212 -33.83 11.42 -19.89
N VAL D 213 -34.03 12.73 -19.70
CA VAL D 213 -32.94 13.74 -19.71
C VAL D 213 -32.49 13.92 -18.27
N CYS D 214 -31.20 13.78 -18.02
CA CYS D 214 -30.65 13.82 -16.65
C CYS D 214 -29.23 14.37 -16.64
N GLY D 215 -28.88 15.00 -15.52
CA GLY D 215 -27.54 15.56 -15.31
C GLY D 215 -27.57 16.56 -14.18
N GLY D 216 -26.74 17.59 -14.29
CA GLY D 216 -26.64 18.62 -13.25
C GLY D 216 -26.34 19.97 -13.84
N VAL D 217 -26.93 21.00 -13.26
CA VAL D 217 -26.51 22.42 -13.50
C VAL D 217 -26.06 23.00 -12.17
N GLU D 218 -25.25 24.05 -12.26
CA GLU D 218 -24.70 24.76 -11.08
C GLU D 218 -24.43 26.22 -11.47
N GLY D 219 -24.61 27.12 -10.51
CA GLY D 219 -24.33 28.56 -10.69
C GLY D 219 -22.83 28.84 -10.85
N PRO D 220 -22.47 30.11 -11.11
CA PRO D 220 -21.12 30.51 -11.45
C PRO D 220 -20.23 30.70 -10.22
N ILE D 221 -18.93 30.85 -10.44
CA ILE D 221 -17.97 31.17 -9.34
C ILE D 221 -18.27 32.60 -8.88
N GLU D 222 -18.43 32.79 -7.57
CA GLU D 222 -18.74 34.12 -7.01
C GLU D 222 -18.06 34.32 -5.65
N ALA D 223 -17.96 35.59 -5.24
CA ALA D 223 -17.32 36.05 -3.98
C ALA D 223 -17.84 35.19 -2.82
N LEU D 224 -19.15 35.21 -2.61
CA LEU D 224 -19.81 34.55 -1.46
C LEU D 224 -19.50 33.06 -1.46
N PRO D 225 -19.70 32.31 -2.58
CA PRO D 225 -19.30 30.90 -2.64
C PRO D 225 -17.84 30.60 -2.26
N ILE D 226 -16.89 31.38 -2.78
CA ILE D 226 -15.43 31.20 -2.51
C ILE D 226 -15.17 31.54 -1.05
N ALA D 227 -15.71 32.67 -0.58
CA ALA D 227 -15.71 33.09 0.83
C ALA D 227 -16.22 31.93 1.70
N ALA D 228 -17.35 31.34 1.30
CA ALA D 228 -18.01 30.21 2.01
C ALA D 228 -17.04 29.04 2.15
N PHE D 229 -16.60 28.48 1.01
CA PHE D 229 -15.76 27.26 0.94
C PHE D 229 -14.34 27.55 1.42
N SER D 230 -13.86 28.78 1.22
CA SER D 230 -12.48 29.21 1.56
C SER D 230 -12.24 29.00 3.07
N MET D 231 -13.19 29.45 3.90
CA MET D 231 -13.06 29.41 5.38
C MET D 231 -12.88 27.97 5.86
N MET D 232 -13.51 27.00 5.17
CA MET D 232 -13.37 25.55 5.49
C MET D 232 -11.90 25.14 5.33
N ARG D 233 -11.16 25.86 4.48
CA ARG D 233 -9.70 25.69 4.26
C ARG D 233 -9.44 24.42 3.43
N ALA D 234 -10.48 23.92 2.75
CA ALA D 234 -10.43 22.66 1.94
C ALA D 234 -9.96 22.98 0.51
N MET D 235 -9.77 24.26 0.18
CA MET D 235 -9.47 24.72 -1.21
C MET D 235 -7.96 24.87 -1.41
N SER D 236 -7.53 24.75 -2.67
CA SER D 236 -6.13 25.00 -3.11
C SER D 236 -5.88 26.51 -3.13
N THR D 237 -4.65 26.94 -2.82
CA THR D 237 -4.25 28.38 -2.75
C THR D 237 -3.02 28.65 -3.63
N ARG D 238 -2.76 27.82 -4.64
CA ARG D 238 -1.58 27.98 -5.54
C ARG D 238 -1.87 29.02 -6.62
N ASN D 239 -2.04 30.28 -6.24
CA ASN D 239 -2.46 31.38 -7.16
C ASN D 239 -1.33 31.68 -8.16
N ASP D 240 -0.07 31.43 -7.79
CA ASP D 240 1.10 31.73 -8.64
C ASP D 240 1.00 30.94 -9.96
N GLU D 241 0.60 29.67 -9.89
CA GLU D 241 0.42 28.78 -11.07
C GLU D 241 -0.97 28.13 -11.01
N PRO D 242 -1.99 28.72 -11.66
CA PRO D 242 -3.37 28.22 -11.56
C PRO D 242 -3.60 26.84 -12.18
N GLU D 243 -2.86 26.50 -13.25
CA GLU D 243 -3.06 25.23 -14.00
C GLU D 243 -2.55 24.08 -13.12
N ARG D 244 -1.62 24.39 -12.22
CA ARG D 244 -0.91 23.39 -11.37
C ARG D 244 -1.56 23.27 -10.00
N ALA D 245 -2.65 24.00 -9.75
CA ALA D 245 -3.34 24.07 -8.44
C ALA D 245 -4.00 22.71 -8.11
N SER D 246 -4.88 22.24 -8.98
CA SER D 246 -5.70 21.01 -8.78
C SER D 246 -4.82 19.77 -8.96
N ARG D 247 -4.52 19.05 -7.87
CA ARG D 247 -3.54 17.93 -7.89
C ARG D 247 -4.17 16.69 -7.26
N PRO D 248 -5.29 16.16 -7.80
CA PRO D 248 -5.90 14.95 -7.25
C PRO D 248 -4.87 13.80 -7.17
N PHE D 249 -4.78 13.16 -6.00
CA PHE D 249 -3.98 11.95 -5.71
C PHE D 249 -2.48 12.27 -5.63
N ASP D 250 -2.07 13.49 -5.99
CA ASP D 250 -0.66 13.93 -5.94
C ASP D 250 -0.25 14.17 -4.48
N LYS D 251 1.01 13.90 -4.16
CA LYS D 251 1.57 14.05 -2.80
C LYS D 251 1.48 15.51 -2.35
N ASP D 252 1.58 16.48 -3.27
CA ASP D 252 1.69 17.93 -2.93
C ASP D 252 0.34 18.62 -3.09
N ARG D 253 -0.76 17.86 -3.01
CA ARG D 253 -2.13 18.40 -3.15
C ARG D 253 -2.49 19.24 -1.93
N ASP D 254 -3.26 20.31 -2.10
CA ASP D 254 -3.60 21.25 -1.00
C ASP D 254 -5.07 21.69 -1.13
N GLY D 255 -5.95 20.80 -1.57
CA GLY D 255 -7.39 21.09 -1.69
C GLY D 255 -7.84 21.31 -3.12
N PHE D 256 -9.09 21.73 -3.30
CA PHE D 256 -9.81 21.67 -4.60
C PHE D 256 -9.92 23.05 -5.24
N VAL D 257 -9.98 23.05 -6.57
CA VAL D 257 -10.21 24.26 -7.39
C VAL D 257 -11.64 24.24 -7.93
N PHE D 258 -12.21 25.43 -8.09
CA PHE D 258 -13.56 25.63 -8.68
C PHE D 258 -13.45 25.73 -10.20
N GLY D 259 -14.25 24.92 -10.89
CA GLY D 259 -14.44 25.00 -12.34
C GLY D 259 -15.92 24.91 -12.68
N GLU D 260 -16.43 25.91 -13.40
CA GLU D 260 -17.87 26.01 -13.78
C GLU D 260 -18.19 24.89 -14.76
N ALA D 261 -19.39 24.33 -14.66
CA ALA D 261 -19.88 23.28 -15.60
C ALA D 261 -21.39 23.14 -15.50
N GLY D 262 -21.99 22.73 -16.62
CA GLY D 262 -23.32 22.11 -16.69
C GLY D 262 -23.21 20.89 -17.56
N ALA D 263 -24.00 19.85 -17.30
CA ALA D 263 -24.06 18.67 -18.18
C ALA D 263 -25.46 18.05 -18.16
N LEU D 264 -25.87 17.57 -19.31
CA LEU D 264 -27.06 16.69 -19.42
C LEU D 264 -26.67 15.51 -20.32
N MET D 265 -27.38 14.41 -20.15
CA MET D 265 -27.27 13.28 -21.08
C MET D 265 -28.66 12.70 -21.27
N LEU D 266 -28.93 12.21 -22.48
CA LEU D 266 -30.21 11.55 -22.84
C LEU D 266 -30.00 10.06 -22.65
N ILE D 267 -30.81 9.44 -21.79
CA ILE D 267 -30.82 7.96 -21.63
C ILE D 267 -32.20 7.45 -22.08
N GLU D 268 -32.23 6.22 -22.57
CA GLU D 268 -33.50 5.56 -22.95
C GLU D 268 -33.26 4.06 -23.03
N THR D 269 -34.34 3.29 -23.13
CA THR D 269 -34.28 1.82 -23.24
C THR D 269 -33.70 1.50 -24.62
N GLU D 270 -32.89 0.44 -24.70
CA GLU D 270 -32.26 0.03 -25.98
C GLU D 270 -33.34 -0.11 -27.05
N GLU D 271 -34.43 -0.81 -26.74
CA GLU D 271 -35.65 -0.93 -27.58
C GLU D 271 -36.06 0.45 -28.11
N HIS D 272 -36.27 1.43 -27.21
CA HIS D 272 -36.71 2.81 -27.56
C HIS D 272 -35.63 3.45 -28.45
N ALA D 273 -34.36 3.18 -28.17
CA ALA D 273 -33.22 3.69 -28.97
C ALA D 273 -33.38 3.18 -30.40
N LYS D 274 -33.46 1.85 -30.57
CA LYS D 274 -33.53 1.18 -31.90
C LYS D 274 -34.71 1.71 -32.72
N ALA D 275 -35.90 1.73 -32.13
CA ALA D 275 -37.19 2.12 -32.77
C ALA D 275 -37.05 3.46 -33.52
N ARG D 276 -36.10 4.32 -33.12
CA ARG D 276 -35.89 5.65 -33.78
C ARG D 276 -34.47 5.76 -34.37
N GLY D 277 -33.70 4.67 -34.38
CA GLY D 277 -32.36 4.61 -34.98
C GLY D 277 -31.35 5.47 -34.23
N ALA D 278 -31.43 5.54 -32.90
CA ALA D 278 -30.50 6.33 -32.06
C ALA D 278 -29.24 5.49 -31.83
N LYS D 279 -28.10 5.96 -32.34
CA LYS D 279 -26.78 5.29 -32.19
C LYS D 279 -26.30 5.48 -30.76
N PRO D 280 -26.37 4.44 -29.90
CA PRO D 280 -25.92 4.55 -28.51
C PRO D 280 -24.45 4.96 -28.40
N LEU D 281 -24.13 5.78 -27.39
CA LEU D 281 -22.74 6.15 -27.02
C LEU D 281 -22.21 5.16 -25.99
N ALA D 282 -23.09 4.65 -25.13
CA ALA D 282 -22.72 3.73 -24.03
C ALA D 282 -23.97 3.17 -23.36
N ARG D 283 -23.76 2.30 -22.38
CA ARG D 283 -24.85 1.67 -21.61
C ARG D 283 -24.75 2.17 -20.17
N LEU D 284 -25.90 2.47 -19.55
CA LEU D 284 -25.98 2.75 -18.09
C LEU D 284 -26.51 1.49 -17.40
N LEU D 285 -25.64 0.75 -16.72
CA LEU D 285 -25.95 -0.64 -16.30
C LEU D 285 -26.48 -0.67 -14.86
N GLY D 286 -25.93 0.15 -13.96
CA GLY D 286 -26.34 0.15 -12.55
C GLY D 286 -25.95 1.41 -11.81
N ALA D 287 -26.51 1.61 -10.61
CA ALA D 287 -26.28 2.81 -9.78
C ALA D 287 -26.50 2.49 -8.31
N GLY D 288 -25.57 2.95 -7.46
CA GLY D 288 -25.60 2.73 -6.01
C GLY D 288 -25.59 4.04 -5.25
N ILE D 289 -26.50 4.19 -4.30
CA ILE D 289 -26.53 5.35 -3.36
C ILE D 289 -26.41 4.84 -1.93
N THR D 290 -25.27 5.10 -1.30
CA THR D 290 -25.03 4.84 0.14
C THR D 290 -24.68 6.15 0.82
N SER D 291 -24.56 6.12 2.14
CA SER D 291 -24.21 7.30 2.96
C SER D 291 -23.16 6.91 4.01
N ASP D 292 -22.26 7.83 4.31
CA ASP D 292 -21.15 7.63 5.28
C ASP D 292 -21.70 7.65 6.70
N ALA D 293 -22.50 8.67 7.03
CA ALA D 293 -23.05 8.91 8.38
C ALA D 293 -21.88 9.04 9.37
N PHE D 294 -20.89 9.86 9.03
CA PHE D 294 -19.62 10.01 9.79
C PHE D 294 -19.36 11.48 10.15
N HIS D 295 -19.73 12.43 9.28
CA HIS D 295 -19.36 13.86 9.44
C HIS D 295 -20.16 14.73 8.46
N MET D 296 -20.29 16.03 8.76
CA MET D 296 -21.14 16.95 7.96
C MET D 296 -20.45 17.36 6.65
N VAL D 297 -19.12 17.33 6.55
CA VAL D 297 -18.40 17.78 5.32
C VAL D 297 -17.24 16.85 4.97
N ALA D 298 -16.77 16.00 5.89
CA ALA D 298 -15.55 15.19 5.68
C ALA D 298 -15.96 13.76 5.37
N PRO D 299 -15.31 13.10 4.40
CA PRO D 299 -15.63 11.71 4.09
C PRO D 299 -15.10 10.77 5.18
N ALA D 300 -15.73 9.60 5.31
CA ALA D 300 -15.19 8.49 6.12
C ALA D 300 -13.78 8.18 5.60
N ALA D 301 -12.78 8.10 6.49
CA ALA D 301 -11.38 7.82 6.12
C ALA D 301 -11.23 6.33 5.72
N ASP D 302 -12.09 5.46 6.25
CA ASP D 302 -12.07 3.99 5.96
C ASP D 302 -12.61 3.74 4.54
N GLY D 303 -13.46 4.63 4.03
CA GLY D 303 -14.05 4.54 2.67
C GLY D 303 -15.04 3.40 2.51
N VAL D 304 -15.46 2.75 3.61
CA VAL D 304 -16.21 1.46 3.56
C VAL D 304 -17.57 1.67 2.90
N ARG D 305 -18.28 2.77 3.24
CA ARG D 305 -19.63 3.06 2.71
C ARG D 305 -19.54 3.56 1.27
N ALA D 306 -18.53 4.39 0.95
CA ALA D 306 -18.28 4.92 -0.42
C ALA D 306 -17.98 3.76 -1.36
N GLY D 307 -17.19 2.79 -0.90
CA GLY D 307 -16.92 1.54 -1.63
C GLY D 307 -18.19 0.73 -1.87
N ARG D 308 -19.10 0.70 -0.89
CA ARG D 308 -20.36 -0.11 -0.96
C ARG D 308 -21.26 0.49 -2.05
N ALA D 309 -21.24 1.82 -2.22
CA ALA D 309 -21.86 2.52 -3.36
C ALA D 309 -21.45 1.84 -4.66
N MET D 310 -20.13 1.68 -4.86
CA MET D 310 -19.55 1.07 -6.08
C MET D 310 -20.01 -0.38 -6.18
N THR D 311 -19.89 -1.14 -5.10
CA THR D 311 -20.29 -2.58 -5.06
C THR D 311 -21.77 -2.71 -5.44
N ARG D 312 -22.60 -1.75 -5.00
CA ARG D 312 -24.07 -1.79 -5.26
C ARG D 312 -24.32 -1.65 -6.76
N SER D 313 -23.60 -0.75 -7.42
CA SER D 313 -23.75 -0.47 -8.88
C SER D 313 -23.36 -1.70 -9.67
N LEU D 314 -22.36 -2.45 -9.19
CA LEU D 314 -21.92 -3.73 -9.81
C LEU D 314 -23.03 -4.77 -9.60
N GLU D 315 -23.55 -4.89 -8.39
CA GLU D 315 -24.64 -5.85 -8.08
C GLU D 315 -25.79 -5.63 -9.05
N LEU D 316 -26.26 -4.38 -9.12
CA LEU D 316 -27.48 -4.04 -9.90
C LEU D 316 -27.18 -4.20 -11.39
N ALA D 317 -25.93 -3.96 -11.81
CA ALA D 317 -25.50 -4.06 -13.22
C ALA D 317 -25.48 -5.53 -13.64
N GLY D 318 -25.01 -6.40 -12.74
CA GLY D 318 -24.76 -7.83 -13.00
C GLY D 318 -23.28 -8.08 -13.28
N LEU D 319 -22.40 -7.31 -12.63
CA LEU D 319 -20.94 -7.37 -12.84
C LEU D 319 -20.23 -7.79 -11.56
N SER D 320 -18.91 -7.97 -11.67
CA SER D 320 -17.96 -8.13 -10.53
C SER D 320 -16.81 -7.14 -10.70
N PRO D 321 -16.00 -6.91 -9.65
CA PRO D 321 -14.93 -5.90 -9.72
C PRO D 321 -13.79 -6.25 -10.69
N ALA D 322 -13.57 -7.53 -10.98
CA ALA D 322 -12.62 -8.00 -12.02
C ALA D 322 -13.04 -7.44 -13.39
N ASP D 323 -14.33 -7.18 -13.61
CA ASP D 323 -14.86 -6.62 -14.90
C ASP D 323 -14.44 -5.16 -15.06
N ILE D 324 -14.31 -4.39 -13.97
CA ILE D 324 -14.15 -2.91 -14.03
C ILE D 324 -12.74 -2.57 -14.53
N ASP D 325 -12.67 -1.97 -15.72
CA ASP D 325 -11.41 -1.59 -16.41
C ASP D 325 -10.94 -0.21 -15.93
N HIS D 326 -11.89 0.68 -15.66
CA HIS D 326 -11.65 2.14 -15.46
C HIS D 326 -12.49 2.67 -14.32
N VAL D 327 -11.90 3.54 -13.50
CA VAL D 327 -12.66 4.29 -12.45
C VAL D 327 -12.49 5.79 -12.72
N ASN D 328 -13.61 6.50 -12.86
CA ASN D 328 -13.62 7.97 -13.04
C ASN D 328 -13.77 8.60 -11.65
N ALA D 329 -12.65 8.87 -10.99
CA ALA D 329 -12.60 9.22 -9.56
C ALA D 329 -13.27 10.57 -9.30
N HIS D 330 -13.73 10.75 -8.07
CA HIS D 330 -14.19 12.05 -7.51
C HIS D 330 -13.02 13.03 -7.56
N GLY D 331 -11.88 12.66 -6.98
CA GLY D 331 -10.60 13.40 -7.09
C GLY D 331 -10.74 14.87 -6.71
N THR D 332 -11.22 15.17 -5.51
CA THR D 332 -11.44 16.56 -5.03
C THR D 332 -10.11 17.24 -4.70
N ALA D 333 -8.97 16.55 -4.84
CA ALA D 333 -7.62 17.09 -4.57
C ALA D 333 -7.48 17.52 -3.10
N THR D 334 -8.42 17.10 -2.25
CA THR D 334 -8.36 17.30 -0.78
C THR D 334 -7.54 16.15 -0.20
N PRO D 335 -6.61 16.44 0.74
CA PRO D 335 -5.80 15.38 1.34
C PRO D 335 -6.64 14.18 1.82
N ILE D 336 -7.65 14.45 2.66
CA ILE D 336 -8.47 13.39 3.32
C ILE D 336 -9.42 12.77 2.28
N GLY D 337 -9.88 13.56 1.29
CA GLY D 337 -10.80 13.07 0.25
C GLY D 337 -10.21 11.93 -0.56
N ASP D 338 -9.07 12.19 -1.20
CA ASP D 338 -8.42 11.26 -2.16
C ASP D 338 -7.97 10.00 -1.43
N ALA D 339 -7.51 10.15 -0.18
CA ALA D 339 -7.16 9.03 0.73
C ALA D 339 -8.40 8.14 0.92
N ALA D 340 -9.53 8.75 1.29
CA ALA D 340 -10.81 8.05 1.52
C ALA D 340 -11.19 7.25 0.27
N GLU D 341 -11.17 7.91 -0.90
CA GLU D 341 -11.54 7.29 -2.20
C GLU D 341 -10.59 6.12 -2.50
N ALA D 342 -9.30 6.29 -2.25
CA ALA D 342 -8.30 5.20 -2.37
C ALA D 342 -8.82 3.97 -1.63
N ASN D 343 -9.09 4.12 -0.33
CA ASN D 343 -9.58 3.04 0.56
C ASN D 343 -10.93 2.53 0.03
N ALA D 344 -11.75 3.44 -0.51
CA ALA D 344 -13.09 3.13 -1.09
C ALA D 344 -12.93 2.14 -2.24
N ILE D 345 -12.10 2.51 -3.21
CA ILE D 345 -11.80 1.72 -4.44
C ILE D 345 -11.25 0.36 -4.03
N ARG D 346 -10.44 0.33 -2.97
CA ARG D 346 -9.88 -0.93 -2.42
C ARG D 346 -11.01 -1.80 -1.88
N VAL D 347 -11.99 -1.21 -1.19
CA VAL D 347 -13.13 -1.97 -0.57
C VAL D 347 -13.97 -2.62 -1.68
N ALA D 348 -14.11 -1.97 -2.83
CA ALA D 348 -14.92 -2.47 -3.97
C ALA D 348 -14.13 -3.47 -4.81
N GLY D 349 -12.82 -3.59 -4.59
CA GLY D 349 -11.95 -4.50 -5.36
C GLY D 349 -11.75 -3.99 -6.78
N CYS D 350 -11.71 -2.66 -6.94
CA CYS D 350 -11.53 -1.96 -8.24
C CYS D 350 -10.16 -1.26 -8.25
N ASP D 351 -9.25 -1.66 -7.36
CA ASP D 351 -7.95 -0.96 -7.16
C ASP D 351 -6.95 -1.38 -8.25
N GLN D 352 -7.33 -2.27 -9.17
CA GLN D 352 -6.51 -2.67 -10.33
C GLN D 352 -6.98 -1.94 -11.60
N ALA D 353 -8.00 -1.09 -11.47
CA ALA D 353 -8.60 -0.36 -12.61
C ALA D 353 -7.78 0.91 -12.92
N ALA D 354 -7.90 1.41 -14.15
CA ALA D 354 -7.21 2.63 -14.64
C ALA D 354 -7.99 3.85 -14.16
N VAL D 355 -7.36 4.69 -13.35
CA VAL D 355 -8.05 5.78 -12.59
C VAL D 355 -7.76 7.14 -13.24
N TYR D 356 -8.83 7.90 -13.49
CA TYR D 356 -8.77 9.30 -13.99
C TYR D 356 -9.46 10.20 -12.97
N ALA D 357 -8.87 11.36 -12.71
CA ALA D 357 -9.45 12.44 -11.88
C ALA D 357 -9.55 13.71 -12.72
N PRO D 358 -10.72 13.97 -13.34
CA PRO D 358 -10.90 15.11 -14.25
C PRO D 358 -10.95 16.49 -13.59
N LYS D 359 -11.08 16.55 -12.26
CA LYS D 359 -11.06 17.85 -11.54
C LYS D 359 -9.66 18.45 -11.63
N SER D 360 -8.67 17.66 -12.02
CA SER D 360 -7.28 18.10 -12.29
C SER D 360 -7.27 19.16 -13.41
N ALA D 361 -8.19 19.06 -14.36
CA ALA D 361 -8.27 19.92 -15.57
C ALA D 361 -9.52 20.81 -15.54
N LEU D 362 -10.66 20.27 -15.08
CA LEU D 362 -11.99 20.96 -15.17
C LEU D 362 -12.38 21.64 -13.84
N GLY D 363 -11.77 21.23 -12.73
CA GLY D 363 -12.10 21.77 -11.39
C GLY D 363 -13.38 21.18 -10.84
N HIS D 364 -13.91 21.80 -9.78
CA HIS D 364 -15.13 21.35 -9.04
C HIS D 364 -16.31 22.22 -9.44
N SER D 365 -17.37 21.59 -9.95
CA SER D 365 -18.63 22.26 -10.39
C SER D 365 -19.78 21.93 -9.43
N ILE D 366 -19.49 21.24 -8.32
CA ILE D 366 -20.46 20.92 -7.23
C ILE D 366 -21.63 20.09 -7.79
N GLY D 367 -22.82 20.69 -7.90
CA GLY D 367 -24.04 20.02 -8.37
C GLY D 367 -23.91 19.54 -9.80
N ALA D 368 -23.03 20.15 -10.59
CA ALA D 368 -22.82 19.81 -12.01
C ALA D 368 -21.84 18.64 -12.15
N VAL D 369 -20.81 18.58 -11.30
CA VAL D 369 -19.59 17.79 -11.62
C VAL D 369 -19.93 16.30 -11.77
N GLY D 370 -20.85 15.79 -10.95
CA GLY D 370 -21.27 14.38 -11.04
C GLY D 370 -21.78 14.04 -12.43
N ALA D 371 -22.51 14.96 -13.06
CA ALA D 371 -23.04 14.77 -14.43
C ALA D 371 -21.88 14.90 -15.43
N LEU D 372 -21.16 16.02 -15.38
CA LEU D 372 -20.04 16.27 -16.33
C LEU D 372 -19.16 15.03 -16.40
N GLU D 373 -18.84 14.45 -15.24
CA GLU D 373 -17.89 13.32 -15.15
C GLU D 373 -18.55 12.02 -15.62
N SER D 374 -19.86 11.89 -15.40
CA SER D 374 -20.67 10.78 -15.96
C SER D 374 -20.59 10.82 -17.49
N VAL D 375 -20.43 12.01 -18.09
CA VAL D 375 -20.31 12.20 -19.57
C VAL D 375 -18.92 11.74 -20.03
N LEU D 376 -17.88 12.25 -19.37
CA LEU D 376 -16.47 11.85 -19.68
C LEU D 376 -16.35 10.32 -19.58
N THR D 377 -17.03 9.69 -18.60
CA THR D 377 -17.00 8.22 -18.42
C THR D 377 -17.59 7.55 -19.66
N VAL D 378 -18.64 8.14 -20.23
CA VAL D 378 -19.27 7.67 -21.49
C VAL D 378 -18.29 7.83 -22.65
N LEU D 379 -17.70 9.01 -22.79
CA LEU D 379 -16.76 9.30 -23.91
C LEU D 379 -15.50 8.43 -23.78
N THR D 380 -15.13 8.04 -22.56
CA THR D 380 -13.97 7.12 -22.32
C THR D 380 -14.30 5.75 -22.91
N LEU D 381 -15.50 5.24 -22.65
CA LEU D 381 -15.96 3.93 -23.19
C LEU D 381 -16.18 4.03 -24.70
N ARG D 382 -16.63 5.18 -25.18
CA ARG D 382 -16.96 5.35 -26.62
C ARG D 382 -15.69 5.26 -27.47
N ASP D 383 -14.62 5.91 -27.01
CA ASP D 383 -13.38 6.14 -27.82
C ASP D 383 -12.20 5.34 -27.25
N GLY D 384 -12.46 4.41 -26.33
CA GLY D 384 -11.42 3.58 -25.70
C GLY D 384 -10.18 4.38 -25.31
N VAL D 385 -10.37 5.56 -24.72
CA VAL D 385 -9.23 6.38 -24.22
C VAL D 385 -9.61 7.09 -22.93
N ILE D 386 -8.64 7.16 -22.01
CA ILE D 386 -8.75 7.89 -20.72
C ILE D 386 -7.82 9.10 -20.81
N PRO D 387 -8.28 10.32 -20.46
CA PRO D 387 -7.37 11.45 -20.48
C PRO D 387 -6.37 11.37 -19.33
N PRO D 388 -5.28 12.14 -19.40
CA PRO D 388 -4.30 12.16 -18.32
C PRO D 388 -4.80 13.02 -17.16
N THR D 389 -4.64 12.52 -15.93
CA THR D 389 -4.79 13.33 -14.70
C THR D 389 -3.70 14.40 -14.68
N LEU D 390 -4.06 15.66 -14.93
CA LEU D 390 -3.06 16.77 -14.91
C LEU D 390 -2.47 16.91 -13.50
N ASN D 391 -1.20 17.31 -13.43
CA ASN D 391 -0.47 17.70 -12.19
C ASN D 391 -0.09 16.49 -11.34
N TYR D 392 -0.35 15.25 -11.77
CA TYR D 392 0.05 14.03 -11.01
C TYR D 392 1.55 13.78 -11.20
N GLU D 393 2.38 14.43 -10.39
CA GLU D 393 3.87 14.40 -10.55
C GLU D 393 4.51 13.48 -9.51
N THR D 394 4.12 13.56 -8.24
CA THR D 394 4.69 12.73 -7.14
C THR D 394 3.67 11.73 -6.61
N PRO D 395 3.80 10.42 -6.92
CA PRO D 395 2.87 9.43 -6.35
C PRO D 395 2.88 9.48 -4.82
N ASP D 396 1.72 9.21 -4.22
CA ASP D 396 1.51 9.18 -2.74
C ASP D 396 1.41 7.72 -2.31
N PRO D 397 2.19 7.27 -1.30
CA PRO D 397 2.26 5.86 -0.93
C PRO D 397 0.96 5.30 -0.32
N GLU D 398 0.13 6.16 0.28
CA GLU D 398 -1.18 5.75 0.88
C GLU D 398 -2.25 5.64 -0.21
N ILE D 399 -2.10 6.35 -1.34
CA ILE D 399 -3.09 6.27 -2.47
C ILE D 399 -2.92 4.90 -3.12
N ASP D 400 -1.76 4.64 -3.71
CA ASP D 400 -1.40 3.33 -4.32
C ASP D 400 -2.45 2.96 -5.38
N LEU D 401 -2.71 3.87 -6.32
CA LEU D 401 -3.67 3.64 -7.43
C LEU D 401 -2.94 3.77 -8.76
N ASP D 402 -3.54 3.22 -9.82
CA ASP D 402 -3.00 3.30 -11.20
C ASP D 402 -3.58 4.55 -11.85
N VAL D 403 -3.10 5.71 -11.40
CA VAL D 403 -3.58 7.03 -11.86
C VAL D 403 -3.08 7.25 -13.29
N VAL D 404 -3.98 7.18 -14.27
CA VAL D 404 -3.67 7.61 -15.65
C VAL D 404 -3.09 9.02 -15.57
N ALA D 405 -1.92 9.24 -16.18
CA ALA D 405 -1.14 10.48 -16.04
C ALA D 405 -0.08 10.59 -17.13
N GLY D 406 0.31 11.83 -17.44
CA GLY D 406 1.39 12.15 -18.40
C GLY D 406 0.89 12.14 -19.82
N GLU D 407 0.29 11.02 -20.26
CA GLU D 407 -0.32 10.86 -21.60
C GLU D 407 -1.64 10.12 -21.48
N PRO D 408 -2.57 10.32 -22.44
CA PRO D 408 -3.80 9.53 -22.48
C PRO D 408 -3.48 8.05 -22.60
N ARG D 409 -4.29 7.20 -21.97
CA ARG D 409 -4.13 5.75 -22.05
C ARG D 409 -5.25 5.19 -22.92
N TYR D 410 -4.89 4.50 -23.99
CA TYR D 410 -5.86 3.85 -24.91
C TYR D 410 -6.07 2.43 -24.42
N GLY D 411 -7.26 1.88 -24.67
CA GLY D 411 -7.54 0.52 -24.16
C GLY D 411 -8.93 0.05 -24.53
N ASP D 412 -9.10 -1.27 -24.51
CA ASP D 412 -10.40 -1.94 -24.72
C ASP D 412 -11.15 -1.88 -23.39
N TYR D 413 -11.64 -0.69 -23.03
CA TYR D 413 -12.38 -0.46 -21.76
C TYR D 413 -13.81 -0.94 -21.96
N ARG D 414 -14.14 -2.12 -21.41
CA ARG D 414 -15.49 -2.73 -21.51
C ARG D 414 -16.43 -2.06 -20.50
N TYR D 415 -16.01 -1.95 -19.25
CA TYR D 415 -16.84 -1.41 -18.14
C TYR D 415 -16.05 -0.39 -17.33
N ALA D 416 -16.74 0.66 -16.85
CA ALA D 416 -16.19 1.68 -15.94
C ALA D 416 -17.20 2.06 -14.86
N VAL D 417 -16.69 2.63 -13.76
CA VAL D 417 -17.51 3.21 -12.66
C VAL D 417 -17.15 4.68 -12.51
N ASN D 418 -18.17 5.53 -12.37
CA ASN D 418 -18.00 6.98 -12.11
C ASN D 418 -18.39 7.23 -10.65
N ASN D 419 -17.42 7.70 -9.87
CA ASN D 419 -17.60 7.97 -8.41
C ASN D 419 -18.04 9.41 -8.21
N SER D 420 -18.92 9.63 -7.22
CA SER D 420 -19.32 10.97 -6.73
C SER D 420 -19.60 10.91 -5.23
N PHE D 421 -18.73 11.51 -4.41
CA PHE D 421 -18.88 11.56 -2.93
C PHE D 421 -19.08 13.01 -2.47
N GLY D 422 -20.29 13.32 -2.00
CA GLY D 422 -20.72 14.69 -1.66
C GLY D 422 -20.61 14.99 -0.17
N PHE D 423 -20.58 16.28 0.17
CA PHE D 423 -20.49 16.79 1.56
C PHE D 423 -21.78 16.48 2.30
N GLY D 424 -21.66 15.80 3.44
CA GLY D 424 -22.81 15.23 4.18
C GLY D 424 -22.71 13.72 4.20
N GLY D 425 -21.81 13.16 3.38
CA GLY D 425 -21.47 11.73 3.36
C GLY D 425 -22.22 10.99 2.27
N HIS D 426 -22.59 11.69 1.19
CA HIS D 426 -23.44 11.14 0.08
C HIS D 426 -22.55 10.41 -0.92
N ASN D 427 -22.88 9.16 -1.18
CA ASN D 427 -22.08 8.29 -2.07
C ASN D 427 -22.93 7.86 -3.26
N VAL D 428 -22.47 8.23 -4.45
CA VAL D 428 -23.09 7.77 -5.73
C VAL D 428 -21.99 7.17 -6.60
N ALA D 429 -22.22 5.94 -7.04
CA ALA D 429 -21.39 5.23 -8.02
C ALA D 429 -22.32 4.75 -9.13
N LEU D 430 -21.99 5.10 -10.37
CA LEU D 430 -22.75 4.70 -11.59
C LEU D 430 -21.89 3.72 -12.37
N ALA D 431 -22.47 2.59 -12.80
CA ALA D 431 -21.77 1.59 -13.65
C ALA D 431 -22.18 1.79 -15.10
N PHE D 432 -21.23 2.19 -15.94
CA PHE D 432 -21.37 2.24 -17.42
C PHE D 432 -20.63 1.06 -18.05
N GLY D 433 -21.11 0.65 -19.22
CA GLY D 433 -20.38 -0.27 -20.12
C GLY D 433 -20.32 0.28 -21.54
N ARG D 434 -19.35 -0.16 -22.33
CA ARG D 434 -19.25 0.15 -23.78
C ARG D 434 -20.41 -0.54 -24.51
N TYR D 435 -20.88 0.03 -25.61
CA TYR D 435 -22.02 -0.50 -26.41
C TYR D 435 -21.52 -1.49 -27.47
N SER E 21 17.78 44.18 16.74
CA SER E 21 16.39 44.10 17.29
C SER E 21 16.21 42.80 18.09
N GLN E 22 14.95 42.44 18.40
CA GLN E 22 14.60 41.23 19.20
C GLN E 22 14.70 39.99 18.31
N PRO E 23 15.40 38.92 18.75
CA PRO E 23 15.49 37.69 17.97
C PRO E 23 14.20 36.86 18.06
N SER E 24 13.91 36.08 17.03
CA SER E 24 12.74 35.16 16.98
C SER E 24 13.05 33.96 16.10
N THR E 25 12.13 32.99 16.06
CA THR E 25 12.19 31.81 15.17
C THR E 25 11.81 32.23 13.74
N ALA E 26 10.89 33.19 13.61
CA ALA E 26 10.48 33.79 12.31
C ALA E 26 11.69 34.44 11.65
N ASN E 27 12.31 35.42 12.33
CA ASN E 27 13.40 36.26 11.75
C ASN E 27 14.77 35.59 11.94
N GLY E 28 14.80 34.26 12.11
CA GLY E 28 16.05 33.47 12.09
C GLY E 28 16.94 33.73 13.28
N GLY E 29 16.48 34.53 14.25
CA GLY E 29 17.21 34.83 15.50
C GLY E 29 17.58 33.56 16.23
N PHE E 30 16.61 32.66 16.39
CA PHE E 30 16.80 31.33 17.01
C PHE E 30 16.87 30.28 15.92
N PRO E 31 17.63 29.17 16.13
CA PRO E 31 17.58 28.04 15.20
C PRO E 31 16.14 27.53 15.09
N SER E 32 15.81 26.95 13.94
CA SER E 32 14.54 26.20 13.74
C SER E 32 14.66 24.85 14.45
N VAL E 33 13.73 24.57 15.38
CA VAL E 33 13.63 23.27 16.08
C VAL E 33 12.43 22.53 15.50
N VAL E 34 12.54 21.20 15.44
CA VAL E 34 11.52 20.32 14.81
C VAL E 34 11.32 19.09 15.69
N VAL E 35 10.06 18.66 15.82
CA VAL E 35 9.70 17.37 16.48
C VAL E 35 9.84 16.26 15.43
N THR E 36 10.47 15.14 15.80
CA THR E 36 10.80 14.03 14.86
C THR E 36 10.49 12.65 15.43
N ALA E 37 9.91 12.54 16.62
CA ALA E 37 9.51 11.25 17.22
C ALA E 37 8.72 11.51 18.51
N VAL E 38 7.54 10.92 18.60
CA VAL E 38 6.68 11.04 19.82
C VAL E 38 6.31 9.65 20.29
N THR E 39 6.14 9.52 21.59
CA THR E 39 5.62 8.28 22.23
C THR E 39 4.74 8.69 23.41
N ALA E 40 3.80 7.83 23.75
CA ALA E 40 2.86 8.05 24.87
C ALA E 40 2.14 6.76 25.19
N THR E 41 2.05 6.44 26.48
CA THR E 41 1.14 5.41 27.03
C THR E 41 -0.04 6.17 27.64
N THR E 42 -1.24 5.61 27.56
CA THR E 42 -2.46 6.29 28.05
C THR E 42 -3.53 5.28 28.47
N SER E 43 -4.65 5.81 28.96
CA SER E 43 -5.85 5.06 29.40
C SER E 43 -6.47 4.33 28.21
N ILE E 44 -6.39 4.93 27.01
CA ILE E 44 -6.88 4.33 25.74
C ILE E 44 -5.93 3.21 25.32
N SER E 45 -4.72 3.56 24.89
CA SER E 45 -3.74 2.62 24.28
C SER E 45 -2.35 2.79 24.89
N PRO E 46 -1.49 1.74 24.82
CA PRO E 46 -0.05 1.90 24.99
C PRO E 46 0.66 2.56 23.79
N ASP E 47 0.05 2.48 22.62
CA ASP E 47 0.58 3.04 21.34
C ASP E 47 -0.10 4.39 21.08
N ILE E 48 0.68 5.46 21.00
CA ILE E 48 0.16 6.85 20.71
C ILE E 48 -0.70 6.82 19.44
N GLU E 49 -0.39 5.93 18.49
CA GLU E 49 -1.05 5.90 17.17
C GLU E 49 -2.48 5.35 17.31
N SER E 50 -2.68 4.32 18.14
CA SER E 50 -4.03 3.80 18.51
C SER E 50 -4.76 4.85 19.33
N THR E 51 -4.09 5.45 20.32
CA THR E 51 -4.62 6.51 21.22
C THR E 51 -5.15 7.70 20.38
N TRP E 52 -4.51 8.01 19.25
CA TRP E 52 -4.88 9.17 18.39
C TRP E 52 -6.11 8.82 17.56
N LYS E 53 -6.20 7.55 17.12
CA LYS E 53 -7.38 7.02 16.37
C LYS E 53 -8.62 7.13 17.25
N GLY E 54 -8.56 6.54 18.45
CA GLY E 54 -9.66 6.51 19.42
C GLY E 54 -10.20 7.88 19.75
N LEU E 55 -9.34 8.87 19.93
CA LEU E 55 -9.76 10.27 20.24
C LEU E 55 -10.58 10.84 19.08
N LEU E 56 -10.15 10.57 17.85
CA LEU E 56 -10.86 10.98 16.60
C LEU E 56 -12.18 10.20 16.49
N ALA E 57 -12.17 8.90 16.81
CA ALA E 57 -13.37 8.04 16.90
C ALA E 57 -14.36 8.61 17.91
N GLY E 58 -13.87 9.26 18.97
CA GLY E 58 -14.68 9.76 20.09
C GLY E 58 -14.58 8.83 21.29
N GLU E 59 -13.52 8.03 21.37
CA GLU E 59 -13.28 7.10 22.49
C GLU E 59 -12.92 7.90 23.74
N SER E 60 -12.88 7.20 24.88
CA SER E 60 -12.64 7.77 26.22
C SER E 60 -11.93 6.73 27.08
N GLY E 61 -10.85 7.11 27.74
CA GLY E 61 -10.08 6.22 28.62
C GLY E 61 -10.76 6.05 29.96
N ILE E 62 -11.64 6.98 30.31
CA ILE E 62 -12.31 7.03 31.65
C ILE E 62 -13.28 5.85 31.76
N HIS E 63 -13.13 5.08 32.83
CA HIS E 63 -13.99 3.92 33.17
C HIS E 63 -14.35 4.01 34.65
N ALA E 64 -15.16 3.06 35.12
CA ALA E 64 -15.45 2.85 36.55
C ALA E 64 -14.24 2.14 37.17
N LEU E 65 -13.71 2.66 38.28
CA LEU E 65 -12.50 2.09 38.92
C LEU E 65 -12.87 0.75 39.57
N GLU E 66 -12.14 -0.30 39.20
CA GLU E 66 -12.41 -1.70 39.63
C GLU E 66 -11.61 -2.03 40.89
N ASP E 67 -10.66 -1.17 41.27
CA ASP E 67 -9.54 -1.50 42.20
C ASP E 67 -10.08 -1.76 43.61
N GLU E 68 -9.35 -2.59 44.39
CA GLU E 68 -9.73 -3.03 45.75
C GLU E 68 -9.85 -1.84 46.71
N PHE E 69 -9.03 -0.79 46.53
CA PHE E 69 -9.00 0.40 47.43
C PHE E 69 -10.28 1.23 47.25
N VAL E 70 -10.96 1.11 46.10
CA VAL E 70 -12.18 1.92 45.78
C VAL E 70 -13.34 1.47 46.67
N THR E 71 -13.33 0.23 47.14
CA THR E 71 -14.35 -0.31 48.09
C THR E 71 -13.79 -0.32 49.51
N LYS E 72 -12.46 -0.40 49.68
CA LYS E 72 -11.79 -0.38 51.00
C LYS E 72 -12.13 0.91 51.74
N TRP E 73 -11.94 2.06 51.07
CA TRP E 73 -12.07 3.42 51.66
C TRP E 73 -13.42 4.07 51.30
N ASP E 74 -14.16 3.49 50.35
CA ASP E 74 -15.47 4.01 49.89
C ASP E 74 -15.27 5.47 49.45
N LEU E 75 -14.55 5.66 48.34
CA LEU E 75 -14.05 7.00 47.93
C LEU E 75 -15.16 7.82 47.26
N ALA E 76 -15.13 9.14 47.47
CA ALA E 76 -16.03 10.13 46.82
C ALA E 76 -15.88 10.05 45.30
N VAL E 77 -14.67 9.71 44.82
CA VAL E 77 -14.36 9.58 43.37
C VAL E 77 -14.10 8.11 43.05
N LYS E 78 -14.98 7.49 42.25
CA LYS E 78 -14.93 6.04 41.91
C LYS E 78 -14.71 5.85 40.41
N ILE E 79 -14.15 6.85 39.71
CA ILE E 79 -13.90 6.83 38.24
C ILE E 79 -12.44 7.19 37.97
N GLY E 80 -11.93 6.84 36.78
CA GLY E 80 -10.59 7.25 36.33
C GLY E 80 -10.01 6.34 35.26
N GLY E 81 -9.03 6.88 34.54
CA GLY E 81 -8.39 6.21 33.38
C GLY E 81 -7.07 5.58 33.76
N HIS E 82 -7.09 4.33 34.26
CA HIS E 82 -5.88 3.49 34.39
C HIS E 82 -5.22 3.38 33.01
N LEU E 83 -3.92 3.13 32.96
CA LEU E 83 -3.21 2.80 31.70
C LEU E 83 -3.79 1.48 31.18
N LYS E 84 -4.10 1.44 29.88
CA LYS E 84 -4.55 0.20 29.19
C LYS E 84 -3.50 -0.90 29.40
N ASP E 85 -2.22 -0.56 29.20
CA ASP E 85 -1.08 -1.52 29.29
C ASP E 85 -0.22 -1.21 30.51
N PRO E 86 -0.43 -1.88 31.67
CA PRO E 86 0.29 -1.54 32.89
C PRO E 86 1.81 -1.66 32.73
N VAL E 87 2.51 -0.54 32.96
CA VAL E 87 3.99 -0.40 32.88
C VAL E 87 4.68 -1.66 33.42
N ASP E 88 4.30 -2.11 34.62
CA ASP E 88 4.98 -3.21 35.36
C ASP E 88 4.82 -4.56 34.64
N SER E 89 3.90 -4.67 33.68
CA SER E 89 3.78 -5.88 32.81
C SER E 89 5.08 -6.06 32.01
N HIS E 90 5.78 -4.97 31.68
CA HIS E 90 7.01 -4.97 30.85
C HIS E 90 8.29 -4.82 31.67
N MET E 91 8.28 -5.15 32.97
CA MET E 91 9.45 -4.85 33.84
C MET E 91 9.96 -6.11 34.55
N GLY E 92 11.29 -6.28 34.55
CA GLY E 92 11.99 -7.44 35.15
C GLY E 92 11.88 -7.44 36.67
N ARG E 93 12.55 -8.39 37.33
CA ARG E 93 12.48 -8.55 38.81
C ARG E 93 13.41 -7.53 39.49
N LEU E 94 14.49 -7.12 38.82
CA LEU E 94 15.46 -6.12 39.36
C LEU E 94 14.88 -4.71 39.21
N ASP E 95 14.27 -4.40 38.06
CA ASP E 95 13.67 -3.06 37.78
C ASP E 95 12.54 -2.76 38.77
N MET E 96 11.88 -3.80 39.30
CA MET E 96 10.79 -3.65 40.30
C MET E 96 11.39 -3.35 41.69
N ARG E 97 12.67 -3.67 41.91
CA ARG E 97 13.36 -3.43 43.19
C ARG E 97 14.29 -2.20 43.10
N ARG E 98 14.78 -1.87 41.91
CA ARG E 98 15.83 -0.82 41.71
C ARG E 98 15.27 0.45 41.09
N MET E 99 13.98 0.52 40.79
CA MET E 99 13.39 1.74 40.18
C MET E 99 12.07 2.08 40.86
N SER E 100 11.73 3.38 40.84
CA SER E 100 10.41 3.91 41.24
C SER E 100 9.46 3.71 40.07
N TYR E 101 8.15 3.81 40.29
CA TYR E 101 7.16 3.65 39.20
C TYR E 101 7.46 4.64 38.07
N VAL E 102 7.61 5.93 38.40
CA VAL E 102 7.81 7.01 37.39
C VAL E 102 9.08 6.73 36.59
N GLN E 103 10.10 6.15 37.23
CA GLN E 103 11.37 5.74 36.57
C GLN E 103 11.08 4.60 35.59
N ARG E 104 10.47 3.52 36.10
CA ARG E 104 10.09 2.30 35.32
C ARG E 104 9.30 2.71 34.08
N MET E 105 8.48 3.75 34.20
CA MET E 105 7.73 4.37 33.08
C MET E 105 8.70 5.18 32.21
N GLY E 106 9.57 5.96 32.85
CA GLY E 106 10.61 6.76 32.17
C GLY E 106 11.47 5.90 31.28
N LYS E 107 11.94 4.76 31.82
CA LYS E 107 12.71 3.75 31.05
C LYS E 107 11.89 3.34 29.82
N LEU E 108 10.72 2.71 30.05
CA LEU E 108 9.86 2.15 28.98
C LEU E 108 9.65 3.21 27.89
N LEU E 109 9.05 4.35 28.23
CA LEU E 109 8.77 5.45 27.25
C LEU E 109 10.07 5.86 26.55
N GLY E 110 11.21 5.73 27.24
CA GLY E 110 12.54 6.08 26.72
C GLY E 110 12.91 5.19 25.55
N GLY E 111 13.12 3.90 25.83
CA GLY E 111 13.41 2.86 24.82
C GLY E 111 12.46 2.93 23.64
N GLN E 112 11.14 3.00 23.89
CA GLN E 112 10.08 3.02 22.85
C GLN E 112 10.26 4.25 21.94
N LEU E 113 10.56 5.42 22.50
CA LEU E 113 10.75 6.65 21.68
C LEU E 113 12.01 6.51 20.84
N TRP E 114 13.04 5.87 21.40
CA TRP E 114 14.35 5.69 20.72
C TRP E 114 14.14 4.77 19.51
N GLU E 115 13.56 3.59 19.76
CA GLU E 115 13.25 2.57 18.70
C GLU E 115 12.39 3.21 17.60
N SER E 116 11.43 4.06 17.97
CA SER E 116 10.54 4.79 17.03
C SER E 116 11.30 5.93 16.33
N ALA E 117 12.53 6.23 16.75
CA ALA E 117 13.43 7.20 16.08
C ALA E 117 14.41 6.47 15.17
N GLY E 118 14.36 5.13 15.16
CA GLY E 118 15.30 4.26 14.42
C GLY E 118 16.55 3.96 15.22
N SER E 119 16.53 4.25 16.52
CA SER E 119 17.70 4.18 17.43
C SER E 119 18.88 4.93 16.83
N PRO E 120 18.77 6.26 16.62
CA PRO E 120 19.78 7.02 15.90
C PRO E 120 21.07 7.16 16.71
N GLU E 121 22.20 7.23 16.00
CA GLU E 121 23.50 7.62 16.56
C GLU E 121 23.52 9.14 16.68
N VAL E 122 23.72 9.64 17.90
CA VAL E 122 23.81 11.11 18.13
C VAL E 122 25.05 11.39 18.95
N ASP E 123 25.43 12.67 18.98
CA ASP E 123 26.55 13.18 19.79
C ASP E 123 26.05 13.33 21.22
N PRO E 124 26.50 12.52 22.20
CA PRO E 124 26.02 12.65 23.57
C PRO E 124 26.26 14.06 24.13
N ASP E 125 27.40 14.67 23.78
CA ASP E 125 27.83 16.00 24.28
C ASP E 125 26.90 17.10 23.76
N ARG E 126 25.95 16.77 22.88
CA ARG E 126 24.97 17.74 22.30
C ARG E 126 23.55 17.20 22.47
N PHE E 127 23.36 16.27 23.40
CA PHE E 127 22.09 15.53 23.59
C PHE E 127 21.55 15.79 25.01
N ALA E 128 20.47 16.57 25.10
CA ALA E 128 19.78 16.91 26.37
C ALA E 128 18.57 15.99 26.58
N VAL E 129 18.22 15.76 27.85
CA VAL E 129 16.94 15.09 28.26
C VAL E 129 16.31 15.96 29.34
N VAL E 130 15.06 16.37 29.13
CA VAL E 130 14.25 17.14 30.12
C VAL E 130 12.95 16.37 30.34
N VAL E 131 12.65 15.96 31.57
CA VAL E 131 11.47 15.09 31.83
C VAL E 131 10.82 15.50 33.15
N GLY E 132 9.76 16.29 33.05
CA GLY E 132 8.99 16.81 34.19
C GLY E 132 8.18 15.72 34.88
N THR E 133 7.74 16.02 36.11
CA THR E 133 6.87 15.17 36.94
C THR E 133 6.08 16.06 37.89
N GLY E 134 5.03 15.53 38.50
CA GLY E 134 4.28 16.21 39.56
C GLY E 134 5.01 16.12 40.89
N LEU E 135 5.34 14.90 41.32
CA LEU E 135 5.74 14.60 42.72
C LEU E 135 7.08 13.87 42.75
N GLY E 136 7.18 12.78 41.99
CA GLY E 136 8.42 11.98 41.84
C GLY E 136 8.20 10.55 42.27
N GLY E 137 9.23 9.92 42.88
CA GLY E 137 9.19 8.51 43.30
C GLY E 137 8.68 8.37 44.74
N ALA E 138 7.47 8.88 45.02
CA ALA E 138 6.94 9.10 46.39
C ALA E 138 6.53 7.79 47.06
N GLU E 139 6.30 6.71 46.30
CA GLU E 139 5.85 5.41 46.86
C GLU E 139 6.99 4.78 47.67
N ARG E 140 8.22 5.16 47.34
CA ARG E 140 9.45 4.64 48.00
C ARG E 140 9.66 5.37 49.32
N ILE E 141 9.07 6.56 49.46
CA ILE E 141 9.09 7.32 50.74
C ILE E 141 8.22 6.57 51.75
N VAL E 142 6.96 6.33 51.40
CA VAL E 142 5.98 5.62 52.30
C VAL E 142 6.51 4.19 52.54
N GLU E 143 7.08 3.57 51.50
CA GLU E 143 7.66 2.21 51.60
C GLU E 143 8.81 2.24 52.61
N SER E 144 9.73 3.19 52.44
CA SER E 144 10.96 3.34 53.26
C SER E 144 10.58 3.72 54.68
N TYR E 145 9.67 4.69 54.81
CA TYR E 145 9.04 5.09 56.10
C TYR E 145 8.57 3.82 56.81
N ASP E 146 7.70 3.05 56.14
CA ASP E 146 7.12 1.79 56.68
C ASP E 146 8.24 0.80 57.01
N LEU E 147 9.17 0.59 56.08
CA LEU E 147 10.26 -0.42 56.24
C LEU E 147 11.16 -0.08 57.42
N MET E 148 11.38 1.21 57.69
CA MET E 148 12.22 1.67 58.82
C MET E 148 11.44 1.51 60.14
N ASN E 149 10.21 2.02 60.20
CA ASN E 149 9.34 1.91 61.40
C ASN E 149 9.21 0.44 61.80
N ALA E 150 9.01 -0.46 60.82
CA ALA E 150 8.79 -1.91 61.03
C ALA E 150 10.06 -2.58 61.56
N GLY E 151 11.22 -2.27 60.98
CA GLY E 151 12.49 -2.96 61.30
C GLY E 151 13.56 -2.03 61.86
N GLY E 152 13.94 -1.02 61.08
CA GLY E 152 15.00 -0.06 61.45
C GLY E 152 15.72 0.49 60.22
N PRO E 153 16.78 1.32 60.41
CA PRO E 153 17.48 1.94 59.29
C PRO E 153 18.08 0.93 58.30
N ARG E 154 18.59 -0.19 58.82
CA ARG E 154 19.26 -1.26 58.02
C ARG E 154 18.30 -1.82 56.96
N LYS E 155 16.99 -1.78 57.23
CA LYS E 155 15.96 -2.34 56.31
C LYS E 155 15.78 -1.41 55.11
N VAL E 156 16.09 -0.12 55.25
CA VAL E 156 15.95 0.89 54.15
C VAL E 156 16.90 0.50 53.00
N SER E 157 16.38 0.56 51.78
CA SER E 157 17.13 0.20 50.55
C SER E 157 18.26 1.20 50.33
N PRO E 158 19.46 0.74 49.92
CA PRO E 158 20.52 1.63 49.47
C PRO E 158 20.08 2.56 48.33
N LEU E 159 19.21 2.05 47.44
CA LEU E 159 18.79 2.79 46.21
C LEU E 159 17.67 3.77 46.53
N ALA E 160 17.11 3.73 47.75
CA ALA E 160 15.98 4.57 48.18
C ALA E 160 16.14 6.00 47.63
N VAL E 161 17.32 6.59 47.76
CA VAL E 161 17.59 8.01 47.40
C VAL E 161 17.28 8.22 45.91
N GLN E 162 17.93 7.43 45.05
CA GLN E 162 17.93 7.57 43.57
C GLN E 162 16.54 7.25 42.99
N MET E 163 15.76 6.41 43.69
CA MET E 163 14.35 6.11 43.32
C MET E 163 13.47 7.28 43.77
N ILE E 164 13.65 7.74 45.01
CA ILE E 164 12.81 8.78 45.67
C ILE E 164 13.00 10.13 44.97
N MET E 165 14.23 10.47 44.59
CA MET E 165 14.58 11.82 44.08
C MET E 165 13.78 12.11 42.83
N PRO E 166 13.03 13.24 42.80
CA PRO E 166 12.16 13.60 41.67
C PRO E 166 12.85 13.65 40.29
N ASN E 167 14.13 14.01 40.28
CA ASN E 167 14.96 14.05 39.04
C ASN E 167 15.18 12.62 38.51
N GLY E 168 14.95 11.61 39.35
CA GLY E 168 15.21 10.19 39.06
C GLY E 168 14.68 9.73 37.70
N ALA E 169 13.55 10.29 37.25
CA ALA E 169 12.91 9.92 35.96
C ALA E 169 13.83 10.33 34.80
N ALA E 170 14.17 11.62 34.72
CA ALA E 170 15.01 12.20 33.64
C ALA E 170 16.43 11.64 33.71
N ALA E 171 16.88 11.25 34.91
CA ALA E 171 18.24 10.71 35.16
C ALA E 171 18.32 9.27 34.65
N VAL E 172 17.24 8.49 34.79
CA VAL E 172 17.19 7.08 34.30
C VAL E 172 17.19 7.09 32.77
N ILE E 173 16.49 8.05 32.17
CA ILE E 173 16.38 8.20 30.69
C ILE E 173 17.72 8.70 30.12
N GLY E 174 18.28 9.77 30.70
CA GLY E 174 19.56 10.35 30.26
C GLY E 174 20.66 9.31 30.23
N LEU E 175 20.71 8.47 31.27
CA LEU E 175 21.66 7.33 31.41
C LEU E 175 21.40 6.32 30.29
N GLN E 176 20.15 5.91 30.11
CA GLN E 176 19.71 4.83 29.18
C GLN E 176 20.02 5.21 27.73
N LEU E 177 19.76 6.46 27.33
CA LEU E 177 19.99 6.95 25.94
C LEU E 177 21.35 7.65 25.85
N GLY E 178 22.02 7.88 26.98
CA GLY E 178 23.35 8.52 27.03
C GLY E 178 23.29 9.98 26.63
N ALA E 179 22.43 10.77 27.29
CA ALA E 179 22.33 12.24 27.13
C ALA E 179 23.37 12.92 28.03
N ARG E 180 24.19 13.81 27.48
CA ARG E 180 25.34 14.41 28.21
C ARG E 180 25.39 15.95 28.11
N ALA E 181 24.44 16.60 27.44
CA ALA E 181 24.33 18.08 27.41
C ALA E 181 23.28 18.56 28.43
N GLY E 182 23.00 17.76 29.45
CA GLY E 182 22.12 18.18 30.56
C GLY E 182 20.87 17.33 30.67
N VAL E 183 20.68 16.75 31.86
CA VAL E 183 19.42 16.14 32.32
C VAL E 183 18.76 17.12 33.29
N MET E 184 17.53 17.53 33.03
CA MET E 184 16.82 18.53 33.86
C MET E 184 15.45 17.99 34.25
N THR E 185 14.89 18.54 35.32
CA THR E 185 13.54 18.16 35.84
C THR E 185 12.86 19.40 36.42
N PRO E 186 11.94 20.03 35.67
CA PRO E 186 11.10 21.08 36.23
C PRO E 186 9.88 20.45 36.87
N VAL E 187 9.55 20.91 38.07
CA VAL E 187 8.26 20.63 38.73
C VAL E 187 7.50 21.95 38.76
N SER E 188 6.36 22.01 38.09
CA SER E 188 5.35 23.08 38.26
C SER E 188 3.96 22.44 38.26
N ALA E 189 3.82 21.31 38.97
CA ALA E 189 2.53 20.61 39.17
C ALA E 189 1.95 20.21 37.82
N CYS E 190 0.83 20.80 37.40
CA CYS E 190 0.05 20.37 36.22
C CYS E 190 0.69 20.84 34.91
N SER E 191 1.66 21.75 34.95
CA SER E 191 2.40 22.24 33.75
C SER E 191 3.83 21.71 33.73
N SER E 192 4.09 20.56 34.36
CA SER E 192 5.45 19.98 34.55
C SER E 192 5.95 19.34 33.23
N GLY E 193 5.07 18.70 32.49
CA GLY E 193 5.37 18.13 31.16
C GLY E 193 5.54 19.21 30.11
N SER E 194 4.70 20.26 30.15
CA SER E 194 4.80 21.41 29.22
C SER E 194 6.09 22.20 29.51
N GLU E 195 6.44 22.39 30.79
CA GLU E 195 7.62 23.20 31.20
C GLU E 195 8.90 22.51 30.73
N ALA E 196 8.98 21.18 30.90
CA ALA E 196 10.11 20.34 30.47
C ALA E 196 10.43 20.60 28.99
N ILE E 197 9.39 20.56 28.14
CA ILE E 197 9.51 20.85 26.67
C ILE E 197 9.97 22.29 26.49
N ALA E 198 9.41 23.21 27.29
CA ALA E 198 9.76 24.65 27.24
C ALA E 198 11.27 24.80 27.44
N HIS E 199 11.84 24.13 28.43
CA HIS E 199 13.27 24.27 28.82
C HIS E 199 14.17 23.56 27.81
N ALA E 200 13.75 22.41 27.28
CA ALA E 200 14.52 21.61 26.30
C ALA E 200 14.66 22.39 24.99
N TRP E 201 13.62 23.13 24.60
CA TRP E 201 13.65 24.08 23.47
C TRP E 201 14.71 25.16 23.73
N ARG E 202 14.66 25.80 24.91
CA ARG E 202 15.60 26.87 25.33
C ARG E 202 17.04 26.35 25.36
N GLN E 203 17.25 25.12 25.84
CA GLN E 203 18.58 24.46 25.88
C GLN E 203 19.13 24.45 24.46
N ILE E 204 18.31 24.03 23.49
CA ILE E 204 18.68 23.90 22.05
C ILE E 204 18.87 25.29 21.43
N VAL E 205 18.01 26.23 21.77
CA VAL E 205 17.96 27.58 21.14
C VAL E 205 19.13 28.45 21.63
N MET E 206 19.76 28.10 22.75
CA MET E 206 20.84 28.94 23.34
C MET E 206 22.22 28.32 23.10
N GLY E 207 22.27 27.10 22.54
CA GLY E 207 23.49 26.52 21.95
C GLY E 207 24.10 25.40 22.77
N ASP E 208 23.32 24.72 23.61
CA ASP E 208 23.86 23.70 24.55
C ASP E 208 23.61 22.28 24.03
N ALA E 209 22.59 22.08 23.21
CA ALA E 209 22.32 20.76 22.57
C ALA E 209 21.63 20.94 21.23
N ASP E 210 21.69 19.89 20.40
CA ASP E 210 21.09 19.85 19.05
C ASP E 210 19.91 18.88 19.03
N VAL E 211 19.83 17.98 20.01
CA VAL E 211 18.80 16.90 20.08
C VAL E 211 18.39 16.71 21.55
N ALA E 212 17.09 16.76 21.84
CA ALA E 212 16.54 16.64 23.21
C ALA E 212 15.37 15.65 23.25
N VAL E 213 15.47 14.62 24.11
CA VAL E 213 14.31 13.76 24.51
C VAL E 213 13.59 14.46 25.66
N CYS E 214 12.39 14.98 25.42
CA CYS E 214 11.70 15.86 26.41
C CYS E 214 10.21 15.55 26.51
N GLY E 215 9.70 15.55 27.74
CA GLY E 215 8.25 15.48 28.02
C GLY E 215 7.96 15.42 29.51
N GLY E 216 7.19 14.43 29.92
CA GLY E 216 6.71 14.33 31.30
C GLY E 216 6.23 12.94 31.62
N VAL E 217 6.35 12.56 32.88
CA VAL E 217 5.86 11.26 33.42
C VAL E 217 5.07 11.55 34.68
N GLU E 218 4.40 10.52 35.19
CA GLU E 218 3.54 10.67 36.39
C GLU E 218 3.05 9.29 36.84
N GLY E 219 2.82 9.17 38.15
CA GLY E 219 2.47 7.89 38.80
C GLY E 219 1.05 7.44 38.48
N PRO E 220 0.61 6.34 39.12
CA PRO E 220 -0.72 5.77 38.90
C PRO E 220 -1.82 6.31 39.83
N ILE E 221 -3.08 6.07 39.44
CA ILE E 221 -4.30 6.32 40.27
C ILE E 221 -4.21 5.46 41.53
N GLU E 222 -4.53 6.05 42.69
CA GLU E 222 -4.48 5.31 43.98
C GLU E 222 -5.35 5.98 45.04
N ALA E 223 -5.42 5.32 46.21
CA ALA E 223 -6.22 5.74 47.38
C ALA E 223 -5.84 7.17 47.78
N LEU E 224 -4.56 7.40 48.09
CA LEU E 224 -4.07 8.66 48.74
C LEU E 224 -4.13 9.83 47.75
N PRO E 225 -3.67 9.69 46.49
CA PRO E 225 -3.85 10.75 45.50
C PRO E 225 -5.30 11.22 45.29
N ILE E 226 -6.25 10.28 45.27
CA ILE E 226 -7.71 10.59 45.08
C ILE E 226 -8.21 11.32 46.33
N ALA E 227 -7.76 10.91 47.51
CA ALA E 227 -8.10 11.58 48.79
C ALA E 227 -7.61 13.03 48.73
N ALA E 228 -6.33 13.22 48.37
CA ALA E 228 -5.65 14.53 48.42
C ALA E 228 -6.38 15.51 47.49
N PHE E 229 -6.66 15.09 46.26
CA PHE E 229 -7.32 15.95 45.25
C PHE E 229 -8.82 16.06 45.52
N SER E 230 -9.47 14.99 46.01
CA SER E 230 -10.89 14.98 46.46
C SER E 230 -11.14 16.18 47.36
N MET E 231 -10.30 16.27 48.40
CA MET E 231 -10.44 17.21 49.55
C MET E 231 -10.20 18.65 49.11
N MET E 232 -9.47 18.86 48.01
CA MET E 232 -9.35 20.19 47.34
C MET E 232 -10.71 20.59 46.74
N ARG E 233 -11.58 19.61 46.50
CA ARG E 233 -12.91 19.79 45.86
C ARG E 233 -12.69 20.36 44.45
N ALA E 234 -11.88 19.64 43.66
CA ALA E 234 -11.57 19.98 42.25
C ALA E 234 -11.84 18.78 41.35
N MET E 235 -12.18 17.62 41.92
CA MET E 235 -12.42 16.36 41.15
C MET E 235 -13.92 16.22 40.85
N SER E 236 -14.23 15.48 39.78
CA SER E 236 -15.61 15.10 39.39
C SER E 236 -16.07 13.95 40.28
N THR E 237 -17.35 13.95 40.68
CA THR E 237 -17.96 12.87 41.49
C THR E 237 -19.11 12.19 40.71
N ARG E 238 -19.10 12.31 39.37
CA ARG E 238 -20.15 11.75 38.49
C ARG E 238 -19.86 10.26 38.27
N ASN E 239 -20.04 9.46 39.31
CA ASN E 239 -19.57 8.04 39.37
C ASN E 239 -20.47 7.12 38.52
N ASP E 240 -21.73 7.47 38.31
CA ASP E 240 -22.72 6.65 37.55
C ASP E 240 -22.41 6.65 36.04
N GLU E 241 -21.72 7.68 35.54
CA GLU E 241 -21.47 7.90 34.08
C GLU E 241 -20.02 8.28 33.84
N PRO E 242 -19.06 7.37 34.13
CA PRO E 242 -17.64 7.68 34.01
C PRO E 242 -17.26 8.45 32.75
N GLU E 243 -17.72 7.95 31.60
CA GLU E 243 -17.25 8.39 30.26
C GLU E 243 -17.83 9.78 29.94
N ARG E 244 -18.72 10.29 30.80
CA ARG E 244 -19.34 11.63 30.65
C ARG E 244 -18.89 12.58 31.78
N ALA E 245 -18.09 12.11 32.74
CA ALA E 245 -17.65 12.85 33.94
C ALA E 245 -16.87 14.13 33.59
N SER E 246 -15.96 14.06 32.61
CA SER E 246 -15.02 15.14 32.25
C SER E 246 -15.63 16.05 31.18
N ARG E 247 -15.97 17.30 31.55
CA ARG E 247 -16.77 18.22 30.68
C ARG E 247 -16.09 19.59 30.59
N PRO E 248 -14.85 19.69 30.07
CA PRO E 248 -14.24 20.99 29.87
C PRO E 248 -15.20 21.97 29.20
N PHE E 249 -15.37 23.16 29.80
CA PHE E 249 -16.15 24.31 29.27
C PHE E 249 -17.67 24.05 29.29
N ASP E 250 -18.10 22.84 29.67
CA ASP E 250 -19.54 22.49 29.72
C ASP E 250 -20.18 23.20 30.91
N LYS E 251 -21.51 23.34 30.90
CA LYS E 251 -22.24 24.09 31.96
C LYS E 251 -22.31 23.24 33.23
N ASP E 252 -22.43 21.92 33.08
CA ASP E 252 -22.63 20.98 34.23
C ASP E 252 -21.31 20.38 34.67
N ARG E 253 -20.19 21.04 34.36
CA ARG E 253 -18.84 20.51 34.71
C ARG E 253 -18.69 20.54 36.23
N ASP E 254 -18.17 19.46 36.81
CA ASP E 254 -18.09 19.27 38.29
C ASP E 254 -16.67 18.85 38.70
N GLY E 255 -15.64 19.38 38.04
CA GLY E 255 -14.24 19.06 38.36
C GLY E 255 -13.61 18.13 37.34
N PHE E 256 -12.32 17.81 37.54
CA PHE E 256 -11.51 17.01 36.58
C PHE E 256 -11.62 15.53 36.90
N VAL E 257 -11.02 14.70 36.04
CA VAL E 257 -10.87 13.22 36.28
C VAL E 257 -9.41 12.82 36.08
N PHE E 258 -8.95 11.84 36.84
CA PHE E 258 -7.59 11.26 36.70
C PHE E 258 -7.55 10.37 35.45
N GLY E 259 -6.65 10.70 34.53
CA GLY E 259 -6.32 9.89 33.35
C GLY E 259 -4.83 9.65 33.29
N GLU E 260 -4.39 8.46 33.68
CA GLU E 260 -2.95 8.07 33.67
C GLU E 260 -2.39 8.30 32.26
N ALA E 261 -1.25 8.97 32.17
CA ALA E 261 -0.57 9.24 30.89
C ALA E 261 0.93 9.40 31.12
N GLY E 262 1.69 9.10 30.06
CA GLY E 262 3.12 9.41 29.96
C GLY E 262 3.45 9.75 28.53
N ALA E 263 4.17 10.84 28.31
CA ALA E 263 4.47 11.31 26.94
C ALA E 263 5.89 11.87 26.86
N LEU E 264 6.71 11.25 26.03
CA LEU E 264 8.04 11.77 25.63
C LEU E 264 7.99 12.17 24.16
N MET E 265 8.76 13.19 23.79
CA MET E 265 8.99 13.53 22.36
C MET E 265 10.48 13.77 22.12
N LEU E 266 10.93 13.50 20.90
CA LEU E 266 12.31 13.77 20.41
C LEU E 266 12.27 15.01 19.54
N ILE E 267 12.79 16.13 20.05
CA ILE E 267 12.96 17.38 19.27
C ILE E 267 14.43 17.49 18.87
N GLU E 268 14.71 18.32 17.87
CA GLU E 268 16.09 18.60 17.40
C GLU E 268 16.07 19.77 16.42
N THR E 269 17.23 20.35 16.12
CA THR E 269 17.37 21.38 15.07
C THR E 269 17.02 20.75 13.72
N GLU E 270 16.34 21.51 12.86
CA GLU E 270 16.01 21.08 11.48
C GLU E 270 17.27 20.49 10.85
N GLU E 271 18.38 21.22 10.99
CA GLU E 271 19.71 20.85 10.44
C GLU E 271 20.12 19.47 10.94
N HIS E 272 19.95 19.18 12.24
CA HIS E 272 20.29 17.86 12.84
C HIS E 272 19.31 16.79 12.37
N ALA E 273 18.01 17.11 12.29
CA ALA E 273 16.96 16.21 11.80
C ALA E 273 17.23 15.85 10.34
N LYS E 274 17.58 16.85 9.52
CA LYS E 274 17.82 16.70 8.05
C LYS E 274 19.05 15.83 7.81
N ALA E 275 20.14 16.05 8.57
CA ALA E 275 21.46 15.43 8.33
C ALA E 275 21.41 13.91 8.59
N ARG E 276 20.47 13.41 9.38
CA ARG E 276 20.29 11.94 9.63
C ARG E 276 19.04 11.43 8.91
N GLY E 277 18.37 12.29 8.14
CA GLY E 277 17.29 11.94 7.20
C GLY E 277 15.95 11.62 7.88
N ALA E 278 15.77 11.98 9.16
CA ALA E 278 14.52 11.73 9.92
C ALA E 278 13.44 12.74 9.50
N LYS E 279 12.18 12.30 9.47
CA LYS E 279 11.01 13.09 9.00
C LYS E 279 10.42 13.84 10.18
N PRO E 280 10.46 15.19 10.18
CA PRO E 280 9.88 15.96 11.28
C PRO E 280 8.34 16.02 11.25
N LEU E 281 7.72 15.66 12.37
CA LEU E 281 6.24 15.63 12.54
C LEU E 281 5.69 17.06 12.69
N ALA E 282 6.47 18.01 13.21
CA ALA E 282 6.06 19.43 13.36
C ALA E 282 7.24 20.32 13.73
N ARG E 283 6.98 21.63 13.90
CA ARG E 283 8.01 22.67 14.17
C ARG E 283 7.71 23.37 15.50
N LEU E 284 8.45 23.02 16.57
CA LEU E 284 8.37 23.67 17.91
C LEU E 284 8.99 25.06 17.80
N LEU E 285 8.16 26.11 17.93
CA LEU E 285 8.51 27.49 17.51
C LEU E 285 8.91 28.35 18.71
N GLY E 286 8.09 28.39 19.75
CA GLY E 286 8.31 29.25 20.92
C GLY E 286 7.69 28.71 22.19
N ALA E 287 8.19 29.17 23.33
CA ALA E 287 7.69 28.78 24.67
C ALA E 287 7.63 30.02 25.57
N GLY E 288 6.50 30.17 26.28
CA GLY E 288 6.26 31.29 27.21
C GLY E 288 5.93 30.77 28.60
N ILE E 289 6.58 31.31 29.62
CA ILE E 289 6.32 30.96 31.05
C ILE E 289 6.11 32.23 31.86
N THR E 290 4.94 32.35 32.46
CA THR E 290 4.60 33.40 33.44
C THR E 290 4.06 32.72 34.71
N SER E 291 3.87 33.52 35.75
CA SER E 291 3.29 33.09 37.04
C SER E 291 2.17 34.05 37.42
N ASP E 292 1.20 33.57 38.18
CA ASP E 292 -0.03 34.34 38.53
C ASP E 292 0.28 35.28 39.68
N ALA E 293 0.85 34.75 40.77
CA ALA E 293 1.04 35.45 42.06
C ALA E 293 -0.31 35.97 42.54
N PHE E 294 -1.29 35.06 42.63
CA PHE E 294 -2.68 35.36 43.04
C PHE E 294 -3.11 34.41 44.17
N HIS E 295 -2.94 33.11 43.95
CA HIS E 295 -3.38 32.05 44.89
C HIS E 295 -2.55 30.79 44.70
N MET E 296 -2.54 29.93 45.70
CA MET E 296 -1.70 28.70 45.72
C MET E 296 -2.34 27.60 44.85
N VAL E 297 -3.67 27.62 44.68
CA VAL E 297 -4.41 26.54 43.94
C VAL E 297 -5.59 27.10 43.14
N ALA E 298 -5.77 28.42 43.07
CA ALA E 298 -6.89 29.04 42.33
C ALA E 298 -6.32 29.96 41.25
N PRO E 299 -6.55 29.67 39.95
CA PRO E 299 -6.05 30.53 38.88
C PRO E 299 -6.67 31.93 38.98
N ALA E 300 -5.90 32.98 38.66
CA ALA E 300 -6.40 34.38 38.65
C ALA E 300 -7.62 34.46 37.73
N ALA E 301 -8.71 35.06 38.22
CA ALA E 301 -10.00 35.18 37.49
C ALA E 301 -9.76 35.76 36.09
N ASP E 302 -9.01 36.86 36.01
CA ASP E 302 -8.88 37.72 34.80
C ASP E 302 -8.08 37.04 33.69
N GLY E 303 -7.25 36.04 34.01
CA GLY E 303 -6.46 35.27 33.03
C GLY E 303 -5.37 36.09 32.35
N VAL E 304 -5.08 37.30 32.84
CA VAL E 304 -4.08 38.21 32.20
C VAL E 304 -2.75 37.46 32.09
N ARG E 305 -2.23 36.94 33.22
CA ARG E 305 -0.87 36.31 33.27
C ARG E 305 -0.86 35.04 32.43
N ALA E 306 -1.86 34.17 32.59
CA ALA E 306 -2.04 32.96 31.74
C ALA E 306 -2.05 33.36 30.26
N GLY E 307 -2.69 34.48 29.94
CA GLY E 307 -2.76 35.04 28.57
C GLY E 307 -1.40 35.51 28.10
N ARG E 308 -0.64 36.15 28.98
CA ARG E 308 0.72 36.68 28.69
C ARG E 308 1.70 35.52 28.47
N ALA E 309 1.44 34.34 29.04
CA ALA E 309 2.24 33.12 28.77
C ALA E 309 2.07 32.75 27.28
N MET E 310 0.85 32.93 26.76
CA MET E 310 0.55 32.66 25.33
C MET E 310 1.21 33.74 24.47
N THR E 311 1.10 35.00 24.89
CA THR E 311 1.61 36.19 24.14
C THR E 311 3.15 36.16 24.06
N ARG E 312 3.81 35.43 24.96
CA ARG E 312 5.30 35.29 24.96
C ARG E 312 5.73 34.19 23.99
N SER E 313 4.99 33.08 23.92
CA SER E 313 5.27 31.96 22.99
C SER E 313 5.16 32.45 21.54
N LEU E 314 4.29 33.46 21.30
CA LEU E 314 4.13 34.11 19.97
C LEU E 314 5.32 35.05 19.71
N GLU E 315 5.70 35.88 20.68
CA GLU E 315 6.84 36.83 20.54
C GLU E 315 8.11 36.06 20.14
N LEU E 316 8.44 34.98 20.87
CA LEU E 316 9.64 34.15 20.61
C LEU E 316 9.49 33.40 19.28
N ALA E 317 8.30 32.86 18.99
CA ALA E 317 8.00 32.17 17.71
C ALA E 317 7.92 33.18 16.56
N GLY E 318 7.68 34.45 16.88
CA GLY E 318 7.64 35.55 15.89
C GLY E 318 6.23 35.78 15.36
N LEU E 319 5.30 34.91 15.73
CA LEU E 319 3.90 34.91 15.21
C LEU E 319 3.09 36.00 15.89
N SER E 320 1.93 36.33 15.32
CA SER E 320 0.89 37.22 15.90
C SER E 320 -0.30 36.37 16.34
N PRO E 321 -1.22 36.93 17.16
CA PRO E 321 -2.45 36.22 17.53
C PRO E 321 -3.26 35.74 16.32
N ALA E 322 -3.43 36.60 15.32
CA ALA E 322 -4.19 36.35 14.06
C ALA E 322 -3.71 35.06 13.38
N ASP E 323 -2.45 34.66 13.61
CA ASP E 323 -1.83 33.48 12.94
C ASP E 323 -2.22 32.19 13.69
N ILE E 324 -2.85 32.30 14.86
CA ILE E 324 -3.15 31.11 15.72
C ILE E 324 -4.49 30.51 15.31
N ASP E 325 -4.43 29.35 14.65
CA ASP E 325 -5.63 28.61 14.18
C ASP E 325 -6.19 27.77 15.32
N HIS E 326 -5.30 27.09 16.05
CA HIS E 326 -5.66 26.03 17.03
C HIS E 326 -5.18 26.42 18.42
N VAL E 327 -5.85 25.88 19.46
CA VAL E 327 -5.44 25.98 20.89
C VAL E 327 -5.76 24.66 21.58
N ASN E 328 -4.75 23.93 22.02
CA ASN E 328 -4.95 22.69 22.82
C ASN E 328 -5.12 23.09 24.28
N ALA E 329 -6.33 23.53 24.66
CA ALA E 329 -6.64 24.16 25.97
C ALA E 329 -6.26 23.22 27.12
N HIS E 330 -6.03 23.81 28.30
CA HIS E 330 -5.81 23.09 29.57
C HIS E 330 -7.04 22.25 29.89
N GLY E 331 -8.24 22.86 29.89
CA GLY E 331 -9.53 22.16 29.99
C GLY E 331 -9.57 21.17 31.15
N THR E 332 -9.45 21.67 32.38
CA THR E 332 -9.45 20.83 33.62
C THR E 332 -10.88 20.40 33.97
N ALA E 333 -11.92 20.97 33.34
CA ALA E 333 -13.34 20.70 33.68
C ALA E 333 -13.61 21.02 35.16
N THR E 334 -12.85 21.95 35.73
CA THR E 334 -13.20 22.61 37.02
C THR E 334 -13.90 23.91 36.68
N PRO E 335 -14.97 24.28 37.41
CA PRO E 335 -15.65 25.55 37.21
C PRO E 335 -14.74 26.79 37.15
N ILE E 336 -13.82 26.92 38.10
CA ILE E 336 -12.93 28.13 38.21
C ILE E 336 -11.80 28.05 37.18
N GLY E 337 -11.34 26.84 36.83
CA GLY E 337 -10.21 26.67 35.90
C GLY E 337 -10.57 27.11 34.50
N ASP E 338 -11.56 26.43 33.93
CA ASP E 338 -12.04 26.65 32.53
C ASP E 338 -12.50 28.10 32.37
N ALA E 339 -13.13 28.67 33.39
CA ALA E 339 -13.54 30.10 33.41
C ALA E 339 -12.32 31.00 33.19
N ALA E 340 -11.24 30.77 33.95
CA ALA E 340 -10.00 31.58 33.89
C ALA E 340 -9.36 31.45 32.50
N GLU E 341 -9.16 30.22 32.02
CA GLU E 341 -8.47 29.94 30.73
C GLU E 341 -9.15 30.69 29.57
N ALA E 342 -10.49 30.76 29.57
CA ALA E 342 -11.26 31.47 28.52
C ALA E 342 -10.81 32.94 28.49
N ASN E 343 -10.79 33.59 29.65
CA ASN E 343 -10.31 34.99 29.78
C ASN E 343 -8.84 35.08 29.35
N ALA E 344 -8.04 34.03 29.61
CA ALA E 344 -6.62 33.98 29.20
C ALA E 344 -6.54 34.01 27.67
N ILE E 345 -7.27 33.10 27.03
CA ILE E 345 -7.32 32.95 25.55
C ILE E 345 -7.75 34.28 24.91
N ARG E 346 -8.73 34.96 25.51
CA ARG E 346 -9.25 36.28 25.02
C ARG E 346 -8.16 37.35 25.16
N VAL E 347 -7.42 37.36 26.29
CA VAL E 347 -6.34 38.36 26.54
C VAL E 347 -5.24 38.15 25.48
N ALA E 348 -5.00 36.89 25.09
CA ALA E 348 -3.95 36.50 24.11
C ALA E 348 -4.39 36.78 22.67
N GLY E 349 -5.65 37.17 22.45
CA GLY E 349 -6.19 37.46 21.11
C GLY E 349 -6.35 36.20 20.27
N CYS E 350 -6.52 35.03 20.90
CA CYS E 350 -6.64 33.72 20.21
C CYS E 350 -8.05 33.13 20.36
N ASP E 351 -9.08 33.97 20.61
CA ASP E 351 -10.46 33.49 20.89
C ASP E 351 -11.12 32.99 19.59
N GLN E 352 -10.76 33.58 18.44
CA GLN E 352 -11.20 33.11 17.09
C GLN E 352 -10.62 31.72 16.79
N ALA E 353 -9.55 31.30 17.48
CA ALA E 353 -8.90 29.98 17.28
C ALA E 353 -9.89 28.87 17.64
N ALA E 354 -9.70 27.69 17.05
CA ALA E 354 -10.47 26.46 17.33
C ALA E 354 -9.86 25.74 18.53
N VAL E 355 -10.65 25.55 19.59
CA VAL E 355 -10.16 25.07 20.93
C VAL E 355 -10.47 23.57 21.10
N TYR E 356 -9.53 22.84 21.73
CA TYR E 356 -9.68 21.39 22.08
C TYR E 356 -9.21 21.16 23.51
N ALA E 357 -10.05 20.48 24.29
CA ALA E 357 -9.75 20.05 25.66
C ALA E 357 -9.59 18.53 25.65
N PRO E 358 -8.35 18.02 25.42
CA PRO E 358 -8.09 16.58 25.42
C PRO E 358 -8.36 15.85 26.73
N LYS E 359 -8.50 16.59 27.85
CA LYS E 359 -8.81 16.01 29.18
C LYS E 359 -10.23 15.46 29.19
N SER E 360 -11.06 15.89 28.24
CA SER E 360 -12.47 15.44 28.04
C SER E 360 -12.50 13.94 27.78
N ALA E 361 -11.50 13.45 27.04
CA ALA E 361 -11.41 12.05 26.56
C ALA E 361 -10.40 11.28 27.41
N LEU E 362 -9.28 11.92 27.78
CA LEU E 362 -8.12 11.21 28.40
C LEU E 362 -7.96 11.54 29.89
N GLY E 363 -8.47 12.69 30.35
CA GLY E 363 -8.41 13.10 31.76
C GLY E 363 -7.14 13.85 32.08
N HIS E 364 -6.78 13.86 33.37
CA HIS E 364 -5.67 14.66 33.96
C HIS E 364 -4.60 13.71 34.50
N SER E 365 -3.41 13.75 33.90
CA SER E 365 -2.23 12.94 34.30
C SER E 365 -1.18 13.80 35.01
N ILE E 366 -1.57 15.01 35.44
CA ILE E 366 -0.77 15.96 36.27
C ILE E 366 0.57 16.26 35.58
N GLY E 367 1.64 15.57 35.98
CA GLY E 367 3.02 15.87 35.55
C GLY E 367 3.21 15.65 34.07
N ALA E 368 2.56 14.63 33.51
CA ALA E 368 2.71 14.22 32.10
C ALA E 368 1.66 14.90 31.20
N VAL E 369 0.55 15.38 31.76
CA VAL E 369 -0.61 15.87 30.95
C VAL E 369 -0.14 16.99 30.00
N GLY E 370 0.80 17.83 30.43
CA GLY E 370 1.33 18.94 29.61
C GLY E 370 2.16 18.42 28.45
N ALA E 371 2.70 17.20 28.55
CA ALA E 371 3.56 16.55 27.51
C ALA E 371 2.69 15.72 26.56
N LEU E 372 1.75 14.96 27.10
CA LEU E 372 0.77 14.16 26.31
C LEU E 372 0.00 15.08 25.36
N GLU E 373 -0.36 16.26 25.84
CA GLU E 373 -1.15 17.27 25.08
C GLU E 373 -0.27 17.96 24.04
N SER E 374 1.03 18.11 24.32
CA SER E 374 2.00 18.68 23.36
C SER E 374 2.15 17.72 22.17
N VAL E 375 2.13 16.41 22.44
CA VAL E 375 2.18 15.34 21.40
C VAL E 375 0.92 15.43 20.54
N LEU E 376 -0.24 15.62 21.16
CA LEU E 376 -1.53 15.70 20.43
C LEU E 376 -1.50 16.94 19.54
N THR E 377 -1.08 18.09 20.09
CA THR E 377 -0.92 19.37 19.35
C THR E 377 -0.04 19.17 18.12
N VAL E 378 0.95 18.27 18.19
CA VAL E 378 1.84 17.93 17.03
C VAL E 378 1.02 17.14 16.00
N LEU E 379 0.50 15.97 16.41
CA LEU E 379 -0.35 15.09 15.56
C LEU E 379 -1.48 15.90 14.91
N THR E 380 -2.06 16.86 15.64
CA THR E 380 -3.16 17.74 15.13
C THR E 380 -2.69 18.55 13.93
N LEU E 381 -1.45 19.05 13.97
CA LEU E 381 -0.87 19.85 12.86
C LEU E 381 -0.51 18.89 11.71
N ARG E 382 0.18 17.80 12.02
CA ARG E 382 0.56 16.71 11.08
C ARG E 382 -0.64 16.35 10.18
N ASP E 383 -1.79 16.02 10.78
CA ASP E 383 -2.93 15.35 10.10
C ASP E 383 -4.05 16.34 9.79
N GLY E 384 -3.84 17.64 10.06
CA GLY E 384 -4.84 18.70 9.84
C GLY E 384 -6.19 18.34 10.41
N VAL E 385 -6.24 17.88 11.67
CA VAL E 385 -7.49 17.37 12.30
C VAL E 385 -7.44 17.53 13.83
N ILE E 386 -8.46 18.22 14.38
CA ILE E 386 -8.71 18.36 15.86
C ILE E 386 -9.79 17.34 16.25
N PRO E 387 -9.56 16.48 17.27
CA PRO E 387 -10.59 15.55 17.72
C PRO E 387 -11.73 16.28 18.43
N PRO E 388 -12.95 15.69 18.51
CA PRO E 388 -14.10 16.34 19.16
C PRO E 388 -13.90 16.43 20.68
N THR E 389 -14.20 17.59 21.26
CA THR E 389 -14.15 17.78 22.74
C THR E 389 -15.33 17.02 23.34
N LEU E 390 -15.07 15.92 24.05
CA LEU E 390 -16.15 15.05 24.59
C LEU E 390 -16.97 15.82 25.63
N ASN E 391 -18.26 15.51 25.72
CA ASN E 391 -19.17 15.97 26.79
C ASN E 391 -19.31 17.51 26.80
N TYR E 392 -19.09 18.19 25.66
CA TYR E 392 -19.38 19.64 25.50
C TYR E 392 -20.76 19.79 24.85
N GLU E 393 -21.81 19.52 25.63
CA GLU E 393 -23.20 19.41 25.14
C GLU E 393 -23.93 20.73 25.41
N THR E 394 -23.84 21.24 26.63
CA THR E 394 -24.41 22.57 27.00
C THR E 394 -23.28 23.56 27.22
N PRO E 395 -23.14 24.59 26.36
CA PRO E 395 -22.07 25.56 26.54
C PRO E 395 -22.34 26.47 27.76
N ASP E 396 -21.32 26.64 28.59
CA ASP E 396 -21.35 27.60 29.72
C ASP E 396 -21.58 29.01 29.14
N PRO E 397 -22.72 29.67 29.44
CA PRO E 397 -23.02 30.98 28.86
C PRO E 397 -21.87 32.00 28.99
N GLU E 398 -21.12 31.95 30.09
CA GLU E 398 -20.07 32.95 30.43
C GLU E 398 -18.83 32.72 29.57
N ILE E 399 -18.72 31.56 28.91
CA ILE E 399 -17.53 31.14 28.11
C ILE E 399 -17.89 31.11 26.62
N ASP E 400 -17.33 32.05 25.86
CA ASP E 400 -17.58 32.19 24.39
C ASP E 400 -16.32 31.77 23.64
N LEU E 401 -16.25 30.52 23.19
CA LEU E 401 -15.07 29.95 22.48
C LEU E 401 -15.52 28.95 21.42
N ASP E 402 -14.80 28.93 20.29
CA ASP E 402 -15.06 28.01 19.15
C ASP E 402 -14.53 26.62 19.54
N VAL E 403 -15.27 25.94 20.42
CA VAL E 403 -14.90 24.60 20.95
C VAL E 403 -15.22 23.54 19.88
N VAL E 404 -14.34 22.57 19.70
CA VAL E 404 -14.52 21.46 18.71
C VAL E 404 -15.36 20.37 19.37
N ALA E 405 -16.65 20.34 19.07
CA ALA E 405 -17.64 19.40 19.65
C ALA E 405 -18.19 18.44 18.59
N GLY E 406 -18.61 17.25 19.02
CA GLY E 406 -19.40 16.30 18.22
C GLY E 406 -18.53 15.39 17.36
N GLU E 407 -17.83 15.98 16.38
CA GLU E 407 -17.15 15.24 15.30
C GLU E 407 -15.78 15.89 15.04
N PRO E 408 -14.72 15.09 14.73
CA PRO E 408 -13.41 15.68 14.47
C PRO E 408 -13.49 16.74 13.37
N ARG E 409 -12.93 17.92 13.61
CA ARG E 409 -12.86 19.00 12.59
C ARG E 409 -11.65 18.74 11.68
N TYR E 410 -11.74 19.19 10.42
CA TYR E 410 -10.66 19.06 9.41
C TYR E 410 -10.25 20.43 8.88
N GLY E 411 -8.98 20.54 8.50
CA GLY E 411 -8.40 21.79 7.98
C GLY E 411 -6.88 21.80 8.07
N ASP E 412 -6.24 22.55 7.17
CA ASP E 412 -4.77 22.73 7.14
C ASP E 412 -4.40 23.83 8.13
N TYR E 413 -4.10 23.44 9.38
CA TYR E 413 -3.80 24.37 10.48
C TYR E 413 -2.34 24.85 10.36
N ARG E 414 -2.16 26.18 10.40
CA ARG E 414 -0.84 26.85 10.32
C ARG E 414 -0.09 26.66 11.64
N TYR E 415 -0.69 27.10 12.75
CA TYR E 415 -0.04 27.12 14.09
C TYR E 415 -1.06 26.84 15.21
N ALA E 416 -0.65 26.01 16.17
CA ALA E 416 -1.38 25.66 17.41
C ALA E 416 -0.61 26.15 18.64
N VAL E 417 -1.31 26.34 19.76
CA VAL E 417 -0.72 26.75 21.07
C VAL E 417 -1.25 25.83 22.18
N ASN E 418 -0.35 25.07 22.80
CA ASN E 418 -0.70 24.01 23.78
C ASN E 418 -0.57 24.58 25.20
N ASN E 419 -1.69 25.03 25.78
CA ASN E 419 -1.72 25.70 27.11
C ASN E 419 -1.64 24.67 28.23
N SER E 420 -0.91 25.01 29.29
CA SER E 420 -0.92 24.29 30.59
C SER E 420 -0.79 25.30 31.73
N PHE E 421 -1.73 25.25 32.68
CA PHE E 421 -1.75 26.10 33.90
C PHE E 421 -1.74 25.19 35.12
N GLY E 422 -0.68 25.30 35.94
CA GLY E 422 -0.42 24.39 37.07
C GLY E 422 -0.77 25.01 38.41
N PHE E 423 -1.12 24.16 39.38
CA PHE E 423 -1.27 24.53 40.81
C PHE E 423 0.04 25.17 41.30
N GLY E 424 -0.08 26.33 41.95
CA GLY E 424 1.07 27.18 42.32
C GLY E 424 1.05 28.48 41.51
N GLY E 425 0.16 28.55 40.52
CA GLY E 425 -0.03 29.74 39.66
C GLY E 425 0.90 29.75 38.47
N HIS E 426 1.28 28.57 37.98
CA HIS E 426 2.30 28.38 36.90
C HIS E 426 1.62 28.32 35.54
N ASN E 427 2.01 29.23 34.66
CA ASN E 427 1.50 29.33 33.26
C ASN E 427 2.60 28.91 32.30
N VAL E 428 2.37 27.86 31.51
CA VAL E 428 3.28 27.46 30.39
C VAL E 428 2.48 27.35 29.09
N ALA E 429 2.89 28.12 28.08
CA ALA E 429 2.37 28.07 26.70
C ALA E 429 3.46 27.51 25.76
N LEU E 430 3.08 26.58 24.88
CA LEU E 430 3.99 25.97 23.86
C LEU E 430 3.43 26.21 22.45
N ALA E 431 4.00 27.17 21.72
CA ALA E 431 3.74 27.42 20.28
C ALA E 431 4.36 26.30 19.43
N PHE E 432 3.53 25.61 18.64
CA PHE E 432 3.95 24.62 17.61
C PHE E 432 3.55 25.14 16.22
N GLY E 433 4.15 24.54 15.18
CA GLY E 433 3.93 24.93 13.78
C GLY E 433 3.95 23.75 12.83
N ARG E 434 3.17 23.87 11.74
CA ARG E 434 3.08 22.84 10.67
C ARG E 434 4.38 22.86 9.85
N TYR E 435 4.93 21.68 9.56
CA TYR E 435 6.22 21.50 8.84
C TYR E 435 6.06 21.92 7.37
N SER F 21 28.88 35.39 15.03
CA SER F 21 29.25 35.97 16.36
C SER F 21 28.25 35.51 17.43
N GLN F 22 28.68 34.66 18.36
CA GLN F 22 27.83 34.15 19.48
C GLN F 22 27.62 35.25 20.51
N PRO F 23 26.53 35.20 21.30
CA PRO F 23 26.36 36.13 22.40
C PRO F 23 27.17 35.65 23.62
N SER F 24 27.78 36.60 24.33
CA SER F 24 28.40 36.36 25.66
C SER F 24 28.25 37.64 26.49
N THR F 25 28.32 37.52 27.81
CA THR F 25 28.24 38.70 28.72
C THR F 25 29.40 39.65 28.38
N ALA F 26 30.58 39.08 28.08
CA ALA F 26 31.82 39.84 27.80
C ALA F 26 31.62 40.74 26.56
N ASN F 27 30.97 40.24 25.50
CA ASN F 27 30.78 41.00 24.24
C ASN F 27 29.44 41.77 24.26
N GLY F 28 28.71 41.71 25.37
CA GLY F 28 27.43 42.45 25.53
C GLY F 28 26.30 41.79 24.76
N GLY F 29 26.48 40.52 24.35
CA GLY F 29 25.43 39.72 23.71
C GLY F 29 24.25 39.52 24.65
N PHE F 30 24.54 39.00 25.85
CA PHE F 30 23.62 38.97 27.02
C PHE F 30 23.77 40.27 27.79
N PRO F 31 22.69 40.77 28.44
CA PRO F 31 22.79 42.01 29.20
C PRO F 31 23.54 41.72 30.50
N SER F 32 24.01 42.76 31.17
CA SER F 32 24.76 42.63 32.44
C SER F 32 23.78 42.25 33.55
N VAL F 33 24.08 41.17 34.28
CA VAL F 33 23.25 40.68 35.41
C VAL F 33 24.09 40.72 36.68
N VAL F 34 23.57 41.34 37.74
CA VAL F 34 24.31 41.54 39.03
C VAL F 34 23.50 40.98 40.20
N VAL F 35 24.20 40.43 41.20
CA VAL F 35 23.59 40.03 42.50
C VAL F 35 23.52 41.27 43.38
N THR F 36 22.33 41.61 43.89
CA THR F 36 22.09 42.88 44.62
C THR F 36 21.62 42.64 46.07
N ALA F 37 21.32 41.40 46.44
CA ALA F 37 21.04 41.02 47.85
C ALA F 37 21.18 39.51 48.00
N VAL F 38 21.58 39.07 49.19
CA VAL F 38 21.77 37.62 49.51
C VAL F 38 21.21 37.37 50.91
N THR F 39 20.73 36.15 51.14
CA THR F 39 20.27 35.72 52.48
C THR F 39 20.42 34.21 52.64
N ALA F 40 20.91 33.79 53.80
CA ALA F 40 20.96 32.36 54.15
C ALA F 40 20.76 32.18 55.65
N THR F 41 20.20 31.03 56.00
CA THR F 41 20.26 30.43 57.35
C THR F 41 21.16 29.20 57.23
N THR F 42 21.74 28.78 58.34
CA THR F 42 22.95 27.92 58.32
C THR F 42 23.11 27.26 59.68
N SER F 43 24.02 26.29 59.77
CA SER F 43 24.39 25.63 61.04
C SER F 43 25.23 26.56 61.92
N ILE F 44 26.00 27.46 61.30
CA ILE F 44 26.81 28.50 61.99
C ILE F 44 25.93 29.62 62.54
N SER F 45 24.93 30.08 61.79
CA SER F 45 24.17 31.32 62.08
C SER F 45 22.97 31.48 61.15
N PRO F 46 21.87 32.13 61.62
CA PRO F 46 20.73 32.48 60.77
C PRO F 46 20.94 33.74 59.92
N ASP F 47 22.14 34.30 59.98
CA ASP F 47 22.51 35.62 59.44
C ASP F 47 23.73 35.42 58.56
N ILE F 48 23.60 35.64 57.26
CA ILE F 48 24.67 35.32 56.28
C ILE F 48 25.96 36.08 56.65
N GLU F 49 25.86 37.37 57.02
CA GLU F 49 27.07 38.15 57.38
C GLU F 49 27.77 37.49 58.57
N SER F 50 27.04 36.97 59.55
CA SER F 50 27.60 36.24 60.73
C SER F 50 28.19 34.90 60.30
N THR F 51 27.47 34.14 59.48
CA THR F 51 27.92 32.82 58.95
C THR F 51 29.28 32.98 58.26
N TRP F 52 29.39 34.02 57.43
CA TRP F 52 30.62 34.41 56.69
C TRP F 52 31.74 34.73 57.68
N LYS F 53 31.47 35.62 58.64
CA LYS F 53 32.46 36.02 59.68
C LYS F 53 32.93 34.75 60.40
N GLY F 54 31.99 33.85 60.69
CA GLY F 54 32.24 32.56 61.34
C GLY F 54 33.19 31.69 60.52
N LEU F 55 32.94 31.55 59.22
CA LEU F 55 33.80 30.74 58.32
C LEU F 55 35.21 31.33 58.34
N LEU F 56 35.31 32.63 58.12
CA LEU F 56 36.61 33.35 58.12
C LEU F 56 37.33 33.12 59.45
N ALA F 57 36.59 32.96 60.55
CA ALA F 57 37.14 32.65 61.90
C ALA F 57 37.54 31.17 62.04
N GLY F 58 37.32 30.34 61.00
CA GLY F 58 37.66 28.90 61.01
C GLY F 58 36.62 28.05 61.72
N GLU F 59 35.37 28.52 61.83
CA GLU F 59 34.32 27.83 62.63
C GLU F 59 33.71 26.69 61.82
N SER F 60 33.03 25.78 62.51
CA SER F 60 32.35 24.59 61.94
C SER F 60 30.92 24.52 62.47
N GLY F 61 29.98 24.12 61.62
CA GLY F 61 28.57 23.99 62.01
C GLY F 61 28.27 22.59 62.52
N ILE F 62 29.21 21.67 62.35
CA ILE F 62 28.97 20.21 62.57
C ILE F 62 29.21 19.91 64.05
N HIS F 63 28.30 19.17 64.63
CA HIS F 63 28.26 18.85 66.07
C HIS F 63 27.77 17.42 66.24
N ALA F 64 27.86 16.90 67.46
CA ALA F 64 27.20 15.63 67.83
C ALA F 64 25.69 15.86 67.77
N LEU F 65 24.96 15.01 67.05
CA LEU F 65 23.47 15.08 67.01
C LEU F 65 22.94 14.65 68.37
N GLU F 66 22.22 15.54 69.06
CA GLU F 66 21.64 15.27 70.40
C GLU F 66 20.13 15.02 70.27
N ASP F 67 19.65 14.74 69.06
CA ASP F 67 18.22 14.42 68.82
C ASP F 67 17.91 13.06 69.47
N GLU F 68 16.69 12.89 69.97
CA GLU F 68 16.20 11.59 70.51
C GLU F 68 16.40 10.53 69.41
N PHE F 69 15.95 10.81 68.20
CA PHE F 69 15.79 9.82 67.10
C PHE F 69 17.12 9.15 66.73
N VAL F 70 18.28 9.69 67.11
CA VAL F 70 19.58 9.00 66.88
C VAL F 70 19.69 7.81 67.84
N THR F 71 19.25 7.99 69.09
CA THR F 71 19.34 6.96 70.16
C THR F 71 18.32 5.84 69.90
N LYS F 72 17.10 6.22 69.53
CA LYS F 72 16.00 5.27 69.24
C LYS F 72 16.45 4.35 68.11
N TRP F 73 16.79 4.92 66.96
CA TRP F 73 17.18 4.17 65.73
C TRP F 73 18.62 3.66 65.85
N ASP F 74 19.43 4.23 66.74
CA ASP F 74 20.87 3.88 66.90
C ASP F 74 21.52 3.90 65.51
N LEU F 75 21.43 5.06 64.83
CA LEU F 75 21.92 5.24 63.44
C LEU F 75 23.45 5.22 63.47
N ALA F 76 24.05 4.81 62.36
CA ALA F 76 25.53 4.74 62.18
C ALA F 76 26.10 6.15 62.29
N VAL F 77 25.50 7.12 61.59
CA VAL F 77 25.89 8.57 61.65
C VAL F 77 25.23 9.20 62.88
N LYS F 78 26.01 9.92 63.69
CA LYS F 78 25.53 10.62 64.91
C LYS F 78 26.09 12.04 64.95
N ILE F 79 26.43 12.59 63.79
CA ILE F 79 26.98 13.97 63.65
C ILE F 79 26.24 14.70 62.55
N GLY F 80 26.22 16.03 62.61
CA GLY F 80 25.63 16.87 61.57
C GLY F 80 25.27 18.24 62.11
N GLY F 81 24.90 19.15 61.20
CA GLY F 81 24.68 20.57 61.52
C GLY F 81 23.23 20.97 61.37
N HIS F 82 22.45 20.95 62.45
CA HIS F 82 21.13 21.64 62.48
C HIS F 82 21.39 23.13 62.31
N LEU F 83 20.40 23.85 61.77
CA LEU F 83 20.46 25.33 61.71
C LEU F 83 20.69 25.84 63.13
N LYS F 84 21.61 26.80 63.28
CA LYS F 84 21.82 27.52 64.55
C LYS F 84 20.46 28.01 65.07
N ASP F 85 19.67 28.63 64.18
CA ASP F 85 18.34 29.19 64.51
C ASP F 85 17.26 28.44 63.72
N PRO F 86 16.50 27.53 64.36
CA PRO F 86 15.50 26.74 63.64
C PRO F 86 14.36 27.60 63.09
N VAL F 87 14.00 27.37 61.82
CA VAL F 87 12.97 28.14 61.07
C VAL F 87 11.70 28.25 61.91
N ASP F 88 11.28 27.16 62.56
CA ASP F 88 9.95 27.05 63.23
C ASP F 88 9.87 28.00 64.43
N SER F 89 11.01 28.39 65.02
CA SER F 89 11.06 29.46 66.05
C SER F 89 10.47 30.75 65.48
N HIS F 90 10.65 31.01 64.18
CA HIS F 90 10.22 32.26 63.49
C HIS F 90 8.82 32.12 62.88
N MET F 91 8.11 31.02 63.15
CA MET F 91 6.87 30.70 62.41
C MET F 91 5.67 30.67 63.35
N GLY F 92 4.58 31.31 62.92
CA GLY F 92 3.28 31.30 63.62
C GLY F 92 2.64 29.94 63.52
N ARG F 93 1.88 29.55 64.55
CA ARG F 93 1.25 28.21 64.69
C ARG F 93 0.40 27.86 63.45
N LEU F 94 -0.26 28.84 62.82
CA LEU F 94 -1.09 28.62 61.61
C LEU F 94 -0.18 28.12 60.49
N ASP F 95 0.86 28.90 60.18
CA ASP F 95 1.91 28.52 59.18
C ASP F 95 2.43 27.13 59.48
N MET F 96 2.58 26.76 60.75
CA MET F 96 3.05 25.40 61.14
C MET F 96 2.10 24.33 60.56
N ARG F 97 0.80 24.61 60.48
CA ARG F 97 -0.23 23.59 60.11
C ARG F 97 -0.46 23.55 58.59
N ARG F 98 -0.22 24.66 57.87
CA ARG F 98 -0.70 24.83 56.47
C ARG F 98 0.43 25.01 55.47
N MET F 99 1.69 24.96 55.92
CA MET F 99 2.88 25.03 55.04
C MET F 99 3.78 23.81 55.30
N SER F 100 4.57 23.43 54.30
CA SER F 100 5.63 22.38 54.44
C SER F 100 6.87 23.06 55.01
N TYR F 101 7.77 22.28 55.60
CA TYR F 101 9.04 22.83 56.16
C TYR F 101 9.65 23.78 55.13
N VAL F 102 9.90 23.27 53.93
CA VAL F 102 10.61 24.00 52.84
C VAL F 102 9.86 25.30 52.51
N GLN F 103 8.53 25.27 52.56
CA GLN F 103 7.67 26.47 52.33
C GLN F 103 7.81 27.44 53.49
N ARG F 104 8.02 26.95 54.71
CA ARG F 104 8.29 27.82 55.88
C ARG F 104 9.68 28.45 55.71
N MET F 105 10.69 27.64 55.37
CA MET F 105 12.05 28.15 55.09
C MET F 105 11.97 29.21 53.99
N GLY F 106 11.25 28.92 52.90
CA GLY F 106 11.13 29.82 51.74
C GLY F 106 10.51 31.14 52.12
N LYS F 107 9.44 31.10 52.92
CA LYS F 107 8.71 32.29 53.41
C LYS F 107 9.66 33.15 54.26
N LEU F 108 10.36 32.53 55.21
CA LEU F 108 11.30 33.25 56.11
C LEU F 108 12.36 33.94 55.24
N LEU F 109 13.06 33.16 54.41
CA LEU F 109 14.20 33.67 53.59
C LEU F 109 13.70 34.65 52.54
N GLY F 110 12.53 34.41 51.97
CA GLY F 110 11.91 35.35 51.02
C GLY F 110 11.80 36.73 51.64
N GLY F 111 11.16 36.81 52.82
CA GLY F 111 10.89 38.07 53.53
C GLY F 111 12.17 38.77 53.95
N GLN F 112 13.14 38.01 54.47
CA GLN F 112 14.47 38.51 54.89
C GLN F 112 15.17 39.13 53.68
N LEU F 113 15.32 38.37 52.60
CA LEU F 113 15.99 38.83 51.35
C LEU F 113 15.36 40.16 50.92
N TRP F 114 14.05 40.16 50.70
CA TRP F 114 13.33 41.36 50.19
C TRP F 114 13.66 42.56 51.08
N GLU F 115 13.74 42.34 52.39
CA GLU F 115 14.02 43.40 53.39
C GLU F 115 15.48 43.88 53.28
N SER F 116 16.45 42.99 53.00
CA SER F 116 17.86 43.34 52.73
C SER F 116 17.95 44.18 51.44
N ALA F 117 17.09 43.89 50.48
CA ALA F 117 17.08 44.54 49.15
C ALA F 117 16.53 45.97 49.25
N GLY F 118 15.92 46.32 50.39
CA GLY F 118 15.31 47.65 50.63
C GLY F 118 13.81 47.64 50.41
N SER F 119 13.21 46.45 50.30
CA SER F 119 11.77 46.24 49.98
C SER F 119 11.41 47.05 48.73
N PRO F 120 12.07 46.82 47.58
CA PRO F 120 11.87 47.64 46.40
C PRO F 120 10.53 47.37 45.71
N GLU F 121 9.96 48.42 45.11
CA GLU F 121 8.77 48.34 44.23
C GLU F 121 9.22 47.88 42.85
N VAL F 122 9.29 46.57 42.61
CA VAL F 122 9.64 46.02 41.27
C VAL F 122 8.36 45.83 40.48
N ASP F 123 8.50 45.71 39.16
CA ASP F 123 7.40 45.39 38.23
C ASP F 123 7.19 43.88 38.24
N PRO F 124 6.09 43.37 38.87
CA PRO F 124 5.84 41.94 39.01
C PRO F 124 5.81 41.17 37.67
N ASP F 125 5.37 41.84 36.61
CA ASP F 125 5.37 41.31 35.22
C ASP F 125 6.81 41.05 34.77
N ARG F 126 7.80 41.75 35.33
CA ARG F 126 9.24 41.54 34.99
C ARG F 126 9.99 40.83 36.12
N PHE F 127 9.27 40.16 37.02
CA PHE F 127 9.85 39.57 38.25
C PHE F 127 9.61 38.07 38.31
N ALA F 128 10.69 37.28 38.21
CA ALA F 128 10.67 35.80 38.20
C ALA F 128 11.25 35.24 39.51
N VAL F 129 10.84 34.02 39.86
CA VAL F 129 11.29 33.33 41.09
C VAL F 129 11.69 31.90 40.69
N VAL F 130 12.98 31.59 40.79
CA VAL F 130 13.50 30.22 40.52
C VAL F 130 14.15 29.71 41.82
N VAL F 131 13.56 28.70 42.45
CA VAL F 131 14.06 28.14 43.73
C VAL F 131 14.04 26.61 43.63
N GLY F 132 15.22 26.00 43.78
CA GLY F 132 15.36 24.53 43.72
C GLY F 132 15.09 23.90 45.07
N THR F 133 15.00 22.58 45.10
CA THR F 133 14.82 21.77 46.32
C THR F 133 15.27 20.34 46.00
N GLY F 134 15.53 19.55 47.04
CA GLY F 134 15.87 18.13 46.86
C GLY F 134 14.63 17.31 46.57
N LEU F 135 13.62 17.45 47.45
CA LEU F 135 12.49 16.48 47.57
C LEU F 135 11.14 17.21 47.55
N GLY F 136 10.97 18.23 48.41
CA GLY F 136 9.73 19.02 48.52
C GLY F 136 9.12 18.92 49.90
N GLY F 137 7.79 18.74 49.98
CA GLY F 137 7.04 18.69 51.25
C GLY F 137 6.78 17.25 51.70
N ALA F 138 7.80 16.39 51.59
CA ALA F 138 7.65 14.92 51.73
C ALA F 138 7.18 14.51 53.14
N GLU F 139 7.31 15.37 54.16
CA GLU F 139 6.78 15.07 55.52
C GLU F 139 5.24 15.02 55.45
N ARG F 140 4.65 15.85 54.60
CA ARG F 140 3.17 15.97 54.46
C ARG F 140 2.61 14.79 53.66
N ILE F 141 3.47 14.06 52.94
CA ILE F 141 3.10 12.77 52.31
C ILE F 141 2.85 11.77 53.43
N VAL F 142 3.88 11.43 54.20
CA VAL F 142 3.85 10.39 55.27
C VAL F 142 2.76 10.72 56.29
N GLU F 143 2.51 12.02 56.53
CA GLU F 143 1.49 12.47 57.50
C GLU F 143 0.09 12.17 56.92
N SER F 144 -0.17 12.61 55.69
CA SER F 144 -1.43 12.35 54.96
C SER F 144 -1.66 10.83 54.88
N TYR F 145 -0.60 10.08 54.62
CA TYR F 145 -0.61 8.60 54.53
C TYR F 145 -1.02 8.01 55.89
N ASP F 146 -0.51 8.57 56.99
CA ASP F 146 -0.86 8.13 58.37
C ASP F 146 -2.29 8.55 58.70
N LEU F 147 -2.71 9.75 58.28
CA LEU F 147 -4.09 10.24 58.56
C LEU F 147 -5.10 9.34 57.83
N MET F 148 -4.86 9.02 56.55
CA MET F 148 -5.79 8.19 55.73
C MET F 148 -5.89 6.77 56.31
N ASN F 149 -4.78 6.15 56.70
CA ASN F 149 -4.78 4.78 57.26
C ASN F 149 -5.60 4.75 58.56
N ALA F 150 -5.47 5.77 59.41
CA ALA F 150 -6.12 5.82 60.75
C ALA F 150 -7.61 6.14 60.62
N GLY F 151 -8.01 7.14 59.83
CA GLY F 151 -9.40 7.62 59.77
C GLY F 151 -9.96 7.80 58.36
N GLY F 152 -9.27 7.31 57.34
CA GLY F 152 -9.79 7.28 55.95
C GLY F 152 -9.63 8.61 55.23
N PRO F 153 -9.93 8.61 53.90
CA PRO F 153 -9.67 9.72 52.99
C PRO F 153 -10.15 11.10 53.46
N ARG F 154 -11.26 11.15 54.21
CA ARG F 154 -11.86 12.41 54.69
C ARG F 154 -10.87 13.14 55.61
N LYS F 155 -9.92 12.43 56.22
CA LYS F 155 -8.95 13.00 57.19
C LYS F 155 -7.70 13.58 56.49
N VAL F 156 -7.55 13.42 55.17
CA VAL F 156 -6.43 14.05 54.41
C VAL F 156 -6.73 15.54 54.33
N SER F 157 -5.73 16.39 54.52
CA SER F 157 -5.92 17.85 54.55
C SER F 157 -6.32 18.35 53.16
N PRO F 158 -7.26 19.32 53.05
CA PRO F 158 -7.54 19.96 51.78
C PRO F 158 -6.39 20.87 51.33
N LEU F 159 -5.35 20.98 52.15
CA LEU F 159 -4.13 21.78 51.83
C LEU F 159 -2.97 20.88 51.41
N ALA F 160 -3.08 19.56 51.61
CA ALA F 160 -1.96 18.60 51.44
C ALA F 160 -1.31 18.78 50.05
N VAL F 161 -2.09 18.89 48.97
CA VAL F 161 -1.54 19.02 47.59
C VAL F 161 -0.65 20.26 47.50
N GLN F 162 -1.13 21.43 47.96
CA GLN F 162 -0.35 22.70 47.86
C GLN F 162 0.82 22.70 48.87
N MET F 163 0.87 21.74 49.80
CA MET F 163 2.01 21.57 50.73
C MET F 163 3.00 20.55 50.15
N ILE F 164 2.49 19.44 49.63
CA ILE F 164 3.32 18.27 49.19
C ILE F 164 4.06 18.60 47.89
N MET F 165 3.38 19.24 46.94
CA MET F 165 3.97 19.48 45.60
C MET F 165 5.35 20.11 45.80
N PRO F 166 6.39 19.62 45.07
CA PRO F 166 7.75 20.16 45.22
C PRO F 166 7.96 21.60 44.74
N ASN F 167 7.05 22.15 43.93
CA ASN F 167 7.07 23.56 43.49
C ASN F 167 6.45 24.49 44.54
N GLY F 168 6.02 23.96 45.69
CA GLY F 168 5.35 24.70 46.78
C GLY F 168 6.17 25.87 47.32
N ALA F 169 7.48 25.70 47.51
CA ALA F 169 8.37 26.73 48.12
C ALA F 169 8.54 27.92 47.18
N ALA F 170 8.83 27.66 45.90
CA ALA F 170 8.91 28.71 44.85
C ALA F 170 7.55 29.40 44.78
N ALA F 171 6.48 28.61 44.81
CA ALA F 171 5.09 29.10 44.73
C ALA F 171 4.84 30.13 45.84
N VAL F 172 5.19 29.77 47.09
CA VAL F 172 4.94 30.61 48.30
C VAL F 172 5.72 31.91 48.16
N ILE F 173 6.98 31.83 47.75
CA ILE F 173 7.85 33.02 47.56
C ILE F 173 7.24 33.90 46.47
N GLY F 174 6.94 33.31 45.31
CA GLY F 174 6.31 34.03 44.18
C GLY F 174 5.10 34.83 44.65
N LEU F 175 4.18 34.16 45.36
CA LEU F 175 2.93 34.76 45.90
C LEU F 175 3.28 35.86 46.91
N GLN F 176 4.24 35.60 47.79
CA GLN F 176 4.65 36.49 48.91
C GLN F 176 5.27 37.77 48.35
N LEU F 177 6.19 37.66 47.40
CA LEU F 177 6.93 38.84 46.84
C LEU F 177 6.16 39.39 45.63
N GLY F 178 5.25 38.60 45.06
CA GLY F 178 4.38 39.03 43.95
C GLY F 178 5.12 39.01 42.64
N ALA F 179 5.58 37.82 42.23
CA ALA F 179 6.40 37.59 41.03
C ALA F 179 5.54 36.93 39.96
N ARG F 180 5.42 37.56 38.79
CA ARG F 180 4.46 37.16 37.73
C ARG F 180 5.17 36.86 36.41
N ALA F 181 6.50 36.95 36.37
CA ALA F 181 7.32 36.61 35.19
C ALA F 181 7.82 35.17 35.29
N GLY F 182 7.08 34.30 35.99
CA GLY F 182 7.42 32.87 36.09
C GLY F 182 8.00 32.51 37.45
N VAL F 183 7.42 31.49 38.07
CA VAL F 183 7.93 30.84 39.31
C VAL F 183 8.32 29.42 38.89
N MET F 184 9.58 29.04 39.07
CA MET F 184 10.12 27.78 38.50
C MET F 184 10.88 27.03 39.60
N THR F 185 10.85 25.69 39.53
CA THR F 185 11.52 24.81 40.52
C THR F 185 12.26 23.70 39.79
N PRO F 186 13.57 23.87 39.48
CA PRO F 186 14.37 22.75 38.98
C PRO F 186 14.67 21.82 40.15
N VAL F 187 14.64 20.51 39.90
CA VAL F 187 15.11 19.51 40.90
C VAL F 187 16.19 18.67 40.23
N SER F 188 17.40 18.73 40.77
CA SER F 188 18.55 17.93 40.27
C SER F 188 19.43 17.56 41.46
N ALA F 189 18.81 16.94 42.47
CA ALA F 189 19.48 16.50 43.71
C ALA F 189 20.38 17.64 44.23
N CYS F 190 21.69 17.39 44.36
CA CYS F 190 22.62 18.27 45.10
C CYS F 190 23.00 19.51 44.29
N SER F 191 22.46 19.68 43.08
CA SER F 191 22.81 20.81 42.17
C SER F 191 21.59 21.70 41.88
N SER F 192 20.52 21.54 42.64
CA SER F 192 19.21 22.22 42.41
C SER F 192 19.31 23.72 42.69
N GLY F 193 19.96 24.10 43.80
CA GLY F 193 20.10 25.51 44.23
C GLY F 193 20.94 26.29 43.23
N SER F 194 22.03 25.70 42.75
CA SER F 194 22.88 26.26 41.67
C SER F 194 22.08 26.28 40.36
N GLU F 195 21.38 25.19 40.06
CA GLU F 195 20.61 25.09 38.81
C GLU F 195 19.53 26.18 38.81
N ALA F 196 18.88 26.38 39.94
CA ALA F 196 17.83 27.42 40.13
C ALA F 196 18.39 28.78 39.69
N ILE F 197 19.58 29.11 40.16
CA ILE F 197 20.28 30.39 39.85
C ILE F 197 20.57 30.44 38.35
N ALA F 198 21.04 29.32 37.78
CA ALA F 198 21.26 29.13 36.34
C ALA F 198 20.01 29.58 35.57
N HIS F 199 18.85 29.05 35.94
CA HIS F 199 17.57 29.28 35.20
C HIS F 199 17.12 30.72 35.42
N ALA F 200 17.39 31.29 36.60
CA ALA F 200 17.13 32.71 36.92
C ALA F 200 17.89 33.59 35.91
N TRP F 201 19.18 33.28 35.69
CA TRP F 201 20.05 34.00 34.73
C TRP F 201 19.47 33.88 33.33
N ARG F 202 19.14 32.67 32.87
CA ARG F 202 18.57 32.45 31.51
C ARG F 202 17.34 33.34 31.33
N GLN F 203 16.40 33.24 32.27
CA GLN F 203 15.14 34.01 32.28
C GLN F 203 15.45 35.50 32.05
N ILE F 204 16.54 36.01 32.62
CA ILE F 204 16.87 37.46 32.50
C ILE F 204 17.57 37.74 31.17
N VAL F 205 18.54 36.90 30.76
CA VAL F 205 19.35 37.13 29.52
C VAL F 205 18.47 36.89 28.28
N MET F 206 17.55 35.92 28.34
CA MET F 206 16.61 35.60 27.24
C MET F 206 15.44 36.59 27.21
N GLY F 207 15.35 37.52 28.17
CA GLY F 207 14.45 38.69 28.10
C GLY F 207 13.13 38.50 28.83
N ASP F 208 12.91 37.32 29.42
CA ASP F 208 11.63 36.99 30.13
C ASP F 208 11.48 37.82 31.41
N ALA F 209 12.57 38.21 32.09
CA ALA F 209 12.48 39.02 33.33
C ALA F 209 13.69 39.94 33.53
N ASP F 210 13.48 41.01 34.31
CA ASP F 210 14.50 42.05 34.64
C ASP F 210 15.04 41.85 36.06
N VAL F 211 14.32 41.10 36.92
CA VAL F 211 14.70 40.81 38.32
C VAL F 211 14.31 39.36 38.65
N ALA F 212 15.04 38.70 39.54
CA ALA F 212 14.71 37.31 39.94
C ALA F 212 15.25 36.98 41.33
N VAL F 213 14.39 36.46 42.19
CA VAL F 213 14.79 35.80 43.47
C VAL F 213 15.08 34.34 43.14
N CYS F 214 16.33 33.93 43.32
CA CYS F 214 16.74 32.54 43.04
C CYS F 214 17.56 31.99 44.20
N GLY F 215 17.59 30.66 44.29
CA GLY F 215 18.36 29.94 45.32
C GLY F 215 17.78 28.55 45.48
N GLY F 216 17.86 28.02 46.70
CA GLY F 216 17.31 26.69 47.02
C GLY F 216 17.00 26.57 48.49
N VAL F 217 16.10 25.65 48.82
CA VAL F 217 15.74 25.32 50.23
C VAL F 217 15.78 23.80 50.35
N GLU F 218 15.68 23.32 51.57
CA GLU F 218 15.88 21.89 51.84
C GLU F 218 15.47 21.55 53.26
N GLY F 219 14.93 20.34 53.43
CA GLY F 219 14.40 19.85 54.71
C GLY F 219 15.48 19.67 55.76
N PRO F 220 15.09 19.38 57.02
CA PRO F 220 16.06 19.19 58.09
C PRO F 220 16.64 17.78 58.11
N ILE F 221 17.73 17.61 58.86
CA ILE F 221 18.23 16.27 59.24
C ILE F 221 17.09 15.54 59.94
N GLU F 222 16.87 14.28 59.60
CA GLU F 222 15.93 13.40 60.33
C GLU F 222 16.41 11.95 60.25
N ALA F 223 15.73 11.06 60.98
CA ALA F 223 16.07 9.62 61.09
C ALA F 223 16.09 8.97 59.71
N LEU F 224 15.03 9.14 58.92
CA LEU F 224 14.88 8.47 57.59
C LEU F 224 15.93 9.02 56.62
N PRO F 225 16.14 10.35 56.50
CA PRO F 225 17.22 10.89 55.67
C PRO F 225 18.60 10.28 55.96
N ILE F 226 19.06 10.33 57.21
CA ILE F 226 20.37 9.78 57.64
C ILE F 226 20.40 8.28 57.27
N ALA F 227 19.30 7.58 57.48
CA ALA F 227 19.17 6.12 57.22
C ALA F 227 19.36 5.86 55.72
N ALA F 228 18.68 6.61 54.85
CA ALA F 228 18.64 6.38 53.39
C ALA F 228 20.01 6.67 52.76
N PHE F 229 20.63 7.79 53.14
CA PHE F 229 21.95 8.23 52.61
C PHE F 229 23.08 7.42 53.24
N SER F 230 22.93 6.95 54.49
CA SER F 230 23.98 6.13 55.16
C SER F 230 24.03 4.74 54.51
N MET F 231 22.88 4.23 54.04
CA MET F 231 22.81 2.93 53.32
C MET F 231 23.48 3.04 51.94
N MET F 232 23.56 4.24 51.36
CA MET F 232 24.41 4.54 50.17
C MET F 232 25.89 4.41 50.56
N ARG F 233 26.20 4.64 51.85
CA ARG F 233 27.57 4.58 52.45
C ARG F 233 28.36 5.82 52.03
N ALA F 234 27.66 6.89 51.66
CA ALA F 234 28.25 8.16 51.18
C ALA F 234 28.54 9.10 52.35
N MET F 235 28.22 8.71 53.58
CA MET F 235 28.26 9.61 54.76
C MET F 235 29.42 9.23 55.69
N SER F 236 30.11 10.23 56.24
CA SER F 236 31.21 10.08 57.22
C SER F 236 30.64 9.56 58.55
N THR F 237 31.32 8.62 59.21
CA THR F 237 30.92 8.07 60.53
C THR F 237 31.98 8.40 61.59
N ARG F 238 32.69 9.52 61.43
CA ARG F 238 33.68 10.01 62.44
C ARG F 238 32.89 10.66 63.60
N ASN F 239 32.16 9.85 64.36
CA ASN F 239 31.21 10.33 65.40
C ASN F 239 31.96 10.83 66.64
N ASP F 240 33.25 10.48 66.81
CA ASP F 240 34.04 10.83 68.01
C ASP F 240 34.55 12.26 67.92
N GLU F 241 34.74 12.78 66.71
CA GLU F 241 35.22 14.16 66.45
C GLU F 241 34.36 14.77 65.34
N PRO F 242 33.13 15.24 65.67
CA PRO F 242 32.21 15.77 64.67
C PRO F 242 32.84 16.83 63.77
N GLU F 243 33.48 17.83 64.40
CA GLU F 243 34.05 19.02 63.70
C GLU F 243 35.10 18.58 62.67
N ARG F 244 35.68 17.38 62.84
CA ARG F 244 36.76 16.86 61.96
C ARG F 244 36.24 15.85 60.91
N ALA F 245 34.94 15.59 60.84
CA ALA F 245 34.37 14.50 60.00
C ALA F 245 34.38 14.86 58.51
N SER F 246 34.14 16.12 58.15
CA SER F 246 34.00 16.58 56.74
C SER F 246 35.35 17.07 56.23
N ARG F 247 35.99 16.30 55.35
CA ARG F 247 37.42 16.52 54.98
C ARG F 247 37.59 16.53 53.47
N PRO F 248 36.93 17.47 52.75
CA PRO F 248 37.04 17.48 51.29
C PRO F 248 38.50 17.64 50.84
N PHE F 249 38.98 16.66 50.05
CA PHE F 249 40.32 16.60 49.40
C PHE F 249 41.41 16.12 50.39
N ASP F 250 41.03 15.73 51.61
CA ASP F 250 41.99 15.19 52.62
C ASP F 250 42.19 13.70 52.36
N LYS F 251 43.34 13.16 52.78
CA LYS F 251 43.69 11.73 52.59
C LYS F 251 42.70 10.83 53.34
N ASP F 252 42.14 11.31 54.46
CA ASP F 252 41.38 10.50 55.45
C ASP F 252 39.87 10.71 55.31
N ARG F 253 39.40 11.32 54.22
CA ARG F 253 37.97 11.63 54.04
C ARG F 253 37.18 10.33 53.89
N ASP F 254 36.10 10.17 54.66
CA ASP F 254 35.31 8.92 54.73
C ASP F 254 33.82 9.19 54.43
N GLY F 255 33.49 10.27 53.73
CA GLY F 255 32.11 10.59 53.31
C GLY F 255 31.70 12.02 53.65
N PHE F 256 30.51 12.44 53.23
CA PHE F 256 29.97 13.79 53.52
C PHE F 256 29.29 13.79 54.89
N VAL F 257 28.88 14.99 55.30
CA VAL F 257 28.18 15.26 56.59
C VAL F 257 27.00 16.17 56.29
N PHE F 258 25.85 15.93 56.94
CA PHE F 258 24.66 16.79 56.79
C PHE F 258 24.91 18.11 57.51
N GLY F 259 24.68 19.20 56.79
CA GLY F 259 24.52 20.55 57.34
C GLY F 259 23.29 21.22 56.76
N GLU F 260 22.25 21.40 57.59
CA GLU F 260 20.99 22.08 57.17
C GLU F 260 21.32 23.49 56.69
N ALA F 261 20.68 23.92 55.61
CA ALA F 261 20.84 25.29 55.08
C ALA F 261 19.69 25.66 54.15
N GLY F 262 19.68 26.93 53.79
CA GLY F 262 18.73 27.53 52.83
C GLY F 262 19.29 28.87 52.43
N ALA F 263 19.35 29.16 51.13
CA ALA F 263 19.95 30.40 50.63
C ALA F 263 19.16 30.93 49.45
N LEU F 264 19.07 32.26 49.36
CA LEU F 264 18.44 32.96 48.22
C LEU F 264 19.27 34.20 47.90
N MET F 265 19.27 34.61 46.65
CA MET F 265 19.88 35.89 46.25
C MET F 265 18.92 36.61 45.32
N LEU F 266 19.08 37.93 45.25
CA LEU F 266 18.31 38.80 44.35
C LEU F 266 19.24 39.24 43.22
N ILE F 267 19.07 38.62 42.05
CA ILE F 267 19.79 39.00 40.81
C ILE F 267 18.85 39.86 39.96
N GLU F 268 19.42 40.82 39.25
CA GLU F 268 18.68 41.72 38.32
C GLU F 268 19.64 42.22 37.26
N THR F 269 19.12 42.84 36.19
CA THR F 269 19.94 43.49 35.14
C THR F 269 20.65 44.69 35.77
N GLU F 270 21.90 44.94 35.37
CA GLU F 270 22.68 46.08 35.92
C GLU F 270 21.87 47.38 35.75
N GLU F 271 21.16 47.52 34.62
CA GLU F 271 20.39 48.75 34.32
C GLU F 271 19.22 48.88 35.31
N HIS F 272 18.62 47.77 35.74
CA HIS F 272 17.53 47.74 36.75
C HIS F 272 18.08 48.11 38.13
N ALA F 273 19.20 47.48 38.50
CA ALA F 273 19.94 47.74 39.76
C ALA F 273 20.29 49.23 39.86
N LYS F 274 20.88 49.79 38.80
CA LYS F 274 21.31 51.21 38.76
C LYS F 274 20.08 52.11 38.87
N ALA F 275 18.98 51.70 38.25
CA ALA F 275 17.72 52.47 38.12
C ALA F 275 17.13 52.79 39.50
N ARG F 276 17.23 51.88 40.48
CA ARG F 276 16.55 52.02 41.81
C ARG F 276 17.55 52.40 42.92
N GLY F 277 18.83 52.62 42.59
CA GLY F 277 19.86 53.01 43.56
C GLY F 277 20.38 51.82 44.36
N ALA F 278 20.42 50.63 43.76
CA ALA F 278 20.93 49.38 44.37
C ALA F 278 22.45 49.33 44.25
N LYS F 279 23.11 48.59 45.15
CA LYS F 279 24.59 48.42 45.16
C LYS F 279 24.93 46.96 44.90
N PRO F 280 25.45 46.62 43.70
CA PRO F 280 25.83 45.24 43.39
C PRO F 280 26.93 44.67 44.30
N LEU F 281 26.78 43.40 44.70
CA LEU F 281 27.80 42.65 45.48
C LEU F 281 28.70 41.85 44.53
N ALA F 282 28.20 41.52 43.34
CA ALA F 282 28.94 40.72 42.32
C ALA F 282 28.16 40.70 41.02
N ARG F 283 28.82 40.31 39.93
CA ARG F 283 28.20 40.06 38.63
C ARG F 283 27.97 38.55 38.48
N LEU F 284 26.77 38.15 38.07
CA LEU F 284 26.51 36.76 37.61
C LEU F 284 26.68 36.74 36.08
N LEU F 285 27.69 36.03 35.59
CA LEU F 285 28.24 36.23 34.22
C LEU F 285 27.78 35.13 33.26
N GLY F 286 27.46 33.94 33.77
CA GLY F 286 27.10 32.79 32.93
C GLY F 286 26.90 31.52 33.75
N ALA F 287 26.18 30.57 33.17
CA ALA F 287 25.89 29.25 33.78
C ALA F 287 26.05 28.14 32.75
N GLY F 288 26.57 27.00 33.20
CA GLY F 288 26.76 25.80 32.37
C GLY F 288 26.09 24.61 33.01
N ILE F 289 25.17 23.97 32.29
CA ILE F 289 24.48 22.74 32.78
C ILE F 289 24.82 21.61 31.82
N THR F 290 25.57 20.61 32.30
CA THR F 290 25.96 19.40 31.54
C THR F 290 25.56 18.17 32.36
N SER F 291 25.86 16.97 31.87
CA SER F 291 25.49 15.70 32.56
C SER F 291 26.40 14.53 32.13
N ASP F 292 26.61 13.59 33.06
CA ASP F 292 27.59 12.48 32.97
C ASP F 292 27.05 11.37 32.07
N ALA F 293 25.85 10.86 32.35
CA ALA F 293 25.30 9.65 31.74
C ALA F 293 26.30 8.50 31.96
N PHE F 294 26.66 8.26 33.22
CA PHE F 294 27.63 7.22 33.63
C PHE F 294 27.00 6.31 34.70
N HIS F 295 26.40 6.90 35.73
CA HIS F 295 25.79 6.15 36.87
C HIS F 295 24.70 7.00 37.52
N MET F 296 23.86 6.37 38.36
CA MET F 296 22.71 7.02 39.01
C MET F 296 23.14 7.82 40.24
N VAL F 297 24.24 7.44 40.90
CA VAL F 297 24.76 8.20 42.08
C VAL F 297 26.23 8.55 41.96
N ALA F 298 27.01 7.82 41.15
CA ALA F 298 28.48 7.95 41.08
C ALA F 298 28.86 8.90 39.94
N PRO F 299 29.71 9.92 40.19
CA PRO F 299 30.16 10.80 39.12
C PRO F 299 31.15 10.08 38.20
N ALA F 300 31.33 10.59 36.99
CA ALA F 300 32.30 10.07 36.01
C ALA F 300 33.69 10.24 36.60
N ALA F 301 34.47 9.15 36.67
CA ALA F 301 35.85 9.19 37.24
C ALA F 301 36.67 10.25 36.47
N ASP F 302 36.49 10.32 35.14
CA ASP F 302 37.28 11.16 34.21
C ASP F 302 36.93 12.65 34.35
N GLY F 303 35.76 12.97 34.89
CA GLY F 303 35.32 14.35 35.17
C GLY F 303 35.26 15.24 33.93
N VAL F 304 35.05 14.67 32.74
CA VAL F 304 35.10 15.46 31.47
C VAL F 304 33.84 16.32 31.35
N ARG F 305 32.66 15.73 31.57
CA ARG F 305 31.37 16.44 31.43
C ARG F 305 31.28 17.50 32.53
N ALA F 306 31.53 17.09 33.78
CA ALA F 306 31.72 17.99 34.95
C ALA F 306 32.50 19.24 34.52
N GLY F 307 33.70 19.04 33.98
CA GLY F 307 34.57 20.12 33.48
C GLY F 307 33.91 20.90 32.35
N ARG F 308 33.16 20.22 31.48
CA ARG F 308 32.52 20.85 30.29
C ARG F 308 31.53 21.92 30.77
N ALA F 309 30.81 21.64 31.86
CA ALA F 309 29.86 22.59 32.50
C ALA F 309 30.60 23.89 32.84
N MET F 310 31.73 23.77 33.55
CA MET F 310 32.58 24.93 33.93
C MET F 310 32.95 25.69 32.65
N THR F 311 33.47 24.98 31.63
CA THR F 311 33.86 25.57 30.32
C THR F 311 32.69 26.35 29.72
N ARG F 312 31.48 25.80 29.83
CA ARG F 312 30.26 26.39 29.23
C ARG F 312 29.95 27.73 29.91
N SER F 313 30.11 27.81 31.23
CA SER F 313 29.88 29.07 32.00
C SER F 313 30.90 30.12 31.54
N LEU F 314 32.12 29.71 31.21
CA LEU F 314 33.19 30.59 30.67
C LEU F 314 32.83 31.09 29.27
N GLU F 315 32.34 30.21 28.38
CA GLU F 315 31.95 30.59 26.99
C GLU F 315 30.84 31.65 27.03
N LEU F 316 29.80 31.40 27.83
CA LEU F 316 28.62 32.31 27.94
C LEU F 316 29.02 33.59 28.68
N ALA F 317 30.02 33.51 29.58
CA ALA F 317 30.57 34.67 30.32
C ALA F 317 31.43 35.52 29.40
N GLY F 318 32.32 34.87 28.65
CA GLY F 318 33.31 35.52 27.77
C GLY F 318 34.71 35.47 28.38
N LEU F 319 34.99 34.39 29.11
CA LEU F 319 36.24 34.21 29.90
C LEU F 319 37.00 33.00 29.36
N SER F 320 38.30 32.99 29.60
CA SER F 320 39.18 31.81 29.42
C SER F 320 39.57 31.31 30.80
N PRO F 321 39.93 30.01 30.93
CA PRO F 321 40.24 29.46 32.25
C PRO F 321 41.29 30.25 33.04
N ALA F 322 42.25 30.88 32.35
CA ALA F 322 43.30 31.72 32.97
C ALA F 322 42.67 32.84 33.81
N ASP F 323 41.47 33.30 33.44
CA ASP F 323 40.78 34.44 34.11
C ASP F 323 40.27 34.03 35.49
N ILE F 324 40.12 32.73 35.75
CA ILE F 324 39.36 32.19 36.92
C ILE F 324 40.30 32.01 38.11
N ASP F 325 40.29 32.97 39.04
CA ASP F 325 41.21 33.00 40.20
C ASP F 325 40.75 32.00 41.26
N HIS F 326 39.46 31.69 41.29
CA HIS F 326 38.83 30.95 42.41
C HIS F 326 37.82 29.93 41.88
N VAL F 327 37.88 28.72 42.45
CA VAL F 327 36.83 27.67 42.27
C VAL F 327 36.25 27.39 43.64
N ASN F 328 34.95 27.62 43.81
CA ASN F 328 34.19 27.09 44.96
C ASN F 328 33.82 25.64 44.64
N ALA F 329 34.62 24.68 45.10
CA ALA F 329 34.45 23.25 44.77
C ALA F 329 33.12 22.72 45.31
N HIS F 330 32.71 21.55 44.82
CA HIS F 330 31.57 20.77 45.37
C HIS F 330 32.03 20.13 46.69
N GLY F 331 33.17 19.42 46.66
CA GLY F 331 33.87 18.90 47.85
C GLY F 331 32.94 18.16 48.81
N THR F 332 32.28 17.09 48.36
CA THR F 332 31.35 16.30 49.22
C THR F 332 32.13 15.49 50.28
N ALA F 333 33.47 15.44 50.21
CA ALA F 333 34.33 14.65 51.11
C ALA F 333 34.08 13.14 50.94
N THR F 334 33.55 12.73 49.79
CA THR F 334 33.42 11.30 49.39
C THR F 334 34.63 10.93 48.54
N PRO F 335 35.29 9.77 48.80
CA PRO F 335 36.49 9.41 48.06
C PRO F 335 36.37 9.59 46.53
N ILE F 336 35.42 8.89 45.90
CA ILE F 336 35.19 8.95 44.42
C ILE F 336 34.84 10.38 44.01
N GLY F 337 34.06 11.09 44.84
CA GLY F 337 33.48 12.41 44.51
C GLY F 337 34.54 13.47 44.32
N ASP F 338 35.41 13.63 45.32
CA ASP F 338 36.48 14.67 45.32
C ASP F 338 37.51 14.33 44.23
N ALA F 339 37.83 13.04 44.06
CA ALA F 339 38.73 12.53 43.01
C ALA F 339 38.19 12.98 41.64
N ALA F 340 36.91 12.69 41.39
CA ALA F 340 36.20 13.06 40.14
C ALA F 340 36.31 14.57 39.90
N GLU F 341 36.10 15.40 40.92
CA GLU F 341 36.06 16.89 40.74
C GLU F 341 37.47 17.41 40.46
N ALA F 342 38.48 16.83 41.12
CA ALA F 342 39.91 17.08 40.84
C ALA F 342 40.13 17.10 39.33
N ASN F 343 39.78 15.99 38.66
CA ASN F 343 39.93 15.81 37.20
C ASN F 343 39.17 16.91 36.47
N ALA F 344 37.90 17.09 36.82
CA ALA F 344 36.98 18.08 36.21
C ALA F 344 37.65 19.46 36.17
N ILE F 345 38.23 19.90 37.28
CA ILE F 345 38.87 21.25 37.37
C ILE F 345 40.04 21.31 36.37
N ARG F 346 40.88 20.26 36.29
CA ARG F 346 42.02 20.19 35.35
C ARG F 346 41.50 20.36 33.92
N VAL F 347 40.50 19.54 33.54
CA VAL F 347 39.93 19.51 32.16
C VAL F 347 39.43 20.91 31.78
N ALA F 348 38.68 21.56 32.66
CA ALA F 348 38.21 22.96 32.50
C ALA F 348 39.42 23.90 32.34
N GLY F 349 40.60 23.49 32.84
CA GLY F 349 41.86 24.25 32.72
C GLY F 349 42.00 25.25 33.85
N CYS F 350 41.45 24.92 35.02
CA CYS F 350 41.27 25.86 36.16
C CYS F 350 42.03 25.39 37.42
N ASP F 351 43.01 24.49 37.28
CA ASP F 351 43.72 23.88 38.44
C ASP F 351 44.84 24.81 38.97
N GLN F 352 44.99 26.03 38.42
CA GLN F 352 45.84 27.10 39.01
C GLN F 352 45.00 28.03 39.90
N ALA F 353 43.72 27.71 40.09
CA ALA F 353 42.78 28.56 40.86
C ALA F 353 42.81 28.18 42.34
N ALA F 354 42.63 29.18 43.21
CA ALA F 354 42.44 29.01 44.67
C ALA F 354 41.13 28.26 44.91
N VAL F 355 41.17 27.18 45.68
CA VAL F 355 40.00 26.24 45.83
C VAL F 355 39.53 26.23 47.28
N TYR F 356 38.20 26.21 47.45
CA TYR F 356 37.52 26.21 48.77
C TYR F 356 36.44 25.13 48.74
N ALA F 357 36.46 24.25 49.74
CA ALA F 357 35.42 23.23 49.97
C ALA F 357 34.62 23.60 51.22
N PRO F 358 33.59 24.47 51.07
CA PRO F 358 32.84 24.99 52.21
C PRO F 358 32.06 23.92 53.00
N LYS F 359 31.79 22.78 52.39
CA LYS F 359 31.13 21.63 53.09
C LYS F 359 32.01 21.14 54.25
N SER F 360 33.30 21.46 54.25
CA SER F 360 34.24 21.21 55.38
C SER F 360 33.73 21.84 56.68
N ALA F 361 33.14 23.04 56.59
CA ALA F 361 32.65 23.82 57.75
C ALA F 361 31.13 23.67 57.88
N LEU F 362 30.39 23.85 56.77
CA LEU F 362 28.91 23.96 56.77
C LEU F 362 28.23 22.60 56.52
N GLY F 363 28.93 21.63 55.94
CA GLY F 363 28.35 20.33 55.58
C GLY F 363 27.47 20.42 54.34
N HIS F 364 26.78 19.33 54.03
CA HIS F 364 26.00 19.12 52.78
C HIS F 364 24.51 19.42 53.03
N SER F 365 23.98 20.46 52.39
CA SER F 365 22.56 20.89 52.53
C SER F 365 21.73 20.45 51.31
N ILE F 366 22.26 19.55 50.48
CA ILE F 366 21.57 18.96 49.28
C ILE F 366 21.02 20.07 48.39
N GLY F 367 19.69 20.22 48.28
CA GLY F 367 19.02 21.17 47.37
C GLY F 367 19.42 22.63 47.58
N ALA F 368 19.86 23.00 48.79
CA ALA F 368 20.23 24.40 49.12
C ALA F 368 21.69 24.67 48.77
N VAL F 369 22.53 23.64 48.87
CA VAL F 369 24.01 23.80 48.99
C VAL F 369 24.54 24.54 47.76
N GLY F 370 23.98 24.30 46.58
CA GLY F 370 24.37 25.03 45.36
C GLY F 370 24.17 26.52 45.55
N ALA F 371 23.00 26.91 46.06
CA ALA F 371 22.60 28.33 46.30
C ALA F 371 23.44 28.92 47.44
N LEU F 372 23.61 28.17 48.54
CA LEU F 372 24.45 28.60 49.70
C LEU F 372 25.86 28.94 49.18
N GLU F 373 26.46 28.00 48.45
CA GLU F 373 27.88 28.11 48.02
C GLU F 373 28.01 29.22 46.96
N SER F 374 26.99 29.40 46.13
CA SER F 374 26.92 30.54 45.17
C SER F 374 26.95 31.86 45.94
N VAL F 375 26.28 31.90 47.10
CA VAL F 375 26.30 33.08 48.02
C VAL F 375 27.71 33.26 48.56
N LEU F 376 28.35 32.18 49.00
CA LEU F 376 29.73 32.25 49.57
C LEU F 376 30.69 32.74 48.48
N THR F 377 30.51 32.28 47.24
CA THR F 377 31.35 32.72 46.10
C THR F 377 31.21 34.23 45.92
N VAL F 378 29.97 34.72 45.95
CA VAL F 378 29.69 36.17 45.79
C VAL F 378 30.43 36.94 46.88
N LEU F 379 30.31 36.50 48.14
CA LEU F 379 30.94 37.17 49.30
C LEU F 379 32.45 37.20 49.11
N THR F 380 33.02 36.13 48.56
CA THR F 380 34.48 36.05 48.27
C THR F 380 34.86 37.22 47.36
N LEU F 381 34.20 37.34 46.23
CA LEU F 381 34.53 38.35 45.19
C LEU F 381 34.36 39.74 45.80
N ARG F 382 33.34 39.91 46.63
CA ARG F 382 33.05 41.20 47.30
C ARG F 382 34.20 41.54 48.26
N ASP F 383 34.49 40.65 49.22
CA ASP F 383 35.44 40.91 50.35
C ASP F 383 36.86 40.47 49.99
N GLY F 384 37.12 40.11 48.73
CA GLY F 384 38.43 39.64 48.24
C GLY F 384 39.12 38.70 49.22
N VAL F 385 38.40 37.69 49.72
CA VAL F 385 38.92 36.73 50.75
C VAL F 385 38.27 35.36 50.57
N ILE F 386 39.02 34.29 50.85
CA ILE F 386 38.51 32.88 50.80
C ILE F 386 38.66 32.24 52.18
N PRO F 387 37.57 31.77 52.82
CA PRO F 387 37.70 31.04 54.08
C PRO F 387 38.57 29.79 53.97
N PRO F 388 39.10 29.28 55.10
CA PRO F 388 39.91 28.08 55.08
C PRO F 388 39.06 26.82 54.95
N THR F 389 39.39 25.95 54.00
CA THR F 389 38.85 24.58 53.96
C THR F 389 39.28 23.86 55.24
N LEU F 390 38.36 23.68 56.20
CA LEU F 390 38.69 22.98 57.47
C LEU F 390 39.11 21.54 57.18
N ASN F 391 39.87 20.94 58.10
CA ASN F 391 40.23 19.49 58.17
C ASN F 391 41.15 19.04 57.02
N TYR F 392 41.74 19.95 56.27
CA TYR F 392 42.71 19.65 55.17
C TYR F 392 44.10 19.51 55.77
N GLU F 393 44.40 18.38 56.41
CA GLU F 393 45.66 18.19 57.17
C GLU F 393 46.63 17.29 56.40
N THR F 394 46.14 16.31 55.65
CA THR F 394 46.99 15.42 54.81
C THR F 394 46.45 15.38 53.38
N PRO F 395 46.79 16.40 52.56
CA PRO F 395 46.30 16.48 51.19
C PRO F 395 46.39 15.13 50.45
N ASP F 396 45.27 14.63 49.93
CA ASP F 396 45.23 13.39 49.11
C ASP F 396 46.34 13.45 48.08
N PRO F 397 47.38 12.58 48.18
CA PRO F 397 48.50 12.58 47.23
C PRO F 397 48.10 12.55 45.75
N GLU F 398 46.99 11.87 45.43
CA GLU F 398 46.49 11.68 44.05
C GLU F 398 45.72 12.92 43.58
N ILE F 399 45.66 13.97 44.43
CA ILE F 399 44.94 15.24 44.12
C ILE F 399 45.91 16.41 44.32
N ASP F 400 46.20 17.13 43.24
CA ASP F 400 47.10 18.31 43.24
C ASP F 400 46.26 19.55 42.94
N LEU F 401 45.62 20.11 43.97
CA LEU F 401 44.87 21.38 43.86
C LEU F 401 45.40 22.35 44.91
N ASP F 402 45.28 23.64 44.63
CA ASP F 402 45.65 24.74 45.55
C ASP F 402 44.46 24.98 46.48
N VAL F 403 44.30 24.12 47.47
CA VAL F 403 43.17 24.20 48.43
C VAL F 403 43.55 25.19 49.54
N VAL F 404 42.82 26.28 49.64
CA VAL F 404 43.03 27.30 50.71
C VAL F 404 42.73 26.60 52.04
N ALA F 405 43.67 26.66 53.00
CA ALA F 405 43.54 25.98 54.31
C ALA F 405 44.29 26.76 55.39
N GLY F 406 44.15 26.32 56.65
CA GLY F 406 44.79 26.93 57.82
C GLY F 406 44.12 28.23 58.22
N GLU F 407 43.97 29.15 57.26
CA GLU F 407 43.74 30.58 57.53
C GLU F 407 43.11 31.20 56.28
N PRO F 408 42.15 32.13 56.41
CA PRO F 408 41.56 32.78 55.25
C PRO F 408 42.64 33.36 54.34
N ARG F 409 42.46 33.28 53.03
CA ARG F 409 43.46 33.78 52.05
C ARG F 409 42.92 34.99 51.31
N TYR F 410 43.45 36.16 51.64
CA TYR F 410 43.14 37.44 50.97
C TYR F 410 43.83 37.44 49.60
N GLY F 411 43.09 37.76 48.54
CA GLY F 411 43.62 37.78 47.16
C GLY F 411 42.80 38.62 46.22
N ASP F 412 43.39 39.04 45.10
CA ASP F 412 42.72 39.88 44.07
C ASP F 412 41.89 39.00 43.14
N TYR F 413 40.81 38.40 43.65
CA TYR F 413 39.94 37.48 42.86
C TYR F 413 39.01 38.32 42.00
N ARG F 414 39.17 38.26 40.67
CA ARG F 414 38.35 39.04 39.70
C ARG F 414 37.21 38.18 39.15
N TYR F 415 37.43 36.86 39.01
CA TYR F 415 36.43 35.91 38.46
C TYR F 415 36.55 34.57 39.16
N ALA F 416 35.39 33.96 39.44
CA ALA F 416 35.27 32.69 40.18
C ALA F 416 34.24 31.79 39.51
N VAL F 417 34.34 30.48 39.75
CA VAL F 417 33.36 29.47 39.24
C VAL F 417 32.89 28.60 40.41
N ASN F 418 31.58 28.56 40.65
CA ASN F 418 30.96 27.71 41.69
C ASN F 418 30.51 26.38 41.05
N ASN F 419 31.01 25.27 41.58
CA ASN F 419 30.70 23.90 41.10
C ASN F 419 29.62 23.26 41.97
N SER F 420 28.60 22.69 41.33
CA SER F 420 27.60 21.79 41.97
C SER F 420 27.42 20.55 41.10
N PHE F 421 27.61 19.37 41.68
CA PHE F 421 27.42 18.06 41.00
C PHE F 421 26.46 17.20 41.81
N GLY F 422 25.20 17.14 41.38
CA GLY F 422 24.16 16.32 42.05
C GLY F 422 24.18 14.86 41.61
N PHE F 423 23.79 13.97 42.52
CA PHE F 423 23.54 12.52 42.24
C PHE F 423 22.54 12.40 41.08
N GLY F 424 22.79 11.46 40.17
CA GLY F 424 22.08 11.36 38.88
C GLY F 424 22.87 12.01 37.76
N GLY F 425 24.17 12.26 37.99
CA GLY F 425 25.12 12.82 37.01
C GLY F 425 24.78 14.24 36.57
N HIS F 426 24.24 15.08 37.45
CA HIS F 426 23.91 16.50 37.14
C HIS F 426 25.09 17.42 37.49
N ASN F 427 25.56 18.21 36.52
CA ASN F 427 26.72 19.12 36.68
C ASN F 427 26.27 20.55 36.39
N VAL F 428 26.52 21.47 37.33
CA VAL F 428 26.19 22.90 37.14
C VAL F 428 27.39 23.74 37.58
N ALA F 429 27.64 24.79 36.81
CA ALA F 429 28.78 25.71 37.01
C ALA F 429 28.30 27.14 36.78
N LEU F 430 28.30 27.95 37.83
CA LEU F 430 27.99 29.40 37.71
C LEU F 430 29.30 30.15 37.71
N ALA F 431 29.43 31.11 36.80
CA ALA F 431 30.61 31.97 36.66
C ALA F 431 30.24 33.35 37.17
N PHE F 432 30.83 33.73 38.30
CA PHE F 432 30.68 35.07 38.90
C PHE F 432 31.97 35.87 38.72
N GLY F 433 31.84 37.18 38.67
CA GLY F 433 32.97 38.12 38.65
C GLY F 433 32.76 39.22 39.65
N ARG F 434 33.84 39.84 40.10
CA ARG F 434 33.79 40.97 41.05
C ARG F 434 33.16 42.16 40.34
N TYR F 435 32.44 43.00 41.10
CA TYR F 435 31.76 44.20 40.56
C TYR F 435 32.77 45.35 40.45
N SER G 21 5.71 -12.98 -6.69
CA SER G 21 4.92 -13.75 -7.70
C SER G 21 5.13 -15.25 -7.46
N GLN G 22 4.03 -16.02 -7.44
CA GLN G 22 4.05 -17.45 -7.05
C GLN G 22 4.39 -18.32 -8.26
N PRO G 23 5.40 -19.23 -8.15
CA PRO G 23 5.70 -20.15 -9.25
C PRO G 23 4.48 -21.01 -9.63
N SER G 24 4.38 -21.36 -10.92
CA SER G 24 3.36 -22.28 -11.48
C SER G 24 3.93 -23.00 -12.69
N THR G 25 3.15 -23.91 -13.29
CA THR G 25 3.48 -24.51 -14.61
C THR G 25 3.41 -23.42 -15.67
N ALA G 26 2.31 -22.67 -15.69
CA ALA G 26 1.96 -21.64 -16.71
C ALA G 26 3.04 -20.55 -16.78
N ASN G 27 3.59 -20.12 -15.64
CA ASN G 27 4.57 -18.99 -15.60
C ASN G 27 6.00 -19.55 -15.61
N GLY G 28 6.17 -20.82 -16.00
CA GLY G 28 7.48 -21.49 -16.06
C GLY G 28 8.22 -21.43 -14.74
N GLY G 29 7.50 -21.42 -13.62
CA GLY G 29 8.07 -21.50 -12.26
C GLY G 29 8.41 -22.94 -11.93
N PHE G 30 7.47 -23.84 -12.21
CA PHE G 30 7.68 -25.31 -12.22
C PHE G 30 8.05 -25.74 -13.63
N PRO G 31 8.88 -26.79 -13.77
CA PRO G 31 9.19 -27.34 -15.09
C PRO G 31 7.96 -28.06 -15.65
N SER G 32 7.84 -28.07 -16.97
CA SER G 32 6.78 -28.80 -17.72
C SER G 32 6.90 -30.30 -17.42
N VAL G 33 5.77 -30.99 -17.24
CA VAL G 33 5.74 -32.47 -17.01
C VAL G 33 4.63 -33.10 -17.85
N VAL G 34 4.95 -34.18 -18.56
CA VAL G 34 4.02 -34.85 -19.51
C VAL G 34 3.85 -36.32 -19.12
N VAL G 35 2.69 -36.89 -19.46
CA VAL G 35 2.37 -38.33 -19.18
C VAL G 35 2.67 -39.13 -20.46
N THR G 36 3.82 -39.79 -20.48
CA THR G 36 4.38 -40.47 -21.69
C THR G 36 3.83 -41.89 -21.86
N ALA G 37 3.42 -42.58 -20.79
CA ALA G 37 2.87 -43.95 -20.90
C ALA G 37 1.85 -44.23 -19.78
N VAL G 38 0.89 -45.11 -20.06
CA VAL G 38 -0.18 -45.50 -19.09
C VAL G 38 -0.42 -47.01 -19.19
N THR G 39 -0.96 -47.58 -18.12
CA THR G 39 -1.23 -49.03 -17.99
C THR G 39 -2.20 -49.25 -16.84
N ALA G 40 -3.03 -50.28 -16.95
CA ALA G 40 -4.01 -50.66 -15.91
C ALA G 40 -4.65 -52.01 -16.23
N THR G 41 -4.88 -52.81 -15.20
CA THR G 41 -5.76 -54.00 -15.24
C THR G 41 -7.05 -53.58 -14.52
N THR G 42 -8.20 -53.79 -15.15
CA THR G 42 -9.52 -53.37 -14.61
C THR G 42 -10.50 -54.54 -14.75
N SER G 43 -11.70 -54.35 -14.22
CA SER G 43 -12.81 -55.35 -14.26
C SER G 43 -13.34 -55.51 -15.69
N ILE G 44 -13.04 -54.56 -16.59
CA ILE G 44 -13.48 -54.63 -18.02
C ILE G 44 -12.42 -55.39 -18.83
N SER G 45 -11.14 -55.05 -18.67
CA SER G 45 -10.03 -55.63 -19.47
C SER G 45 -8.67 -55.36 -18.85
N PRO G 46 -7.69 -56.27 -19.06
CA PRO G 46 -6.29 -56.03 -18.69
C PRO G 46 -5.59 -54.97 -19.55
N ASP G 47 -6.12 -54.69 -20.76
CA ASP G 47 -5.59 -53.63 -21.65
C ASP G 47 -6.31 -52.33 -21.30
N ILE G 48 -5.56 -51.26 -21.01
CA ILE G 48 -6.14 -49.93 -20.71
C ILE G 48 -6.87 -49.42 -21.95
N GLU G 49 -6.38 -49.76 -23.16
CA GLU G 49 -6.98 -49.31 -24.44
C GLU G 49 -8.26 -50.10 -24.75
N SER G 50 -8.36 -51.37 -24.33
CA SER G 50 -9.59 -52.20 -24.43
C SER G 50 -10.61 -51.73 -23.40
N THR G 51 -10.14 -51.30 -22.22
CA THR G 51 -10.98 -50.76 -21.12
C THR G 51 -11.65 -49.46 -21.58
N TRP G 52 -10.87 -48.57 -22.20
CA TRP G 52 -11.28 -47.22 -22.69
C TRP G 52 -12.39 -47.34 -23.75
N LYS G 53 -12.21 -48.24 -24.72
CA LYS G 53 -13.24 -48.55 -25.75
C LYS G 53 -14.54 -49.01 -25.07
N GLY G 54 -14.43 -49.94 -24.12
CA GLY G 54 -15.57 -50.55 -23.42
C GLY G 54 -16.38 -49.52 -22.64
N LEU G 55 -15.71 -48.61 -21.91
CA LEU G 55 -16.37 -47.51 -21.17
C LEU G 55 -17.18 -46.65 -22.16
N LEU G 56 -16.53 -46.24 -23.24
CA LEU G 56 -17.10 -45.36 -24.30
C LEU G 56 -18.35 -46.00 -24.90
N ALA G 57 -18.35 -47.32 -25.11
CA ALA G 57 -19.50 -48.08 -25.64
C ALA G 57 -20.40 -48.57 -24.49
N GLY G 58 -20.24 -48.01 -23.29
CA GLY G 58 -21.16 -48.21 -22.16
C GLY G 58 -21.12 -49.62 -21.58
N GLU G 59 -19.96 -50.29 -21.61
CA GLU G 59 -19.76 -51.58 -20.89
C GLU G 59 -19.71 -51.29 -19.38
N SER G 60 -20.00 -52.31 -18.57
CA SER G 60 -19.86 -52.29 -17.10
C SER G 60 -19.08 -53.52 -16.63
N GLY G 61 -18.05 -53.30 -15.80
CA GLY G 61 -17.21 -54.37 -15.24
C GLY G 61 -17.89 -55.11 -14.09
N ILE G 62 -19.00 -54.59 -13.58
CA ILE G 62 -19.66 -55.14 -12.35
C ILE G 62 -20.57 -56.30 -12.74
N HIS G 63 -20.67 -57.31 -11.88
CA HIS G 63 -21.38 -58.57 -12.15
C HIS G 63 -21.86 -59.20 -10.85
N ALA G 64 -22.64 -60.27 -10.95
CA ALA G 64 -23.05 -61.12 -9.81
C ALA G 64 -21.81 -61.86 -9.32
N LEU G 65 -21.51 -61.81 -8.02
CA LEU G 65 -20.31 -62.47 -7.45
C LEU G 65 -20.57 -63.99 -7.40
N GLU G 66 -19.70 -64.74 -8.08
CA GLU G 66 -19.78 -66.22 -8.23
C GLU G 66 -19.07 -66.92 -7.06
N ASP G 67 -18.28 -66.17 -6.28
CA ASP G 67 -17.32 -66.73 -5.29
C ASP G 67 -18.08 -67.52 -4.21
N GLU G 68 -17.50 -68.64 -3.77
CA GLU G 68 -18.14 -69.57 -2.79
C GLU G 68 -18.25 -68.90 -1.42
N PHE G 69 -17.39 -67.93 -1.09
CA PHE G 69 -17.48 -67.18 0.18
C PHE G 69 -18.82 -66.42 0.25
N VAL G 70 -19.33 -65.96 -0.91
CA VAL G 70 -20.61 -65.19 -0.98
C VAL G 70 -21.72 -66.02 -0.34
N THR G 71 -21.86 -67.28 -0.74
CA THR G 71 -22.95 -68.19 -0.29
C THR G 71 -22.60 -68.71 1.11
N LYS G 72 -21.33 -69.03 1.34
CA LYS G 72 -20.82 -69.58 2.63
C LYS G 72 -21.25 -68.65 3.77
N TRP G 73 -20.97 -67.35 3.64
CA TRP G 73 -21.20 -66.34 4.71
C TRP G 73 -22.57 -65.70 4.57
N ASP G 74 -23.23 -65.86 3.42
CA ASP G 74 -24.51 -65.17 3.12
C ASP G 74 -24.28 -63.67 3.35
N LEU G 75 -23.46 -63.05 2.49
CA LEU G 75 -23.10 -61.62 2.62
C LEU G 75 -24.25 -60.78 2.06
N ALA G 76 -24.45 -59.58 2.61
CA ALA G 76 -25.48 -58.62 2.14
C ALA G 76 -25.16 -58.22 0.70
N VAL G 77 -23.88 -58.10 0.37
CA VAL G 77 -23.39 -57.73 -0.99
C VAL G 77 -22.95 -58.98 -1.73
N LYS G 78 -23.51 -59.19 -2.92
CA LYS G 78 -23.16 -60.33 -3.81
C LYS G 78 -22.81 -59.80 -5.21
N ILE G 79 -22.33 -58.55 -5.28
CA ILE G 79 -22.03 -57.87 -6.56
C ILE G 79 -20.60 -57.32 -6.49
N GLY G 80 -19.94 -57.23 -7.63
CA GLY G 80 -18.56 -56.70 -7.70
C GLY G 80 -17.93 -56.90 -9.06
N GLY G 81 -16.81 -56.22 -9.27
CA GLY G 81 -16.00 -56.31 -10.49
C GLY G 81 -14.66 -56.94 -10.19
N HIS G 82 -14.57 -58.27 -10.23
CA HIS G 82 -13.28 -58.99 -10.29
C HIS G 82 -12.55 -58.53 -11.55
N LEU G 83 -11.23 -58.54 -11.52
CA LEU G 83 -10.42 -58.21 -12.74
C LEU G 83 -10.89 -59.14 -13.86
N LYS G 84 -10.95 -58.60 -15.08
CA LYS G 84 -11.19 -59.41 -16.30
C LYS G 84 -10.15 -60.52 -16.36
N ASP G 85 -8.88 -60.12 -16.27
CA ASP G 85 -7.71 -61.02 -16.25
C ASP G 85 -7.16 -61.05 -14.83
N PRO G 86 -7.27 -62.19 -14.12
CA PRO G 86 -6.60 -62.36 -12.83
C PRO G 86 -5.09 -62.08 -12.94
N VAL G 87 -4.52 -61.50 -11.89
CA VAL G 87 -3.04 -61.27 -11.77
C VAL G 87 -2.33 -62.63 -11.71
N ASP G 88 -2.78 -63.49 -10.82
CA ASP G 88 -2.09 -64.76 -10.45
C ASP G 88 -1.98 -65.71 -11.66
N SER G 89 -2.77 -65.49 -12.71
CA SER G 89 -2.70 -66.28 -13.97
C SER G 89 -1.38 -66.02 -14.71
N HIS G 90 -0.69 -64.92 -14.40
CA HIS G 90 0.63 -64.54 -14.97
C HIS G 90 1.73 -64.68 -13.92
N MET G 91 1.55 -65.53 -12.91
CA MET G 91 2.48 -65.62 -11.77
C MET G 91 2.89 -67.09 -11.52
N GLY G 92 4.19 -67.36 -11.71
CA GLY G 92 4.80 -68.67 -11.41
C GLY G 92 4.74 -68.98 -9.93
N ARG G 93 5.09 -70.20 -9.55
CA ARG G 93 4.91 -70.72 -8.16
C ARG G 93 5.91 -70.08 -7.20
N LEU G 94 7.08 -69.65 -7.67
CA LEU G 94 8.06 -68.90 -6.85
C LEU G 94 7.40 -67.57 -6.42
N ASP G 95 6.98 -66.78 -7.41
CA ASP G 95 6.34 -65.46 -7.23
C ASP G 95 5.18 -65.55 -6.23
N MET G 96 4.45 -66.67 -6.22
CA MET G 96 3.30 -66.91 -5.30
C MET G 96 3.78 -67.13 -3.87
N ARG G 97 5.07 -67.41 -3.66
CA ARG G 97 5.64 -67.77 -2.33
C ARG G 97 6.44 -66.60 -1.73
N ARG G 98 6.90 -65.65 -2.54
CA ARG G 98 7.84 -64.59 -2.10
C ARG G 98 7.25 -63.19 -2.32
N MET G 99 5.97 -63.08 -2.71
CA MET G 99 5.31 -61.78 -2.90
C MET G 99 3.90 -61.81 -2.33
N SER G 100 3.46 -60.66 -1.82
CA SER G 100 2.03 -60.37 -1.54
C SER G 100 1.37 -60.07 -2.88
N TYR G 101 0.04 -60.16 -2.92
CA TYR G 101 -0.80 -59.91 -4.12
C TYR G 101 -0.50 -58.52 -4.69
N VAL G 102 -0.54 -57.48 -3.87
CA VAL G 102 -0.29 -56.09 -4.34
C VAL G 102 1.12 -56.02 -4.95
N GLN G 103 2.06 -56.83 -4.44
CA GLN G 103 3.44 -56.90 -4.99
C GLN G 103 3.41 -57.61 -6.35
N ARG G 104 2.55 -58.62 -6.52
CA ARG G 104 2.39 -59.36 -7.80
C ARG G 104 1.69 -58.49 -8.84
N MET G 105 0.56 -57.87 -8.46
CA MET G 105 -0.10 -56.86 -9.34
C MET G 105 0.94 -55.80 -9.74
N GLY G 106 1.72 -55.32 -8.77
CA GLY G 106 2.71 -54.24 -8.96
C GLY G 106 3.78 -54.64 -9.96
N LYS G 107 4.31 -55.87 -9.84
CA LYS G 107 5.35 -56.41 -10.74
C LYS G 107 4.80 -56.42 -12.17
N LEU G 108 3.66 -57.09 -12.37
CA LEU G 108 3.00 -57.28 -13.68
C LEU G 108 2.75 -55.93 -14.35
N LEU G 109 2.12 -54.99 -13.65
CA LEU G 109 1.81 -53.64 -14.20
C LEU G 109 3.10 -52.88 -14.47
N GLY G 110 4.15 -53.12 -13.68
CA GLY G 110 5.47 -52.48 -13.88
C GLY G 110 6.03 -52.80 -15.25
N GLY G 111 6.24 -54.10 -15.54
CA GLY G 111 6.80 -54.58 -16.81
C GLY G 111 5.98 -54.15 -18.00
N GLN G 112 4.65 -54.22 -17.89
CA GLN G 112 3.70 -53.79 -18.95
C GLN G 112 3.89 -52.30 -19.25
N LEU G 113 3.94 -51.45 -18.22
CA LEU G 113 4.17 -50.00 -18.39
C LEU G 113 5.50 -49.80 -19.14
N TRP G 114 6.55 -50.50 -18.71
CA TRP G 114 7.92 -50.28 -19.24
C TRP G 114 8.01 -50.78 -20.69
N GLU G 115 7.19 -51.78 -21.04
CA GLU G 115 7.08 -52.30 -22.43
C GLU G 115 6.41 -51.24 -23.31
N SER G 116 5.28 -50.70 -22.87
CA SER G 116 4.47 -49.69 -23.60
C SER G 116 5.33 -48.47 -23.92
N ALA G 117 6.18 -48.04 -22.97
CA ALA G 117 7.11 -46.90 -23.11
C ALA G 117 8.17 -47.20 -24.17
N GLY G 118 8.54 -48.48 -24.33
CA GLY G 118 9.58 -48.93 -25.27
C GLY G 118 10.86 -49.32 -24.55
N SER G 119 10.75 -49.71 -23.28
CA SER G 119 11.87 -50.11 -22.38
C SER G 119 12.97 -49.06 -22.41
N PRO G 120 12.67 -47.80 -22.01
CA PRO G 120 13.63 -46.71 -22.15
C PRO G 120 14.80 -46.81 -21.17
N GLU G 121 16.01 -46.58 -21.66
CA GLU G 121 17.23 -46.50 -20.82
C GLU G 121 17.20 -45.13 -20.16
N VAL G 122 16.89 -45.10 -18.86
CA VAL G 122 16.80 -43.84 -18.06
C VAL G 122 17.96 -43.81 -17.07
N ASP G 123 18.28 -42.62 -16.55
CA ASP G 123 19.31 -42.47 -15.50
C ASP G 123 18.69 -42.93 -14.20
N PRO G 124 19.03 -44.15 -13.70
CA PRO G 124 18.33 -44.70 -12.53
C PRO G 124 18.37 -43.73 -11.33
N ASP G 125 19.40 -42.88 -11.26
CA ASP G 125 19.61 -41.91 -10.15
C ASP G 125 18.61 -40.74 -10.27
N ARG G 126 18.04 -40.52 -11.46
CA ARG G 126 17.03 -39.46 -11.73
C ARG G 126 15.67 -40.13 -11.99
N PHE G 127 15.44 -41.27 -11.37
CA PHE G 127 14.26 -42.14 -11.66
C PHE G 127 13.64 -42.58 -10.34
N ALA G 128 12.46 -42.04 -10.02
CA ALA G 128 11.72 -42.32 -8.77
C ALA G 128 10.49 -43.16 -9.07
N VAL G 129 9.98 -43.86 -8.05
CA VAL G 129 8.70 -44.63 -8.11
C VAL G 129 7.85 -44.26 -6.91
N VAL G 130 6.59 -43.88 -7.16
CA VAL G 130 5.62 -43.51 -6.09
C VAL G 130 4.33 -44.26 -6.34
N VAL G 131 4.12 -45.35 -5.60
CA VAL G 131 2.92 -46.23 -5.75
C VAL G 131 2.19 -46.29 -4.41
N GLY G 132 0.89 -45.99 -4.42
CA GLY G 132 0.05 -45.97 -3.21
C GLY G 132 -0.81 -47.21 -3.10
N THR G 133 -1.28 -47.51 -1.89
CA THR G 133 -2.11 -48.71 -1.61
C THR G 133 -2.99 -48.40 -0.39
N GLY G 134 -4.16 -49.03 -0.32
CA GLY G 134 -5.12 -48.82 0.79
C GLY G 134 -4.61 -49.45 2.07
N LEU G 135 -4.00 -50.63 1.97
CA LEU G 135 -3.67 -51.48 3.14
C LEU G 135 -2.29 -52.12 2.96
N GLY G 136 -2.08 -52.88 1.89
CA GLY G 136 -0.82 -53.59 1.60
C GLY G 136 -1.00 -55.10 1.62
N GLY G 137 0.00 -55.83 2.10
CA GLY G 137 0.05 -57.31 2.03
C GLY G 137 -0.61 -57.96 3.24
N ALA G 138 -1.84 -57.56 3.55
CA ALA G 138 -2.58 -57.99 4.77
C ALA G 138 -2.89 -59.51 4.72
N GLU G 139 -2.95 -60.12 3.53
CA GLU G 139 -3.19 -61.59 3.43
C GLU G 139 -2.09 -62.30 4.22
N ARG G 140 -0.87 -61.79 4.09
CA ARG G 140 0.35 -62.42 4.68
C ARG G 140 0.33 -62.24 6.20
N ILE G 141 -0.33 -61.20 6.71
CA ILE G 141 -0.43 -60.99 8.19
C ILE G 141 -1.29 -62.10 8.80
N VAL G 142 -2.45 -62.39 8.22
CA VAL G 142 -3.39 -63.42 8.78
C VAL G 142 -2.78 -64.81 8.54
N GLU G 143 -2.14 -65.01 7.39
CA GLU G 143 -1.51 -66.30 7.00
C GLU G 143 -0.36 -66.61 7.97
N SER G 144 0.43 -65.60 8.34
CA SER G 144 1.57 -65.74 9.29
C SER G 144 1.03 -66.06 10.68
N TYR G 145 0.10 -65.22 11.15
CA TYR G 145 -0.71 -65.43 12.37
C TYR G 145 -1.18 -66.89 12.46
N ASP G 146 -1.81 -67.36 11.38
CA ASP G 146 -2.40 -68.72 11.30
C ASP G 146 -1.30 -69.77 11.41
N LEU G 147 -0.24 -69.65 10.60
CA LEU G 147 0.90 -70.62 10.62
C LEU G 147 1.53 -70.64 12.02
N MET G 148 1.64 -69.49 12.69
CA MET G 148 2.26 -69.40 14.04
C MET G 148 1.38 -70.17 15.04
N ASN G 149 0.06 -69.99 14.97
CA ASN G 149 -0.89 -70.63 15.90
C ASN G 149 -0.87 -72.15 15.71
N ALA G 150 -0.64 -72.63 14.49
CA ALA G 150 -0.62 -74.08 14.13
C ALA G 150 0.71 -74.72 14.56
N GLY G 151 1.85 -74.04 14.38
CA GLY G 151 3.18 -74.67 14.51
C GLY G 151 4.19 -73.92 15.36
N GLY G 152 3.94 -72.66 15.72
CA GLY G 152 4.91 -71.85 16.49
C GLY G 152 5.73 -70.93 15.60
N PRO G 153 6.64 -70.12 16.20
CA PRO G 153 7.21 -68.96 15.53
C PRO G 153 8.10 -69.29 14.32
N ARG G 154 8.60 -70.53 14.24
CA ARG G 154 9.58 -70.97 13.21
C ARG G 154 8.87 -71.30 11.89
N LYS G 155 7.53 -71.33 11.86
CA LYS G 155 6.73 -71.59 10.62
C LYS G 155 6.34 -70.28 9.95
N VAL G 156 6.74 -69.14 10.53
CA VAL G 156 6.55 -67.81 9.88
C VAL G 156 7.60 -67.68 8.78
N SER G 157 7.14 -67.49 7.54
CA SER G 157 8.00 -67.29 6.34
C SER G 157 9.15 -66.34 6.67
N PRO G 158 10.39 -66.66 6.24
CA PRO G 158 11.49 -65.72 6.37
C PRO G 158 11.25 -64.45 5.55
N LEU G 159 10.44 -64.54 4.48
CA LEU G 159 10.09 -63.37 3.62
C LEU G 159 8.83 -62.66 4.14
N ALA G 160 8.33 -63.00 5.33
CA ALA G 160 7.05 -62.47 5.85
C ALA G 160 7.06 -60.94 5.83
N VAL G 161 8.05 -60.30 6.46
CA VAL G 161 7.98 -58.82 6.70
C VAL G 161 7.98 -58.13 5.33
N GLN G 162 8.85 -58.54 4.41
CA GLN G 162 9.06 -57.82 3.12
C GLN G 162 7.85 -58.01 2.20
N MET G 163 7.03 -59.05 2.42
CA MET G 163 5.72 -59.24 1.72
C MET G 163 4.63 -58.40 2.40
N ILE G 164 4.63 -58.38 3.73
CA ILE G 164 3.57 -57.70 4.56
C ILE G 164 3.72 -56.19 4.46
N MET G 165 4.94 -55.66 4.62
CA MET G 165 5.16 -54.19 4.72
C MET G 165 4.41 -53.52 3.56
N PRO G 166 3.58 -52.49 3.86
CA PRO G 166 2.74 -51.82 2.86
C PRO G 166 3.51 -51.15 1.70
N ASN G 167 4.78 -50.81 1.96
CA ASN G 167 5.73 -50.19 0.98
C ASN G 167 6.30 -51.27 0.04
N GLY G 168 5.84 -52.52 0.17
CA GLY G 168 6.33 -53.67 -0.60
C GLY G 168 6.12 -53.48 -2.10
N ALA G 169 4.89 -53.14 -2.51
CA ALA G 169 4.52 -52.99 -3.93
C ALA G 169 5.48 -52.01 -4.61
N ALA G 170 5.61 -50.80 -4.05
CA ALA G 170 6.51 -49.73 -4.57
C ALA G 170 7.97 -50.23 -4.60
N ALA G 171 8.38 -50.96 -3.55
CA ALA G 171 9.73 -51.54 -3.40
C ALA G 171 9.99 -52.52 -4.55
N VAL G 172 9.02 -53.41 -4.79
CA VAL G 172 9.09 -54.43 -5.90
C VAL G 172 9.22 -53.69 -7.24
N ILE G 173 8.40 -52.66 -7.46
CA ILE G 173 8.38 -51.93 -8.76
C ILE G 173 9.71 -51.18 -8.93
N GLY G 174 10.16 -50.46 -7.90
CA GLY G 174 11.44 -49.73 -7.93
C GLY G 174 12.61 -50.65 -8.28
N LEU G 175 12.71 -51.81 -7.63
CA LEU G 175 13.84 -52.76 -7.81
C LEU G 175 13.79 -53.36 -9.21
N GLN G 176 12.58 -53.62 -9.71
CA GLN G 176 12.33 -54.29 -11.01
C GLN G 176 12.79 -53.39 -12.17
N LEU G 177 12.63 -52.07 -12.02
CA LEU G 177 12.86 -51.08 -13.11
C LEU G 177 14.10 -50.23 -12.84
N GLY G 178 14.64 -50.30 -11.62
CA GLY G 178 15.91 -49.64 -11.23
C GLY G 178 15.70 -48.16 -10.91
N ALA G 179 14.66 -47.84 -10.14
CA ALA G 179 14.41 -46.46 -9.67
C ALA G 179 15.24 -46.22 -8.41
N ARG G 180 16.06 -45.16 -8.41
CA ARG G 180 16.97 -44.84 -7.28
C ARG G 180 16.86 -43.39 -6.84
N ALA G 181 15.92 -42.62 -7.41
CA ALA G 181 15.64 -41.24 -6.98
C ALA G 181 14.39 -41.22 -6.09
N GLY G 182 14.20 -42.26 -5.27
CA GLY G 182 13.10 -42.34 -4.31
C GLY G 182 12.09 -43.40 -4.70
N VAL G 183 11.68 -44.20 -3.71
CA VAL G 183 10.58 -45.21 -3.83
C VAL G 183 9.65 -44.97 -2.66
N MET G 184 8.48 -44.39 -2.94
CA MET G 184 7.59 -43.80 -1.90
C MET G 184 6.20 -44.44 -2.01
N THR G 185 5.58 -44.68 -0.86
CA THR G 185 4.25 -45.31 -0.76
C THR G 185 3.37 -44.51 0.18
N PRO G 186 2.53 -43.58 -0.34
CA PRO G 186 1.62 -42.81 0.51
C PRO G 186 0.31 -43.59 0.65
N VAL G 187 -0.18 -43.70 1.87
CA VAL G 187 -1.51 -44.30 2.14
C VAL G 187 -2.44 -43.17 2.60
N SER G 188 -3.56 -43.00 1.92
CA SER G 188 -4.67 -42.10 2.31
C SER G 188 -5.99 -42.75 1.87
N ALA G 189 -6.12 -44.05 2.13
CA ALA G 189 -7.30 -44.86 1.74
C ALA G 189 -7.59 -44.66 0.26
N CYS G 190 -8.80 -44.20 -0.07
CA CYS G 190 -9.34 -44.15 -1.47
C CYS G 190 -8.54 -43.20 -2.37
N SER G 191 -7.79 -42.25 -1.79
CA SER G 191 -7.04 -41.21 -2.55
C SER G 191 -5.57 -41.60 -2.74
N SER G 192 -5.15 -42.75 -2.20
CA SER G 192 -3.76 -43.27 -2.28
C SER G 192 -3.23 -43.19 -3.72
N GLY G 193 -3.99 -43.72 -4.67
CA GLY G 193 -3.62 -43.79 -6.10
C GLY G 193 -3.39 -42.43 -6.72
N SER G 194 -4.25 -41.45 -6.39
CA SER G 194 -4.11 -40.04 -6.84
C SER G 194 -2.90 -39.43 -6.14
N GLU G 195 -2.78 -39.66 -4.82
CA GLU G 195 -1.80 -38.94 -3.98
C GLU G 195 -0.39 -39.30 -4.44
N ALA G 196 -0.16 -40.55 -4.85
CA ALA G 196 1.15 -41.01 -5.36
C ALA G 196 1.54 -40.15 -6.58
N ILE G 197 0.58 -39.84 -7.43
CA ILE G 197 0.84 -39.06 -8.67
C ILE G 197 1.18 -37.62 -8.28
N ALA G 198 0.55 -37.10 -7.22
CA ALA G 198 0.84 -35.77 -6.64
C ALA G 198 2.30 -35.72 -6.21
N HIS G 199 2.78 -36.78 -5.54
CA HIS G 199 4.13 -36.83 -4.93
C HIS G 199 5.20 -37.01 -6.01
N ALA G 200 4.95 -37.88 -7.00
CA ALA G 200 5.84 -38.04 -8.18
C ALA G 200 6.04 -36.66 -8.83
N TRP G 201 4.94 -35.94 -9.09
CA TRP G 201 4.95 -34.57 -9.67
C TRP G 201 5.84 -33.67 -8.80
N ARG G 202 5.60 -33.66 -7.49
CA ARG G 202 6.40 -32.88 -6.51
C ARG G 202 7.86 -33.30 -6.58
N GLN G 203 8.10 -34.62 -6.62
CA GLN G 203 9.47 -35.21 -6.66
C GLN G 203 10.20 -34.63 -7.87
N ILE G 204 9.52 -34.54 -9.01
CA ILE G 204 10.10 -33.97 -10.27
C ILE G 204 10.26 -32.45 -10.11
N VAL G 205 9.16 -31.69 -9.98
CA VAL G 205 9.19 -30.20 -9.99
C VAL G 205 10.19 -29.66 -8.96
N MET G 206 10.55 -30.43 -7.93
CA MET G 206 11.52 -30.01 -6.88
C MET G 206 12.95 -30.42 -7.27
N GLY G 207 13.13 -31.12 -8.39
CA GLY G 207 14.44 -31.39 -9.01
C GLY G 207 15.09 -32.66 -8.48
N ASP G 208 14.35 -33.48 -7.75
CA ASP G 208 14.85 -34.74 -7.14
C ASP G 208 14.88 -35.84 -8.20
N ALA G 209 14.12 -35.70 -9.29
CA ALA G 209 14.00 -36.72 -10.36
C ALA G 209 13.44 -36.13 -11.67
N ASP G 210 13.81 -36.74 -12.80
CA ASP G 210 13.39 -36.31 -14.16
C ASP G 210 12.22 -37.18 -14.65
N VAL G 211 12.18 -38.44 -14.23
CA VAL G 211 11.17 -39.44 -14.69
C VAL G 211 10.61 -40.12 -13.45
N ALA G 212 9.35 -40.58 -13.51
CA ALA G 212 8.72 -41.33 -12.40
C ALA G 212 7.61 -42.25 -12.92
N VAL G 213 7.68 -43.53 -12.54
CA VAL G 213 6.52 -44.47 -12.58
C VAL G 213 5.70 -44.21 -11.32
N CYS G 214 4.41 -43.93 -11.47
CA CYS G 214 3.53 -43.55 -10.35
C CYS G 214 2.10 -44.06 -10.60
N GLY G 215 1.38 -44.34 -9.51
CA GLY G 215 0.01 -44.87 -9.58
C GLY G 215 -0.41 -45.51 -8.29
N GLY G 216 -1.03 -46.69 -8.36
CA GLY G 216 -1.55 -47.36 -7.17
C GLY G 216 -2.18 -48.71 -7.48
N VAL G 217 -1.96 -49.65 -6.56
CA VAL G 217 -2.45 -51.05 -6.65
C VAL G 217 -3.37 -51.31 -5.46
N GLU G 218 -4.10 -52.42 -5.53
CA GLU G 218 -5.03 -52.82 -4.44
C GLU G 218 -5.28 -54.32 -4.52
N GLY G 219 -5.59 -54.89 -3.35
CA GLY G 219 -5.94 -56.32 -3.23
C GLY G 219 -7.31 -56.60 -3.83
N PRO G 220 -7.72 -57.88 -3.84
CA PRO G 220 -8.95 -58.28 -4.53
C PRO G 220 -10.16 -58.20 -3.58
N ILE G 221 -11.34 -58.38 -4.18
CA ILE G 221 -12.63 -58.56 -3.45
C ILE G 221 -12.58 -59.87 -2.67
N GLU G 222 -12.97 -59.84 -1.40
CA GLU G 222 -13.04 -61.03 -0.53
C GLU G 222 -14.12 -60.81 0.54
N ALA G 223 -14.41 -61.86 1.31
CA ALA G 223 -15.50 -61.87 2.32
C ALA G 223 -15.27 -60.77 3.36
N LEU G 224 -14.04 -60.64 3.87
CA LEU G 224 -13.72 -59.72 4.99
C LEU G 224 -13.75 -58.27 4.51
N PRO G 225 -13.07 -57.87 3.42
CA PRO G 225 -13.21 -56.51 2.91
C PRO G 225 -14.68 -56.08 2.70
N ILE G 226 -15.54 -57.02 2.28
CA ILE G 226 -17.00 -56.78 2.05
C ILE G 226 -17.69 -56.65 3.40
N ALA G 227 -17.38 -57.54 4.34
CA ALA G 227 -17.91 -57.47 5.73
C ALA G 227 -17.60 -56.06 6.28
N ALA G 228 -16.32 -55.68 6.30
CA ALA G 228 -15.80 -54.46 6.95
C ALA G 228 -16.45 -53.20 6.35
N PHE G 229 -16.52 -53.10 5.02
CA PHE G 229 -17.04 -51.90 4.31
C PHE G 229 -18.57 -51.88 4.32
N SER G 230 -19.24 -53.02 4.22
CA SER G 230 -20.72 -53.09 4.07
C SER G 230 -21.40 -52.86 5.43
N MET G 231 -20.66 -53.06 6.52
CA MET G 231 -21.17 -52.86 7.91
C MET G 231 -21.11 -51.38 8.28
N MET G 232 -20.43 -50.55 7.49
CA MET G 232 -20.52 -49.07 7.57
C MET G 232 -21.78 -48.62 6.82
N ARG G 233 -22.42 -49.55 6.09
CA ARG G 233 -23.58 -49.29 5.21
C ARG G 233 -23.14 -48.37 4.05
N ALA G 234 -21.92 -48.58 3.54
CA ALA G 234 -21.33 -47.74 2.47
C ALA G 234 -21.53 -48.40 1.11
N MET G 235 -21.93 -49.66 1.07
CA MET G 235 -21.96 -50.46 -0.18
C MET G 235 -23.40 -50.65 -0.67
N SER G 236 -23.61 -50.49 -1.98
CA SER G 236 -24.85 -50.83 -2.70
C SER G 236 -25.21 -52.29 -2.44
N THR G 237 -26.49 -52.60 -2.25
CA THR G 237 -27.01 -53.98 -2.08
C THR G 237 -28.10 -54.25 -3.13
N ARG G 238 -27.96 -53.64 -4.32
CA ARG G 238 -28.78 -53.95 -5.51
C ARG G 238 -28.18 -55.19 -6.18
N ASN G 239 -28.54 -56.38 -5.68
CA ASN G 239 -27.98 -57.68 -6.11
C ASN G 239 -28.72 -58.19 -7.35
N ASP G 240 -29.95 -57.71 -7.58
CA ASP G 240 -30.83 -58.16 -8.69
C ASP G 240 -30.38 -57.55 -10.01
N GLU G 241 -29.79 -56.35 -9.98
CA GLU G 241 -29.39 -55.60 -11.19
C GLU G 241 -27.94 -55.13 -11.01
N PRO G 242 -26.95 -56.05 -11.07
CA PRO G 242 -25.57 -55.74 -10.67
C PRO G 242 -25.00 -54.55 -11.46
N GLU G 243 -25.22 -54.56 -12.77
CA GLU G 243 -24.70 -53.53 -13.71
C GLU G 243 -25.36 -52.19 -13.40
N ARG G 244 -26.48 -52.20 -12.65
CA ARG G 244 -27.27 -50.99 -12.29
C ARG G 244 -27.05 -50.60 -10.82
N ALA G 245 -26.12 -51.22 -10.08
CA ALA G 245 -25.92 -51.00 -8.64
C ALA G 245 -25.23 -49.65 -8.39
N SER G 246 -24.10 -49.39 -9.07
CA SER G 246 -23.28 -48.15 -8.94
C SER G 246 -24.00 -47.00 -9.66
N ARG G 247 -24.42 -45.97 -8.92
CA ARG G 247 -25.27 -44.88 -9.46
C ARG G 247 -24.72 -43.53 -9.01
N PRO G 248 -23.44 -43.18 -9.32
CA PRO G 248 -22.91 -41.88 -8.91
C PRO G 248 -23.82 -40.72 -9.36
N PHE G 249 -24.34 -39.95 -8.39
CA PHE G 249 -25.07 -38.67 -8.58
C PHE G 249 -26.54 -38.91 -8.92
N ASP G 250 -26.92 -40.16 -9.15
CA ASP G 250 -28.33 -40.57 -9.36
C ASP G 250 -29.07 -40.48 -8.02
N LYS G 251 -30.31 -39.98 -8.04
CA LYS G 251 -31.15 -39.80 -6.83
C LYS G 251 -31.37 -41.13 -6.12
N ASP G 252 -31.28 -42.26 -6.83
CA ASP G 252 -31.64 -43.60 -6.28
C ASP G 252 -30.38 -44.35 -5.84
N ARG G 253 -29.27 -43.64 -5.62
CA ARG G 253 -27.96 -44.26 -5.30
C ARG G 253 -27.97 -44.76 -3.85
N ASP G 254 -27.44 -45.97 -3.62
CA ASP G 254 -27.46 -46.58 -2.26
C ASP G 254 -26.07 -47.08 -1.85
N GLY G 255 -25.00 -46.51 -2.41
CA GLY G 255 -23.62 -46.79 -1.97
C GLY G 255 -22.70 -47.13 -3.13
N PHE G 256 -21.48 -47.54 -2.82
CA PHE G 256 -20.42 -47.85 -3.83
C PHE G 256 -20.41 -49.35 -4.11
N VAL G 257 -19.76 -49.72 -5.21
CA VAL G 257 -19.61 -51.12 -5.66
C VAL G 257 -18.12 -51.44 -5.79
N PHE G 258 -17.71 -52.62 -5.33
CA PHE G 258 -16.29 -53.08 -5.38
C PHE G 258 -15.93 -53.46 -6.83
N GLY G 259 -14.95 -52.76 -7.40
CA GLY G 259 -14.37 -53.09 -8.71
C GLY G 259 -12.85 -53.12 -8.64
N GLU G 260 -12.26 -54.31 -8.82
CA GLU G 260 -10.79 -54.52 -8.69
C GLU G 260 -10.09 -53.73 -9.79
N ALA G 261 -8.91 -53.18 -9.49
CA ALA G 261 -8.09 -52.45 -10.48
C ALA G 261 -6.65 -52.29 -9.99
N GLY G 262 -5.77 -51.99 -10.93
CA GLY G 262 -4.44 -51.41 -10.69
C GLY G 262 -4.17 -50.39 -11.76
N ALA G 263 -3.40 -49.35 -11.47
CA ALA G 263 -3.05 -48.34 -12.48
C ALA G 263 -1.65 -47.77 -12.20
N LEU G 264 -0.88 -47.66 -13.28
CA LEU G 264 0.43 -46.97 -13.28
C LEU G 264 0.50 -46.08 -14.51
N MET G 265 1.25 -44.98 -14.39
CA MET G 265 1.59 -44.14 -15.55
C MET G 265 3.05 -43.73 -15.44
N LEU G 266 3.72 -43.60 -16.57
CA LEU G 266 5.06 -42.97 -16.62
C LEU G 266 4.86 -41.49 -16.83
N ILE G 267 5.55 -40.67 -16.02
CA ILE G 267 5.55 -39.20 -16.15
C ILE G 267 7.00 -38.76 -16.26
N GLU G 268 7.25 -37.69 -17.01
CA GLU G 268 8.63 -37.17 -17.18
C GLU G 268 8.56 -35.72 -17.67
N THR G 269 9.67 -35.00 -17.48
CA THR G 269 9.80 -33.59 -17.91
C THR G 269 9.67 -33.57 -19.44
N GLU G 270 8.97 -32.58 -19.98
CA GLU G 270 8.81 -32.43 -21.44
C GLU G 270 10.19 -32.61 -22.09
N GLU G 271 11.16 -31.84 -21.62
CA GLU G 271 12.58 -31.91 -22.05
C GLU G 271 13.04 -33.38 -22.12
N HIS G 272 12.77 -34.16 -21.08
CA HIS G 272 13.12 -35.61 -21.00
C HIS G 272 12.37 -36.38 -22.09
N ALA G 273 11.04 -36.26 -22.11
CA ALA G 273 10.15 -36.97 -23.07
C ALA G 273 10.60 -36.69 -24.51
N LYS G 274 10.86 -35.43 -24.85
CA LYS G 274 11.27 -35.02 -26.22
C LYS G 274 12.69 -35.51 -26.49
N ALA G 275 13.55 -35.57 -25.47
CA ALA G 275 14.96 -36.03 -25.58
C ALA G 275 15.01 -37.45 -26.15
N ARG G 276 14.07 -38.32 -25.74
CA ARG G 276 13.98 -39.73 -26.21
C ARG G 276 12.82 -39.86 -27.20
N GLY G 277 12.36 -38.75 -27.77
CA GLY G 277 11.26 -38.73 -28.77
C GLY G 277 10.06 -39.54 -28.31
N ALA G 278 9.75 -39.52 -27.01
CA ALA G 278 8.57 -40.18 -26.41
C ALA G 278 7.35 -39.30 -26.63
N LYS G 279 6.29 -39.86 -27.22
CA LYS G 279 5.06 -39.12 -27.60
C LYS G 279 4.20 -38.91 -26.37
N PRO G 280 4.07 -37.66 -25.85
CA PRO G 280 3.23 -37.42 -24.68
C PRO G 280 1.74 -37.60 -24.97
N LEU G 281 1.00 -38.11 -23.98
CA LEU G 281 -0.47 -38.35 -24.07
C LEU G 281 -1.23 -37.23 -23.35
N ALA G 282 -0.58 -36.54 -22.41
CA ALA G 282 -1.18 -35.41 -21.69
C ALA G 282 -0.12 -34.68 -20.86
N ARG G 283 -0.49 -33.50 -20.36
CA ARG G 283 0.34 -32.72 -19.41
C ARG G 283 -0.26 -32.91 -18.03
N LEU G 284 0.58 -33.13 -17.02
CA LEU G 284 0.19 -33.06 -15.59
C LEU G 284 0.65 -31.71 -15.07
N LEU G 285 -0.28 -30.83 -14.69
CA LEU G 285 0.00 -29.39 -14.50
C LEU G 285 0.10 -29.04 -13.02
N GLY G 286 -0.73 -29.66 -12.18
CA GLY G 286 -0.74 -29.39 -10.74
C GLY G 286 -1.38 -30.51 -9.94
N ALA G 287 -1.15 -30.48 -8.62
CA ALA G 287 -1.76 -31.42 -7.66
C ALA G 287 -1.96 -30.69 -6.33
N GLY G 288 -3.17 -30.78 -5.78
CA GLY G 288 -3.57 -30.13 -4.52
C GLY G 288 -4.01 -31.16 -3.50
N ILE G 289 -3.42 -31.09 -2.31
CA ILE G 289 -3.76 -32.01 -1.18
C ILE G 289 -4.20 -31.14 0.00
N THR G 290 -5.39 -31.44 0.53
CA THR G 290 -5.94 -30.78 1.73
C THR G 290 -6.59 -31.85 2.60
N SER G 291 -7.10 -31.42 3.76
CA SER G 291 -7.66 -32.32 4.79
C SER G 291 -8.93 -31.69 5.38
N ASP G 292 -9.95 -32.52 5.58
CA ASP G 292 -11.25 -32.08 6.14
C ASP G 292 -11.09 -31.80 7.63
N ALA G 293 -10.43 -32.70 8.37
CA ALA G 293 -10.45 -32.71 9.86
C ALA G 293 -11.90 -32.53 10.31
N PHE G 294 -12.76 -33.49 9.96
CA PHE G 294 -14.23 -33.39 10.17
C PHE G 294 -14.75 -34.67 10.85
N HIS G 295 -14.70 -35.76 10.11
CA HIS G 295 -15.11 -37.11 10.58
C HIS G 295 -14.08 -38.12 10.07
N MET G 296 -14.04 -39.28 10.72
CA MET G 296 -13.07 -40.35 10.36
C MET G 296 -13.45 -40.96 9.00
N VAL G 297 -14.74 -41.11 8.71
CA VAL G 297 -15.20 -41.88 7.51
C VAL G 297 -16.28 -41.12 6.74
N ALA G 298 -16.66 -39.94 7.19
CA ALA G 298 -17.72 -39.12 6.57
C ALA G 298 -17.08 -37.88 5.98
N PRO G 299 -17.37 -37.52 4.71
CA PRO G 299 -16.85 -36.27 4.16
C PRO G 299 -17.64 -35.10 4.73
N ALA G 300 -16.97 -33.98 5.00
CA ALA G 300 -17.62 -32.71 5.40
C ALA G 300 -18.59 -32.32 4.28
N ALA G 301 -19.86 -32.09 4.63
CA ALA G 301 -20.96 -31.83 3.68
C ALA G 301 -20.72 -30.50 2.93
N ASP G 302 -20.05 -29.54 3.57
CA ASP G 302 -19.80 -28.19 2.99
C ASP G 302 -18.88 -28.29 1.77
N GLY G 303 -17.98 -29.27 1.76
CA GLY G 303 -17.08 -29.58 0.62
C GLY G 303 -15.94 -28.58 0.48
N VAL G 304 -15.74 -27.70 1.47
CA VAL G 304 -14.88 -26.49 1.31
C VAL G 304 -13.42 -26.90 1.10
N ARG G 305 -12.90 -27.85 1.87
CA ARG G 305 -11.46 -28.26 1.79
C ARG G 305 -11.26 -29.11 0.54
N ALA G 306 -12.17 -30.03 0.26
CA ALA G 306 -12.19 -30.79 -1.02
C ALA G 306 -12.09 -29.80 -2.17
N GLY G 307 -12.91 -28.75 -2.15
CA GLY G 307 -12.92 -27.69 -3.19
C GLY G 307 -11.60 -26.94 -3.24
N ARG G 308 -11.03 -26.63 -2.07
CA ARG G 308 -9.72 -25.93 -1.93
C ARG G 308 -8.62 -26.87 -2.44
N ALA G 309 -8.86 -28.18 -2.40
CA ALA G 309 -7.98 -29.21 -3.01
C ALA G 309 -7.91 -28.98 -4.52
N MET G 310 -9.05 -28.66 -5.14
CA MET G 310 -9.15 -28.41 -6.59
C MET G 310 -8.53 -27.04 -6.89
N THR G 311 -8.81 -26.04 -6.06
CA THR G 311 -8.25 -24.67 -6.24
C THR G 311 -6.72 -24.74 -6.22
N ARG G 312 -6.14 -25.43 -5.23
CA ARG G 312 -4.66 -25.50 -5.07
C ARG G 312 -4.04 -26.13 -6.32
N SER G 313 -4.72 -27.11 -6.94
CA SER G 313 -4.22 -27.83 -8.15
C SER G 313 -4.16 -26.84 -9.31
N LEU G 314 -5.12 -25.90 -9.39
CA LEU G 314 -5.16 -24.85 -10.43
C LEU G 314 -4.07 -23.80 -10.17
N GLU G 315 -3.98 -23.31 -8.93
CA GLU G 315 -2.94 -22.33 -8.51
C GLU G 315 -1.58 -22.78 -9.05
N LEU G 316 -1.18 -24.02 -8.72
CA LEU G 316 0.15 -24.59 -9.07
C LEU G 316 0.23 -24.84 -10.59
N ALA G 317 -0.87 -25.29 -11.20
CA ALA G 317 -1.00 -25.43 -12.66
C ALA G 317 -0.85 -24.06 -13.33
N GLY G 318 -1.37 -23.00 -12.68
CA GLY G 318 -1.46 -21.64 -13.25
C GLY G 318 -2.70 -21.49 -14.09
N LEU G 319 -3.83 -22.01 -13.58
CA LEU G 319 -5.14 -21.98 -14.27
C LEU G 319 -6.15 -21.22 -13.40
N SER G 320 -7.28 -20.87 -14.00
CA SER G 320 -8.49 -20.36 -13.32
C SER G 320 -9.62 -21.35 -13.57
N PRO G 321 -10.60 -21.44 -12.64
CA PRO G 321 -11.67 -22.44 -12.72
C PRO G 321 -12.40 -22.44 -14.08
N ALA G 322 -12.51 -21.25 -14.70
CA ALA G 322 -13.12 -21.04 -16.04
C ALA G 322 -12.44 -21.94 -17.08
N ASP G 323 -11.14 -22.23 -16.91
CA ASP G 323 -10.33 -23.04 -17.87
C ASP G 323 -10.66 -24.53 -17.78
N ILE G 324 -11.33 -25.00 -16.70
CA ILE G 324 -11.57 -26.45 -16.48
C ILE G 324 -12.77 -26.92 -17.31
N ASP G 325 -12.50 -27.72 -18.33
CA ASP G 325 -13.49 -28.25 -19.30
C ASP G 325 -14.15 -29.52 -18.76
N HIS G 326 -13.48 -30.23 -17.86
CA HIS G 326 -13.90 -31.59 -17.42
C HIS G 326 -13.45 -31.87 -15.99
N VAL G 327 -14.31 -32.52 -15.20
CA VAL G 327 -13.94 -33.07 -13.86
C VAL G 327 -14.26 -34.56 -13.81
N ASN G 328 -13.24 -35.39 -13.56
CA ASN G 328 -13.40 -36.84 -13.30
C ASN G 328 -13.72 -37.01 -11.81
N ALA G 329 -15.01 -37.11 -11.48
CA ALA G 329 -15.53 -37.08 -10.10
C ALA G 329 -15.08 -38.31 -9.34
N HIS G 330 -14.95 -38.18 -8.01
CA HIS G 330 -14.77 -39.33 -7.08
C HIS G 330 -15.93 -40.32 -7.33
N GLY G 331 -17.16 -39.83 -7.22
CA GLY G 331 -18.39 -40.54 -7.64
C GLY G 331 -18.49 -41.94 -7.07
N THR G 332 -18.43 -42.08 -5.74
CA THR G 332 -18.59 -43.39 -5.06
C THR G 332 -20.07 -43.82 -5.05
N ALA G 333 -20.98 -42.90 -5.41
CA ALA G 333 -22.44 -43.11 -5.41
C ALA G 333 -22.95 -43.39 -3.99
N THR G 334 -22.21 -42.98 -2.96
CA THR G 334 -22.71 -42.93 -1.57
C THR G 334 -23.59 -41.69 -1.44
N PRO G 335 -24.68 -41.73 -0.65
CA PRO G 335 -25.60 -40.59 -0.55
C PRO G 335 -24.93 -39.28 -0.11
N ILE G 336 -24.14 -39.29 0.97
CA ILE G 336 -23.47 -38.07 1.52
C ILE G 336 -22.19 -37.78 0.74
N GLY G 337 -21.59 -38.81 0.14
CA GLY G 337 -20.34 -38.73 -0.63
C GLY G 337 -20.48 -37.84 -1.86
N ASP G 338 -21.49 -38.12 -2.69
CA ASP G 338 -21.70 -37.40 -3.98
C ASP G 338 -22.22 -35.98 -3.70
N ALA G 339 -23.00 -35.82 -2.63
CA ALA G 339 -23.57 -34.51 -2.20
C ALA G 339 -22.44 -33.58 -1.76
N ALA G 340 -21.48 -34.11 -0.99
CA ALA G 340 -20.30 -33.35 -0.52
C ALA G 340 -19.45 -32.93 -1.72
N GLU G 341 -19.24 -33.83 -2.69
CA GLU G 341 -18.39 -33.56 -3.88
C GLU G 341 -19.02 -32.45 -4.73
N ALA G 342 -20.34 -32.47 -4.94
CA ALA G 342 -21.06 -31.41 -5.68
C ALA G 342 -20.66 -30.06 -5.10
N ASN G 343 -20.94 -29.85 -3.82
CA ASN G 343 -20.61 -28.60 -3.07
C ASN G 343 -19.14 -28.25 -3.31
N ALA G 344 -18.27 -29.26 -3.23
CA ALA G 344 -16.81 -29.11 -3.44
C ALA G 344 -16.54 -28.55 -4.83
N ILE G 345 -17.22 -29.09 -5.86
CA ILE G 345 -17.04 -28.64 -7.27
C ILE G 345 -17.56 -27.20 -7.41
N ARG G 346 -18.64 -26.87 -6.69
CA ARG G 346 -19.16 -25.48 -6.61
C ARG G 346 -18.14 -24.59 -5.90
N VAL G 347 -17.55 -25.06 -4.79
CA VAL G 347 -16.59 -24.25 -3.99
C VAL G 347 -15.36 -23.92 -4.86
N ALA G 348 -14.93 -24.87 -5.70
CA ALA G 348 -13.83 -24.67 -6.68
C ALA G 348 -14.26 -23.62 -7.70
N GLY G 349 -15.55 -23.61 -8.04
CA GLY G 349 -16.12 -22.82 -9.14
C GLY G 349 -15.96 -23.57 -10.46
N CYS G 350 -16.02 -24.91 -10.40
CA CYS G 350 -15.82 -25.83 -11.55
C CYS G 350 -17.15 -26.52 -11.93
N ASP G 351 -18.29 -25.99 -11.47
CA ASP G 351 -19.61 -26.66 -11.61
C ASP G 351 -20.12 -26.59 -13.06
N GLN G 352 -19.56 -25.74 -13.92
CA GLN G 352 -19.89 -25.71 -15.37
C GLN G 352 -19.23 -26.90 -16.07
N ALA G 353 -18.06 -27.33 -15.60
CA ALA G 353 -17.25 -28.41 -16.21
C ALA G 353 -18.08 -29.68 -16.36
N ALA G 354 -17.89 -30.39 -17.47
CA ALA G 354 -18.54 -31.70 -17.75
C ALA G 354 -18.02 -32.74 -16.76
N VAL G 355 -18.92 -33.36 -15.99
CA VAL G 355 -18.56 -34.30 -14.88
C VAL G 355 -18.69 -35.74 -15.39
N TYR G 356 -17.69 -36.58 -15.10
CA TYR G 356 -17.71 -38.04 -15.34
C TYR G 356 -17.46 -38.76 -14.02
N ALA G 357 -18.21 -39.84 -13.79
CA ALA G 357 -18.17 -40.67 -12.57
C ALA G 357 -17.91 -42.13 -12.96
N PRO G 358 -16.63 -42.49 -13.26
CA PRO G 358 -16.28 -43.82 -13.76
C PRO G 358 -16.58 -44.99 -12.81
N LYS G 359 -16.63 -44.76 -11.50
CA LYS G 359 -16.99 -45.83 -10.53
C LYS G 359 -18.34 -46.44 -10.92
N SER G 360 -19.14 -45.69 -11.69
CA SER G 360 -20.41 -46.16 -12.31
C SER G 360 -20.21 -47.51 -13.00
N ALA G 361 -19.15 -47.62 -13.81
CA ALA G 361 -18.87 -48.79 -14.68
C ALA G 361 -17.80 -49.68 -14.03
N LEU G 362 -16.71 -49.06 -13.55
CA LEU G 362 -15.47 -49.76 -13.10
C LEU G 362 -15.48 -50.01 -11.59
N GLY G 363 -16.42 -49.42 -10.85
CA GLY G 363 -16.56 -49.65 -9.39
C GLY G 363 -15.50 -48.93 -8.59
N HIS G 364 -15.36 -49.30 -7.32
CA HIS G 364 -14.44 -48.69 -6.32
C HIS G 364 -13.25 -49.63 -6.11
N SER G 365 -12.04 -49.19 -6.49
CA SER G 365 -10.78 -49.96 -6.34
C SER G 365 -9.94 -49.43 -5.17
N ILE G 366 -10.50 -48.55 -4.32
CA ILE G 366 -9.83 -47.97 -3.12
C ILE G 366 -8.45 -47.42 -3.52
N GLY G 367 -7.36 -48.01 -3.02
CA GLY G 367 -5.98 -47.53 -3.21
C GLY G 367 -5.60 -47.34 -4.68
N ALA G 368 -6.14 -48.16 -5.59
CA ALA G 368 -5.81 -48.10 -7.03
C ALA G 368 -6.65 -47.05 -7.75
N VAL G 369 -7.85 -46.75 -7.24
CA VAL G 369 -8.94 -46.06 -8.00
C VAL G 369 -8.48 -44.69 -8.50
N GLY G 370 -7.79 -43.92 -7.65
CA GLY G 370 -7.32 -42.56 -7.99
C GLY G 370 -6.33 -42.59 -9.14
N ALA G 371 -5.49 -43.62 -9.19
CA ALA G 371 -4.55 -43.85 -10.31
C ALA G 371 -5.36 -44.10 -11.59
N LEU G 372 -6.20 -45.13 -11.56
CA LEU G 372 -7.02 -45.60 -12.72
C LEU G 372 -7.75 -44.41 -13.35
N GLU G 373 -8.39 -43.57 -12.52
CA GLU G 373 -9.25 -42.46 -13.00
C GLU G 373 -8.37 -41.32 -13.53
N SER G 374 -7.15 -41.18 -13.01
CA SER G 374 -6.15 -40.23 -13.56
C SER G 374 -5.75 -40.69 -14.96
N VAL G 375 -5.65 -42.01 -15.17
CA VAL G 375 -5.36 -42.59 -16.52
C VAL G 375 -6.53 -42.25 -17.47
N LEU G 376 -7.78 -42.36 -17.01
CA LEU G 376 -8.98 -42.01 -17.82
C LEU G 376 -8.98 -40.51 -18.12
N THR G 377 -8.55 -39.68 -17.16
CA THR G 377 -8.51 -38.21 -17.32
C THR G 377 -7.48 -37.82 -18.37
N VAL G 378 -6.38 -38.57 -18.47
CA VAL G 378 -5.36 -38.37 -19.53
C VAL G 378 -6.00 -38.74 -20.88
N LEU G 379 -6.58 -39.94 -20.96
CA LEU G 379 -7.15 -40.50 -22.22
C LEU G 379 -8.24 -39.58 -22.76
N THR G 380 -9.03 -38.98 -21.87
CA THR G 380 -10.11 -38.01 -22.24
C THR G 380 -9.47 -36.85 -23.02
N LEU G 381 -8.47 -36.18 -22.45
CA LEU G 381 -7.82 -34.99 -23.07
C LEU G 381 -7.08 -35.39 -24.35
N ARG G 382 -6.77 -36.68 -24.50
CA ARG G 382 -6.00 -37.23 -25.65
C ARG G 382 -6.93 -37.51 -26.82
N ASP G 383 -8.08 -38.14 -26.55
CA ASP G 383 -9.10 -38.49 -27.57
C ASP G 383 -10.23 -37.45 -27.56
N GLY G 384 -10.12 -36.42 -26.70
CA GLY G 384 -11.12 -35.35 -26.56
C GLY G 384 -12.53 -35.92 -26.47
N VAL G 385 -12.76 -36.92 -25.62
CA VAL G 385 -14.11 -37.53 -25.41
C VAL G 385 -14.26 -37.99 -23.95
N ILE G 386 -15.44 -37.73 -23.38
CA ILE G 386 -15.86 -38.20 -22.02
C ILE G 386 -16.80 -39.40 -22.20
N PRO G 387 -16.55 -40.57 -21.59
CA PRO G 387 -17.54 -41.64 -21.61
C PRO G 387 -18.74 -41.32 -20.72
N PRO G 388 -19.86 -42.07 -20.84
CA PRO G 388 -21.06 -41.78 -20.07
C PRO G 388 -20.98 -42.34 -18.65
N THR G 389 -21.36 -41.54 -17.67
CA THR G 389 -21.67 -42.03 -16.30
C THR G 389 -22.86 -42.99 -16.41
N LEU G 390 -22.64 -44.29 -16.23
CA LEU G 390 -23.74 -45.29 -16.31
C LEU G 390 -24.72 -45.09 -15.14
N ASN G 391 -25.95 -45.54 -15.30
CA ASN G 391 -27.03 -45.60 -14.27
C ASN G 391 -27.46 -44.21 -13.79
N TYR G 392 -27.02 -43.13 -14.44
CA TYR G 392 -27.50 -41.74 -14.15
C TYR G 392 -28.89 -41.57 -14.78
N GLU G 393 -29.93 -42.10 -14.12
CA GLU G 393 -31.32 -42.12 -14.66
C GLU G 393 -32.16 -41.01 -14.03
N THR G 394 -32.02 -40.75 -12.73
CA THR G 394 -32.80 -39.70 -12.00
C THR G 394 -31.86 -38.62 -11.47
N PRO G 395 -31.97 -37.36 -11.96
CA PRO G 395 -31.15 -36.26 -11.45
C PRO G 395 -31.56 -35.89 -10.01
N ASP G 396 -30.58 -35.50 -9.19
CA ASP G 396 -30.78 -35.16 -7.76
C ASP G 396 -30.62 -33.65 -7.58
N PRO G 397 -31.61 -32.96 -6.96
CA PRO G 397 -31.55 -31.52 -6.71
C PRO G 397 -30.26 -31.07 -5.99
N GLU G 398 -29.82 -31.86 -5.02
CA GLU G 398 -28.64 -31.57 -4.17
C GLU G 398 -27.40 -31.44 -5.05
N ILE G 399 -27.35 -32.15 -6.18
CA ILE G 399 -26.13 -32.26 -7.03
C ILE G 399 -26.06 -31.07 -7.97
N ASP G 400 -27.04 -30.93 -8.86
CA ASP G 400 -27.11 -29.78 -9.81
C ASP G 400 -25.78 -29.69 -10.58
N LEU G 401 -25.41 -30.77 -11.28
CA LEU G 401 -24.14 -30.84 -12.05
C LEU G 401 -24.39 -31.35 -13.47
N ASP G 402 -23.53 -30.93 -14.40
CA ASP G 402 -23.55 -31.31 -15.83
C ASP G 402 -22.96 -32.72 -15.96
N VAL G 403 -23.77 -33.74 -15.64
CA VAL G 403 -23.32 -35.16 -15.55
C VAL G 403 -23.46 -35.81 -16.93
N VAL G 404 -22.35 -36.21 -17.53
CA VAL G 404 -22.33 -36.85 -18.88
C VAL G 404 -22.95 -38.24 -18.76
N ALA G 405 -24.08 -38.48 -19.44
CA ALA G 405 -24.81 -39.77 -19.39
C ALA G 405 -25.44 -40.11 -20.75
N GLY G 406 -25.86 -41.37 -20.92
CA GLY G 406 -26.49 -41.89 -22.14
C GLY G 406 -25.47 -42.29 -23.20
N GLU G 407 -24.67 -41.33 -23.68
CA GLU G 407 -23.65 -41.57 -24.73
C GLU G 407 -22.45 -40.66 -24.50
N PRO G 408 -21.27 -41.00 -25.07
CA PRO G 408 -20.07 -40.19 -24.91
C PRO G 408 -20.24 -38.77 -25.44
N ARG G 409 -19.63 -37.81 -24.76
CA ARG G 409 -19.64 -36.38 -25.16
C ARG G 409 -18.25 -36.02 -25.67
N TYR G 410 -18.14 -35.76 -26.97
CA TYR G 410 -16.88 -35.36 -27.63
C TYR G 410 -16.72 -33.85 -27.42
N GLY G 411 -15.48 -33.36 -27.47
CA GLY G 411 -15.19 -31.93 -27.24
C GLY G 411 -13.72 -31.59 -27.39
N ASP G 412 -13.42 -30.29 -27.44
CA ASP G 412 -12.04 -29.75 -27.51
C ASP G 412 -11.55 -29.51 -26.08
N TYR G 413 -11.37 -30.60 -25.33
CA TYR G 413 -11.01 -30.56 -23.89
C TYR G 413 -9.55 -30.17 -23.74
N ARG G 414 -9.30 -29.01 -23.13
CA ARG G 414 -7.95 -28.42 -22.97
C ARG G 414 -7.41 -28.79 -21.58
N TYR G 415 -8.21 -28.59 -20.54
CA TYR G 415 -7.82 -28.87 -19.13
C TYR G 415 -8.93 -29.66 -18.43
N ALA G 416 -8.52 -30.49 -17.47
CA ALA G 416 -9.44 -31.31 -16.66
C ALA G 416 -8.83 -31.56 -15.28
N VAL G 417 -9.69 -31.77 -14.30
CA VAL G 417 -9.27 -32.06 -12.89
C VAL G 417 -9.76 -33.45 -12.52
N ASN G 418 -8.94 -34.19 -11.76
CA ASN G 418 -9.30 -35.50 -11.19
C ASN G 418 -9.43 -35.39 -9.67
N ASN G 419 -10.61 -35.70 -9.14
CA ASN G 419 -10.91 -35.64 -7.68
C ASN G 419 -10.85 -37.05 -7.09
N SER G 420 -10.16 -37.17 -5.97
CA SER G 420 -10.14 -38.37 -5.11
C SER G 420 -10.26 -37.92 -3.65
N PHE G 421 -11.18 -38.54 -2.91
CA PHE G 421 -11.45 -38.24 -1.48
C PHE G 421 -11.40 -39.54 -0.68
N GLY G 422 -10.51 -39.61 0.31
CA GLY G 422 -10.28 -40.84 1.09
C GLY G 422 -10.85 -40.75 2.49
N PHE G 423 -11.36 -41.87 3.00
CA PHE G 423 -11.76 -42.02 4.42
C PHE G 423 -10.64 -41.48 5.31
N GLY G 424 -10.95 -40.52 6.16
CA GLY G 424 -9.98 -39.78 7.00
C GLY G 424 -10.03 -38.30 6.74
N GLY G 425 -10.68 -37.91 5.63
CA GLY G 425 -10.81 -36.50 5.20
C GLY G 425 -9.66 -36.10 4.30
N HIS G 426 -9.07 -37.08 3.59
CA HIS G 426 -7.95 -36.86 2.65
C HIS G 426 -8.52 -36.42 1.30
N ASN G 427 -8.19 -35.21 0.86
CA ASN G 427 -8.63 -34.66 -0.45
C ASN G 427 -7.43 -34.52 -1.37
N VAL G 428 -7.45 -35.19 -2.52
CA VAL G 428 -6.41 -35.08 -3.58
C VAL G 428 -7.07 -34.67 -4.91
N ALA G 429 -6.49 -33.68 -5.59
CA ALA G 429 -6.98 -33.11 -6.86
C ALA G 429 -5.82 -32.95 -7.85
N LEU G 430 -5.94 -33.54 -9.04
CA LEU G 430 -4.87 -33.56 -10.08
C LEU G 430 -5.31 -32.80 -11.33
N ALA G 431 -4.61 -31.71 -11.66
CA ALA G 431 -4.88 -30.88 -12.87
C ALA G 431 -4.09 -31.42 -14.06
N PHE G 432 -4.80 -31.96 -15.05
CA PHE G 432 -4.25 -32.52 -16.32
C PHE G 432 -4.57 -31.59 -17.49
N GLY G 433 -3.63 -31.44 -18.41
CA GLY G 433 -3.79 -30.64 -19.64
C GLY G 433 -3.61 -31.48 -20.89
N ARG G 434 -4.16 -31.01 -22.01
CA ARG G 434 -3.95 -31.62 -23.36
C ARG G 434 -2.57 -31.20 -23.86
N TYR G 435 -1.93 -32.05 -24.67
CA TYR G 435 -0.58 -31.79 -25.23
C TYR G 435 -0.68 -31.01 -26.55
N SER H 21 19.93 -20.31 -11.09
CA SER H 21 20.44 -20.73 -9.75
C SER H 21 19.31 -21.40 -8.96
N GLN H 22 19.64 -22.38 -8.11
CA GLN H 22 18.64 -23.24 -7.43
C GLN H 22 18.37 -22.74 -6.02
N PRO H 23 17.13 -22.94 -5.52
CA PRO H 23 16.76 -22.46 -4.19
C PRO H 23 17.32 -23.40 -3.13
N SER H 24 17.82 -22.78 -2.07
CA SER H 24 18.32 -23.44 -0.84
C SER H 24 17.71 -22.69 0.34
N THR H 25 17.80 -23.25 1.52
CA THR H 25 17.41 -22.52 2.77
C THR H 25 18.43 -21.39 2.96
N ALA H 26 19.72 -21.73 2.84
CA ALA H 26 20.86 -20.79 2.92
C ALA H 26 20.52 -19.47 2.21
N ASN H 27 20.10 -19.54 0.95
CA ASN H 27 19.99 -18.37 0.03
C ASN H 27 18.57 -17.78 0.05
N GLY H 28 17.72 -18.18 1.00
CA GLY H 28 16.33 -17.69 1.12
C GLY H 28 15.41 -18.24 0.02
N GLY H 29 15.93 -19.10 -0.87
CA GLY H 29 15.14 -19.75 -1.92
C GLY H 29 13.93 -20.47 -1.34
N PHE H 30 14.10 -21.04 -0.13
CA PHE H 30 13.00 -21.63 0.67
C PHE H 30 12.76 -20.78 1.92
N PRO H 31 11.54 -20.86 2.49
CA PRO H 31 11.28 -20.23 3.78
C PRO H 31 12.11 -20.91 4.87
N SER H 32 12.59 -20.13 5.84
CA SER H 32 13.18 -20.64 7.10
C SER H 32 12.10 -21.45 7.83
N VAL H 33 12.41 -22.68 8.18
CA VAL H 33 11.49 -23.63 8.87
C VAL H 33 12.13 -24.07 10.18
N VAL H 34 11.44 -23.83 11.29
CA VAL H 34 12.00 -24.04 12.64
C VAL H 34 11.17 -25.10 13.36
N VAL H 35 11.82 -25.87 14.24
CA VAL H 35 11.16 -26.83 15.15
C VAL H 35 10.87 -26.10 16.47
N THR H 36 9.62 -26.10 16.92
CA THR H 36 9.19 -25.28 18.10
C THR H 36 8.83 -26.14 19.31
N ALA H 37 8.42 -27.39 19.08
CA ALA H 37 8.03 -28.30 20.17
C ALA H 37 8.38 -29.73 19.77
N VAL H 38 8.70 -30.57 20.76
CA VAL H 38 8.98 -32.00 20.52
C VAL H 38 8.27 -32.82 21.60
N THR H 39 7.79 -33.98 21.20
CA THR H 39 7.23 -34.99 22.12
C THR H 39 7.70 -36.38 21.69
N ALA H 40 7.85 -37.27 22.66
CA ALA H 40 8.15 -38.70 22.40
C ALA H 40 7.89 -39.52 23.65
N THR H 41 7.22 -40.66 23.49
CA THR H 41 7.19 -41.75 24.49
C THR H 41 8.28 -42.73 24.10
N THR H 42 8.86 -43.43 25.06
CA THR H 42 10.16 -44.12 24.92
C THR H 42 10.27 -45.25 25.94
N SER H 43 11.25 -46.13 25.77
CA SER H 43 11.49 -47.29 26.69
C SER H 43 12.22 -46.84 27.95
N ILE H 44 12.89 -45.69 27.93
CA ILE H 44 13.48 -45.02 29.14
C ILE H 44 12.39 -44.27 29.91
N SER H 45 11.60 -43.43 29.22
CA SER H 45 10.72 -42.45 29.88
C SER H 45 9.60 -42.02 28.94
N PRO H 46 8.44 -41.61 29.50
CA PRO H 46 7.40 -40.95 28.71
C PRO H 46 7.74 -39.49 28.36
N ASP H 47 8.57 -38.85 29.18
CA ASP H 47 9.00 -37.45 29.01
C ASP H 47 10.27 -37.47 28.15
N ILE H 48 10.26 -36.69 27.07
CA ILE H 48 11.42 -36.61 26.12
C ILE H 48 12.63 -35.99 26.82
N GLU H 49 12.44 -35.02 27.71
CA GLU H 49 13.57 -34.40 28.44
C GLU H 49 14.15 -35.45 29.40
N SER H 50 13.30 -36.23 30.05
CA SER H 50 13.71 -37.30 31.00
C SER H 50 14.45 -38.41 30.27
N THR H 51 13.98 -38.80 29.07
CA THR H 51 14.71 -39.76 28.20
C THR H 51 16.11 -39.21 27.93
N TRP H 52 16.17 -37.97 27.44
CA TRP H 52 17.42 -37.24 27.09
C TRP H 52 18.45 -37.38 28.23
N LYS H 53 18.07 -36.95 29.44
CA LYS H 53 19.00 -36.94 30.60
C LYS H 53 19.48 -38.36 30.88
N GLY H 54 18.62 -39.35 30.66
CA GLY H 54 18.97 -40.78 30.84
C GLY H 54 19.94 -41.25 29.77
N LEU H 55 19.76 -40.83 28.52
CA LEU H 55 20.69 -41.17 27.42
C LEU H 55 22.08 -40.67 27.79
N LEU H 56 22.18 -39.43 28.28
CA LEU H 56 23.47 -38.80 28.64
C LEU H 56 24.05 -39.45 29.90
N ALA H 57 23.20 -39.80 30.87
CA ALA H 57 23.60 -40.57 32.08
C ALA H 57 24.07 -41.98 31.68
N GLY H 58 23.87 -42.34 30.40
CA GLY H 58 24.34 -43.62 29.83
C GLY H 58 23.32 -44.72 30.04
N GLU H 59 22.09 -44.35 30.41
CA GLU H 59 21.01 -45.33 30.72
C GLU H 59 20.58 -46.05 29.44
N SER H 60 20.21 -47.32 29.58
CA SER H 60 19.66 -48.17 28.49
C SER H 60 18.19 -48.47 28.76
N GLY H 61 17.43 -48.71 27.70
CA GLY H 61 15.98 -48.99 27.77
C GLY H 61 15.70 -50.46 27.60
N ILE H 62 16.70 -51.24 27.17
CA ILE H 62 16.52 -52.67 26.81
C ILE H 62 16.67 -53.53 28.07
N HIS H 63 15.63 -54.31 28.36
N HIS H 63 15.63 -54.29 28.40
CA HIS H 63 15.53 -55.26 29.51
CA HIS H 63 15.62 -55.27 29.51
C HIS H 63 15.21 -56.64 28.96
C HIS H 63 15.18 -56.64 28.98
N ALA H 64 15.17 -57.65 29.86
CA ALA H 64 14.68 -59.00 29.53
C ALA H 64 13.14 -58.95 29.52
N LEU H 65 12.51 -59.64 28.56
CA LEU H 65 11.03 -59.58 28.36
C LEU H 65 10.34 -60.50 29.38
N GLU H 66 9.49 -59.90 30.21
CA GLU H 66 8.71 -60.61 31.27
C GLU H 66 7.43 -61.21 30.70
N ASP H 67 7.11 -60.91 29.43
CA ASP H 67 5.78 -61.23 28.83
C ASP H 67 5.60 -62.75 28.73
N GLU H 68 4.39 -63.22 29.02
CA GLU H 68 4.04 -64.67 28.98
C GLU H 68 4.19 -65.20 27.56
N PHE H 69 4.01 -64.36 26.53
CA PHE H 69 4.10 -64.79 25.10
C PHE H 69 5.52 -65.28 24.78
N VAL H 70 6.53 -64.80 25.51
CA VAL H 70 7.95 -65.21 25.27
C VAL H 70 8.09 -66.67 25.68
N THR H 71 7.61 -67.04 26.86
CA THR H 71 7.73 -68.42 27.40
C THR H 71 6.65 -69.31 26.76
N LYS H 72 5.50 -68.75 26.41
CA LYS H 72 4.46 -69.48 25.64
C LYS H 72 5.12 -70.07 24.40
N TRP H 73 5.77 -69.23 23.59
CA TRP H 73 6.32 -69.60 22.26
C TRP H 73 7.82 -69.93 22.32
N ASP H 74 8.46 -69.80 23.49
CA ASP H 74 9.91 -70.07 23.65
C ASP H 74 10.69 -69.32 22.56
N LEU H 75 10.38 -68.04 22.35
CA LEU H 75 11.00 -67.23 21.26
C LEU H 75 12.53 -67.29 21.41
N ALA H 76 13.25 -67.19 20.30
CA ALA H 76 14.73 -67.04 20.28
C ALA H 76 15.10 -65.74 21.00
N VAL H 77 14.43 -64.63 20.67
CA VAL H 77 14.72 -63.29 21.24
C VAL H 77 13.89 -63.11 22.51
N LYS H 78 14.56 -62.81 23.62
CA LYS H 78 13.92 -62.64 24.95
C LYS H 78 14.30 -61.27 25.52
N ILE H 79 14.72 -60.33 24.67
CA ILE H 79 15.17 -58.98 25.10
C ILE H 79 14.40 -57.94 24.30
N GLY H 80 14.25 -56.74 24.88
CA GLY H 80 13.59 -55.62 24.21
C GLY H 80 13.25 -54.50 25.17
N GLY H 81 12.82 -53.38 24.60
CA GLY H 81 12.44 -52.17 25.35
C GLY H 81 10.96 -51.90 25.23
N HIS H 82 10.17 -52.36 26.20
CA HIS H 82 8.77 -51.91 26.39
C HIS H 82 8.78 -50.44 26.77
N LEU H 83 7.81 -49.66 26.30
CA LEU H 83 7.61 -48.27 26.78
C LEU H 83 7.69 -48.29 28.30
N LYS H 84 8.42 -47.33 28.88
CA LYS H 84 8.49 -47.15 30.35
C LYS H 84 7.06 -46.96 30.87
N ASP H 85 6.28 -46.09 30.21
CA ASP H 85 4.85 -45.87 30.52
C ASP H 85 3.99 -46.34 29.34
N PRO H 86 3.30 -47.49 29.41
CA PRO H 86 2.44 -47.93 28.31
C PRO H 86 1.41 -46.87 27.90
N VAL H 87 1.08 -46.85 26.61
CA VAL H 87 0.04 -45.95 26.04
C VAL H 87 -1.30 -46.27 26.69
N ASP H 88 -1.56 -47.55 26.99
CA ASP H 88 -2.90 -48.01 27.45
C ASP H 88 -3.08 -47.75 28.96
N SER H 89 -2.09 -47.18 29.65
CA SER H 89 -2.25 -46.64 31.02
C SER H 89 -2.70 -45.17 30.98
N HIS H 90 -2.75 -44.58 29.79
CA HIS H 90 -3.23 -43.19 29.55
C HIS H 90 -4.58 -43.20 28.81
N MET H 91 -5.11 -44.37 28.46
CA MET H 91 -6.28 -44.48 27.55
C MET H 91 -7.49 -45.02 28.30
N GLY H 92 -8.64 -44.36 28.14
CA GLY H 92 -9.95 -44.80 28.65
C GLY H 92 -10.61 -45.80 27.71
N ARG H 93 -11.51 -46.63 28.24
CA ARG H 93 -12.08 -47.80 27.54
C ARG H 93 -12.80 -47.39 26.24
N LEU H 94 -13.27 -46.15 26.12
CA LEU H 94 -13.92 -45.64 24.88
C LEU H 94 -12.90 -45.70 23.74
N ASP H 95 -11.70 -45.15 23.98
CA ASP H 95 -10.56 -45.19 23.02
C ASP H 95 -10.16 -46.64 22.71
N MET H 96 -10.20 -47.53 23.70
CA MET H 96 -9.78 -48.94 23.54
C MET H 96 -10.68 -49.64 22.51
N ARG H 97 -11.92 -49.19 22.35
CA ARG H 97 -12.88 -49.79 21.39
C ARG H 97 -12.70 -49.17 20.01
N ARG H 98 -12.53 -47.84 19.92
CA ARG H 98 -12.70 -47.06 18.66
C ARG H 98 -11.36 -46.66 18.04
N MET H 99 -10.25 -47.26 18.44
CA MET H 99 -8.92 -46.88 17.88
C MET H 99 -8.01 -48.11 17.84
N SER H 100 -7.22 -48.25 16.78
CA SER H 100 -6.08 -49.18 16.74
C SER H 100 -5.05 -48.68 17.76
N TYR H 101 -4.08 -49.51 18.09
CA TYR H 101 -2.98 -49.13 19.00
C TYR H 101 -2.31 -47.84 18.49
N VAL H 102 -1.76 -47.87 17.26
CA VAL H 102 -1.01 -46.73 16.64
C VAL H 102 -1.83 -45.44 16.71
N GLN H 103 -3.15 -45.54 16.51
CA GLN H 103 -4.08 -44.39 16.62
C GLN H 103 -4.06 -43.88 18.07
N ARG H 104 -4.11 -44.78 19.04
CA ARG H 104 -4.08 -44.43 20.49
C ARG H 104 -2.76 -43.74 20.83
N MET H 105 -1.63 -44.30 20.39
CA MET H 105 -0.30 -43.66 20.57
C MET H 105 -0.31 -42.27 19.94
N GLY H 106 -0.92 -42.15 18.74
CA GLY H 106 -0.98 -40.88 17.99
C GLY H 106 -1.72 -39.82 18.76
N LYS H 107 -2.93 -40.15 19.23
CA LYS H 107 -3.79 -39.24 20.03
C LYS H 107 -3.00 -38.75 21.24
N LEU H 108 -2.37 -39.67 21.97
CA LEU H 108 -1.63 -39.34 23.21
C LEU H 108 -0.54 -38.31 22.88
N LEU H 109 0.32 -38.63 21.91
CA LEU H 109 1.49 -37.79 21.55
C LEU H 109 1.01 -36.43 21.02
N GLY H 110 0.01 -36.43 20.12
CA GLY H 110 -0.54 -35.22 19.50
C GLY H 110 -0.97 -34.21 20.55
N GLY H 111 -1.63 -34.67 21.61
CA GLY H 111 -2.08 -33.84 22.75
C GLY H 111 -0.90 -33.31 23.53
N GLN H 112 0.05 -34.19 23.87
CA GLN H 112 1.24 -33.81 24.69
C GLN H 112 2.08 -32.79 23.92
N LEU H 113 2.25 -32.97 22.61
CA LEU H 113 2.95 -31.99 21.74
C LEU H 113 2.20 -30.65 21.77
N TRP H 114 0.86 -30.69 21.68
CA TRP H 114 0.06 -29.46 21.49
C TRP H 114 0.18 -28.57 22.74
N GLU H 115 0.08 -29.16 23.93
CA GLU H 115 0.16 -28.41 25.20
C GLU H 115 1.58 -27.86 25.37
N SER H 116 2.60 -28.60 24.91
CA SER H 116 4.03 -28.21 24.99
C SER H 116 4.32 -26.99 24.11
N ALA H 117 3.56 -26.82 23.02
CA ALA H 117 3.69 -25.69 22.08
C ALA H 117 2.84 -24.51 22.56
N GLY H 118 2.19 -24.65 23.73
CA GLY H 118 1.37 -23.59 24.34
C GLY H 118 -0.05 -23.58 23.80
N SER H 119 -0.55 -24.72 23.35
CA SER H 119 -1.94 -24.90 22.83
C SER H 119 -2.23 -23.77 21.84
N PRO H 120 -1.43 -23.61 20.77
CA PRO H 120 -1.54 -22.42 19.92
C PRO H 120 -2.82 -22.38 19.11
N GLU H 121 -3.24 -21.16 18.76
CA GLU H 121 -4.43 -20.87 17.92
C GLU H 121 -3.95 -20.66 16.48
N VAL H 122 -3.90 -21.73 15.68
CA VAL H 122 -3.39 -21.62 14.29
C VAL H 122 -4.56 -21.67 13.31
N ASP H 123 -4.30 -21.14 12.12
CA ASP H 123 -5.22 -21.18 10.96
C ASP H 123 -5.26 -22.63 10.48
N PRO H 124 -6.36 -23.38 10.75
CA PRO H 124 -6.41 -24.78 10.37
C PRO H 124 -6.10 -24.99 8.88
N ASP H 125 -6.49 -24.04 8.03
CA ASP H 125 -6.32 -24.10 6.55
C ASP H 125 -4.84 -24.04 6.16
N ARG H 126 -3.93 -23.64 7.07
CA ARG H 126 -2.46 -23.58 6.81
C ARG H 126 -1.72 -24.64 7.64
N PHE H 127 -2.42 -25.69 8.06
CA PHE H 127 -1.94 -26.63 9.11
C PHE H 127 -2.08 -28.07 8.60
N ALA H 128 -0.93 -28.73 8.35
CA ALA H 128 -0.87 -30.12 7.88
C ALA H 128 -0.43 -31.03 9.02
N VAL H 129 -0.66 -32.33 8.83
CA VAL H 129 -0.13 -33.41 9.70
C VAL H 129 0.45 -34.47 8.77
N VAL H 130 1.70 -34.86 9.00
CA VAL H 130 2.31 -36.00 8.27
C VAL H 130 2.90 -36.94 9.31
N VAL H 131 2.32 -38.13 9.45
CA VAL H 131 2.71 -39.10 10.51
C VAL H 131 2.91 -40.46 9.87
N GLY H 132 4.16 -40.93 9.84
CA GLY H 132 4.49 -42.24 9.25
C GLY H 132 4.26 -43.34 10.25
N THR H 133 4.24 -44.58 9.75
CA THR H 133 4.10 -45.81 10.58
C THR H 133 4.57 -46.99 9.74
N GLY H 134 4.97 -48.08 10.41
CA GLY H 134 5.49 -49.26 9.71
C GLY H 134 4.40 -50.06 9.03
N LEU H 135 3.22 -50.17 9.64
CA LEU H 135 2.23 -51.23 9.29
C LEU H 135 0.81 -50.68 9.26
N GLY H 136 0.34 -50.11 10.37
CA GLY H 136 -1.05 -49.63 10.53
C GLY H 136 -1.73 -50.33 11.71
N GLY H 137 -3.07 -50.33 11.71
CA GLY H 137 -3.87 -50.95 12.78
C GLY H 137 -3.92 -52.46 12.64
N ALA H 138 -2.77 -53.11 12.46
CA ALA H 138 -2.64 -54.53 12.05
C ALA H 138 -3.47 -55.44 12.95
N GLU H 139 -3.53 -55.18 14.26
CA GLU H 139 -4.16 -56.05 15.28
C GLU H 139 -5.67 -56.16 15.04
N ARG H 140 -6.28 -55.14 14.43
CA ARG H 140 -7.73 -55.11 14.13
C ARG H 140 -8.02 -55.86 12.82
N ILE H 141 -7.00 -56.12 11.99
CA ILE H 141 -7.18 -57.02 10.82
C ILE H 141 -7.39 -58.43 11.37
N VAL H 142 -6.46 -58.88 12.20
CA VAL H 142 -6.47 -60.25 12.77
C VAL H 142 -7.69 -60.39 13.66
N GLU H 143 -8.03 -59.35 14.44
CA GLU H 143 -9.18 -59.42 15.40
C GLU H 143 -10.48 -59.61 14.62
N SER H 144 -10.66 -58.85 13.54
CA SER H 144 -11.86 -58.90 12.64
C SER H 144 -11.92 -60.29 12.00
N TYR H 145 -10.78 -60.75 11.48
CA TYR H 145 -10.62 -62.07 10.83
C TYR H 145 -11.07 -63.16 11.81
N ASP H 146 -10.56 -63.13 13.05
CA ASP H 146 -10.97 -64.09 14.11
C ASP H 146 -12.49 -63.96 14.34
N LEU H 147 -12.96 -62.75 14.59
CA LEU H 147 -14.38 -62.51 14.96
C LEU H 147 -15.30 -63.04 13.85
N MET H 148 -14.99 -62.77 12.58
CA MET H 148 -15.83 -63.21 11.43
C MET H 148 -15.76 -64.74 11.29
N ASN H 149 -14.56 -65.34 11.38
CA ASN H 149 -14.40 -66.82 11.29
C ASN H 149 -15.27 -67.52 12.34
N ALA H 150 -15.36 -66.95 13.56
CA ALA H 150 -16.15 -67.53 14.67
C ALA H 150 -17.63 -67.12 14.55
N GLY H 151 -17.91 -65.89 14.08
CA GLY H 151 -19.23 -65.25 14.29
C GLY H 151 -19.92 -64.72 13.05
N GLY H 152 -19.36 -64.90 11.85
CA GLY H 152 -20.00 -64.48 10.59
C GLY H 152 -19.76 -63.00 10.28
N PRO H 153 -20.23 -62.50 9.11
CA PRO H 153 -19.84 -61.18 8.63
C PRO H 153 -20.25 -60.00 9.54
N ARG H 154 -21.37 -60.14 10.24
CA ARG H 154 -21.98 -59.04 11.05
C ARG H 154 -21.25 -58.88 12.38
N LYS H 155 -20.24 -59.73 12.65
CA LYS H 155 -19.39 -59.62 13.86
C LYS H 155 -18.22 -58.65 13.61
N VAL H 156 -18.07 -58.14 12.38
CA VAL H 156 -17.06 -57.09 12.05
C VAL H 156 -17.64 -55.72 12.40
N SER H 157 -16.97 -54.99 13.29
CA SER H 157 -17.38 -53.64 13.76
C SER H 157 -17.45 -52.69 12.58
N PRO H 158 -18.40 -51.71 12.57
CA PRO H 158 -18.39 -50.63 11.60
C PRO H 158 -17.14 -49.73 11.70
N LEU H 159 -16.40 -49.84 12.80
CA LEU H 159 -15.17 -49.05 13.04
C LEU H 159 -13.93 -49.82 12.59
N ALA H 160 -14.08 -50.98 11.93
CA ALA H 160 -12.93 -51.78 11.47
C ALA H 160 -12.09 -50.95 10.50
N VAL H 161 -12.68 -50.54 9.38
CA VAL H 161 -11.94 -49.88 8.28
C VAL H 161 -11.15 -48.68 8.82
N GLN H 162 -11.76 -47.85 9.67
CA GLN H 162 -11.18 -46.55 10.11
C GLN H 162 -10.06 -46.79 11.14
N MET H 163 -10.08 -47.96 11.79
CA MET H 163 -9.03 -48.36 12.76
C MET H 163 -7.90 -49.07 12.01
N ILE H 164 -8.22 -49.88 11.01
CA ILE H 164 -7.20 -50.69 10.25
C ILE H 164 -6.45 -49.78 9.29
N MET H 165 -7.17 -48.96 8.53
CA MET H 165 -6.56 -48.15 7.45
C MET H 165 -5.27 -47.54 8.00
N PRO H 166 -4.10 -47.85 7.40
CA PRO H 166 -2.81 -47.38 7.93
C PRO H 166 -2.70 -45.86 8.13
N ASN H 167 -3.47 -45.09 7.35
CA ASN H 167 -3.58 -43.61 7.46
C ASN H 167 -4.30 -43.19 8.74
N GLY H 168 -4.85 -44.14 9.50
CA GLY H 168 -5.70 -43.85 10.67
C GLY H 168 -5.02 -42.94 11.66
N ALA H 169 -3.78 -43.26 12.03
CA ALA H 169 -3.01 -42.52 13.07
C ALA H 169 -2.90 -41.05 12.67
N ALA H 170 -2.54 -40.77 11.42
CA ALA H 170 -2.46 -39.39 10.86
C ALA H 170 -3.83 -38.73 10.96
N ALA H 171 -4.84 -39.39 10.39
CA ALA H 171 -6.26 -38.97 10.41
C ALA H 171 -6.68 -38.57 11.83
N VAL H 172 -6.42 -39.43 12.82
CA VAL H 172 -6.73 -39.19 14.26
C VAL H 172 -6.13 -37.86 14.71
N ILE H 173 -4.81 -37.69 14.55
CA ILE H 173 -4.08 -36.49 15.04
C ILE H 173 -4.60 -35.24 14.33
N GLY H 174 -4.80 -35.32 13.00
CA GLY H 174 -5.29 -34.20 12.19
C GLY H 174 -6.70 -33.77 12.58
N LEU H 175 -7.54 -34.76 12.90
CA LEU H 175 -8.92 -34.54 13.39
C LEU H 175 -8.89 -34.04 14.83
N GLN H 176 -7.88 -34.47 15.60
CA GLN H 176 -7.73 -34.08 17.03
C GLN H 176 -7.31 -32.62 17.14
N LEU H 177 -6.39 -32.16 16.30
CA LEU H 177 -5.85 -30.77 16.36
C LEU H 177 -6.43 -29.87 15.25
N GLY H 178 -7.24 -30.41 14.34
CA GLY H 178 -7.94 -29.62 13.32
C GLY H 178 -7.02 -29.16 12.20
N ALA H 179 -6.20 -30.07 11.66
CA ALA H 179 -5.29 -29.79 10.54
C ALA H 179 -6.05 -29.95 9.22
N ARG H 180 -6.04 -28.93 8.36
CA ARG H 180 -6.85 -28.91 7.12
C ARG H 180 -6.03 -28.58 5.87
N ALA H 181 -4.72 -28.34 6.00
CA ALA H 181 -3.80 -28.13 4.85
C ALA H 181 -3.12 -29.44 4.44
N GLY H 182 -3.73 -30.59 4.75
CA GLY H 182 -3.20 -31.92 4.39
C GLY H 182 -3.09 -32.85 5.58
N VAL H 183 -3.36 -34.14 5.36
CA VAL H 183 -3.06 -35.21 6.35
C VAL H 183 -2.52 -36.41 5.57
N MET H 184 -1.22 -36.67 5.71
CA MET H 184 -0.52 -37.68 4.89
C MET H 184 0.17 -38.71 5.78
N THR H 185 0.37 -39.90 5.22
CA THR H 185 0.97 -41.08 5.89
C THR H 185 1.92 -41.72 4.90
N PRO H 186 3.24 -41.43 4.98
CA PRO H 186 4.22 -42.16 4.20
C PRO H 186 4.62 -43.43 4.95
N VAL H 187 4.58 -44.59 4.28
CA VAL H 187 5.16 -45.86 4.80
C VAL H 187 6.40 -46.20 3.99
N SER H 188 7.54 -46.28 4.67
CA SER H 188 8.83 -46.77 4.12
C SER H 188 9.56 -47.58 5.20
N ALA H 189 8.81 -48.39 5.94
CA ALA H 189 9.32 -49.32 6.98
C ALA H 189 10.11 -48.54 8.06
N CYS H 190 11.42 -48.74 8.14
CA CYS H 190 12.29 -48.21 9.23
C CYS H 190 12.53 -46.70 9.05
N SER H 191 12.32 -46.15 7.84
CA SER H 191 12.59 -44.72 7.54
C SER H 191 11.28 -43.92 7.47
N SER H 192 10.15 -44.51 7.85
CA SER H 192 8.80 -43.90 7.76
C SER H 192 8.74 -42.58 8.55
N GLY H 193 9.22 -42.60 9.79
CA GLY H 193 9.19 -41.44 10.72
C GLY H 193 10.01 -40.26 10.23
N SER H 194 11.18 -40.53 9.65
CA SER H 194 12.05 -39.50 9.00
C SER H 194 11.37 -38.93 7.75
N GLU H 195 10.80 -39.80 6.92
CA GLU H 195 10.19 -39.40 5.63
C GLU H 195 9.00 -38.47 5.87
N ALA H 196 8.21 -38.77 6.90
CA ALA H 196 7.08 -37.95 7.37
C ALA H 196 7.56 -36.50 7.53
N ILE H 197 8.65 -36.31 8.26
CA ILE H 197 9.24 -34.96 8.53
C ILE H 197 9.73 -34.34 7.23
N ALA H 198 10.23 -35.14 6.28
CA ALA H 198 10.69 -34.62 4.98
C ALA H 198 9.49 -34.07 4.21
N HIS H 199 8.41 -34.84 4.15
CA HIS H 199 7.17 -34.42 3.44
C HIS H 199 6.56 -33.22 4.15
N ALA H 200 6.61 -33.19 5.49
CA ALA H 200 6.15 -32.04 6.31
C ALA H 200 6.86 -30.77 5.83
N TRP H 201 8.19 -30.86 5.72
CA TRP H 201 9.07 -29.74 5.31
C TRP H 201 8.79 -29.36 3.85
N ARG H 202 8.50 -30.35 2.99
CA ARG H 202 8.14 -30.08 1.57
C ARG H 202 6.83 -29.30 1.53
N GLN H 203 5.84 -29.79 2.27
CA GLN H 203 4.50 -29.17 2.40
C GLN H 203 4.64 -27.69 2.79
N ILE H 204 5.60 -27.33 3.66
CA ILE H 204 5.81 -25.91 4.08
C ILE H 204 6.54 -25.15 2.98
N VAL H 205 7.71 -25.64 2.56
CA VAL H 205 8.60 -24.93 1.60
C VAL H 205 7.90 -24.80 0.23
N MET H 206 6.92 -25.65 -0.08
CA MET H 206 6.12 -25.54 -1.35
C MET H 206 4.85 -24.70 -1.12
N GLY H 207 4.66 -24.15 0.08
CA GLY H 207 3.65 -23.11 0.34
C GLY H 207 2.23 -23.64 0.49
N ASP H 208 2.07 -24.93 0.79
CA ASP H 208 0.74 -25.51 1.13
C ASP H 208 0.43 -25.22 2.61
N ALA H 209 1.46 -25.14 3.45
CA ALA H 209 1.29 -25.02 4.91
C ALA H 209 2.30 -24.02 5.49
N ASP H 210 1.98 -23.52 6.68
CA ASP H 210 2.86 -22.66 7.52
C ASP H 210 3.27 -23.41 8.78
N VAL H 211 2.48 -24.42 9.16
CA VAL H 211 2.69 -25.23 10.39
C VAL H 211 2.42 -26.69 10.05
N ALA H 212 3.18 -27.60 10.65
CA ALA H 212 2.92 -29.04 10.50
C ALA H 212 3.32 -29.80 11.77
N VAL H 213 2.51 -30.80 12.08
CA VAL H 213 2.80 -31.80 13.14
C VAL H 213 3.23 -33.08 12.44
N CYS H 214 4.45 -33.54 12.71
CA CYS H 214 5.05 -34.64 11.93
C CYS H 214 5.88 -35.55 12.81
N GLY H 215 6.10 -36.76 12.33
CA GLY H 215 6.81 -37.80 13.06
C GLY H 215 6.28 -39.17 12.71
N GLY H 216 6.46 -40.11 13.61
CA GLY H 216 6.04 -41.51 13.40
C GLY H 216 5.51 -42.10 14.68
N VAL H 217 4.65 -43.10 14.53
CA VAL H 217 4.17 -43.94 15.66
C VAL H 217 4.42 -45.38 15.22
N GLU H 218 4.48 -46.29 16.19
CA GLU H 218 4.69 -47.72 15.89
C GLU H 218 4.08 -48.59 16.98
N GLY H 219 3.61 -49.78 16.59
CA GLY H 219 3.00 -50.77 17.49
C GLY H 219 3.99 -51.28 18.53
N PRO H 220 3.48 -52.04 19.54
CA PRO H 220 4.33 -52.60 20.58
C PRO H 220 5.03 -53.87 20.08
N ILE H 221 6.00 -54.31 20.86
CA ILE H 221 6.65 -55.64 20.71
C ILE H 221 5.57 -56.68 20.97
N GLU H 222 5.40 -57.63 20.05
CA GLU H 222 4.57 -58.82 20.30
C GLU H 222 5.29 -60.03 19.73
N ALA H 223 4.69 -61.22 19.91
CA ALA H 223 5.28 -62.52 19.49
C ALA H 223 5.43 -62.52 17.97
N LEU H 224 4.35 -62.24 17.23
CA LEU H 224 4.33 -62.36 15.75
C LEU H 224 5.34 -61.39 15.13
N PRO H 225 5.48 -60.15 15.62
CA PRO H 225 6.57 -59.28 15.16
C PRO H 225 7.96 -59.87 15.41
N ILE H 226 8.20 -60.47 16.59
CA ILE H 226 9.52 -61.11 16.88
C ILE H 226 9.67 -62.33 15.98
N ALA H 227 8.60 -63.11 15.80
CA ALA H 227 8.60 -64.29 14.92
C ALA H 227 9.06 -63.89 13.52
N ALA H 228 8.44 -62.86 12.93
CA ALA H 228 8.65 -62.44 11.53
C ALA H 228 10.07 -61.90 11.33
N PHE H 229 10.54 -61.04 12.23
CA PHE H 229 11.88 -60.39 12.10
C PHE H 229 13.00 -61.37 12.45
N SER H 230 12.75 -62.26 13.42
CA SER H 230 13.77 -63.23 13.90
C SER H 230 14.05 -64.27 12.80
N MET H 231 13.09 -64.55 11.93
CA MET H 231 13.26 -65.52 10.81
C MET H 231 14.07 -64.89 9.67
N MET H 232 14.04 -63.55 9.55
CA MET H 232 14.96 -62.75 8.68
C MET H 232 16.39 -62.85 9.23
N ARG H 233 16.54 -63.22 10.50
CA ARG H 233 17.85 -63.40 11.19
C ARG H 233 18.53 -62.04 11.27
N ALA H 234 17.78 -61.02 11.66
CA ALA H 234 18.22 -59.61 11.72
C ALA H 234 18.28 -59.12 13.16
N MET H 235 17.94 -59.98 14.13
CA MET H 235 17.72 -59.56 15.54
C MET H 235 18.81 -60.14 16.44
N SER H 236 19.18 -59.39 17.48
CA SER H 236 20.17 -59.80 18.51
C SER H 236 19.57 -60.91 19.38
N THR H 237 20.33 -61.98 19.63
CA THR H 237 19.91 -63.15 20.44
C THR H 237 20.68 -63.18 21.77
N ARG H 238 21.34 -62.08 22.14
CA ARG H 238 22.13 -61.98 23.40
C ARG H 238 21.17 -61.76 24.59
N ASN H 239 20.46 -62.81 24.99
CA ASN H 239 19.36 -62.71 25.99
C ASN H 239 19.90 -62.58 27.42
N ASP H 240 21.13 -63.05 27.68
CA ASP H 240 21.68 -63.12 29.06
C ASP H 240 22.02 -61.70 29.55
N GLU H 241 22.59 -60.88 28.67
CA GLU H 241 22.91 -59.45 28.94
C GLU H 241 22.05 -58.58 28.01
N PRO H 242 20.79 -58.28 28.35
CA PRO H 242 19.92 -57.53 27.46
C PRO H 242 20.52 -56.14 27.16
N GLU H 243 20.93 -55.44 28.22
CA GLU H 243 21.44 -54.04 28.15
C GLU H 243 22.65 -53.96 27.21
N ARG H 244 23.30 -55.09 26.89
CA ARG H 244 24.55 -55.10 26.08
C ARG H 244 24.32 -55.78 24.73
N ALA H 245 23.07 -55.98 24.33
CA ALA H 245 22.72 -56.71 23.09
C ALA H 245 22.83 -55.79 21.86
N SER H 246 22.33 -54.54 21.94
CA SER H 246 22.32 -53.56 20.83
C SER H 246 23.69 -52.87 20.71
N ARG H 247 24.51 -53.27 19.73
CA ARG H 247 25.92 -52.80 19.61
C ARG H 247 26.21 -52.20 18.24
N PRO H 248 25.52 -51.09 17.86
CA PRO H 248 25.84 -50.37 16.62
C PRO H 248 27.32 -50.06 16.39
N PHE H 249 27.90 -50.62 15.33
CA PHE H 249 29.29 -50.40 14.82
C PHE H 249 30.33 -51.17 15.64
N ASP H 250 29.90 -51.90 16.68
CA ASP H 250 30.79 -52.74 17.51
C ASP H 250 31.08 -54.04 16.75
N LYS H 251 32.22 -54.67 17.05
CA LYS H 251 32.64 -55.93 16.38
C LYS H 251 31.63 -57.04 16.69
N ASP H 252 31.20 -57.16 17.95
CA ASP H 252 30.39 -58.31 18.44
C ASP H 252 28.89 -58.03 18.31
N ARG H 253 28.49 -57.14 17.41
CA ARG H 253 27.04 -56.86 17.16
C ARG H 253 26.44 -58.07 16.44
N ASP H 254 25.19 -58.42 16.76
CA ASP H 254 24.52 -59.62 16.19
C ASP H 254 23.07 -59.30 15.80
N GLY H 255 22.81 -58.08 15.36
CA GLY H 255 21.48 -57.69 14.84
C GLY H 255 20.86 -56.61 15.69
N PHE H 256 19.58 -56.33 15.50
CA PHE H 256 18.93 -55.19 16.20
C PHE H 256 18.11 -55.68 17.39
N VAL H 257 17.79 -54.73 18.27
CA VAL H 257 16.93 -54.94 19.47
C VAL H 257 15.69 -54.08 19.31
N PHE H 258 14.50 -54.66 19.55
CA PHE H 258 13.21 -53.93 19.54
C PHE H 258 13.18 -52.95 20.72
N GLY H 259 12.79 -51.71 20.45
CA GLY H 259 12.57 -50.67 21.47
C GLY H 259 11.36 -49.84 21.11
N GLU H 260 10.30 -49.95 21.89
CA GLU H 260 9.01 -49.29 21.58
C GLU H 260 9.19 -47.78 21.68
N ALA H 261 8.53 -47.04 20.78
CA ALA H 261 8.68 -45.58 20.70
C ALA H 261 7.58 -44.97 19.83
N GLY H 262 7.40 -43.67 20.03
CA GLY H 262 6.56 -42.82 19.17
C GLY H 262 7.01 -41.40 19.38
N ALA H 263 7.03 -40.60 18.33
CA ALA H 263 7.56 -39.23 18.44
C ALA H 263 6.98 -38.34 17.36
N LEU H 264 6.55 -37.16 17.78
CA LEU H 264 6.09 -36.09 16.90
C LEU H 264 6.92 -34.84 17.22
N MET H 265 6.98 -33.93 16.27
CA MET H 265 7.56 -32.59 16.48
C MET H 265 6.68 -31.57 15.75
N LEU H 266 6.55 -30.38 16.33
CA LEU H 266 5.87 -29.25 15.67
C LEU H 266 6.94 -28.51 14.87
N ILE H 267 6.74 -28.40 13.56
CA ILE H 267 7.59 -27.53 12.70
C ILE H 267 6.71 -26.45 12.09
N GLU H 268 7.25 -25.24 11.99
CA GLU H 268 6.59 -24.11 11.32
C GLU H 268 7.64 -23.13 10.77
N THR H 269 7.17 -22.22 9.93
CA THR H 269 7.99 -21.13 9.34
C THR H 269 8.44 -20.24 10.51
N GLU H 270 9.69 -19.79 10.47
CA GLU H 270 10.25 -18.94 11.56
C GLU H 270 9.34 -17.74 11.78
N GLU H 271 8.92 -17.09 10.70
CA GLU H 271 7.96 -15.95 10.75
C GLU H 271 6.76 -16.36 11.62
N HIS H 272 6.05 -17.43 11.22
CA HIS H 272 4.86 -17.95 11.94
C HIS H 272 5.20 -18.14 13.43
N ALA H 273 6.32 -18.84 13.69
CA ALA H 273 6.80 -19.10 15.07
C ALA H 273 7.02 -17.75 15.79
N LYS H 274 7.68 -16.81 15.13
CA LYS H 274 8.02 -15.49 15.72
C LYS H 274 6.72 -14.77 16.11
N ALA H 275 5.71 -14.82 15.23
CA ALA H 275 4.42 -14.12 15.38
C ALA H 275 3.73 -14.55 16.68
N ARG H 276 3.68 -15.86 16.94
CA ARG H 276 2.99 -16.43 18.13
C ARG H 276 3.99 -16.56 19.30
N GLY H 277 5.24 -16.11 19.11
CA GLY H 277 6.22 -15.97 20.19
C GLY H 277 6.74 -17.32 20.70
N ALA H 278 6.81 -18.32 19.82
CA ALA H 278 7.31 -19.68 20.14
C ALA H 278 8.83 -19.69 20.03
N LYS H 279 9.50 -20.16 21.09
CA LYS H 279 10.99 -20.23 21.17
C LYS H 279 11.46 -21.49 20.44
N PRO H 280 12.05 -21.36 19.23
CA PRO H 280 12.57 -22.51 18.49
C PRO H 280 13.61 -23.36 19.25
N LEU H 281 13.74 -24.62 18.84
CA LEU H 281 14.72 -25.60 19.40
C LEU H 281 15.81 -25.85 18.36
N ALA H 282 15.53 -25.67 17.07
CA ALA H 282 16.49 -25.96 15.99
C ALA H 282 15.87 -25.58 14.66
N ARG H 283 16.67 -25.67 13.59
CA ARG H 283 16.24 -25.31 12.22
C ARG H 283 16.20 -26.60 11.39
N LEU H 284 15.10 -26.82 10.66
CA LEU H 284 14.99 -27.95 9.71
C LEU H 284 15.31 -27.44 8.31
N LEU H 285 16.53 -27.66 7.85
CA LEU H 285 17.13 -26.91 6.71
C LEU H 285 16.82 -27.59 5.37
N GLY H 286 16.69 -28.92 5.35
CA GLY H 286 16.48 -29.65 4.09
C GLY H 286 16.23 -31.12 4.34
N ALA H 287 15.99 -31.88 3.27
CA ALA H 287 15.58 -33.29 3.36
C ALA H 287 15.84 -34.04 2.05
N GLY H 288 16.58 -35.14 2.13
CA GLY H 288 16.90 -36.00 0.98
C GLY H 288 16.15 -37.32 1.03
N ILE H 289 15.64 -37.76 -0.12
CA ILE H 289 14.99 -39.09 -0.29
C ILE H 289 15.55 -39.74 -1.56
N THR H 290 16.15 -40.92 -1.41
CA THR H 290 16.62 -41.75 -2.53
C THR H 290 16.21 -43.20 -2.30
N SER H 291 16.58 -44.08 -3.23
CA SER H 291 16.30 -45.52 -3.15
C SER H 291 17.52 -46.30 -3.66
N ASP H 292 17.72 -47.50 -3.11
CA ASP H 292 18.87 -48.37 -3.44
C ASP H 292 18.57 -49.16 -4.72
N ALA H 293 17.32 -49.57 -4.93
CA ALA H 293 16.94 -50.50 -6.03
C ALA H 293 18.03 -51.56 -6.18
N PHE H 294 18.38 -52.22 -5.06
CA PHE H 294 19.43 -53.26 -4.97
C PHE H 294 18.80 -54.57 -4.51
N HIS H 295 18.15 -54.52 -3.34
CA HIS H 295 17.56 -55.70 -2.66
C HIS H 295 16.37 -55.26 -1.81
N MET H 296 15.43 -56.19 -1.58
CA MET H 296 14.18 -55.92 -0.84
C MET H 296 14.49 -55.61 0.63
N VAL H 297 15.49 -56.25 1.24
CA VAL H 297 15.76 -56.12 2.70
C VAL H 297 17.23 -55.80 3.03
N ALA H 298 18.15 -55.89 2.07
CA ALA H 298 19.59 -55.67 2.31
C ALA H 298 20.02 -54.35 1.69
N PRO H 299 20.67 -53.44 2.45
CA PRO H 299 21.27 -52.25 1.85
C PRO H 299 22.47 -52.56 0.94
N ALA H 300 22.53 -51.87 -0.20
CA ALA H 300 23.69 -51.90 -1.13
C ALA H 300 24.95 -51.58 -0.34
N ALA H 301 25.90 -52.52 -0.29
CA ALA H 301 27.13 -52.44 0.52
C ALA H 301 27.87 -51.12 0.26
N ASP H 302 27.86 -50.61 -0.99
CA ASP H 302 28.61 -49.38 -1.39
C ASP H 302 28.03 -48.12 -0.74
N GLY H 303 26.74 -48.12 -0.35
CA GLY H 303 26.09 -47.03 0.39
C GLY H 303 26.03 -45.74 -0.40
N VAL H 304 25.97 -45.83 -1.74
CA VAL H 304 26.12 -44.64 -2.63
C VAL H 304 24.80 -43.86 -2.67
N ARG H 305 23.67 -44.55 -2.81
CA ARG H 305 22.32 -43.92 -2.86
C ARG H 305 21.97 -43.40 -1.47
N ALA H 306 22.37 -44.12 -0.42
CA ALA H 306 22.23 -43.66 0.99
C ALA H 306 22.99 -42.33 1.13
N GLY H 307 24.25 -42.31 0.68
CA GLY H 307 25.10 -41.11 0.67
C GLY H 307 24.49 -39.99 -0.16
N ARG H 308 23.82 -40.33 -1.27
CA ARG H 308 23.19 -39.34 -2.17
C ARG H 308 22.04 -38.65 -1.42
N ALA H 309 21.23 -39.42 -0.70
CA ALA H 309 20.18 -38.89 0.21
C ALA H 309 20.83 -37.83 1.12
N MET H 310 21.98 -38.15 1.71
CA MET H 310 22.71 -37.20 2.61
C MET H 310 23.14 -35.96 1.81
N THR H 311 23.69 -36.14 0.61
CA THR H 311 24.12 -35.01 -0.26
C THR H 311 22.92 -34.12 -0.58
N ARG H 312 21.77 -34.74 -0.80
CA ARG H 312 20.55 -34.03 -1.24
C ARG H 312 20.05 -33.10 -0.12
N SER H 313 20.16 -33.52 1.15
CA SER H 313 19.69 -32.72 2.31
C SER H 313 20.55 -31.45 2.43
N LEU H 314 21.86 -31.60 2.23
CA LEU H 314 22.83 -30.47 2.24
C LEU H 314 22.54 -29.55 1.06
N GLU H 315 22.24 -30.13 -0.11
CA GLU H 315 21.96 -29.33 -1.34
C GLU H 315 20.79 -28.39 -1.05
N LEU H 316 19.65 -28.96 -0.67
CA LEU H 316 18.40 -28.22 -0.44
C LEU H 316 18.55 -27.33 0.80
N ALA H 317 19.46 -27.67 1.72
CA ALA H 317 19.79 -26.83 2.90
C ALA H 317 20.67 -25.66 2.45
N GLY H 318 21.56 -25.91 1.49
CA GLY H 318 22.60 -24.96 1.06
C GLY H 318 23.86 -25.11 1.89
N LEU H 319 24.09 -26.30 2.46
CA LEU H 319 25.26 -26.59 3.34
C LEU H 319 26.29 -27.42 2.57
N SER H 320 27.47 -27.57 3.18
CA SER H 320 28.59 -28.41 2.67
C SER H 320 28.88 -29.53 3.66
N PRO H 321 29.35 -30.70 3.17
CA PRO H 321 29.80 -31.80 4.03
C PRO H 321 30.67 -31.35 5.21
N ALA H 322 31.65 -30.48 4.95
CA ALA H 322 32.54 -29.90 5.98
C ALA H 322 31.68 -29.23 7.06
N ASP H 323 30.57 -28.60 6.67
CA ASP H 323 29.67 -27.84 7.57
C ASP H 323 29.02 -28.79 8.57
N ILE H 324 28.70 -30.03 8.15
CA ILE H 324 28.08 -31.07 9.01
C ILE H 324 29.07 -31.40 10.15
N ASP H 325 28.64 -31.23 11.40
CA ASP H 325 29.50 -31.49 12.58
C ASP H 325 29.07 -32.79 13.25
N HIS H 326 27.83 -33.22 13.02
CA HIS H 326 27.24 -34.39 13.71
C HIS H 326 26.42 -35.24 12.74
N VAL H 327 26.45 -36.55 12.93
CA VAL H 327 25.57 -37.51 12.21
C VAL H 327 24.87 -38.40 13.22
N ASN H 328 23.53 -38.40 13.17
CA ASN H 328 22.69 -39.37 13.90
C ASN H 328 22.47 -40.57 12.97
N ALA H 329 23.35 -41.58 13.07
CA ALA H 329 23.35 -42.74 12.17
C ALA H 329 22.13 -43.62 12.45
N HIS H 330 21.69 -44.40 11.46
CA HIS H 330 20.59 -45.40 11.60
C HIS H 330 20.96 -46.39 12.73
N GLY H 331 22.18 -46.95 12.69
CA GLY H 331 22.74 -47.77 13.78
C GLY H 331 21.83 -48.92 14.16
N THR H 332 21.41 -49.72 13.17
CA THR H 332 20.54 -50.91 13.36
C THR H 332 21.27 -51.99 14.17
N ALA H 333 22.60 -51.91 14.26
CA ALA H 333 23.47 -52.90 14.95
C ALA H 333 23.43 -54.25 14.23
N THR H 334 22.93 -54.28 12.99
CA THR H 334 23.05 -55.46 12.10
C THR H 334 24.39 -55.36 11.39
N PRO H 335 25.02 -56.51 11.09
CA PRO H 335 26.31 -56.52 10.37
C PRO H 335 26.31 -55.72 9.07
N ILE H 336 25.39 -56.05 8.16
CA ILE H 336 25.32 -55.48 6.78
C ILE H 336 24.92 -54.01 6.88
N GLY H 337 23.90 -53.73 7.70
CA GLY H 337 23.36 -52.37 7.90
C GLY H 337 24.43 -51.40 8.33
N ASP H 338 25.16 -51.71 9.40
CA ASP H 338 26.17 -50.80 10.00
C ASP H 338 27.28 -50.54 8.98
N ALA H 339 27.65 -51.55 8.17
CA ALA H 339 28.76 -51.47 7.20
C ALA H 339 28.38 -50.55 6.03
N ALA H 340 27.17 -50.71 5.50
CA ALA H 340 26.65 -49.94 4.35
C ALA H 340 26.54 -48.46 4.72
N GLU H 341 26.09 -48.15 5.94
CA GLU H 341 25.92 -46.76 6.41
C GLU H 341 27.30 -46.11 6.57
N ALA H 342 28.24 -46.82 7.20
CA ALA H 342 29.66 -46.41 7.31
C ALA H 342 30.16 -45.92 5.93
N ASN H 343 29.87 -46.70 4.88
CA ASN H 343 30.24 -46.34 3.49
C ASN H 343 29.43 -45.12 3.05
N ALA H 344 28.13 -45.08 3.37
CA ALA H 344 27.23 -43.97 2.98
C ALA H 344 27.76 -42.64 3.52
N ILE H 345 28.19 -42.62 4.79
CA ILE H 345 28.71 -41.38 5.41
C ILE H 345 29.98 -40.96 4.66
N ARG H 346 30.84 -41.91 4.33
N ARG H 346 30.85 -41.90 4.30
CA ARG H 346 32.11 -41.65 3.58
CA ARG H 346 32.12 -41.60 3.60
C ARG H 346 31.81 -40.97 2.24
C ARG H 346 31.82 -40.97 2.23
N VAL H 347 30.78 -41.43 1.54
CA VAL H 347 30.38 -40.91 0.20
C VAL H 347 29.84 -39.47 0.31
N ALA H 348 29.11 -39.16 1.38
CA ALA H 348 28.57 -37.80 1.63
C ALA H 348 29.70 -36.85 2.05
N GLY H 349 30.89 -37.37 2.37
CA GLY H 349 32.01 -36.58 2.89
C GLY H 349 31.74 -36.14 4.32
N CYS H 350 31.04 -36.97 5.09
CA CYS H 350 30.58 -36.66 6.47
C CYS H 350 31.24 -37.57 7.51
N ASP H 351 32.26 -38.34 7.11
CA ASP H 351 32.96 -39.32 8.00
C ASP H 351 33.92 -38.59 8.95
N GLN H 352 33.96 -37.25 8.91
CA GLN H 352 34.66 -36.41 9.91
C GLN H 352 33.70 -36.04 11.05
N ALA H 353 32.40 -36.26 10.85
CA ALA H 353 31.34 -35.82 11.81
C ALA H 353 31.38 -36.72 13.05
N ALA H 354 30.97 -36.17 14.19
CA ALA H 354 30.74 -36.95 15.43
C ALA H 354 29.52 -37.84 15.21
N VAL H 355 29.61 -39.13 15.53
CA VAL H 355 28.52 -40.10 15.18
C VAL H 355 27.82 -40.60 16.45
N TYR H 356 26.50 -40.75 16.36
CA TYR H 356 25.65 -41.27 17.46
C TYR H 356 24.69 -42.30 16.90
N ALA H 357 24.64 -43.46 17.57
CA ALA H 357 23.70 -44.57 17.26
C ALA H 357 22.78 -44.75 18.47
N PRO H 358 21.73 -43.92 18.58
CA PRO H 358 20.84 -43.94 19.74
C PRO H 358 20.10 -45.28 19.92
N LYS H 359 20.05 -46.08 18.85
CA LYS H 359 19.45 -47.45 18.86
C LYS H 359 20.26 -48.36 19.79
N SER H 360 21.48 -47.95 20.16
CA SER H 360 22.30 -48.63 21.19
C SER H 360 21.56 -48.64 22.54
N ALA H 361 20.87 -47.55 22.88
CA ALA H 361 20.19 -47.38 24.20
C ALA H 361 18.70 -47.63 24.07
N LEU H 362 18.07 -47.14 22.99
CA LEU H 362 16.58 -47.06 22.87
C LEU H 362 16.05 -48.20 22.00
N GLY H 363 16.90 -48.92 21.28
CA GLY H 363 16.47 -50.01 20.40
C GLY H 363 15.81 -49.49 19.14
N HIS H 364 15.23 -50.40 18.36
CA HIS H 364 14.67 -50.12 17.01
C HIS H 364 13.14 -50.08 17.12
N SER H 365 12.54 -48.94 16.73
CA SER H 365 11.07 -48.70 16.78
C SER H 365 10.47 -48.63 15.37
N ILE H 366 11.23 -49.07 14.37
CA ILE H 366 10.79 -49.19 12.95
C ILE H 366 10.20 -47.86 12.47
N GLY H 367 8.88 -47.73 12.44
CA GLY H 367 8.15 -46.62 11.80
C GLY H 367 8.41 -45.30 12.49
N ALA H 368 8.55 -45.31 13.82
CA ALA H 368 8.70 -44.08 14.63
C ALA H 368 10.16 -43.76 14.94
N VAL H 369 11.11 -44.60 14.50
CA VAL H 369 12.52 -44.44 14.97
C VAL H 369 13.13 -43.20 14.29
N GLY H 370 12.93 -43.03 13.00
CA GLY H 370 13.38 -41.83 12.26
C GLY H 370 12.93 -40.55 12.96
N ALA H 371 11.66 -40.49 13.37
CA ALA H 371 11.07 -39.34 14.08
C ALA H 371 11.79 -39.13 15.42
N LEU H 372 11.85 -40.17 16.25
CA LEU H 372 12.54 -40.14 17.56
C LEU H 372 13.95 -39.59 17.38
N GLU H 373 14.68 -40.13 16.40
CA GLU H 373 16.10 -39.81 16.17
C GLU H 373 16.23 -38.37 15.64
N SER H 374 15.22 -37.88 14.92
CA SER H 374 15.12 -36.46 14.49
C SER H 374 14.95 -35.57 15.73
N VAL H 375 14.15 -36.03 16.69
CA VAL H 375 13.94 -35.30 17.97
C VAL H 375 15.28 -35.27 18.72
N LEU H 376 15.96 -36.41 18.80
CA LEU H 376 17.23 -36.52 19.55
C LEU H 376 18.27 -35.61 18.91
N THR H 377 18.32 -35.56 17.57
CA THR H 377 19.23 -34.66 16.80
C THR H 377 19.01 -33.21 17.26
N VAL H 378 17.76 -32.76 17.26
CA VAL H 378 17.36 -31.40 17.71
C VAL H 378 17.98 -31.12 19.08
N LEU H 379 17.87 -32.07 20.02
CA LEU H 379 18.29 -31.86 21.43
C LEU H 379 19.82 -31.82 21.50
N THR H 380 20.48 -32.53 20.59
CA THR H 380 21.95 -32.52 20.41
C THR H 380 22.41 -31.13 19.97
N LEU H 381 21.72 -30.55 18.98
CA LEU H 381 22.05 -29.20 18.43
C LEU H 381 21.72 -28.14 19.47
N ARG H 382 20.57 -28.25 20.14
CA ARG H 382 20.12 -27.29 21.17
C ARG H 382 21.11 -27.26 22.34
N ASP H 383 21.37 -28.43 22.93
CA ASP H 383 22.15 -28.54 24.20
C ASP H 383 23.64 -28.76 23.93
N GLY H 384 24.08 -28.68 22.67
CA GLY H 384 25.49 -28.84 22.26
C GLY H 384 26.15 -30.03 22.94
N VAL H 385 25.47 -31.17 23.00
CA VAL H 385 26.03 -32.43 23.57
C VAL H 385 25.49 -33.63 22.80
N ILE H 386 26.30 -34.67 22.69
CA ILE H 386 25.91 -35.98 22.11
C ILE H 386 26.00 -37.04 23.19
N PRO H 387 24.96 -37.88 23.38
CA PRO H 387 25.06 -39.01 24.30
C PRO H 387 26.00 -40.09 23.79
N PRO H 388 26.52 -40.95 24.70
CA PRO H 388 27.46 -42.00 24.33
C PRO H 388 26.69 -43.10 23.60
N THR H 389 27.20 -43.56 22.45
CA THR H 389 26.78 -44.83 21.84
C THR H 389 27.04 -45.94 22.85
N LEU H 390 26.01 -46.66 23.30
CA LEU H 390 26.20 -47.75 24.27
C LEU H 390 26.80 -48.97 23.57
N ASN H 391 27.54 -49.78 24.32
CA ASN H 391 28.08 -51.10 23.89
C ASN H 391 29.13 -50.97 22.77
N TYR H 392 29.55 -49.75 22.41
CA TYR H 392 30.67 -49.51 21.47
C TYR H 392 31.97 -49.69 22.25
N GLU H 393 32.50 -50.92 22.25
CA GLU H 393 33.63 -51.32 23.12
C GLU H 393 34.81 -51.73 22.25
N THR H 394 34.61 -52.68 21.34
CA THR H 394 35.62 -53.10 20.33
C THR H 394 35.14 -52.68 18.95
N PRO H 395 35.55 -51.49 18.46
CA PRO H 395 35.25 -51.06 17.10
C PRO H 395 35.47 -52.13 16.03
N ASP H 396 34.60 -52.13 15.04
CA ASP H 396 34.66 -53.04 13.88
C ASP H 396 35.77 -52.56 12.95
N PRO H 397 36.85 -53.35 12.77
CA PRO H 397 38.03 -52.89 12.02
C PRO H 397 37.76 -52.41 10.58
N GLU H 398 36.59 -52.73 10.02
CA GLU H 398 36.21 -52.32 8.64
C GLU H 398 35.40 -51.01 8.69
N ILE H 399 35.10 -50.50 9.89
CA ILE H 399 34.29 -49.26 10.12
C ILE H 399 35.18 -48.19 10.75
N ASP H 400 35.37 -47.08 10.04
CA ASP H 400 36.22 -45.96 10.50
C ASP H 400 35.38 -44.69 10.63
N LEU H 401 34.54 -44.63 11.66
CA LEU H 401 33.71 -43.44 11.97
C LEU H 401 34.08 -42.95 13.38
N ASP H 402 33.95 -41.64 13.60
CA ASP H 402 34.14 -41.02 14.93
C ASP H 402 32.88 -41.24 15.77
N VAL H 403 32.68 -42.45 16.28
CA VAL H 403 31.50 -42.78 17.11
C VAL H 403 31.77 -42.29 18.53
N VAL H 404 30.81 -41.58 19.10
CA VAL H 404 30.91 -41.02 20.48
C VAL H 404 30.53 -42.14 21.43
N ALA H 405 31.35 -42.42 22.44
CA ALA H 405 31.10 -43.48 23.43
C ALA H 405 31.69 -43.14 24.79
N GLY H 406 31.35 -43.93 25.80
CA GLY H 406 31.89 -43.81 27.17
C GLY H 406 31.30 -42.63 27.90
N GLU H 407 31.34 -41.44 27.30
CA GLU H 407 30.84 -40.19 27.92
C GLU H 407 30.09 -39.34 26.90
N PRO H 408 29.13 -38.52 27.36
CA PRO H 408 28.55 -37.49 26.51
C PRO H 408 29.69 -36.59 26.04
N ARG H 409 29.72 -36.27 24.74
CA ARG H 409 30.73 -35.37 24.16
C ARG H 409 30.12 -33.98 23.93
N TYR H 410 30.36 -33.06 24.86
CA TYR H 410 29.96 -31.64 24.72
C TYR H 410 30.76 -31.06 23.55
N GLY H 411 30.09 -30.28 22.69
CA GLY H 411 30.74 -29.72 21.49
C GLY H 411 29.91 -28.62 20.85
N ASP H 412 30.57 -27.81 20.02
CA ASP H 412 29.96 -26.68 19.30
C ASP H 412 29.32 -27.21 18.01
N TYR H 413 28.24 -27.96 18.13
CA TYR H 413 27.54 -28.59 16.98
C TYR H 413 26.57 -27.57 16.37
N ARG H 414 26.87 -27.11 15.16
CA ARG H 414 26.01 -26.15 14.42
C ARG H 414 25.05 -26.91 13.52
N TYR H 415 25.55 -27.85 12.71
CA TYR H 415 24.73 -28.58 11.72
C TYR H 415 24.86 -30.09 11.90
N ALA H 416 23.75 -30.82 11.75
CA ALA H 416 23.69 -32.29 11.93
C ALA H 416 22.76 -32.92 10.90
N VAL H 417 23.08 -34.15 10.50
CA VAL H 417 22.22 -34.98 9.60
C VAL H 417 21.64 -36.15 10.39
N ASN H 418 20.37 -36.46 10.12
CA ASN H 418 19.69 -37.66 10.67
C ASN H 418 19.51 -38.67 9.54
N ASN H 419 20.13 -39.84 9.69
CA ASN H 419 20.03 -40.96 8.71
C ASN H 419 18.96 -41.94 9.16
N SER H 420 18.22 -42.46 8.20
CA SER H 420 17.23 -43.56 8.38
C SER H 420 17.07 -44.27 7.05
N PHE H 421 17.39 -45.57 7.02
CA PHE H 421 17.37 -46.41 5.80
C PHE H 421 16.49 -47.62 6.05
N GLY H 422 15.33 -47.69 5.39
CA GLY H 422 14.31 -48.72 5.64
C GLY H 422 14.39 -49.87 4.65
N PHE H 423 13.95 -51.06 5.09
CA PHE H 423 13.72 -52.24 4.21
C PHE H 423 12.88 -51.79 3.01
N GLY H 424 13.26 -52.20 1.81
CA GLY H 424 12.70 -51.70 0.54
C GLY H 424 13.73 -50.84 -0.18
N GLY H 425 14.81 -50.50 0.53
CA GLY H 425 15.91 -49.67 0.01
C GLY H 425 15.55 -48.20 0.02
N HIS H 426 14.83 -47.76 1.06
CA HIS H 426 14.45 -46.34 1.25
C HIS H 426 15.55 -45.65 2.05
N ASN H 427 16.07 -44.54 1.53
CA ASN H 427 17.10 -43.72 2.21
C ASN H 427 16.54 -42.32 2.41
N VAL H 428 16.47 -41.90 3.68
CA VAL H 428 16.04 -40.53 4.05
C VAL H 428 17.15 -39.90 4.87
N ALA H 429 17.58 -38.70 4.48
CA ALA H 429 18.45 -37.84 5.31
C ALA H 429 17.71 -36.54 5.59
N LEU H 430 17.90 -36.01 6.80
CA LEU H 430 17.32 -34.72 7.23
C LEU H 430 18.47 -33.83 7.73
N ALA H 431 18.60 -32.64 7.14
CA ALA H 431 19.56 -31.61 7.61
C ALA H 431 18.89 -30.78 8.70
N PHE H 432 19.57 -30.65 9.84
CA PHE H 432 19.14 -29.81 10.97
C PHE H 432 20.24 -28.81 11.31
N GLY H 433 19.87 -27.56 11.58
CA GLY H 433 20.79 -26.53 12.07
C GLY H 433 20.46 -26.15 13.50
N ARG H 434 21.46 -25.69 14.26
CA ARG H 434 21.27 -25.07 15.59
C ARG H 434 20.52 -23.75 15.39
N TYR H 435 19.77 -23.34 16.41
CA TYR H 435 19.12 -22.01 16.47
C TYR H 435 19.88 -21.12 17.46
O1 PG4 I . 25.33 -3.78 -31.36
C1 PG4 I . 24.41 -4.68 -30.77
C2 PG4 I . 24.89 -6.11 -30.83
O2 PG4 I . 23.90 -7.01 -30.33
C3 PG4 I . 24.34 -7.80 -29.22
C4 PG4 I . 23.89 -9.24 -29.40
O3 PG4 I . 23.32 -9.73 -28.18
C5 PG4 I . 21.90 -9.58 -28.16
C6 PG4 I . 21.38 -9.62 -26.75
O4 PG4 I . 20.32 -8.68 -26.58
C7 PG4 I . 19.10 -9.25 -26.11
C8 PG4 I . 19.10 -9.35 -24.62
O5 PG4 I . 18.46 -10.54 -24.15
NA NA J . 36.42 8.78 -28.29
C20 O6W K . 20.68 -3.57 -25.11
C22 O6W K . 19.59 -3.89 -24.35
C24 O6W K . 19.69 -4.87 -23.33
C28 O6W K . 19.89 -6.78 -21.37
F01 O6W K . 28.49 -1.66 -22.59
C02 O6W K . 27.35 -2.29 -22.34
F03 O6W K . 26.46 -1.35 -22.04
F04 O6W K . 27.54 -2.99 -21.23
C05 O6W K . 27.00 -3.17 -23.46
C08 O6W K . 25.51 -3.31 -23.67
C11 O6W K . 25.21 -4.72 -24.12
S14 O6W K . 24.40 -4.73 -25.71
O15 O6W K . 24.04 -6.09 -25.98
O16 O6W K . 25.30 -4.08 -26.62
N17 O6W K . 23.04 -3.89 -25.72
C19 O6W K . 21.90 -4.22 -24.92
C25 O6W K . 18.61 -5.25 -22.49
N27 O6W K . 18.70 -6.17 -21.54
C30 O6W K . 21.00 -6.51 -22.12
C32 O6W K . 20.91 -5.53 -23.13
C33 O6W K . 22.01 -5.18 -23.94
O1 PG4 L . 10.98 -13.55 -34.87
C1 PG4 L . 11.17 -12.14 -34.95
C2 PG4 L . 10.49 -11.39 -33.83
O2 PG4 L . 10.10 -10.08 -34.25
C3 PG4 L . 9.83 -9.17 -33.18
C4 PG4 L . 8.37 -8.82 -33.14
O3 PG4 L . 8.18 -7.59 -32.43
C5 PG4 L . 7.21 -6.71 -33.00
C6 PG4 L . 7.45 -5.30 -32.53
O4 PG4 L . 7.75 -4.46 -33.65
C7 PG4 L . 8.32 -3.19 -33.27
C8 PG4 L . 9.07 -2.56 -34.44
O5 PG4 L . 8.60 -1.26 -34.78
NA NA M . 2.68 8.76 -47.64
C20 O6W N . 11.54 -7.02 -38.51
C22 O6W N . 12.31 -8.13 -38.59
C24 O6W N . 11.73 -9.42 -38.61
C28 O6W N . 10.58 -11.91 -38.66
F01 O6W N . 4.64 -6.61 -43.36
C02 O6W N . 5.32 -5.86 -42.52
F03 O6W N . 6.43 -5.50 -43.17
F04 O6W N . 4.62 -4.75 -42.32
C05 O6W N . 5.57 -6.55 -41.25
C08 O6W N . 6.49 -5.78 -40.32
C11 O6W N . 6.89 -6.71 -39.20
S14 O6W N . 7.84 -5.94 -37.90
O15 O6W N . 7.73 -6.77 -36.74
O16 O6W N . 7.43 -4.57 -37.80
N17 O6W N . 9.39 -5.93 -38.32
C19 O6W N . 10.15 -7.11 -38.43
C25 O6W N . 12.47 -10.63 -38.72
N27 O6W N . 11.91 -11.83 -38.75
C30 O6W N . 9.76 -10.83 -38.56
C32 O6W N . 10.33 -9.54 -38.53
C33 O6W N . 9.55 -8.36 -38.44
O1 PG4 O . -40.26 26.95 -2.23
C1 PG4 O . -40.05 28.23 -2.83
C2 PG4 O . -40.55 29.36 -1.95
O2 PG4 O . -39.72 30.49 -2.08
C3 PG4 O . -39.97 31.50 -1.11
C4 PG4 O . -39.41 32.82 -1.55
O3 PG4 O . -38.89 33.55 -0.43
C5 PG4 O . -37.53 33.26 -0.11
C6 PG4 O . -37.37 33.03 1.37
O4 PG4 O . -36.16 33.61 1.84
C7 PG4 O . -36.07 33.67 3.26
C8 PG4 O . -34.98 34.62 3.68
O5 PG4 O . -35.44 35.66 4.52
NA NA P . -52.75 15.35 0.78
C20 O6W Q . -37.66 28.13 4.13
C22 O6W Q . -36.69 28.54 4.99
C24 O6W Q . -36.79 29.76 5.68
C28 O6W Q . -37.03 32.15 7.02
F01 O6W Q . -45.77 27.13 5.57
C02 O6W Q . -44.68 27.86 5.73
F03 O6W Q . -43.82 27.12 6.40
F04 O6W Q . -45.03 28.85 6.55
C05 O6W Q . -44.15 28.38 4.44
C08 O6W Q . -42.62 28.51 4.45
C11 O6W Q . -42.18 29.77 3.73
S14 O6W Q . -40.99 29.36 2.42
O15 O6W Q . -40.40 30.59 2.00
O16 O6W Q . -41.69 28.57 1.46
N17 O6W Q . -39.80 28.45 3.00
C19 O6W Q . -38.80 28.92 3.91
C25 O6W Q . -35.83 30.25 6.59
N27 O6W Q . -35.93 31.40 7.24
C30 O6W Q . -38.03 31.80 6.17
C32 O6W Q . -37.94 30.57 5.47
C33 O6W Q . -38.94 30.12 4.58
O1 PG4 R . -23.90 25.13 -1.71
C1 PG4 R . -22.97 26.13 -1.36
C2 PG4 R . -23.58 27.49 -1.20
O2 PG4 R . -22.60 28.51 -1.35
C3 PG4 R . -23.07 29.82 -1.03
C4 PG4 R . -24.11 30.27 -2.02
O3 PG4 R . -24.16 31.70 -2.04
C5 PG4 R . -25.16 32.20 -2.93
C6 PG4 R . -24.75 33.56 -3.42
O4 PG4 R . -25.90 34.37 -3.64
C7 PG4 R . -25.81 35.22 -4.78
C8 PG4 R . -25.48 36.62 -4.38
O5 PG4 R . -25.19 37.45 -5.50
NA NA S . -16.21 10.99 -11.00
C20 O6W T . -25.66 28.76 -7.36
C22 O6W T . -26.27 29.81 -7.98
C24 O6W T . -25.66 31.08 -8.01
C28 O6W T . -24.48 33.56 -8.04
F01 O6W T . -17.81 26.85 -10.15
C02 O6W T . -18.81 26.47 -9.35
F03 O6W T . -18.44 25.31 -8.82
F04 O6W T . -19.84 26.23 -10.14
C05 O6W T . -19.11 27.49 -8.32
C08 O6W T . -20.11 27.00 -7.29
C11 O6W T . -21.38 27.84 -7.33
S14 O6W T . -22.25 27.62 -5.81
O15 O6W T . -21.87 28.69 -4.93
O16 O6W T . -22.03 26.27 -5.38
N17 O6W T . -23.83 27.77 -6.10
C19 O6W T . -24.43 28.92 -6.74
C25 O6W T . -26.24 32.23 -8.64
N27 O6W T . -25.67 33.42 -8.66
C30 O6W T . -23.83 32.55 -7.41
C32 O6W T . -24.42 31.26 -7.38
C33 O6W T . -23.81 30.16 -6.74
O1 PG4 U . 1.41 17.56 42.74
C1 PG4 U . 1.51 16.93 44.01
C2 PG4 U . 0.41 15.93 44.24
O2 PG4 U . 0.34 15.51 45.60
C3 PG4 U . -0.20 14.20 45.74
C4 PG4 U . -0.43 13.85 47.19
O3 PG4 U . -0.58 12.44 47.34
C5 PG4 U . 0.65 11.76 47.58
C6 PG4 U . 0.50 10.28 47.34
O4 PG4 U . 1.69 9.77 46.75
C7 PG4 U . 2.21 8.59 47.39
C8 PG4 U . 1.67 7.36 46.71
O5 PG4 U . 1.61 6.24 47.57
NA NA V . -2.83 21.91 26.74
C20 O6W W . 3.17 9.87 41.58
C22 O6W W . 3.75 8.67 41.85
C24 O6W W . 3.03 7.65 42.51
C28 O6W W . 1.60 5.68 43.78
F01 O6W W . -2.07 10.54 36.15
C02 O6W W . -2.66 10.36 37.32
F03 O6W W . -3.40 9.27 37.22
F04 O6W W . -3.50 11.37 37.47
C05 O6W W . -1.65 10.24 38.39
C08 O6W W . -2.10 10.83 39.72
C11 O6W W . -1.13 10.36 40.79
S14 O6W W . -0.29 11.69 41.69
O15 O6W W . -0.68 11.59 43.05
O16 O6W W . -0.54 12.91 40.98
N17 O6W W . 1.29 11.40 41.63
C19 O6W W . 1.85 10.13 41.94
C25 O6W W . 3.56 6.37 42.83
N27 O6W W . 2.87 5.41 43.44
C30 O6W W . 0.97 6.87 43.54
C32 O6W W . 1.69 7.90 42.87
C33 O6W W . 1.11 9.15 42.59
O1 PG4 X . 17.23 13.68 47.38
C1 PG4 X . 16.13 13.11 48.07
C2 PG4 X . 16.54 11.93 48.91
O2 PG4 X . 15.42 11.40 49.62
C3 PG4 X . 15.62 11.31 51.03
C4 PG4 X . 15.15 9.98 51.56
O3 PG4 X . 14.50 10.17 52.82
C5 PG4 X . 13.15 10.60 52.72
C6 PG4 X . 12.58 10.86 54.10
O4 PG4 X . 12.03 12.18 54.16
C7 PG4 X . 10.68 12.23 54.61
C8 PG4 X . 10.62 12.34 56.10
O5 PG4 X . 9.37 11.95 56.64
NA NA Y . 30.57 24.79 45.31
C20 O6W Z . 13.32 16.95 52.59
C22 O6W Z . 12.26 17.24 53.40
C24 O6W Z . 12.18 16.72 54.71
C28 O6W Z . 12.06 15.71 57.26
F01 O6W Z . 20.65 18.27 56.20
C02 O6W Z . 20.17 18.37 54.97
F03 O6W Z . 21.17 18.73 54.18
F04 O6W Z . 19.31 19.37 54.98
C05 O6W Z . 19.62 17.07 54.53
C08 O6W Z . 18.38 17.21 53.68
C11 O6W Z . 17.41 16.11 54.08
S14 O6W Z . 16.84 15.19 52.67
O15 O6W Z . 16.52 13.86 53.12
O16 O6W Z . 17.81 15.34 51.63
N17 O6W Z . 15.47 15.85 52.15
C19 O6W Z . 14.36 16.14 53.04
C25 O6W Z . 11.13 16.99 55.61
N27 O6W Z . 11.06 16.50 56.84
C30 O6W Z . 13.14 15.39 56.50
C32 O6W Z . 13.23 15.90 55.18
C33 O6W Z . 14.31 15.61 54.32
O1 PG4 AA . -7.28 -60.70 4.03
C1 PG4 AA . -7.74 -59.67 4.90
C2 PG4 AA . -7.16 -58.33 4.57
O2 PG4 AA . -8.21 -57.39 4.32
C3 PG4 AA . -8.61 -56.65 5.47
C4 PG4 AA . -10.11 -56.49 5.48
O3 PG4 AA . -10.48 -55.19 5.94
C5 PG4 AA . -10.48 -54.19 4.93
C6 PG4 AA . -10.10 -52.86 5.51
O4 PG4 AA . -9.65 -51.97 4.49
C7 PG4 AA . -8.87 -50.88 4.98
C8 PG4 AA . -8.21 -50.16 3.82
O5 PG4 AA . -8.73 -48.87 3.58
NA NA BA . -11.71 -39.17 -9.77
C20 O6W CA . -5.96 -55.31 0.14
C22 O6W CA . -5.31 -56.52 0.15
C24 O6W CA . -6.03 -57.72 0.23
C28 O6W CA . -7.45 -60.06 0.40
F01 O6W CA . -11.89 -54.71 -5.23
C02 O6W CA . -11.28 -53.79 -4.49
F03 O6W CA . -10.48 -53.11 -5.29
F04 O6W CA . -12.22 -52.95 -4.09
C05 O6W CA . -10.53 -54.41 -3.38
C08 O6W CA . -10.56 -53.58 -2.09
C11 O6W CA . -10.44 -54.55 -0.93
S14 O6W CA . -9.56 -53.82 0.43
O15 O6W CA . -9.88 -54.56 1.61
O16 O6W CA . -9.84 -52.41 0.42
N17 O6W CA . -7.98 -53.98 0.19
C19 O6W CA . -7.35 -55.25 0.22
C25 O6W CA . -5.43 -59.00 0.24
N27 O6W CA . -6.11 -60.14 0.33
C30 O6W CA . -8.15 -58.90 0.40
C32 O6W CA . -7.44 -57.68 0.31
C33 O6W CA . -8.08 -56.43 0.30
O1 PG4 DA . 7.34 -53.35 8.90
C1 PG4 DA . 6.24 -54.18 9.27
C2 PG4 DA . 6.64 -55.58 9.63
O2 PG4 DA . 5.53 -56.33 10.12
C3 PG4 DA . 5.89 -57.48 10.88
C4 PG4 DA . 4.82 -58.56 10.76
O3 PG4 DA . 4.09 -58.70 11.99
C5 PG4 DA . 2.70 -58.40 11.90
C6 PG4 DA . 2.19 -58.02 13.26
O4 PG4 DA . 0.76 -58.02 13.32
C7 PG4 DA . 0.24 -57.85 14.64
C8 PG4 DA . -0.75 -58.94 14.98
O5 PG4 DA . -1.02 -59.05 16.36
NA NA EA . 19.30 -41.85 12.79
C20 O6W FA . 2.32 -52.64 14.44
C22 O6W FA . 1.16 -52.85 15.12
C24 O6W FA . 1.08 -53.82 16.14
C28 O6W FA . 0.98 -55.71 18.13
F01 O6W FA . 9.27 -52.45 19.18
C02 O6W FA . 8.78 -52.20 17.97
F03 O6W FA . 8.07 -51.09 18.09
F04 O6W FA . 9.83 -51.90 17.20
C05 O6W FA . 8.01 -53.34 17.45
C08 O6W FA . 7.23 -53.00 16.19
C11 O6W FA . 6.67 -54.31 15.63
S14 O6W FA . 5.91 -54.14 14.00
O15 O6W FA . 5.36 -55.41 13.67
O16 O6W FA . 6.89 -53.57 13.13
N17 O6W FA . 4.67 -53.10 14.03
C19 O6W FA . 3.47 -53.37 14.75
C25 O6W FA . -0.08 -54.11 16.90
N27 O6W FA . -0.14 -55.02 17.86
C30 O6W FA . 2.16 -55.53 17.49
C32 O6W FA . 2.24 -54.56 16.46
C33 O6W FA . 3.43 -54.32 15.74
#